data_3ZHT
#
_entry.id   3ZHT
#
_cell.length_a   80.366
_cell.length_b   83.800
_cell.length_c   159.513
_cell.angle_alpha   99.76
_cell.angle_beta   99.06
_cell.angle_gamma   100.61
#
_symmetry.space_group_name_H-M   'P 1'
#
loop_
_entity.id
_entity.type
_entity.pdbx_description
1 polymer 'MULTIFUNCTIONAL 2-OXOGLUTARATE METABOLISM ENZYME'
2 non-polymer (5S)-5-{3-[(4-amino-2-methylpyrimidin-5-yl)methyl]-4-methyl-5-(2-{[(phosphonatooxy)phosphinato]oxy}ethyl)-1,3-thiazol-3-ium-2-yl}-5-hydroxypentanoate
3 non-polymer 'MAGNESIUM ION'
4 non-polymer 'CALCIUM ION'
5 water water
#
_entity_poly.entity_id   1
_entity_poly.type   'polypeptide(L)'
_entity_poly.pdbx_seq_one_letter_code
;GDSIEDKNARVIELIAAYRNRGHLMADIDPLRLDNTRFRSHPDLDVNSHGLTLWDLDREFKVDGFAGVQRKKLRDILSVL
RDAYCRHVGVEYTHILEPEQQRWIQERVETKHDKPTVAEQKYILSKLNAAEAFETFLQTKYVGQKRFSLEGAETVIPMMD
AVIDQCAEHGLDEVVIAMPHRGRLNVLANIVGKPYSQIFSEFEGNLNPSQAHGSGDVKYHLGATGTYIQMFGDNDIEVSL
TANPSHLEAVDPVLEGLVRAKQDLLDTGEEGSDNRFSVVPLMLHGDAAFAGQGVVAETLNLALLRGYRTGGTIHIVVNNQ
IGFTTAPTDSRSSEYCTDVAKMIGAPIFHVNGDDPEACAWVARLAVDFRQAFKKDVVIDMLCYRRRGHNEGDDPSMTQPY
MYDVIDTKRGSRKAYTEALIGRGDISMKEAEDALRDYQGQLERVFNEVRELEKHEIEPSESVEADQQIPSKLATAVDKAM
LQRIGDAHLALPEGFTVHPRVRPVLEKRREMAYEGRIDWAFAELLALGSLIAEGKLVRLSGQDTQRGTFTQRHAVIVDRK
TGEEFTPLQLLATNPDGTPTGGKFLVYNSALSEFAAVGFEYGYSVGNPDAMVLWEAQFGDFVNGAQSIIDEFISSGEAKW
GQLSDVVLLLPHGHEGQGPDHTSGRIERFLQLWAEGSMTIAMPSTPANYFHLLRRHGKDGIQRPLIVFTPKSMLRNKAAV
SDIRDFTESKFRSVLEEPMYTDGEGDRNKVTRLLLTSGKIYYELAARKAKENREDVAIVRIEQLAPLPRRRLAETLDRYP
NVKEKFWVQEEPANQGAWPSFGLTLPEILPDHFTGLKRISRRAMSAPSSGSSKVHAVEQQEILDTAFG
;
_entity_poly.pdbx_strand_id   A,B,C,D
#
# COMPACT_ATOMS: atom_id res chain seq x y z
N LYS A 7 83.36 -21.70 -13.67
CA LYS A 7 82.78 -22.25 -12.44
C LYS A 7 81.78 -21.28 -11.83
N ASN A 8 82.07 -19.96 -11.87
CA ASN A 8 81.18 -18.92 -11.34
C ASN A 8 79.91 -18.78 -12.21
N ALA A 9 79.96 -19.24 -13.48
CA ALA A 9 78.82 -19.25 -14.39
C ALA A 9 77.84 -20.39 -14.02
N ARG A 10 78.38 -21.52 -13.52
CA ARG A 10 77.60 -22.68 -13.07
C ARG A 10 76.79 -22.34 -11.81
N VAL A 11 77.38 -21.53 -10.89
CA VAL A 11 76.75 -21.09 -9.65
C VAL A 11 75.52 -20.20 -10.00
N ILE A 12 75.67 -19.24 -10.95
CA ILE A 12 74.59 -18.35 -11.40
C ILE A 12 73.43 -19.16 -12.00
N GLU A 13 73.76 -20.24 -12.73
CA GLU A 13 72.81 -21.17 -13.34
C GLU A 13 72.11 -22.02 -12.25
N LEU A 14 72.85 -22.40 -11.18
CA LEU A 14 72.32 -23.18 -10.05
C LEU A 14 71.33 -22.33 -9.24
N ILE A 15 71.66 -21.04 -8.99
CA ILE A 15 70.80 -20.09 -8.27
C ILE A 15 69.48 -19.94 -9.04
N ALA A 16 69.56 -19.74 -10.39
CA ALA A 16 68.38 -19.60 -11.26
C ALA A 16 67.52 -20.86 -11.22
N ALA A 17 68.15 -22.06 -11.24
CA ALA A 17 67.46 -23.36 -11.19
C ALA A 17 66.61 -23.50 -9.90
N TYR A 18 67.14 -23.08 -8.74
CA TYR A 18 66.43 -23.14 -7.47
C TYR A 18 65.26 -22.16 -7.47
N ARG A 19 65.50 -20.93 -7.94
CA ARG A 19 64.47 -19.88 -8.01
C ARG A 19 63.35 -20.26 -8.98
N ASN A 20 63.69 -20.84 -10.15
CA ASN A 20 62.72 -21.21 -11.18
C ASN A 20 61.97 -22.50 -10.92
N ARG A 21 62.68 -23.57 -10.51
CA ARG A 21 62.14 -24.91 -10.42
C ARG A 21 62.29 -25.60 -9.06
N GLY A 22 62.78 -24.88 -8.06
CA GLY A 22 62.96 -25.42 -6.72
C GLY A 22 61.67 -25.94 -6.11
N HIS A 23 60.53 -25.27 -6.41
CA HIS A 23 59.17 -25.65 -5.97
C HIS A 23 58.79 -27.11 -6.33
N LEU A 24 59.37 -27.66 -7.43
CA LEU A 24 59.15 -29.04 -7.89
C LEU A 24 59.79 -30.10 -6.94
N MET A 25 60.71 -29.66 -6.06
CA MET A 25 61.41 -30.52 -5.10
C MET A 25 60.92 -30.27 -3.68
N ALA A 26 60.36 -29.07 -3.42
CA ALA A 26 59.85 -28.69 -2.10
C ALA A 26 59.01 -29.81 -1.42
N ASP A 27 59.19 -30.03 -0.11
CA ASP A 27 58.44 -31.02 0.66
C ASP A 27 57.09 -30.38 1.09
N ILE A 28 56.15 -30.29 0.12
CA ILE A 28 54.86 -29.64 0.29
C ILE A 28 53.71 -30.60 0.60
N ASP A 29 53.82 -31.89 0.23
CA ASP A 29 52.73 -32.84 0.45
C ASP A 29 52.84 -33.51 1.81
N PRO A 30 51.87 -33.27 2.73
CA PRO A 30 51.91 -33.95 4.05
C PRO A 30 51.72 -35.47 3.98
N LEU A 31 51.16 -36.00 2.86
CA LEU A 31 50.94 -37.42 2.66
C LEU A 31 52.13 -38.13 2.00
N ARG A 32 53.03 -37.36 1.33
CA ARG A 32 54.20 -37.87 0.60
C ARG A 32 53.80 -39.01 -0.37
N LEU A 33 52.72 -38.80 -1.15
CA LEU A 33 52.19 -39.78 -2.10
C LEU A 33 53.12 -40.06 -3.28
N ASP A 34 53.78 -39.04 -3.82
CA ASP A 34 54.70 -39.20 -4.93
C ASP A 34 56.03 -39.66 -4.38
N ASN A 35 56.34 -40.93 -4.63
CA ASN A 35 57.57 -41.61 -4.18
C ASN A 35 58.79 -41.25 -5.04
N THR A 36 58.57 -40.60 -6.21
CA THR A 36 59.63 -40.26 -7.17
C THR A 36 59.96 -38.75 -7.20
N ARG A 37 59.26 -37.94 -6.36
CA ARG A 37 59.38 -36.47 -6.29
C ARG A 37 60.78 -35.97 -5.90
N PHE A 38 61.42 -36.59 -4.89
CA PHE A 38 62.73 -36.16 -4.42
C PHE A 38 63.88 -36.90 -5.13
N ARG A 39 63.73 -38.22 -5.37
CA ARG A 39 64.72 -39.11 -6.02
C ARG A 39 65.13 -38.65 -7.45
N SER A 40 64.29 -37.86 -8.14
CA SER A 40 64.58 -37.37 -9.49
C SER A 40 63.87 -36.03 -9.77
N THR A 52 81.12 -29.04 -8.25
CA THR A 52 81.85 -30.08 -7.53
C THR A 52 81.76 -29.88 -6.01
N LEU A 53 82.08 -30.95 -5.24
CA LEU A 53 82.07 -30.95 -3.78
C LEU A 53 83.22 -30.09 -3.22
N TRP A 54 84.30 -29.90 -4.00
CA TRP A 54 85.45 -29.08 -3.63
C TRP A 54 85.11 -27.59 -3.72
N ASP A 55 84.13 -27.24 -4.58
CA ASP A 55 83.70 -25.85 -4.79
C ASP A 55 82.81 -25.32 -3.66
N LEU A 56 82.25 -26.24 -2.82
CA LEU A 56 81.34 -25.92 -1.71
C LEU A 56 81.88 -24.87 -0.74
N ASP A 57 83.19 -24.89 -0.47
CA ASP A 57 83.84 -23.99 0.46
C ASP A 57 84.50 -22.78 -0.24
N ARG A 58 84.33 -22.67 -1.58
CA ARG A 58 84.86 -21.54 -2.35
C ARG A 58 83.85 -20.40 -2.34
N GLU A 59 84.35 -19.15 -2.19
CA GLU A 59 83.54 -17.92 -2.17
C GLU A 59 83.26 -17.43 -3.60
N PHE A 60 82.01 -17.00 -3.88
CA PHE A 60 81.57 -16.53 -5.20
C PHE A 60 80.96 -15.12 -5.14
N GLN A 69 78.48 -8.74 -3.37
CA GLN A 69 78.41 -9.59 -2.18
C GLN A 69 79.17 -10.91 -2.39
N ARG A 70 80.04 -11.25 -1.43
CA ARG A 70 80.84 -12.47 -1.44
C ARG A 70 80.23 -13.49 -0.48
N LYS A 71 79.91 -14.69 -0.99
CA LYS A 71 79.34 -15.78 -0.20
C LYS A 71 79.85 -17.14 -0.68
N LYS A 72 80.11 -18.07 0.26
CA LYS A 72 80.56 -19.44 -0.03
C LYS A 72 79.41 -20.22 -0.66
N LEU A 73 79.72 -21.14 -1.62
CA LEU A 73 78.72 -21.95 -2.34
C LEU A 73 77.85 -22.76 -1.37
N ARG A 74 78.42 -23.27 -0.25
CA ARG A 74 77.63 -24.03 0.73
C ARG A 74 76.55 -23.15 1.40
N ASP A 75 76.85 -21.84 1.57
CA ASP A 75 75.96 -20.86 2.18
C ASP A 75 74.89 -20.44 1.21
N ILE A 76 75.24 -20.32 -0.07
CA ILE A 76 74.31 -19.99 -1.15
C ILE A 76 73.29 -21.15 -1.25
N LEU A 77 73.79 -22.41 -1.29
CA LEU A 77 72.95 -23.60 -1.41
C LEU A 77 72.03 -23.81 -0.21
N SER A 78 72.48 -23.49 1.01
CA SER A 78 71.66 -23.61 2.23
C SER A 78 70.50 -22.57 2.21
N VAL A 79 70.80 -21.32 1.79
CA VAL A 79 69.81 -20.24 1.66
C VAL A 79 68.75 -20.65 0.62
N LEU A 80 69.19 -21.20 -0.55
CA LEU A 80 68.28 -21.63 -1.64
C LEU A 80 67.39 -22.83 -1.20
N ARG A 81 67.95 -23.85 -0.52
CA ARG A 81 67.23 -25.03 -0.04
C ARG A 81 66.17 -24.66 0.99
N ASP A 82 66.53 -23.79 1.96
CA ASP A 82 65.64 -23.31 3.03
C ASP A 82 64.52 -22.48 2.47
N ALA A 83 64.80 -21.67 1.43
CA ALA A 83 63.81 -20.79 0.82
C ALA A 83 62.90 -21.48 -0.18
N TYR A 84 63.47 -22.42 -0.97
CA TYR A 84 62.72 -23.02 -2.06
C TYR A 84 62.44 -24.52 -1.98
N CYS A 85 63.08 -25.27 -1.07
CA CYS A 85 62.90 -26.72 -1.07
C CYS A 85 62.47 -27.29 0.28
N ARG A 86 61.86 -26.48 1.17
CA ARG A 86 61.44 -27.05 2.45
C ARG A 86 59.94 -27.20 2.43
N HIS A 87 59.18 -26.52 3.31
CA HIS A 87 57.73 -26.71 3.33
C HIS A 87 56.98 -25.69 2.44
N VAL A 88 57.74 -24.78 1.77
CA VAL A 88 57.17 -23.75 0.90
C VAL A 88 57.76 -23.87 -0.52
N GLY A 89 56.88 -24.07 -1.49
CA GLY A 89 57.21 -24.08 -2.91
C GLY A 89 56.82 -22.73 -3.47
N VAL A 90 57.81 -21.96 -3.93
CA VAL A 90 57.61 -20.59 -4.42
C VAL A 90 57.68 -20.52 -5.94
N GLU A 91 56.61 -20.02 -6.58
CA GLU A 91 56.53 -19.80 -8.02
C GLU A 91 56.36 -18.31 -8.24
N TYR A 92 57.41 -17.66 -8.76
CA TYR A 92 57.38 -16.20 -8.95
C TYR A 92 58.20 -15.73 -10.13
N THR A 93 59.05 -16.59 -10.74
CA THR A 93 59.93 -16.13 -11.83
C THR A 93 59.18 -15.94 -13.16
N HIS A 94 57.88 -16.31 -13.21
CA HIS A 94 56.97 -16.12 -14.34
C HIS A 94 56.47 -14.67 -14.36
N ILE A 95 56.61 -13.93 -13.24
CA ILE A 95 56.19 -12.54 -13.07
C ILE A 95 57.06 -11.64 -13.97
N LEU A 96 56.42 -10.84 -14.83
CA LEU A 96 57.14 -9.98 -15.79
C LEU A 96 57.76 -8.73 -15.13
N GLU A 97 57.21 -8.25 -14.00
CA GLU A 97 57.74 -7.08 -13.28
C GLU A 97 59.01 -7.47 -12.49
N PRO A 98 60.22 -6.92 -12.83
CA PRO A 98 61.44 -7.30 -12.10
C PRO A 98 61.42 -6.88 -10.63
N GLU A 99 60.76 -5.75 -10.30
CA GLU A 99 60.64 -5.25 -8.93
C GLU A 99 59.81 -6.21 -8.04
N GLN A 100 58.85 -6.95 -8.62
CA GLN A 100 58.03 -7.90 -7.87
C GLN A 100 58.85 -9.17 -7.58
N GLN A 101 59.63 -9.64 -8.57
CA GLN A 101 60.55 -10.78 -8.46
C GLN A 101 61.61 -10.49 -7.39
N ARG A 102 62.15 -9.26 -7.38
CA ARG A 102 63.15 -8.81 -6.42
C ARG A 102 62.57 -8.74 -5.00
N TRP A 103 61.33 -8.21 -4.85
CA TRP A 103 60.64 -8.10 -3.55
C TRP A 103 60.47 -9.48 -2.89
N ILE A 104 60.07 -10.51 -3.66
CA ILE A 104 59.88 -11.88 -3.18
C ILE A 104 61.25 -12.46 -2.81
N GLN A 105 62.27 -12.32 -3.69
CA GLN A 105 63.64 -12.81 -3.46
C GLN A 105 64.19 -12.35 -2.12
N GLU A 106 64.16 -11.02 -1.87
CA GLU A 106 64.68 -10.42 -0.65
C GLU A 106 63.98 -10.97 0.62
N ARG A 107 62.65 -11.22 0.58
CA ARG A 107 61.90 -11.69 1.74
C ARG A 107 61.92 -13.22 1.94
N VAL A 108 62.20 -13.98 0.88
CA VAL A 108 62.21 -15.44 0.90
C VAL A 108 63.66 -15.97 1.10
N GLU A 109 64.66 -15.28 0.51
CA GLU A 109 66.06 -15.70 0.57
C GLU A 109 66.87 -15.02 1.71
N THR A 110 66.29 -14.94 2.90
CA THR A 110 66.94 -14.39 4.10
C THR A 110 66.65 -15.28 5.29
N LYS A 111 67.54 -15.22 6.32
CA LYS A 111 67.35 -15.97 7.57
C LYS A 111 66.20 -15.32 8.32
N HIS A 112 65.11 -16.08 8.49
CA HIS A 112 63.91 -15.56 9.16
C HIS A 112 64.00 -15.75 10.66
N ASP A 113 63.50 -14.75 11.41
CA ASP A 113 63.46 -14.81 12.86
C ASP A 113 62.41 -15.83 13.27
N LYS A 114 62.82 -16.82 14.08
CA LYS A 114 61.94 -17.88 14.59
C LYS A 114 60.77 -17.24 15.38
N PRO A 115 59.51 -17.72 15.22
CA PRO A 115 58.40 -17.10 15.98
C PRO A 115 58.59 -17.28 17.49
N THR A 116 58.07 -16.33 18.28
CA THR A 116 58.15 -16.41 19.73
C THR A 116 57.23 -17.53 20.23
N VAL A 117 57.49 -18.05 21.43
CA VAL A 117 56.71 -19.12 22.07
C VAL A 117 55.25 -18.64 22.17
N ALA A 118 55.01 -17.33 22.43
CA ALA A 118 53.69 -16.71 22.48
C ALA A 118 52.94 -16.86 21.15
N GLU A 119 53.62 -16.59 20.01
CA GLU A 119 53.07 -16.69 18.66
C GLU A 119 52.81 -18.16 18.30
N GLN A 120 53.76 -19.06 18.69
CA GLN A 120 53.67 -20.51 18.47
C GLN A 120 52.47 -21.09 19.24
N LYS A 121 52.31 -20.68 20.52
CA LYS A 121 51.19 -21.09 21.38
C LYS A 121 49.87 -20.56 20.83
N TYR A 122 49.90 -19.35 20.24
CA TYR A 122 48.72 -18.75 19.63
C TYR A 122 48.32 -19.56 18.39
N ILE A 123 49.31 -19.99 17.56
CA ILE A 123 49.07 -20.80 16.37
C ILE A 123 48.47 -22.15 16.81
N LEU A 124 49.07 -22.80 17.83
CA LEU A 124 48.57 -24.05 18.39
C LEU A 124 47.13 -23.89 18.92
N SER A 125 46.85 -22.78 19.64
CA SER A 125 45.50 -22.50 20.18
C SER A 125 44.45 -22.31 19.05
N LYS A 126 44.89 -21.88 17.86
CA LYS A 126 43.97 -21.74 16.72
C LYS A 126 43.70 -23.12 16.11
N LEU A 127 44.72 -24.01 16.10
CA LEU A 127 44.59 -25.41 15.63
C LEU A 127 43.77 -26.25 16.60
N ASN A 128 43.85 -25.91 17.91
CA ASN A 128 43.09 -26.51 19.02
C ASN A 128 41.62 -26.15 18.91
N ALA A 129 41.30 -24.88 18.51
CA ALA A 129 39.93 -24.41 18.34
C ALA A 129 39.29 -25.06 17.12
N ALA A 130 40.07 -25.19 16.04
CA ALA A 130 39.64 -25.76 14.78
C ALA A 130 39.27 -27.26 14.93
N GLU A 131 40.14 -28.05 15.63
CA GLU A 131 39.90 -29.47 15.80
C GLU A 131 38.83 -29.74 16.79
N ALA A 132 38.70 -28.91 17.84
CA ALA A 132 37.68 -29.06 18.87
C ALA A 132 36.30 -28.80 18.24
N PHE A 133 36.26 -27.88 17.26
CA PHE A 133 35.04 -27.59 16.49
C PHE A 133 34.69 -28.79 15.54
N GLU A 134 35.69 -29.29 14.80
CA GLU A 134 35.49 -30.44 13.91
C GLU A 134 35.07 -31.67 14.68
N THR A 135 35.61 -31.87 15.91
CA THR A 135 35.30 -33.04 16.77
C THR A 135 33.83 -33.00 17.22
N PHE A 136 33.39 -31.87 17.79
CA PHE A 136 32.00 -31.66 18.23
C PHE A 136 31.01 -31.88 17.06
N LEU A 137 31.22 -31.20 15.91
CA LEU A 137 30.34 -31.33 14.73
C LEU A 137 30.05 -32.77 14.35
N GLN A 138 31.10 -33.58 14.23
CA GLN A 138 31.00 -34.97 13.82
C GLN A 138 30.37 -35.85 14.87
N THR A 139 30.55 -35.49 16.15
CA THR A 139 30.07 -36.29 17.27
C THR A 139 28.63 -35.89 17.65
N LYS A 140 28.33 -34.58 17.74
CA LYS A 140 27.01 -34.07 18.13
C LYS A 140 25.95 -34.30 17.05
N TYR A 141 26.26 -34.00 15.78
CA TYR A 141 25.22 -34.15 14.74
C TYR A 141 25.51 -35.23 13.68
N VAL A 142 24.43 -35.72 13.04
CA VAL A 142 24.42 -36.69 11.95
C VAL A 142 24.43 -35.92 10.60
N GLY A 143 25.04 -36.52 9.59
CA GLY A 143 25.13 -35.94 8.25
C GLY A 143 25.96 -34.68 8.13
N GLN A 144 27.07 -34.59 8.90
CA GLN A 144 27.99 -33.43 8.91
C GLN A 144 29.31 -33.73 8.19
N LYS A 145 29.56 -35.01 7.82
CA LYS A 145 30.83 -35.44 7.20
C LYS A 145 31.24 -34.61 5.98
N ARG A 146 30.30 -34.23 5.08
CA ARG A 146 30.62 -33.41 3.88
C ARG A 146 31.12 -31.98 4.20
N PHE A 147 30.98 -31.56 5.44
CA PHE A 147 31.39 -30.23 5.83
C PHE A 147 32.73 -30.24 6.55
N SER A 148 33.25 -31.44 6.88
CA SER A 148 34.47 -31.63 7.64
C SER A 148 35.72 -30.98 7.03
N LEU A 149 36.43 -30.25 7.88
CA LEU A 149 37.71 -29.58 7.58
C LEU A 149 38.91 -30.41 8.16
N GLU A 150 38.64 -31.64 8.68
CA GLU A 150 39.65 -32.55 9.21
C GLU A 150 40.67 -33.02 8.15
N GLY A 151 41.94 -32.71 8.43
CA GLY A 151 43.11 -32.92 7.59
C GLY A 151 43.52 -31.57 6.99
N ALA A 152 42.72 -30.51 7.23
CA ALA A 152 42.92 -29.20 6.63
C ALA A 152 42.72 -28.05 7.63
N GLU A 153 42.71 -28.33 8.94
CA GLU A 153 42.49 -27.38 10.06
C GLU A 153 43.46 -26.22 10.12
N THR A 154 44.63 -26.35 9.46
CA THR A 154 45.68 -25.34 9.37
C THR A 154 45.17 -24.10 8.59
N VAL A 155 44.07 -24.25 7.80
CA VAL A 155 43.49 -23.12 7.08
C VAL A 155 42.95 -22.07 8.10
N ILE A 156 42.57 -22.50 9.32
CA ILE A 156 42.08 -21.59 10.39
C ILE A 156 43.24 -20.68 10.86
N PRO A 157 44.43 -21.13 11.40
CA PRO A 157 45.48 -20.14 11.75
C PRO A 157 46.02 -19.40 10.53
N MET A 158 45.91 -19.99 9.31
CA MET A 158 46.34 -19.32 8.07
C MET A 158 45.42 -18.11 7.78
N MET A 159 44.10 -18.31 7.87
CA MET A 159 43.12 -17.22 7.63
C MET A 159 43.23 -16.17 8.71
N ASP A 160 43.51 -16.60 9.96
CA ASP A 160 43.70 -15.70 11.11
C ASP A 160 44.92 -14.82 10.86
N ALA A 161 45.98 -15.37 10.25
CA ALA A 161 47.22 -14.65 9.93
C ALA A 161 46.97 -13.63 8.84
N VAL A 162 46.12 -13.97 7.84
CA VAL A 162 45.75 -13.04 6.75
C VAL A 162 45.08 -11.79 7.35
N ILE A 163 44.02 -12.01 8.17
CA ILE A 163 43.19 -10.98 8.77
C ILE A 163 44.01 -10.14 9.75
N ASP A 164 44.87 -10.79 10.55
CA ASP A 164 45.74 -10.09 11.50
C ASP A 164 46.75 -9.19 10.75
N GLN A 165 47.30 -9.67 9.61
CA GLN A 165 48.23 -8.89 8.82
C GLN A 165 47.51 -7.72 8.14
N CYS A 166 46.24 -7.88 7.74
CA CYS A 166 45.46 -6.79 7.16
C CYS A 166 45.18 -5.73 8.25
N ALA A 167 44.94 -6.16 9.50
CA ALA A 167 44.72 -5.25 10.64
C ALA A 167 46.02 -4.49 10.95
N GLU A 168 47.18 -5.17 10.83
CA GLU A 168 48.51 -4.59 11.05
C GLU A 168 48.76 -3.47 10.02
N HIS A 169 48.23 -3.62 8.79
CA HIS A 169 48.32 -2.62 7.73
C HIS A 169 47.29 -1.48 7.91
N GLY A 170 46.47 -1.57 8.97
CA GLY A 170 45.46 -0.58 9.31
C GLY A 170 44.29 -0.55 8.34
N LEU A 171 43.97 -1.70 7.71
CA LEU A 171 42.90 -1.81 6.73
C LEU A 171 41.52 -1.90 7.43
N ASP A 172 40.44 -1.64 6.67
CA ASP A 172 39.09 -1.52 7.20
C ASP A 172 38.29 -2.82 7.24
N GLU A 173 38.39 -3.68 6.21
CA GLU A 173 37.59 -4.89 6.19
C GLU A 173 38.21 -5.98 5.33
N VAL A 174 37.97 -7.23 5.72
CA VAL A 174 38.32 -8.43 4.98
C VAL A 174 36.98 -9.11 4.66
N VAL A 175 36.69 -9.29 3.38
CA VAL A 175 35.45 -9.93 2.97
C VAL A 175 35.85 -11.29 2.43
N ILE A 176 35.24 -12.34 2.97
CA ILE A 176 35.51 -13.73 2.58
C ILE A 176 34.40 -14.31 1.72
N ALA A 177 34.82 -15.10 0.73
CA ALA A 177 33.99 -15.98 -0.09
C ALA A 177 34.64 -17.35 -0.04
N MET A 178 33.84 -18.36 0.21
CA MET A 178 34.36 -19.72 0.29
C MET A 178 33.28 -20.78 -0.09
N PRO A 179 33.68 -22.03 -0.40
CA PRO A 179 32.67 -23.11 -0.51
C PRO A 179 32.21 -23.57 0.90
N HIS A 180 31.52 -24.71 1.02
CA HIS A 180 30.95 -25.13 2.30
C HIS A 180 31.91 -25.79 3.31
N ARG A 181 33.03 -26.40 2.86
CA ARG A 181 33.98 -27.12 3.71
C ARG A 181 34.68 -26.19 4.77
N GLY A 182 34.34 -26.43 6.03
CA GLY A 182 34.87 -25.68 7.17
C GLY A 182 34.23 -24.34 7.41
N ARG A 183 33.07 -24.06 6.75
CA ARG A 183 32.37 -22.78 6.81
C ARG A 183 31.97 -22.36 8.22
N LEU A 184 31.32 -23.24 8.99
CA LEU A 184 30.88 -22.90 10.36
C LEU A 184 32.07 -22.75 11.29
N ASN A 185 33.17 -23.47 11.00
CA ASN A 185 34.41 -23.36 11.77
C ASN A 185 34.99 -21.99 11.56
N VAL A 186 34.91 -21.48 10.30
CA VAL A 186 35.32 -20.14 9.88
C VAL A 186 34.37 -19.15 10.59
N LEU A 187 33.06 -19.46 10.64
CA LEU A 187 32.13 -18.60 11.38
C LEU A 187 32.56 -18.41 12.84
N ALA A 188 32.92 -19.51 13.53
CA ALA A 188 33.29 -19.39 14.95
C ALA A 188 34.73 -18.94 15.20
N ASN A 189 35.69 -19.41 14.40
CA ASN A 189 37.10 -19.13 14.70
C ASN A 189 37.77 -18.05 13.87
N ILE A 190 37.05 -17.41 12.93
CA ILE A 190 37.59 -16.35 12.10
C ILE A 190 36.64 -15.13 12.16
N VAL A 191 35.36 -15.32 11.78
CA VAL A 191 34.36 -14.22 11.81
C VAL A 191 34.08 -13.85 13.29
N GLY A 192 34.12 -14.86 14.16
CA GLY A 192 33.94 -14.71 15.60
C GLY A 192 32.48 -14.82 16.03
N LYS A 193 31.63 -15.48 15.20
CA LYS A 193 30.23 -15.64 15.55
C LYS A 193 30.12 -16.57 16.77
N PRO A 194 29.28 -16.21 17.80
CA PRO A 194 29.17 -17.10 18.98
C PRO A 194 28.36 -18.35 18.62
N TYR A 195 28.70 -19.48 19.26
CA TYR A 195 28.11 -20.81 19.09
C TYR A 195 26.58 -20.82 19.20
N SER A 196 26.00 -19.93 20.04
CA SER A 196 24.55 -19.81 20.24
C SER A 196 23.87 -19.31 18.97
N GLN A 197 24.54 -18.45 18.18
CA GLN A 197 24.03 -17.88 16.93
C GLN A 197 24.21 -18.87 15.79
N ILE A 198 25.40 -19.51 15.73
CA ILE A 198 25.76 -20.50 14.72
C ILE A 198 24.82 -21.70 14.78
N PHE A 199 24.63 -22.29 15.97
CA PHE A 199 23.82 -23.50 16.08
C PHE A 199 22.37 -23.23 16.62
N SER A 200 21.84 -22.02 16.39
CA SER A 200 20.48 -21.65 16.75
C SER A 200 19.53 -22.29 15.72
N GLU A 201 18.72 -23.31 16.14
CA GLU A 201 17.75 -24.05 15.32
C GLU A 201 18.45 -24.62 14.07
N PHE A 202 19.55 -25.38 14.32
CA PHE A 202 20.49 -25.99 13.38
C PHE A 202 19.83 -26.75 12.20
N GLU A 203 19.63 -28.09 12.32
CA GLU A 203 19.00 -29.04 11.39
C GLU A 203 19.44 -30.47 11.73
N ASP A 216 21.68 -26.51 7.35
CA ASP A 216 22.14 -26.63 5.97
C ASP A 216 22.16 -25.27 5.24
N VAL A 217 21.12 -24.44 5.48
CA VAL A 217 20.98 -23.09 4.93
C VAL A 217 22.11 -22.19 5.49
N LYS A 218 22.56 -22.50 6.73
CA LYS A 218 23.64 -21.80 7.46
C LYS A 218 25.00 -21.93 6.73
N TYR A 219 25.14 -22.94 5.84
CA TYR A 219 26.35 -23.17 5.04
C TYR A 219 26.36 -22.33 3.75
N HIS A 220 25.42 -21.41 3.64
CA HIS A 220 25.28 -20.57 2.47
C HIS A 220 24.94 -19.12 2.84
N LEU A 221 24.68 -18.80 4.13
CA LEU A 221 24.29 -17.45 4.57
C LEU A 221 25.49 -16.50 4.76
N GLY A 222 25.20 -15.20 4.64
CA GLY A 222 26.19 -14.15 4.87
C GLY A 222 26.33 -13.88 6.36
N ALA A 223 27.51 -13.36 6.79
CA ALA A 223 27.77 -13.03 8.19
C ALA A 223 28.74 -11.88 8.32
N THR A 224 28.73 -11.19 9.47
CA THR A 224 29.63 -10.07 9.75
C THR A 224 30.11 -10.10 11.20
N GLY A 225 31.33 -9.67 11.41
CA GLY A 225 31.95 -9.64 12.73
C GLY A 225 33.12 -8.70 12.82
N THR A 226 33.74 -8.61 14.00
CA THR A 226 34.90 -7.75 14.23
C THR A 226 36.04 -8.59 14.74
N TYR A 227 37.17 -8.51 14.04
CA TYR A 227 38.38 -9.21 14.45
C TYR A 227 39.22 -8.26 15.29
N ILE A 228 39.61 -8.70 16.50
CA ILE A 228 40.43 -7.93 17.43
C ILE A 228 41.81 -8.58 17.48
N GLN A 229 42.87 -7.81 17.17
CA GLN A 229 44.25 -8.32 17.18
C GLN A 229 44.63 -8.86 18.55
N MET A 230 45.28 -10.03 18.56
CA MET A 230 45.74 -10.71 19.78
C MET A 230 46.97 -9.97 20.35
N PHE A 231 47.99 -9.73 19.50
CA PHE A 231 49.26 -9.10 19.87
C PHE A 231 49.42 -7.67 19.33
N GLY A 232 48.34 -7.09 18.83
CA GLY A 232 48.32 -5.73 18.30
C GLY A 232 47.18 -4.92 18.89
N ASP A 233 47.13 -3.62 18.56
CA ASP A 233 46.08 -2.73 19.08
C ASP A 233 45.03 -2.35 18.02
N ASN A 234 45.09 -2.97 16.83
CA ASN A 234 44.12 -2.69 15.78
C ASN A 234 42.98 -3.70 15.76
N ASP A 235 41.88 -3.31 15.11
CA ASP A 235 40.74 -4.17 14.86
C ASP A 235 40.38 -4.00 13.40
N ILE A 236 39.63 -4.97 12.86
CA ILE A 236 39.22 -4.97 11.46
C ILE A 236 37.88 -5.70 11.32
N GLU A 237 37.02 -5.21 10.42
CA GLU A 237 35.73 -5.87 10.17
C GLU A 237 35.97 -7.12 9.33
N VAL A 238 35.27 -8.19 9.65
CA VAL A 238 35.37 -9.46 8.91
C VAL A 238 33.97 -9.88 8.52
N SER A 239 33.74 -10.07 7.21
CA SER A 239 32.46 -10.53 6.72
C SER A 239 32.63 -11.72 5.80
N LEU A 240 31.57 -12.51 5.67
CA LEU A 240 31.46 -13.72 4.86
C LEU A 240 30.25 -13.56 3.98
N THR A 241 30.42 -13.70 2.68
CA THR A 241 29.29 -13.48 1.79
C THR A 241 28.52 -14.78 1.56
N ALA A 242 27.24 -14.65 1.15
CA ALA A 242 26.39 -15.80 0.85
C ALA A 242 26.82 -16.44 -0.44
N ASN A 243 26.52 -17.74 -0.66
CA ASN A 243 26.85 -18.40 -1.93
C ASN A 243 25.97 -19.63 -2.20
N PRO A 244 25.78 -20.03 -3.46
CA PRO A 244 25.05 -21.28 -3.73
C PRO A 244 26.00 -22.48 -3.60
N SER A 245 25.55 -23.70 -3.96
CA SER A 245 26.46 -24.84 -3.91
C SER A 245 27.41 -24.82 -5.12
N HIS A 246 27.03 -24.10 -6.22
CA HIS A 246 27.81 -23.95 -7.45
C HIS A 246 29.15 -23.38 -7.12
N LEU A 247 30.14 -24.26 -7.03
CA LEU A 247 31.49 -23.90 -6.63
C LEU A 247 32.08 -22.84 -7.57
N GLU A 248 32.78 -21.87 -6.96
CA GLU A 248 33.47 -20.77 -7.66
C GLU A 248 32.53 -19.72 -8.25
N ALA A 249 31.19 -19.97 -8.33
CA ALA A 249 30.23 -18.98 -8.87
C ALA A 249 30.28 -17.62 -8.14
N VAL A 250 30.54 -17.64 -6.83
CA VAL A 250 30.58 -16.46 -5.93
C VAL A 250 31.85 -15.58 -6.17
N ASP A 251 32.86 -16.15 -6.82
CA ASP A 251 34.14 -15.47 -7.01
C ASP A 251 33.97 -14.05 -7.59
N PRO A 252 33.28 -13.84 -8.73
CA PRO A 252 33.13 -12.47 -9.22
C PRO A 252 32.20 -11.65 -8.32
N VAL A 253 31.25 -12.29 -7.62
CA VAL A 253 30.33 -11.61 -6.71
C VAL A 253 31.15 -10.93 -5.58
N LEU A 254 32.11 -11.67 -4.99
CA LEU A 254 33.01 -11.16 -3.95
C LEU A 254 33.70 -9.92 -4.46
N GLU A 255 34.33 -9.99 -5.64
CA GLU A 255 35.06 -8.86 -6.22
C GLU A 255 34.15 -7.61 -6.37
N GLY A 256 32.94 -7.79 -6.92
CA GLY A 256 31.99 -6.67 -7.07
C GLY A 256 31.61 -6.03 -5.75
N LEU A 257 31.32 -6.90 -4.76
CA LEU A 257 30.94 -6.57 -3.40
C LEU A 257 32.07 -5.77 -2.72
N VAL A 258 33.30 -6.23 -2.84
CA VAL A 258 34.45 -5.53 -2.29
C VAL A 258 34.65 -4.17 -3.00
N ARG A 259 34.53 -4.14 -4.33
CA ARG A 259 34.71 -2.90 -5.10
C ARG A 259 33.69 -1.85 -4.69
N ALA A 260 32.43 -2.27 -4.44
CA ALA A 260 31.35 -1.37 -3.99
C ALA A 260 31.68 -0.77 -2.64
N LYS A 261 32.24 -1.59 -1.72
CA LYS A 261 32.66 -1.16 -0.38
C LYS A 261 33.87 -0.22 -0.48
N GLN A 262 34.82 -0.50 -1.40
CA GLN A 262 35.99 0.36 -1.63
C GLN A 262 35.56 1.74 -2.16
N ASP A 263 34.62 1.77 -3.14
CA ASP A 263 34.12 3.02 -3.69
C ASP A 263 33.44 3.87 -2.60
N LEU A 264 32.66 3.23 -1.70
CA LEU A 264 31.98 3.89 -0.56
C LEU A 264 32.98 4.46 0.47
N LEU A 265 34.11 3.76 0.68
CA LEU A 265 35.13 4.18 1.62
C LEU A 265 36.12 5.15 0.99
N ASP A 266 35.92 5.52 -0.29
CA ASP A 266 36.77 6.42 -1.07
C ASP A 266 38.23 5.88 -1.07
N THR A 267 38.37 4.55 -1.20
CA THR A 267 39.66 3.87 -1.24
C THR A 267 39.81 3.12 -2.57
N GLY A 268 41.00 3.16 -3.13
CA GLY A 268 41.28 2.47 -4.39
C GLY A 268 41.14 3.27 -5.67
N GLU A 269 40.77 2.57 -6.77
CA GLU A 269 40.63 3.04 -8.16
C GLU A 269 39.78 4.31 -8.26
N GLU A 270 38.61 4.32 -7.60
CA GLU A 270 37.70 5.46 -7.61
C GLU A 270 37.80 6.27 -6.28
N GLY A 271 38.89 6.10 -5.56
CA GLY A 271 39.12 6.80 -4.31
C GLY A 271 40.27 7.81 -4.34
N SER A 272 40.39 8.60 -3.26
CA SER A 272 41.45 9.61 -3.09
C SER A 272 42.75 8.93 -2.63
N ASP A 273 42.62 7.78 -1.92
CA ASP A 273 43.78 7.02 -1.46
C ASP A 273 43.92 5.71 -2.26
N ASN A 274 45.13 5.16 -2.31
CA ASN A 274 45.38 3.93 -3.05
C ASN A 274 45.67 2.78 -2.09
N ARG A 275 44.96 2.75 -0.93
CA ARG A 275 45.16 1.66 0.04
C ARG A 275 44.31 0.42 -0.29
N PHE A 276 43.14 0.57 -1.01
CA PHE A 276 42.22 -0.54 -1.33
C PHE A 276 41.94 -1.27 -0.01
N SER A 277 41.50 -0.48 1.01
CA SER A 277 41.36 -0.87 2.41
C SER A 277 40.31 -1.97 2.70
N VAL A 278 39.66 -2.52 1.66
CA VAL A 278 38.73 -3.65 1.76
C VAL A 278 39.39 -4.78 0.98
N VAL A 279 39.71 -5.90 1.68
CA VAL A 279 40.47 -7.01 1.10
C VAL A 279 39.59 -8.21 0.77
N PRO A 280 39.53 -8.66 -0.53
CA PRO A 280 38.86 -9.93 -0.82
C PRO A 280 39.75 -11.10 -0.38
N LEU A 281 39.22 -12.01 0.43
CA LEU A 281 39.88 -13.24 0.82
C LEU A 281 39.05 -14.37 0.23
N MET A 282 39.58 -15.04 -0.78
CA MET A 282 38.77 -16.02 -1.52
C MET A 282 39.28 -17.45 -1.32
N LEU A 283 38.40 -18.33 -0.77
CA LEU A 283 38.76 -19.75 -0.57
C LEU A 283 38.25 -20.59 -1.70
N HIS A 284 38.97 -21.66 -1.97
CA HIS A 284 38.69 -22.57 -3.08
C HIS A 284 39.05 -24.00 -2.72
N GLY A 285 38.51 -24.92 -3.51
CA GLY A 285 38.85 -26.34 -3.46
C GLY A 285 39.75 -26.59 -4.65
N ASP A 286 40.61 -27.59 -4.57
CA ASP A 286 41.57 -27.86 -5.64
C ASP A 286 40.90 -28.27 -6.96
N ALA A 287 39.85 -29.14 -6.93
CA ALA A 287 39.26 -29.58 -8.20
C ALA A 287 38.50 -28.44 -8.88
N ALA A 288 37.76 -27.64 -8.11
CA ALA A 288 36.93 -26.52 -8.60
C ALA A 288 37.79 -25.37 -9.16
N PHE A 289 38.91 -25.02 -8.47
CA PHE A 289 39.80 -23.94 -8.88
C PHE A 289 40.37 -24.22 -10.27
N ALA A 290 40.68 -25.47 -10.58
CA ALA A 290 41.24 -25.82 -11.92
C ALA A 290 40.17 -26.03 -13.01
N GLY A 291 38.96 -26.45 -12.64
CA GLY A 291 37.95 -26.80 -13.62
C GLY A 291 36.93 -25.77 -14.03
N GLN A 292 36.64 -24.79 -13.15
CA GLN A 292 35.61 -23.79 -13.39
C GLN A 292 36.15 -22.59 -14.14
N GLY A 293 35.57 -22.30 -15.30
CA GLY A 293 35.96 -21.17 -16.16
C GLY A 293 35.84 -19.81 -15.51
N VAL A 294 34.89 -19.66 -14.57
CA VAL A 294 34.66 -18.39 -13.86
C VAL A 294 35.92 -17.94 -13.05
N VAL A 295 36.80 -18.88 -12.67
CA VAL A 295 38.04 -18.58 -11.98
C VAL A 295 38.91 -17.69 -12.87
N ALA A 296 39.16 -18.13 -14.13
CA ALA A 296 39.95 -17.40 -15.13
C ALA A 296 39.31 -16.03 -15.46
N GLU A 297 38.00 -16.00 -15.69
CA GLU A 297 37.21 -14.80 -15.93
C GLU A 297 37.37 -13.78 -14.82
N THR A 298 37.37 -14.26 -13.56
CA THR A 298 37.46 -13.41 -12.35
C THR A 298 38.91 -12.89 -12.17
N LEU A 299 39.91 -13.74 -12.41
CA LEU A 299 41.33 -13.37 -12.38
C LEU A 299 41.61 -12.31 -13.45
N ASN A 300 40.98 -12.43 -14.63
CA ASN A 300 41.11 -11.49 -15.72
C ASN A 300 40.62 -10.05 -15.36
N LEU A 301 39.80 -9.94 -14.29
CA LEU A 301 39.28 -8.65 -13.84
C LEU A 301 40.25 -7.90 -12.91
N ALA A 302 41.23 -8.64 -12.31
CA ALA A 302 42.09 -8.19 -11.22
C ALA A 302 42.81 -6.85 -11.40
N LEU A 303 43.15 -6.45 -12.63
CA LEU A 303 43.90 -5.20 -12.82
C LEU A 303 43.15 -4.22 -13.71
N LEU A 304 41.87 -4.52 -14.07
CA LEU A 304 41.06 -3.66 -14.91
C LEU A 304 40.62 -2.46 -14.10
N ARG A 305 40.57 -1.29 -14.72
CA ARG A 305 40.17 -0.06 -14.04
C ARG A 305 38.72 -0.15 -13.54
N GLY A 306 37.85 -0.85 -14.27
CA GLY A 306 36.47 -0.97 -13.86
C GLY A 306 36.18 -2.02 -12.81
N TYR A 307 37.14 -2.93 -12.57
CA TYR A 307 36.89 -4.07 -11.70
C TYR A 307 37.94 -4.36 -10.62
N ARG A 308 39.17 -3.77 -10.69
CA ARG A 308 40.23 -4.06 -9.72
C ARG A 308 39.81 -3.78 -8.26
N THR A 309 40.28 -4.64 -7.34
CA THR A 309 40.00 -4.51 -5.91
C THR A 309 41.32 -4.39 -5.13
N GLY A 310 42.42 -4.16 -5.87
CA GLY A 310 43.75 -3.95 -5.28
C GLY A 310 44.43 -5.25 -4.90
N GLY A 311 43.97 -6.34 -5.50
CA GLY A 311 44.49 -7.68 -5.26
C GLY A 311 43.67 -8.48 -4.28
N THR A 312 43.42 -9.74 -4.65
CA THR A 312 42.71 -10.74 -3.84
C THR A 312 43.68 -11.71 -3.22
N ILE A 313 43.44 -12.10 -1.95
CA ILE A 313 44.22 -13.16 -1.32
C ILE A 313 43.45 -14.46 -1.61
N HIS A 314 44.05 -15.37 -2.39
CA HIS A 314 43.42 -16.66 -2.71
C HIS A 314 44.01 -17.77 -1.84
N ILE A 315 43.15 -18.58 -1.23
CA ILE A 315 43.57 -19.74 -0.46
C ILE A 315 42.90 -20.96 -1.05
N VAL A 316 43.69 -21.89 -1.61
CA VAL A 316 43.16 -23.14 -2.13
C VAL A 316 43.34 -24.20 -1.04
N VAL A 317 42.24 -24.84 -0.62
CA VAL A 317 42.30 -25.93 0.34
C VAL A 317 42.52 -27.18 -0.51
N ASN A 318 43.79 -27.39 -0.86
CA ASN A 318 44.19 -28.45 -1.76
C ASN A 318 44.35 -29.78 -1.02
N ASN A 319 43.24 -30.53 -0.88
CA ASN A 319 43.22 -31.81 -0.18
C ASN A 319 43.47 -32.97 -1.16
N GLN A 320 43.97 -32.62 -2.38
CA GLN A 320 44.46 -33.50 -3.45
C GLN A 320 43.42 -34.52 -3.88
N ILE A 321 42.14 -34.09 -3.88
CA ILE A 321 41.00 -34.93 -4.26
C ILE A 321 39.79 -34.05 -4.50
N GLY A 322 38.91 -34.56 -5.34
CA GLY A 322 37.65 -33.92 -5.70
C GLY A 322 36.58 -34.99 -5.69
N PHE A 323 35.96 -35.21 -4.51
CA PHE A 323 34.98 -36.23 -4.21
C PHE A 323 35.69 -37.62 -4.37
N THR A 324 35.56 -38.30 -5.50
CA THR A 324 36.29 -39.57 -5.71
C THR A 324 37.38 -39.40 -6.77
N THR A 325 37.49 -38.19 -7.36
CA THR A 325 38.34 -37.93 -8.53
C THR A 325 39.75 -37.51 -8.13
N ALA A 326 40.74 -38.17 -8.74
CA ALA A 326 42.15 -37.89 -8.53
C ALA A 326 42.56 -36.62 -9.28
N PRO A 327 43.58 -35.86 -8.82
CA PRO A 327 44.03 -34.66 -9.55
C PRO A 327 44.39 -34.89 -11.03
N THR A 328 44.87 -36.09 -11.39
CA THR A 328 45.23 -36.41 -12.79
C THR A 328 43.99 -36.46 -13.72
N ASP A 329 42.76 -36.61 -13.17
CA ASP A 329 41.53 -36.53 -13.96
C ASP A 329 40.87 -35.13 -13.84
N SER A 330 41.38 -34.28 -12.95
CA SER A 330 40.82 -32.95 -12.68
C SER A 330 41.53 -31.78 -13.38
N ARG A 331 42.83 -31.94 -13.75
CA ARG A 331 43.60 -30.86 -14.37
C ARG A 331 44.71 -31.40 -15.28
N SER A 332 45.14 -30.56 -16.25
CA SER A 332 46.19 -30.85 -17.22
C SER A 332 47.52 -30.15 -16.87
N SER A 333 47.64 -29.66 -15.63
CA SER A 333 48.82 -28.93 -15.17
C SER A 333 49.34 -29.49 -13.87
N GLU A 334 50.61 -29.20 -13.55
CA GLU A 334 51.30 -29.62 -12.34
C GLU A 334 50.53 -29.20 -11.07
N TYR A 335 50.03 -27.95 -11.01
CA TYR A 335 49.32 -27.43 -9.83
C TYR A 335 47.91 -27.00 -10.14
N CYS A 336 46.99 -27.12 -9.16
CA CYS A 336 45.58 -26.70 -9.31
C CYS A 336 45.48 -25.17 -9.49
N THR A 337 46.52 -24.44 -9.08
CA THR A 337 46.64 -22.99 -9.09
C THR A 337 47.30 -22.40 -10.34
N ASP A 338 47.66 -23.25 -11.34
CA ASP A 338 48.40 -22.81 -12.53
C ASP A 338 47.64 -21.73 -13.38
N VAL A 339 46.31 -21.68 -13.30
CA VAL A 339 45.50 -20.66 -13.96
C VAL A 339 45.92 -19.23 -13.47
N ALA A 340 46.37 -19.06 -12.20
CA ALA A 340 46.77 -17.75 -11.64
C ALA A 340 48.01 -17.15 -12.33
N LYS A 341 48.78 -17.97 -13.07
CA LYS A 341 49.93 -17.51 -13.84
C LYS A 341 49.46 -16.60 -15.00
N MET A 342 48.20 -16.73 -15.39
CA MET A 342 47.49 -15.93 -16.40
C MET A 342 47.69 -14.43 -16.14
N ILE A 343 47.76 -14.00 -14.87
CA ILE A 343 47.88 -12.57 -14.50
C ILE A 343 49.19 -12.29 -13.75
N GLY A 344 50.11 -13.26 -13.81
CA GLY A 344 51.41 -13.14 -13.18
C GLY A 344 51.37 -13.00 -11.68
N ALA A 345 50.43 -13.71 -11.05
CA ALA A 345 50.29 -13.73 -9.60
C ALA A 345 51.35 -14.62 -8.98
N PRO A 346 52.02 -14.22 -7.86
CA PRO A 346 52.94 -15.18 -7.19
C PRO A 346 52.12 -16.31 -6.55
N ILE A 347 52.67 -17.53 -6.58
CA ILE A 347 51.98 -18.71 -6.02
C ILE A 347 52.88 -19.35 -4.99
N PHE A 348 52.30 -19.64 -3.83
CA PHE A 348 53.00 -20.29 -2.73
C PHE A 348 52.30 -21.58 -2.41
N HIS A 349 53.00 -22.70 -2.61
CA HIS A 349 52.52 -24.04 -2.30
C HIS A 349 53.05 -24.34 -0.91
N VAL A 350 52.15 -24.62 0.02
CA VAL A 350 52.63 -24.77 1.39
C VAL A 350 52.13 -26.07 2.02
N ASN A 351 52.96 -26.67 2.86
CA ASN A 351 52.67 -27.90 3.58
C ASN A 351 51.71 -27.58 4.73
N GLY A 352 50.47 -28.06 4.62
CA GLY A 352 49.43 -27.85 5.61
C GLY A 352 49.67 -28.49 6.96
N ASP A 353 50.69 -29.35 7.08
CA ASP A 353 51.05 -29.97 8.36
C ASP A 353 52.05 -29.07 9.10
N ASP A 354 52.48 -27.96 8.46
CA ASP A 354 53.41 -26.98 9.06
C ASP A 354 52.65 -25.65 9.20
N PRO A 355 51.96 -25.45 10.33
CA PRO A 355 51.14 -24.22 10.48
C PRO A 355 51.97 -22.92 10.58
N GLU A 356 53.25 -23.00 11.01
CA GLU A 356 54.14 -21.83 11.07
C GLU A 356 54.46 -21.32 9.66
N ALA A 357 54.81 -22.24 8.74
CA ALA A 357 55.09 -21.89 7.34
C ALA A 357 53.80 -21.35 6.67
N CYS A 358 52.63 -21.91 7.03
CA CYS A 358 51.32 -21.49 6.53
C CYS A 358 50.98 -20.07 7.00
N ALA A 359 51.22 -19.77 8.30
CA ALA A 359 50.98 -18.43 8.86
C ALA A 359 51.95 -17.39 8.25
N TRP A 360 53.24 -17.75 8.09
CA TRP A 360 54.27 -16.89 7.51
C TRP A 360 53.93 -16.50 6.08
N VAL A 361 53.54 -17.49 5.25
CA VAL A 361 53.16 -17.31 3.84
C VAL A 361 51.90 -16.41 3.74
N ALA A 362 50.92 -16.57 4.66
CA ALA A 362 49.70 -15.77 4.70
C ALA A 362 50.02 -14.27 4.88
N ARG A 363 50.98 -13.97 5.80
CA ARG A 363 51.44 -12.61 6.11
C ARG A 363 52.26 -12.04 4.96
N LEU A 364 53.09 -12.87 4.30
CA LEU A 364 53.88 -12.46 3.13
C LEU A 364 52.94 -12.10 1.98
N ALA A 365 51.87 -12.90 1.79
CA ALA A 365 50.85 -12.69 0.76
C ALA A 365 50.16 -11.34 0.93
N VAL A 366 49.78 -10.98 2.19
CA VAL A 366 49.13 -9.69 2.50
C VAL A 366 50.12 -8.54 2.17
N ASP A 367 51.39 -8.66 2.57
CA ASP A 367 52.43 -7.65 2.32
C ASP A 367 52.64 -7.43 0.81
N PHE A 368 52.66 -8.52 -0.01
CA PHE A 368 52.81 -8.43 -1.46
C PHE A 368 51.60 -7.70 -2.07
N ARG A 369 50.38 -8.06 -1.60
CA ARG A 369 49.14 -7.45 -2.05
C ARG A 369 49.16 -5.95 -1.76
N GLN A 370 49.59 -5.55 -0.54
CA GLN A 370 49.67 -4.13 -0.18
C GLN A 370 50.72 -3.39 -1.01
N ALA A 371 51.87 -4.02 -1.30
CA ALA A 371 52.94 -3.40 -2.07
C ALA A 371 52.63 -3.27 -3.55
N PHE A 372 51.98 -4.28 -4.17
CA PHE A 372 51.80 -4.24 -5.62
C PHE A 372 50.36 -4.18 -6.09
N LYS A 373 49.37 -4.27 -5.17
CA LYS A 373 47.91 -4.20 -5.48
C LYS A 373 47.51 -5.25 -6.50
N LYS A 374 48.04 -6.47 -6.32
CA LYS A 374 47.89 -7.62 -7.22
C LYS A 374 47.61 -8.91 -6.42
N ASP A 375 46.87 -9.86 -7.04
CA ASP A 375 46.47 -11.17 -6.48
C ASP A 375 47.66 -12.02 -6.07
N VAL A 376 47.47 -12.77 -4.98
CA VAL A 376 48.44 -13.73 -4.43
C VAL A 376 47.68 -15.02 -4.23
N VAL A 377 48.29 -16.13 -4.61
CA VAL A 377 47.63 -17.42 -4.44
C VAL A 377 48.42 -18.28 -3.44
N ILE A 378 47.71 -18.85 -2.46
CA ILE A 378 48.26 -19.78 -1.48
C ILE A 378 47.61 -21.13 -1.73
N ASP A 379 48.43 -22.10 -2.10
CA ASP A 379 48.01 -23.46 -2.39
C ASP A 379 48.35 -24.28 -1.14
N MET A 380 47.35 -24.48 -0.25
CA MET A 380 47.64 -25.21 0.99
C MET A 380 47.45 -26.72 0.78
N LEU A 381 48.56 -27.45 0.70
CA LEU A 381 48.52 -28.92 0.54
C LEU A 381 48.17 -29.59 1.85
N CYS A 382 47.09 -30.35 1.81
CA CYS A 382 46.54 -31.04 2.96
C CYS A 382 45.87 -32.34 2.50
N TYR A 383 44.89 -32.81 3.27
CA TYR A 383 44.15 -34.02 2.93
C TYR A 383 42.76 -33.92 3.51
N ARG A 384 41.91 -34.83 3.06
CA ARG A 384 40.55 -34.96 3.52
C ARG A 384 40.56 -36.24 4.32
N ARG A 385 40.54 -36.11 5.65
CA ARG A 385 40.65 -37.22 6.58
C ARG A 385 39.55 -38.27 6.36
N ARG A 386 38.30 -37.84 6.29
CA ARG A 386 37.17 -38.75 6.14
C ARG A 386 36.71 -38.82 4.68
N GLY A 387 35.60 -39.53 4.47
CA GLY A 387 34.93 -39.65 3.18
C GLY A 387 34.30 -38.31 2.84
N HIS A 388 34.04 -38.08 1.55
CA HIS A 388 33.42 -36.87 1.04
C HIS A 388 32.04 -36.64 1.72
N ASN A 389 31.21 -37.71 1.88
CA ASN A 389 29.88 -37.67 2.52
C ASN A 389 29.54 -39.03 3.19
N GLU A 390 28.35 -39.14 3.81
CA GLU A 390 27.86 -40.30 4.57
C GLU A 390 27.97 -41.64 3.83
N GLY A 391 27.63 -41.67 2.54
CA GLY A 391 27.70 -42.88 1.74
C GLY A 391 29.05 -43.15 1.10
N ASP A 392 30.14 -42.56 1.64
CA ASP A 392 31.46 -42.73 1.05
C ASP A 392 32.49 -43.37 1.97
N ASP A 393 32.97 -44.57 1.57
CA ASP A 393 34.16 -45.23 2.08
C ASP A 393 35.21 -44.85 1.03
N PRO A 394 36.06 -43.85 1.31
CA PRO A 394 36.96 -43.33 0.25
C PRO A 394 38.03 -44.31 -0.23
N SER A 395 38.22 -45.47 0.44
CA SER A 395 39.19 -46.48 0.01
C SER A 395 38.65 -47.28 -1.20
N MET A 396 37.33 -47.15 -1.52
CA MET A 396 36.73 -47.83 -2.69
C MET A 396 37.33 -47.31 -3.98
N THR A 397 37.59 -45.99 -4.05
CA THR A 397 38.09 -45.32 -5.25
C THR A 397 39.52 -44.85 -5.09
N GLN A 398 40.00 -44.62 -3.84
CA GLN A 398 41.37 -44.17 -3.62
C GLN A 398 42.00 -45.03 -2.50
N PRO A 399 42.20 -46.35 -2.71
CA PRO A 399 42.76 -47.20 -1.63
C PRO A 399 44.14 -46.76 -1.12
N TYR A 400 45.06 -46.38 -2.03
CA TYR A 400 46.43 -45.95 -1.68
C TYR A 400 46.46 -44.70 -0.81
N MET A 401 45.78 -43.63 -1.25
CA MET A 401 45.66 -42.35 -0.53
C MET A 401 45.08 -42.57 0.86
N TYR A 402 43.99 -43.35 0.95
CA TYR A 402 43.36 -43.55 2.24
C TYR A 402 44.09 -44.57 3.12
N ASP A 403 45.02 -45.39 2.58
CA ASP A 403 45.83 -46.22 3.47
C ASP A 403 46.88 -45.34 4.15
N VAL A 404 47.37 -44.32 3.41
CA VAL A 404 48.32 -43.34 3.91
C VAL A 404 47.62 -42.40 4.92
N ILE A 405 46.39 -41.93 4.60
CA ILE A 405 45.61 -41.03 5.45
C ILE A 405 45.31 -41.68 6.81
N ASP A 406 45.05 -43.01 6.83
CA ASP A 406 44.77 -43.77 8.06
C ASP A 406 45.97 -43.81 9.03
N THR A 407 47.19 -43.60 8.54
CA THR A 407 48.42 -43.56 9.35
C THR A 407 48.77 -42.11 9.78
N LYS A 408 47.92 -41.12 9.41
CA LYS A 408 48.16 -39.71 9.74
C LYS A 408 47.53 -39.28 11.04
N ARG A 409 48.30 -38.50 11.83
CA ARG A 409 47.82 -37.82 13.02
C ARG A 409 47.61 -36.37 12.61
N GLY A 410 46.49 -35.76 13.01
CA GLY A 410 46.15 -34.38 12.65
C GLY A 410 47.21 -33.32 12.87
N SER A 411 47.07 -32.17 12.17
CA SER A 411 47.96 -31.00 12.21
C SER A 411 48.25 -30.51 13.64
N ARG A 412 47.24 -30.49 14.54
CA ARG A 412 47.32 -30.06 15.94
C ARG A 412 48.32 -30.95 16.70
N LYS A 413 48.16 -32.29 16.58
CA LYS A 413 48.99 -33.31 17.24
C LYS A 413 50.41 -33.30 16.66
N ALA A 414 50.53 -33.14 15.33
CA ALA A 414 51.81 -33.06 14.61
C ALA A 414 52.62 -31.86 15.05
N TYR A 415 51.94 -30.70 15.18
CA TYR A 415 52.55 -29.43 15.57
C TYR A 415 52.95 -29.45 17.04
N THR A 416 52.17 -30.14 17.89
CA THR A 416 52.45 -30.32 19.33
C THR A 416 53.72 -31.18 19.49
N GLU A 417 53.83 -32.24 18.67
CA GLU A 417 54.94 -33.19 18.66
C GLU A 417 56.21 -32.55 18.09
N ALA A 418 56.09 -31.75 17.00
CA ALA A 418 57.23 -31.05 16.40
C ALA A 418 57.84 -30.02 17.39
N LEU A 419 56.99 -29.13 17.98
CA LEU A 419 57.36 -28.12 19.00
C LEU A 419 58.09 -28.76 20.20
N ILE A 420 57.65 -29.97 20.62
CA ILE A 420 58.24 -30.73 21.73
C ILE A 420 59.64 -31.22 21.34
N GLY A 421 59.78 -31.75 20.12
CA GLY A 421 61.03 -32.23 19.56
C GLY A 421 62.03 -31.13 19.25
N ARG A 422 61.53 -29.92 18.90
CA ARG A 422 62.35 -28.76 18.57
C ARG A 422 62.80 -27.99 19.84
N GLY A 423 62.29 -28.40 20.99
CA GLY A 423 62.59 -27.82 22.30
C GLY A 423 61.93 -26.48 22.56
N ASP A 424 60.99 -26.08 21.68
CA ASP A 424 60.27 -24.82 21.76
C ASP A 424 59.30 -24.81 22.95
N ILE A 425 58.67 -25.98 23.25
CA ILE A 425 57.75 -26.13 24.39
C ILE A 425 58.14 -27.37 25.23
N SER A 426 57.83 -27.35 26.55
CA SER A 426 58.09 -28.46 27.48
C SER A 426 56.91 -29.46 27.48
N MET A 427 57.02 -30.58 28.25
CA MET A 427 55.96 -31.59 28.35
C MET A 427 54.70 -30.95 28.99
N LYS A 428 54.89 -30.12 30.04
CA LYS A 428 53.83 -29.40 30.74
C LYS A 428 53.10 -28.44 29.78
N GLU A 429 53.84 -27.78 28.87
CA GLU A 429 53.32 -26.83 27.91
C GLU A 429 52.47 -27.55 26.83
N ALA A 430 52.94 -28.74 26.38
CA ALA A 430 52.21 -29.60 25.44
C ALA A 430 50.97 -30.17 26.15
N GLU A 431 51.09 -30.53 27.45
CA GLU A 431 49.98 -31.02 28.29
C GLU A 431 48.94 -29.89 28.50
N ASP A 432 49.40 -28.64 28.69
CA ASP A 432 48.57 -27.45 28.86
C ASP A 432 47.77 -27.14 27.60
N ALA A 433 48.37 -27.46 26.42
CA ALA A 433 47.79 -27.29 25.08
C ALA A 433 46.69 -28.33 24.85
N LEU A 434 46.90 -29.55 25.39
CA LEU A 434 45.93 -30.64 25.35
C LEU A 434 44.76 -30.31 26.29
N ARG A 435 45.06 -29.57 27.39
CA ARG A 435 44.06 -29.07 28.34
C ARG A 435 43.25 -27.98 27.67
N ASP A 436 43.91 -27.14 26.83
CA ASP A 436 43.26 -26.08 26.08
C ASP A 436 42.32 -26.69 25.01
N TYR A 437 42.77 -27.81 24.35
CA TYR A 437 41.95 -28.50 23.35
C TYR A 437 40.67 -29.02 24.00
N GLN A 438 40.81 -29.73 25.15
CA GLN A 438 39.70 -30.28 25.92
C GLN A 438 38.72 -29.20 26.40
N GLY A 439 39.23 -28.10 26.97
CA GLY A 439 38.42 -26.96 27.39
C GLY A 439 37.66 -26.34 26.22
N GLN A 440 38.30 -26.23 25.04
CA GLN A 440 37.64 -25.70 23.83
C GLN A 440 36.54 -26.67 23.34
N LEU A 441 36.79 -28.00 23.44
CA LEU A 441 35.84 -29.04 23.05
C LEU A 441 34.66 -29.09 24.06
N GLU A 442 34.97 -28.88 25.34
CA GLU A 442 33.98 -28.84 26.41
C GLU A 442 33.05 -27.64 26.23
N ARG A 443 33.62 -26.43 26.01
CA ARG A 443 32.92 -25.14 25.83
C ARG A 443 31.84 -25.19 24.73
N VAL A 444 32.20 -25.68 23.52
CA VAL A 444 31.28 -25.76 22.40
C VAL A 444 30.13 -26.75 22.75
N PHE A 445 30.45 -27.91 23.38
CA PHE A 445 29.42 -28.88 23.80
C PHE A 445 28.48 -28.27 24.87
N ASN A 446 29.02 -27.48 25.80
CA ASN A 446 28.25 -26.83 26.87
C ASN A 446 27.37 -25.66 26.38
N GLU A 447 27.96 -24.70 25.61
CA GLU A 447 27.27 -23.51 25.10
C GLU A 447 26.07 -23.87 24.21
N VAL A 448 26.22 -24.94 23.41
CA VAL A 448 25.18 -25.46 22.52
C VAL A 448 24.11 -26.21 23.41
N ARG A 449 24.56 -26.94 24.46
CA ARG A 449 23.66 -27.63 25.42
C ARG A 449 22.69 -26.64 26.07
N GLU A 450 23.22 -25.47 26.52
CA GLU A 450 22.47 -24.37 27.13
C GLU A 450 21.48 -23.79 26.12
N LEU A 451 21.91 -23.66 24.84
CA LEU A 451 21.09 -23.19 23.72
C LEU A 451 19.98 -24.24 23.41
N GLU A 452 20.31 -25.55 23.47
CA GLU A 452 19.35 -26.64 23.28
C GLU A 452 18.26 -26.62 24.38
N LYS A 453 18.66 -26.30 25.65
CA LYS A 453 17.78 -26.22 26.82
C LYS A 453 16.72 -25.14 26.61
N HIS A 454 17.16 -23.91 26.20
CA HIS A 454 16.33 -22.73 25.93
C HIS A 454 15.95 -22.66 24.45
N LEU A 472 6.11 6.89 -4.84
CA LEU A 472 7.10 7.94 -5.04
C LEU A 472 7.05 8.49 -6.47
N ALA A 473 7.18 9.83 -6.62
CA ALA A 473 7.16 10.50 -7.92
C ALA A 473 8.54 10.46 -8.58
N THR A 474 8.56 10.24 -9.90
CA THR A 474 9.80 10.15 -10.67
C THR A 474 9.95 11.33 -11.64
N ALA A 475 8.89 12.16 -11.80
CA ALA A 475 8.91 13.33 -12.68
C ALA A 475 9.94 14.34 -12.21
N VAL A 476 10.65 14.97 -13.15
CA VAL A 476 11.66 16.00 -12.85
C VAL A 476 11.17 17.35 -13.43
N ASP A 477 11.81 18.46 -13.07
CA ASP A 477 11.45 19.75 -13.67
C ASP A 477 12.20 19.88 -15.02
N LYS A 478 11.69 20.71 -15.96
CA LYS A 478 12.28 20.95 -17.28
C LYS A 478 13.73 21.43 -17.18
N ALA A 479 14.07 22.21 -16.12
CA ALA A 479 15.44 22.70 -15.87
C ALA A 479 16.43 21.53 -15.69
N MET A 480 15.97 20.38 -15.14
CA MET A 480 16.80 19.19 -14.95
C MET A 480 17.18 18.61 -16.33
N LEU A 481 16.19 18.51 -17.23
CA LEU A 481 16.37 18.02 -18.60
C LEU A 481 17.34 18.92 -19.35
N GLN A 482 17.15 20.26 -19.22
CA GLN A 482 17.96 21.28 -19.87
C GLN A 482 19.41 21.23 -19.39
N ARG A 483 19.62 21.01 -18.08
CA ARG A 483 20.94 20.89 -17.45
C ARG A 483 21.72 19.68 -18.04
N ILE A 484 21.04 18.53 -18.23
CA ILE A 484 21.64 17.30 -18.77
C ILE A 484 21.97 17.51 -20.27
N GLY A 485 21.14 18.28 -20.97
CA GLY A 485 21.35 18.63 -22.37
C GLY A 485 22.53 19.57 -22.54
N ASP A 486 22.60 20.62 -21.70
CA ASP A 486 23.69 21.60 -21.67
C ASP A 486 25.03 20.94 -21.38
N ALA A 487 25.04 19.92 -20.47
CA ALA A 487 26.21 19.15 -20.06
C ALA A 487 26.94 18.49 -21.25
N HIS A 488 26.18 18.06 -22.27
CA HIS A 488 26.72 17.44 -23.48
C HIS A 488 27.53 18.44 -24.35
N LEU A 489 27.34 19.75 -24.12
CA LEU A 489 28.05 20.79 -24.85
C LEU A 489 29.05 21.54 -23.95
N ALA A 490 29.07 21.23 -22.63
CA ALA A 490 30.00 21.87 -21.68
C ALA A 490 31.36 21.16 -21.70
N LEU A 491 32.02 21.23 -22.85
CA LEU A 491 33.29 20.56 -23.10
C LEU A 491 34.46 21.18 -22.37
N PRO A 492 35.46 20.37 -21.93
CA PRO A 492 36.67 20.94 -21.31
C PRO A 492 37.41 21.82 -22.29
N GLU A 493 38.22 22.77 -21.80
CA GLU A 493 38.98 23.71 -22.63
C GLU A 493 39.88 22.97 -23.63
N GLY A 494 39.74 23.31 -24.90
CA GLY A 494 40.52 22.73 -25.99
C GLY A 494 40.18 21.31 -26.41
N PHE A 495 39.08 20.73 -25.88
CA PHE A 495 38.65 19.37 -26.22
C PHE A 495 38.19 19.29 -27.68
N THR A 496 38.72 18.30 -28.45
CA THR A 496 38.35 18.09 -29.86
C THR A 496 37.31 16.97 -29.94
N VAL A 497 36.10 17.29 -30.43
CA VAL A 497 35.08 16.26 -30.58
C VAL A 497 35.20 15.62 -31.95
N HIS A 498 34.99 14.27 -32.04
CA HIS A 498 34.93 13.54 -33.32
C HIS A 498 33.74 14.13 -34.13
N PRO A 499 33.97 14.55 -35.39
CA PRO A 499 32.89 15.18 -36.19
C PRO A 499 31.56 14.38 -36.22
N ARG A 500 31.60 13.03 -36.14
CA ARG A 500 30.38 12.21 -36.09
C ARG A 500 29.72 12.20 -34.69
N VAL A 501 30.40 12.68 -33.64
CA VAL A 501 29.79 12.70 -32.28
C VAL A 501 29.16 14.08 -31.98
N ARG A 502 29.76 15.14 -32.51
CA ARG A 502 29.28 16.52 -32.41
C ARG A 502 27.73 16.65 -32.69
N PRO A 503 27.10 16.09 -33.75
CA PRO A 503 25.65 16.30 -33.92
C PRO A 503 24.81 15.61 -32.86
N VAL A 504 25.32 14.48 -32.28
CA VAL A 504 24.64 13.73 -31.21
C VAL A 504 24.55 14.63 -29.99
N LEU A 505 25.63 15.35 -29.64
CA LEU A 505 25.68 16.29 -28.51
C LEU A 505 24.71 17.45 -28.71
N GLU A 506 24.77 18.09 -29.89
CA GLU A 506 23.92 19.22 -30.24
C GLU A 506 22.44 18.80 -30.30
N LYS A 507 22.14 17.59 -30.80
CA LYS A 507 20.77 17.08 -30.86
C LYS A 507 20.23 16.84 -29.44
N ARG A 508 21.10 16.49 -28.48
CA ARG A 508 20.69 16.24 -27.10
C ARG A 508 20.35 17.54 -26.38
N ARG A 509 21.05 18.64 -26.68
CA ARG A 509 20.70 19.95 -26.15
C ARG A 509 19.32 20.36 -26.73
N GLU A 510 19.12 20.14 -28.04
CA GLU A 510 17.89 20.43 -28.77
C GLU A 510 16.73 19.62 -28.17
N MET A 511 16.92 18.31 -27.97
CA MET A 511 15.89 17.43 -27.40
C MET A 511 15.49 17.88 -25.99
N ALA A 512 16.49 18.28 -25.16
CA ALA A 512 16.29 18.73 -23.78
C ALA A 512 15.35 19.97 -23.68
N TYR A 513 15.41 20.86 -24.69
CA TYR A 513 14.62 22.09 -24.74
C TYR A 513 13.37 21.98 -25.63
N GLU A 514 13.40 21.15 -26.68
CA GLU A 514 12.31 21.11 -27.67
C GLU A 514 11.51 19.80 -27.78
N GLY A 515 11.91 18.76 -27.05
CA GLY A 515 11.21 17.48 -27.07
C GLY A 515 11.72 16.54 -28.14
N ARG A 516 10.86 15.57 -28.54
CA ARG A 516 11.19 14.47 -29.47
C ARG A 516 12.44 13.71 -28.90
N ILE A 517 12.43 13.49 -27.58
CA ILE A 517 13.53 12.81 -26.85
C ILE A 517 13.53 11.33 -27.23
N ASP A 518 14.66 10.84 -27.76
CA ASP A 518 14.81 9.46 -28.17
C ASP A 518 15.22 8.62 -26.98
N TRP A 519 15.19 7.28 -27.16
CA TRP A 519 15.52 6.30 -26.11
C TRP A 519 16.89 6.53 -25.47
N ALA A 520 17.95 6.63 -26.30
CA ALA A 520 19.32 6.78 -25.80
C ALA A 520 19.49 8.00 -24.89
N PHE A 521 18.86 9.14 -25.23
CA PHE A 521 18.96 10.34 -24.42
C PHE A 521 18.12 10.20 -23.14
N ALA A 522 16.90 9.59 -23.24
CA ALA A 522 16.00 9.36 -22.10
C ALA A 522 16.72 8.54 -20.98
N GLU A 523 17.53 7.54 -21.36
CA GLU A 523 18.34 6.73 -20.43
C GLU A 523 19.32 7.61 -19.67
N LEU A 524 20.01 8.51 -20.37
CA LEU A 524 21.00 9.44 -19.79
C LEU A 524 20.32 10.52 -18.97
N LEU A 525 19.07 10.90 -19.35
CA LEU A 525 18.27 11.85 -18.58
C LEU A 525 17.93 11.22 -17.23
N ALA A 526 17.62 9.90 -17.24
CA ALA A 526 17.29 9.14 -16.03
C ALA A 526 18.52 8.98 -15.12
N LEU A 527 19.67 8.64 -15.69
CA LEU A 527 20.89 8.45 -14.92
C LEU A 527 21.44 9.79 -14.45
N GLY A 528 21.45 10.79 -15.34
CA GLY A 528 21.90 12.14 -15.03
C GLY A 528 21.12 12.80 -13.89
N SER A 529 19.78 12.64 -13.89
CA SER A 529 18.91 13.20 -12.86
C SER A 529 19.12 12.52 -11.51
N LEU A 530 19.44 11.21 -11.52
CA LEU A 530 19.74 10.47 -10.29
C LEU A 530 21.05 10.97 -9.66
N ILE A 531 22.10 11.19 -10.49
CA ILE A 531 23.41 11.73 -10.10
C ILE A 531 23.20 13.14 -9.50
N ALA A 532 22.37 13.98 -10.14
CA ALA A 532 22.04 15.33 -9.67
C ALA A 532 21.38 15.29 -8.29
N GLU A 533 20.64 14.21 -8.00
CA GLU A 533 19.95 14.00 -6.72
C GLU A 533 20.87 13.35 -5.65
N GLY A 534 22.11 13.05 -6.02
CA GLY A 534 23.11 12.50 -5.10
C GLY A 534 23.38 11.02 -5.18
N LYS A 535 22.81 10.33 -6.19
CA LYS A 535 22.99 8.88 -6.34
C LYS A 535 24.26 8.51 -7.08
N LEU A 536 24.92 7.42 -6.61
CA LEU A 536 26.05 6.84 -7.30
C LEU A 536 25.46 5.96 -8.41
N VAL A 537 25.88 6.17 -9.66
CA VAL A 537 25.40 5.39 -10.81
C VAL A 537 26.60 4.63 -11.41
N ARG A 538 26.51 3.30 -11.45
CA ARG A 538 27.52 2.45 -12.06
C ARG A 538 26.89 1.73 -13.25
N LEU A 539 27.47 1.94 -14.45
CA LEU A 539 26.99 1.39 -15.71
C LEU A 539 28.14 0.72 -16.45
N SER A 540 27.94 -0.52 -16.89
CA SER A 540 29.00 -1.25 -17.58
C SER A 540 28.43 -2.37 -18.44
N GLY A 541 29.26 -2.88 -19.31
CA GLY A 541 28.90 -3.93 -20.25
C GLY A 541 29.80 -3.85 -21.46
N GLN A 542 29.63 -4.76 -22.42
CA GLN A 542 30.49 -4.75 -23.59
C GLN A 542 30.22 -3.51 -24.49
N ASP A 543 31.26 -2.65 -24.61
CA ASP A 543 31.27 -1.41 -25.43
C ASP A 543 30.19 -0.43 -24.99
N THR A 544 29.85 -0.43 -23.68
CA THR A 544 28.78 0.34 -23.06
C THR A 544 29.07 1.86 -23.04
N GLN A 545 30.34 2.29 -23.06
CA GLN A 545 30.67 3.73 -23.05
C GLN A 545 30.12 4.42 -24.30
N ARG A 546 30.37 3.81 -25.47
CA ARG A 546 29.87 4.34 -26.72
C ARG A 546 28.45 3.81 -27.02
N GLY A 547 28.24 2.53 -26.71
CA GLY A 547 27.00 1.84 -27.01
C GLY A 547 27.22 0.97 -28.23
N THR A 548 26.70 -0.25 -28.17
CA THR A 548 26.78 -1.25 -29.24
C THR A 548 26.20 -0.71 -30.54
N PHE A 549 25.11 0.10 -30.43
CA PHE A 549 24.41 0.64 -31.58
C PHE A 549 24.78 2.10 -31.80
N THR A 550 25.99 2.52 -31.31
CA THR A 550 26.58 3.89 -31.43
C THR A 550 25.53 4.92 -30.98
N GLN A 551 24.74 4.59 -29.95
CA GLN A 551 23.67 5.48 -29.51
C GLN A 551 23.95 6.18 -28.17
N ARG A 552 24.83 5.63 -27.32
CA ARG A 552 24.97 6.14 -25.96
C ARG A 552 25.90 7.34 -25.85
N HIS A 553 27.21 7.19 -26.15
CA HIS A 553 28.22 8.24 -26.02
C HIS A 553 28.21 8.84 -24.58
N ALA A 554 28.26 7.94 -23.55
CA ALA A 554 28.33 8.28 -22.13
C ALA A 554 29.71 8.83 -21.85
N VAL A 555 30.69 8.35 -22.64
CA VAL A 555 32.08 8.82 -22.64
C VAL A 555 32.39 9.24 -24.07
N ILE A 556 32.98 10.43 -24.24
CA ILE A 556 33.38 10.88 -25.57
C ILE A 556 34.91 11.01 -25.57
N VAL A 557 35.52 10.72 -26.72
CA VAL A 557 36.97 10.62 -26.83
C VAL A 557 37.52 11.73 -27.73
N ASP A 558 38.52 12.49 -27.19
CA ASP A 558 39.21 13.58 -27.88
C ASP A 558 39.87 13.07 -29.16
N ARG A 559 39.40 13.58 -30.31
CA ARG A 559 39.84 13.18 -31.66
C ARG A 559 41.37 13.24 -31.87
N LYS A 560 42.08 14.10 -31.12
CA LYS A 560 43.52 14.25 -31.24
C LYS A 560 44.33 13.64 -30.06
N THR A 561 43.78 13.61 -28.84
CA THR A 561 44.58 13.12 -27.70
C THR A 561 44.12 11.78 -27.16
N GLY A 562 42.86 11.43 -27.42
CA GLY A 562 42.28 10.21 -26.89
C GLY A 562 41.80 10.40 -25.46
N GLU A 563 41.83 11.66 -24.95
CA GLU A 563 41.37 11.96 -23.59
C GLU A 563 39.86 11.74 -23.49
N GLU A 564 39.42 11.08 -22.42
CA GLU A 564 38.01 10.79 -22.21
C GLU A 564 37.30 11.95 -21.48
N PHE A 565 36.05 12.25 -21.89
CA PHE A 565 35.18 13.24 -21.26
C PHE A 565 33.82 12.60 -21.03
N THR A 566 33.29 12.71 -19.79
CA THR A 566 32.01 12.13 -19.38
C THR A 566 31.01 13.23 -19.07
N PRO A 567 30.13 13.60 -20.03
CA PRO A 567 29.17 14.70 -19.79
C PRO A 567 28.31 14.56 -18.51
N LEU A 568 27.78 13.34 -18.20
CA LEU A 568 26.93 13.15 -17.03
C LEU A 568 27.67 13.40 -15.69
N GLN A 569 29.02 13.33 -15.68
CA GLN A 569 29.80 13.56 -14.48
C GLN A 569 29.68 15.03 -14.00
N LEU A 570 29.34 15.97 -14.91
CA LEU A 570 29.15 17.39 -14.56
C LEU A 570 27.96 17.59 -13.61
N LEU A 571 27.02 16.65 -13.61
CA LEU A 571 25.82 16.68 -12.80
C LEU A 571 26.05 16.29 -11.32
N ALA A 572 27.29 15.85 -10.99
CA ALA A 572 27.72 15.49 -9.64
C ALA A 572 28.05 16.75 -8.83
N THR A 573 28.07 17.91 -9.53
CA THR A 573 28.33 19.24 -8.94
C THR A 573 27.08 20.10 -9.15
N ASN A 574 26.53 20.66 -8.05
CA ASN A 574 25.36 21.55 -8.06
C ASN A 574 25.70 22.87 -8.76
N PRO A 575 24.71 23.65 -9.29
CA PRO A 575 25.03 24.94 -9.93
C PRO A 575 25.88 25.89 -9.07
N ASP A 576 25.75 25.83 -7.72
CA ASP A 576 26.51 26.68 -6.78
C ASP A 576 27.99 26.22 -6.62
N GLY A 577 28.31 25.02 -7.09
CA GLY A 577 29.66 24.46 -7.01
C GLY A 577 29.85 23.37 -5.98
N THR A 578 28.83 23.13 -5.15
CA THR A 578 28.91 22.09 -4.11
C THR A 578 28.68 20.70 -4.71
N PRO A 579 29.26 19.62 -4.14
CA PRO A 579 29.00 18.28 -4.68
C PRO A 579 27.58 17.82 -4.31
N THR A 580 26.94 17.06 -5.22
CA THR A 580 25.61 16.52 -4.98
C THR A 580 25.70 15.25 -4.11
N GLY A 581 26.88 14.62 -4.12
CA GLY A 581 27.13 13.34 -3.46
C GLY A 581 27.06 12.20 -4.47
N GLY A 582 26.55 12.51 -5.67
CA GLY A 582 26.41 11.56 -6.78
C GLY A 582 27.68 11.39 -7.59
N LYS A 583 27.72 10.35 -8.45
CA LYS A 583 28.88 10.02 -9.28
C LYS A 583 28.45 9.11 -10.44
N PHE A 584 29.12 9.22 -11.60
CA PHE A 584 28.86 8.37 -12.75
C PHE A 584 30.08 7.55 -13.03
N LEU A 585 29.95 6.23 -12.81
CA LEU A 585 31.03 5.26 -13.03
C LEU A 585 30.63 4.42 -14.22
N VAL A 586 31.21 4.71 -15.39
CA VAL A 586 30.84 4.00 -16.61
C VAL A 586 32.07 3.33 -17.19
N TYR A 587 31.94 2.03 -17.51
CA TYR A 587 33.06 1.27 -18.03
C TYR A 587 32.68 0.37 -19.18
N ASN A 588 33.67 0.09 -20.01
CA ASN A 588 33.62 -0.98 -21.00
C ASN A 588 34.04 -2.23 -20.24
N SER A 589 33.28 -3.31 -20.32
CA SER A 589 33.65 -4.51 -19.58
C SER A 589 34.61 -5.38 -20.41
N ALA A 590 35.17 -6.42 -19.77
CA ALA A 590 35.94 -7.45 -20.47
C ALA A 590 34.93 -8.26 -21.29
N LEU A 591 35.39 -9.10 -22.22
CA LEU A 591 34.47 -9.94 -22.98
C LEU A 591 34.05 -11.15 -22.10
N SER A 592 33.31 -10.85 -21.03
CA SER A 592 32.80 -11.84 -20.08
C SER A 592 31.35 -11.55 -19.77
N GLU A 593 30.58 -12.62 -19.56
CA GLU A 593 29.20 -12.47 -19.13
C GLU A 593 29.09 -12.96 -17.72
N PHE A 594 29.56 -14.17 -17.45
CA PHE A 594 29.49 -14.82 -16.13
C PHE A 594 30.16 -13.94 -15.05
N ALA A 595 31.47 -13.57 -15.25
CA ALA A 595 32.15 -12.74 -14.24
C ALA A 595 31.57 -11.33 -14.17
N ALA A 596 31.32 -10.70 -15.33
CA ALA A 596 30.79 -9.32 -15.35
C ALA A 596 29.42 -9.21 -14.66
N VAL A 597 28.44 -10.11 -14.96
CA VAL A 597 27.11 -10.10 -14.32
C VAL A 597 27.27 -10.41 -12.81
N GLY A 598 28.13 -11.37 -12.47
CA GLY A 598 28.41 -11.72 -11.08
C GLY A 598 28.95 -10.52 -10.32
N PHE A 599 29.87 -9.75 -10.95
CA PHE A 599 30.49 -8.53 -10.38
C PHE A 599 29.44 -7.45 -10.10
N GLU A 600 28.56 -7.15 -11.08
CA GLU A 600 27.51 -6.14 -10.93
C GLU A 600 26.49 -6.54 -9.87
N TYR A 601 26.13 -7.83 -9.81
CA TYR A 601 25.21 -8.32 -8.75
C TYR A 601 25.87 -8.05 -7.39
N GLY A 602 27.13 -8.43 -7.25
CA GLY A 602 27.92 -8.23 -6.03
C GLY A 602 28.04 -6.77 -5.66
N TYR A 603 28.25 -5.91 -6.67
CA TYR A 603 28.37 -4.46 -6.49
C TYR A 603 27.07 -3.86 -5.89
N SER A 604 25.89 -4.27 -6.38
CA SER A 604 24.59 -3.80 -5.84
C SER A 604 24.37 -4.29 -4.37
N VAL A 605 24.91 -5.47 -4.02
CA VAL A 605 24.83 -6.01 -2.65
C VAL A 605 25.74 -5.15 -1.72
N GLY A 606 26.95 -4.84 -2.20
CA GLY A 606 27.94 -4.07 -1.44
C GLY A 606 27.53 -2.64 -1.16
N ASN A 607 26.75 -2.04 -2.07
CA ASN A 607 26.25 -0.68 -1.93
C ASN A 607 24.78 -0.68 -2.36
N PRO A 608 23.84 -0.96 -1.42
CA PRO A 608 22.40 -0.96 -1.78
C PRO A 608 21.88 0.39 -2.28
N ASP A 609 22.62 1.49 -2.00
CA ASP A 609 22.25 2.86 -2.37
C ASP A 609 22.73 3.22 -3.77
N ALA A 610 23.54 2.35 -4.41
CA ALA A 610 24.00 2.59 -5.77
C ALA A 610 22.99 2.16 -6.82
N MET A 611 22.97 2.85 -7.96
CA MET A 611 22.21 2.47 -9.16
C MET A 611 23.22 1.66 -9.99
N VAL A 612 23.01 0.35 -10.14
CA VAL A 612 23.95 -0.56 -10.81
C VAL A 612 23.30 -1.21 -12.01
N LEU A 613 23.84 -0.93 -13.20
CA LEU A 613 23.31 -1.47 -14.45
C LEU A 613 24.38 -2.25 -15.22
N TRP A 614 24.02 -3.44 -15.70
CA TRP A 614 24.87 -4.25 -16.54
C TRP A 614 24.17 -4.36 -17.86
N GLU A 615 24.90 -4.15 -18.94
CA GLU A 615 24.32 -4.21 -20.26
C GLU A 615 24.93 -5.32 -21.10
N ALA A 616 24.08 -6.26 -21.58
CA ALA A 616 24.50 -7.30 -22.52
C ALA A 616 24.71 -6.65 -23.87
N GLN A 617 25.69 -7.11 -24.67
CA GLN A 617 25.91 -6.59 -26.03
C GLN A 617 24.60 -6.75 -26.83
N PHE A 618 24.03 -7.97 -26.74
CA PHE A 618 22.74 -8.43 -27.23
C PHE A 618 22.22 -9.31 -26.11
N GLY A 619 20.91 -9.31 -25.82
CA GLY A 619 20.35 -10.14 -24.76
C GLY A 619 20.69 -11.63 -24.88
N ASP A 620 20.91 -12.11 -26.14
CA ASP A 620 21.25 -13.49 -26.51
C ASP A 620 22.50 -14.07 -25.80
N PHE A 621 23.42 -13.20 -25.32
CA PHE A 621 24.66 -13.63 -24.70
C PHE A 621 24.58 -13.73 -23.17
N VAL A 622 23.44 -13.32 -22.58
CA VAL A 622 23.27 -13.37 -21.11
C VAL A 622 23.18 -14.85 -20.61
N ASN A 623 22.88 -15.83 -21.50
CA ASN A 623 22.87 -17.24 -21.09
C ASN A 623 24.30 -17.71 -20.65
N GLY A 624 25.34 -16.94 -21.00
CA GLY A 624 26.71 -17.18 -20.54
C GLY A 624 26.84 -16.90 -19.04
N ALA A 625 25.86 -16.19 -18.49
CA ALA A 625 25.80 -15.83 -17.07
C ALA A 625 24.63 -16.54 -16.39
N GLN A 626 24.14 -17.65 -16.97
CA GLN A 626 22.97 -18.36 -16.42
C GLN A 626 23.11 -18.73 -14.95
N SER A 627 24.30 -19.20 -14.52
CA SER A 627 24.54 -19.57 -13.12
C SER A 627 24.27 -18.39 -12.18
N ILE A 628 24.70 -17.17 -12.57
CA ILE A 628 24.48 -15.96 -11.74
C ILE A 628 22.99 -15.63 -11.70
N ILE A 629 22.31 -15.69 -12.86
CA ILE A 629 20.88 -15.40 -12.95
C ILE A 629 20.11 -16.40 -12.07
N ASP A 630 20.39 -17.70 -12.21
CA ASP A 630 19.70 -18.75 -11.46
C ASP A 630 20.01 -18.75 -9.95
N GLU A 631 21.30 -18.63 -9.59
CA GLU A 631 21.76 -18.80 -8.23
C GLU A 631 21.80 -17.55 -7.39
N PHE A 632 21.89 -16.37 -7.99
CA PHE A 632 21.99 -15.16 -7.20
C PHE A 632 20.88 -14.19 -7.46
N ILE A 633 20.79 -13.69 -8.70
CA ILE A 633 19.84 -12.64 -9.07
C ILE A 633 18.37 -13.02 -8.77
N SER A 634 17.88 -14.09 -9.38
CA SER A 634 16.48 -14.49 -9.26
C SER A 634 16.12 -15.05 -7.91
N SER A 635 17.07 -15.58 -7.18
CA SER A 635 16.79 -16.37 -5.97
C SER A 635 17.52 -16.01 -4.66
N GLY A 636 18.50 -15.11 -4.70
CA GLY A 636 19.26 -14.74 -3.51
C GLY A 636 18.40 -14.26 -2.33
N GLU A 637 17.37 -13.46 -2.62
CA GLU A 637 16.48 -12.90 -1.58
C GLU A 637 15.74 -13.99 -0.83
N ALA A 638 15.06 -14.91 -1.52
CA ALA A 638 14.33 -15.98 -0.85
C ALA A 638 15.24 -16.97 -0.16
N LYS A 639 16.42 -17.25 -0.73
CA LYS A 639 17.27 -18.27 -0.13
C LYS A 639 18.06 -17.76 1.05
N TRP A 640 18.63 -16.55 0.95
CA TRP A 640 19.53 -16.05 1.98
C TRP A 640 19.14 -14.73 2.63
N GLY A 641 18.07 -14.09 2.17
CA GLY A 641 17.72 -12.76 2.68
C GLY A 641 18.67 -11.69 2.15
N GLN A 642 19.48 -12.06 1.16
CA GLN A 642 20.44 -11.17 0.51
C GLN A 642 19.70 -10.42 -0.60
N LEU A 643 19.76 -9.08 -0.55
CA LEU A 643 19.05 -8.21 -1.47
C LEU A 643 19.99 -7.55 -2.46
N SER A 644 19.53 -7.45 -3.70
CA SER A 644 20.24 -6.81 -4.81
C SER A 644 19.25 -5.97 -5.62
N ASP A 645 19.67 -4.80 -6.05
CA ASP A 645 18.89 -3.90 -6.88
C ASP A 645 19.51 -3.82 -8.29
N VAL A 646 20.31 -4.84 -8.68
CA VAL A 646 21.01 -4.85 -9.97
C VAL A 646 20.04 -4.76 -11.16
N VAL A 647 20.44 -4.03 -12.21
CA VAL A 647 19.67 -3.90 -13.44
C VAL A 647 20.40 -4.64 -14.55
N LEU A 648 19.69 -5.51 -15.30
CA LEU A 648 20.22 -6.14 -16.49
C LEU A 648 19.51 -5.53 -17.72
N LEU A 649 20.28 -4.93 -18.63
CA LEU A 649 19.75 -4.34 -19.87
C LEU A 649 20.02 -5.33 -20.98
N LEU A 650 18.95 -5.88 -21.57
CA LEU A 650 19.11 -6.93 -22.57
C LEU A 650 18.55 -6.52 -23.94
N PRO A 651 19.43 -6.07 -24.89
CA PRO A 651 18.92 -5.67 -26.24
C PRO A 651 18.19 -6.85 -26.87
N HIS A 652 16.91 -6.60 -27.18
CA HIS A 652 16.00 -7.64 -27.62
C HIS A 652 15.11 -7.15 -28.77
N GLY A 653 14.82 -8.06 -29.71
CA GLY A 653 13.93 -7.77 -30.83
C GLY A 653 14.24 -8.51 -32.11
N HIS A 654 13.19 -9.00 -32.78
CA HIS A 654 13.28 -9.70 -34.08
C HIS A 654 13.46 -8.66 -35.17
N GLU A 655 14.65 -8.64 -35.81
CA GLU A 655 15.00 -7.69 -36.87
C GLU A 655 15.71 -8.39 -38.04
N GLY A 656 15.81 -9.73 -37.99
CA GLY A 656 16.44 -10.54 -39.03
C GLY A 656 17.95 -10.72 -38.91
N GLN A 657 18.52 -10.50 -37.70
CA GLN A 657 19.96 -10.65 -37.49
C GLN A 657 20.37 -12.04 -36.98
N GLY A 658 19.45 -12.98 -36.98
CA GLY A 658 19.76 -14.36 -36.62
C GLY A 658 19.45 -14.80 -35.21
N PRO A 659 19.56 -16.11 -34.93
CA PRO A 659 19.16 -16.63 -33.60
C PRO A 659 20.01 -16.17 -32.41
N ASP A 660 21.15 -15.49 -32.63
CA ASP A 660 22.03 -15.02 -31.56
C ASP A 660 22.11 -13.50 -31.50
N HIS A 661 21.25 -12.81 -32.26
CA HIS A 661 21.15 -11.35 -32.26
C HIS A 661 19.67 -10.96 -32.28
N THR A 662 18.83 -11.72 -31.57
CA THR A 662 17.40 -11.47 -31.56
C THR A 662 16.71 -11.50 -30.18
N SER A 663 17.03 -12.49 -29.32
CA SER A 663 16.27 -12.68 -28.08
C SER A 663 17.09 -12.74 -26.79
N GLY A 664 16.59 -12.05 -25.76
CA GLY A 664 17.13 -12.06 -24.40
C GLY A 664 16.47 -13.15 -23.58
N ARG A 665 15.62 -13.98 -24.23
CA ARG A 665 14.87 -15.12 -23.69
C ARG A 665 13.96 -14.65 -22.57
N ILE A 666 12.98 -13.83 -22.91
CA ILE A 666 11.95 -13.29 -21.99
C ILE A 666 11.32 -14.41 -21.20
N GLU A 667 10.92 -15.51 -21.91
CA GLU A 667 10.28 -16.71 -21.38
C GLU A 667 11.06 -17.32 -20.21
N ARG A 668 12.42 -17.30 -20.24
CA ARG A 668 13.25 -17.86 -19.17
C ARG A 668 13.20 -16.98 -17.92
N PHE A 669 13.26 -15.64 -18.08
CA PHE A 669 13.17 -14.74 -16.94
C PHE A 669 11.76 -14.80 -16.33
N LEU A 670 10.71 -14.94 -17.20
CA LEU A 670 9.32 -15.02 -16.70
C LEU A 670 9.10 -16.34 -15.98
N GLN A 671 9.81 -17.39 -16.38
CA GLN A 671 9.74 -18.72 -15.78
C GLN A 671 10.39 -18.69 -14.38
N LEU A 672 11.53 -18.01 -14.24
CA LEU A 672 12.27 -17.87 -12.98
C LEU A 672 11.53 -17.04 -11.93
N TRP A 673 10.80 -16.00 -12.38
CA TRP A 673 10.03 -15.07 -11.56
C TRP A 673 9.05 -15.81 -10.63
N ALA A 674 8.98 -15.35 -9.38
CA ALA A 674 8.03 -15.75 -8.35
C ALA A 674 7.89 -14.59 -7.40
N GLU A 675 6.62 -14.18 -7.11
CA GLU A 675 6.19 -12.98 -6.40
C GLU A 675 7.28 -12.27 -5.59
N GLY A 676 7.52 -11.04 -6.01
CA GLY A 676 8.46 -10.13 -5.36
C GLY A 676 9.90 -10.53 -5.45
N SER A 677 10.32 -11.22 -6.54
CA SER A 677 11.74 -11.56 -6.66
C SER A 677 12.42 -10.60 -7.60
N MET A 678 11.78 -10.27 -8.74
CA MET A 678 12.33 -9.37 -9.77
C MET A 678 11.27 -8.54 -10.45
N THR A 679 11.67 -7.45 -11.07
CA THR A 679 10.80 -6.64 -11.92
C THR A 679 11.27 -6.93 -13.35
N ILE A 680 10.33 -7.21 -14.27
CA ILE A 680 10.68 -7.53 -15.66
C ILE A 680 9.88 -6.60 -16.56
N ALA A 681 10.58 -5.86 -17.42
CA ALA A 681 9.91 -4.89 -18.26
C ALA A 681 10.45 -4.84 -19.68
N MET A 682 9.57 -4.45 -20.62
CA MET A 682 9.92 -4.26 -22.02
CA MET A 682 9.91 -4.27 -22.02
C MET A 682 9.27 -2.94 -22.46
N PRO A 683 9.89 -1.78 -22.10
CA PRO A 683 9.28 -0.49 -22.43
C PRO A 683 9.26 -0.21 -23.92
N SER A 684 8.26 0.56 -24.38
CA SER A 684 8.10 0.90 -25.80
C SER A 684 8.38 2.40 -26.05
N THR A 685 8.50 3.20 -24.98
CA THR A 685 8.74 4.64 -25.18
C THR A 685 9.93 5.11 -24.36
N PRO A 686 10.70 6.11 -24.86
CA PRO A 686 11.82 6.67 -24.08
C PRO A 686 11.42 7.15 -22.68
N ALA A 687 10.32 7.92 -22.57
CA ALA A 687 9.86 8.44 -21.27
C ALA A 687 9.48 7.33 -20.29
N ASN A 688 8.83 6.25 -20.76
CA ASN A 688 8.46 5.15 -19.87
C ASN A 688 9.71 4.42 -19.37
N TYR A 689 10.78 4.36 -20.20
CA TYR A 689 12.06 3.76 -19.78
C TYR A 689 12.71 4.67 -18.72
N PHE A 690 12.68 5.99 -18.94
CA PHE A 690 13.20 7.00 -18.01
C PHE A 690 12.53 6.85 -16.62
N HIS A 691 11.19 6.75 -16.60
CA HIS A 691 10.44 6.60 -15.34
C HIS A 691 10.68 5.22 -14.71
N LEU A 692 10.86 4.17 -15.53
CA LEU A 692 11.19 2.83 -15.04
C LEU A 692 12.53 2.84 -14.26
N LEU A 693 13.57 3.46 -14.82
CA LEU A 693 14.90 3.54 -14.18
C LEU A 693 14.86 4.41 -12.92
N ARG A 694 14.16 5.55 -12.98
CA ARG A 694 14.05 6.46 -11.83
C ARG A 694 13.23 5.80 -10.70
N ARG A 695 12.12 5.08 -11.02
CA ARG A 695 11.33 4.37 -10.00
C ARG A 695 12.24 3.35 -9.30
N HIS A 696 13.00 2.56 -10.10
CA HIS A 696 13.92 1.55 -9.62
C HIS A 696 14.99 2.13 -8.68
N GLY A 697 15.56 3.27 -9.03
CA GLY A 697 16.56 3.93 -8.20
C GLY A 697 16.02 4.64 -6.97
N LYS A 698 14.72 4.99 -6.94
CA LYS A 698 14.17 5.79 -5.82
C LYS A 698 13.10 5.07 -4.96
N ASP A 699 12.65 3.85 -5.33
CA ASP A 699 11.58 3.14 -4.61
C ASP A 699 11.97 2.61 -3.21
N GLY A 700 13.24 2.64 -2.87
CA GLY A 700 13.73 2.16 -1.57
C GLY A 700 13.61 0.66 -1.39
N ILE A 701 13.42 -0.10 -2.50
CA ILE A 701 13.25 -1.55 -2.55
C ILE A 701 14.44 -2.14 -3.28
N GLN A 702 15.03 -3.19 -2.71
CA GLN A 702 16.18 -3.84 -3.31
C GLN A 702 15.72 -5.10 -4.02
N ARG A 703 15.43 -4.91 -5.32
CA ARG A 703 14.92 -5.95 -6.22
C ARG A 703 15.58 -5.85 -7.60
N PRO A 704 16.10 -6.95 -8.20
CA PRO A 704 16.66 -6.83 -9.56
C PRO A 704 15.61 -6.41 -10.61
N LEU A 705 16.07 -5.66 -11.59
CA LEU A 705 15.24 -5.21 -12.68
C LEU A 705 15.80 -5.76 -13.97
N ILE A 706 14.96 -6.48 -14.74
CA ILE A 706 15.34 -7.06 -16.04
C ILE A 706 14.66 -6.22 -17.11
N VAL A 707 15.47 -5.58 -17.98
CA VAL A 707 14.90 -4.72 -19.03
C VAL A 707 15.26 -5.27 -20.41
N PHE A 708 14.23 -5.53 -21.23
CA PHE A 708 14.37 -5.93 -22.63
C PHE A 708 14.39 -4.60 -23.41
N THR A 709 15.59 -4.20 -23.88
CA THR A 709 15.87 -2.90 -24.48
C THR A 709 15.89 -2.96 -26.02
N PRO A 710 15.73 -1.81 -26.72
CA PRO A 710 15.66 -1.85 -28.18
C PRO A 710 17.00 -1.80 -28.86
N LYS A 711 16.95 -2.04 -30.19
CA LYS A 711 18.07 -2.03 -31.13
C LYS A 711 17.69 -1.07 -32.28
N SER A 712 16.89 -1.47 -33.28
CA SER A 712 16.49 -0.55 -34.35
C SER A 712 15.46 0.52 -33.84
N MET A 713 14.67 0.20 -32.82
CA MET A 713 13.66 1.09 -32.23
C MET A 713 14.30 2.34 -31.54
N LEU A 714 15.63 2.30 -31.28
CA LEU A 714 16.41 3.44 -30.79
C LEU A 714 16.32 4.61 -31.80
N ARG A 715 16.21 4.28 -33.09
CA ARG A 715 16.18 5.26 -34.19
C ARG A 715 14.81 5.34 -34.91
N ASN A 716 13.78 4.71 -34.35
CA ASN A 716 12.44 4.80 -34.89
C ASN A 716 11.89 6.17 -34.50
N LYS A 717 11.55 7.00 -35.49
CA LYS A 717 11.08 8.38 -35.31
C LYS A 717 9.71 8.47 -34.62
N ALA A 718 8.93 7.37 -34.60
CA ALA A 718 7.66 7.30 -33.88
C ALA A 718 7.94 7.01 -32.37
N ALA A 719 9.09 6.39 -32.04
CA ALA A 719 9.47 6.04 -30.67
C ALA A 719 10.25 7.20 -29.99
N VAL A 720 9.60 8.35 -29.88
CA VAL A 720 10.16 9.57 -29.24
C VAL A 720 9.14 10.09 -28.24
N SER A 721 9.62 10.86 -27.26
CA SER A 721 8.76 11.37 -26.18
C SER A 721 8.80 12.87 -26.03
N ASP A 722 7.67 13.45 -25.56
CA ASP A 722 7.52 14.87 -25.30
C ASP A 722 8.11 15.21 -23.94
N ILE A 723 8.52 16.47 -23.73
CA ILE A 723 9.07 16.96 -22.46
C ILE A 723 8.07 16.67 -21.29
N ARG A 724 6.73 16.91 -21.51
CA ARG A 724 5.69 16.69 -20.50
C ARG A 724 5.62 15.23 -20.01
N ASP A 725 6.06 14.25 -20.84
CA ASP A 725 6.10 12.83 -20.47
C ASP A 725 7.16 12.58 -19.38
N PHE A 726 8.16 13.48 -19.28
CA PHE A 726 9.25 13.43 -18.30
C PHE A 726 8.95 14.28 -17.07
N THR A 727 8.29 15.42 -17.28
CA THR A 727 8.02 16.41 -16.23
C THR A 727 6.66 16.26 -15.55
N GLU A 728 5.66 15.67 -16.21
CA GLU A 728 4.33 15.59 -15.59
C GLU A 728 3.73 14.19 -15.67
N SER A 729 4.57 13.17 -15.72
CA SER A 729 4.06 11.81 -15.80
C SER A 729 4.83 10.90 -14.84
N LYS A 730 4.54 9.61 -14.88
CA LYS A 730 5.15 8.56 -14.07
C LYS A 730 5.23 7.28 -14.90
N PHE A 731 5.79 6.20 -14.32
CA PHE A 731 5.89 4.92 -15.02
C PHE A 731 4.51 4.35 -15.25
N ARG A 732 4.25 3.91 -16.48
CA ARG A 732 2.97 3.33 -16.87
C ARG A 732 3.22 1.89 -17.22
N SER A 733 2.68 0.99 -16.38
CA SER A 733 2.83 -0.45 -16.55
C SER A 733 2.01 -0.96 -17.75
N VAL A 734 0.94 -0.23 -18.11
CA VAL A 734 0.03 -0.53 -19.22
C VAL A 734 -0.14 0.77 -20.04
N LEU A 735 0.04 0.70 -21.36
CA LEU A 735 -0.13 1.87 -22.23
C LEU A 735 -1.18 1.66 -23.31
N GLU A 736 -2.03 2.67 -23.48
CA GLU A 736 -3.05 2.73 -24.53
C GLU A 736 -2.50 3.55 -25.69
N GLU A 737 -3.19 3.49 -26.84
CA GLU A 737 -2.81 4.27 -28.03
C GLU A 737 -3.08 5.75 -27.79
N PRO A 738 -2.15 6.65 -28.22
CA PRO A 738 -2.37 8.10 -28.04
C PRO A 738 -3.66 8.64 -28.67
N MET A 739 -4.23 7.97 -29.71
CA MET A 739 -5.49 8.41 -30.31
C MET A 739 -6.66 8.36 -29.30
N TYR A 740 -6.61 7.48 -28.30
CA TYR A 740 -7.69 7.38 -27.31
C TYR A 740 -7.44 8.26 -26.08
N THR A 741 -6.18 8.48 -25.70
CA THR A 741 -5.84 9.26 -24.51
C THR A 741 -5.62 10.77 -24.83
N ASP A 742 -5.23 11.11 -26.07
CA ASP A 742 -4.93 12.48 -26.45
C ASP A 742 -5.55 12.91 -27.78
N GLY A 743 -6.06 11.94 -28.55
CA GLY A 743 -6.65 12.21 -29.85
C GLY A 743 -8.16 12.14 -29.90
N GLU A 744 -8.68 11.89 -31.12
CA GLU A 744 -10.12 11.83 -31.39
C GLU A 744 -10.60 10.39 -31.66
N GLY A 745 -9.85 9.40 -31.18
CA GLY A 745 -10.23 7.99 -31.31
C GLY A 745 -11.39 7.60 -30.42
N ASP A 746 -12.29 6.73 -30.95
CA ASP A 746 -13.46 6.23 -30.22
C ASP A 746 -13.24 4.75 -29.80
N ARG A 747 -13.00 4.52 -28.49
CA ARG A 747 -12.81 3.19 -27.87
C ARG A 747 -14.02 2.25 -28.04
N ASN A 748 -15.23 2.80 -28.15
CA ASN A 748 -16.48 2.03 -28.28
C ASN A 748 -16.64 1.36 -29.65
N LYS A 749 -15.84 1.76 -30.66
CA LYS A 749 -15.86 1.15 -31.99
C LYS A 749 -15.03 -0.13 -32.01
N VAL A 750 -14.15 -0.32 -30.99
CA VAL A 750 -13.22 -1.45 -30.88
C VAL A 750 -13.96 -2.77 -30.57
N THR A 751 -13.77 -3.76 -31.44
CA THR A 751 -14.34 -5.11 -31.32
C THR A 751 -13.21 -6.14 -31.15
N ARG A 752 -11.99 -5.80 -31.58
CA ARG A 752 -10.80 -6.65 -31.48
C ARG A 752 -9.70 -5.94 -30.70
N LEU A 753 -9.22 -6.59 -29.64
CA LEU A 753 -8.16 -5.99 -28.88
C LEU A 753 -6.88 -6.80 -29.00
N LEU A 754 -5.79 -6.12 -29.38
CA LEU A 754 -4.47 -6.71 -29.49
C LEU A 754 -3.62 -6.32 -28.30
N LEU A 755 -3.18 -7.31 -27.53
CA LEU A 755 -2.31 -7.09 -26.38
C LEU A 755 -0.92 -7.44 -26.83
N THR A 756 0.05 -6.58 -26.52
CA THR A 756 1.42 -6.77 -26.98
C THR A 756 2.42 -6.07 -26.03
N SER A 757 3.69 -6.12 -26.40
CA SER A 757 4.79 -5.51 -25.68
C SER A 757 5.95 -5.25 -26.64
N GLY A 758 6.63 -4.12 -26.48
CA GLY A 758 7.79 -3.80 -27.30
C GLY A 758 7.48 -3.15 -28.65
N LYS A 759 8.50 -3.13 -29.51
CA LYS A 759 8.50 -2.48 -30.84
C LYS A 759 7.42 -2.98 -31.83
N ILE A 760 6.89 -4.22 -31.68
CA ILE A 760 5.86 -4.70 -32.63
C ILE A 760 4.61 -3.77 -32.57
N TYR A 761 4.43 -3.01 -31.45
CA TYR A 761 3.35 -2.04 -31.31
C TYR A 761 3.38 -1.04 -32.46
N TYR A 762 4.58 -0.47 -32.79
CA TYR A 762 4.72 0.52 -33.86
C TYR A 762 4.27 -0.03 -35.21
N GLU A 763 4.62 -1.30 -35.51
CA GLU A 763 4.23 -1.97 -36.75
C GLU A 763 2.73 -2.23 -36.79
N LEU A 764 2.13 -2.62 -35.65
CA LEU A 764 0.68 -2.84 -35.51
C LEU A 764 -0.07 -1.51 -35.66
N ALA A 765 0.48 -0.42 -35.07
CA ALA A 765 -0.13 0.92 -35.12
C ALA A 765 -0.07 1.49 -36.52
N ALA A 766 1.05 1.27 -37.24
CA ALA A 766 1.22 1.75 -38.63
C ALA A 766 0.19 1.06 -39.55
N ARG A 767 -0.02 -0.27 -39.37
CA ARG A 767 -0.99 -1.05 -40.15
C ARG A 767 -2.40 -0.56 -39.87
N LYS A 768 -2.73 -0.32 -38.58
CA LYS A 768 -4.05 0.19 -38.17
C LYS A 768 -4.31 1.56 -38.84
N ALA A 769 -3.30 2.45 -38.84
CA ALA A 769 -3.40 3.78 -39.45
C ALA A 769 -3.63 3.68 -40.97
N LYS A 770 -2.88 2.78 -41.65
CA LYS A 770 -2.95 2.55 -43.10
C LYS A 770 -4.35 2.15 -43.57
N GLU A 771 -5.01 1.22 -42.85
CA GLU A 771 -6.33 0.71 -43.21
C GLU A 771 -7.48 1.38 -42.45
N ASN A 772 -7.18 2.39 -41.59
CA ASN A 772 -8.14 3.11 -40.73
C ASN A 772 -8.99 2.07 -39.95
N ARG A 773 -8.32 1.13 -39.27
CA ARG A 773 -9.01 0.11 -38.50
C ARG A 773 -9.41 0.67 -37.12
N GLU A 774 -10.64 1.22 -37.00
CA GLU A 774 -11.19 1.78 -35.77
C GLU A 774 -11.78 0.67 -34.90
N ASP A 775 -12.00 -0.51 -35.49
CA ASP A 775 -12.52 -1.75 -34.88
C ASP A 775 -11.41 -2.51 -34.09
N VAL A 776 -10.14 -2.08 -34.23
CA VAL A 776 -8.99 -2.72 -33.58
C VAL A 776 -8.26 -1.73 -32.66
N ALA A 777 -7.89 -2.16 -31.44
CA ALA A 777 -7.09 -1.35 -30.51
C ALA A 777 -5.89 -2.15 -30.06
N ILE A 778 -4.79 -1.45 -29.80
CA ILE A 778 -3.52 -2.07 -29.38
C ILE A 778 -3.16 -1.58 -27.99
N VAL A 779 -3.06 -2.54 -27.05
CA VAL A 779 -2.72 -2.26 -25.66
C VAL A 779 -1.35 -2.86 -25.36
N ARG A 780 -0.44 -2.06 -24.81
CA ARG A 780 0.90 -2.48 -24.46
C ARG A 780 1.07 -2.83 -22.99
N ILE A 781 1.69 -3.98 -22.72
CA ILE A 781 2.03 -4.40 -21.36
C ILE A 781 3.51 -4.07 -21.21
N GLU A 782 3.82 -2.93 -20.56
CA GLU A 782 5.19 -2.43 -20.37
C GLU A 782 5.92 -3.18 -19.25
N GLN A 783 5.19 -3.50 -18.17
CA GLN A 783 5.70 -4.26 -17.04
C GLN A 783 5.20 -5.68 -17.18
N LEU A 784 6.09 -6.62 -17.55
CA LEU A 784 5.71 -8.02 -17.78
C LEU A 784 5.56 -8.78 -16.46
N ALA A 785 6.37 -8.42 -15.46
CA ALA A 785 6.35 -9.04 -14.14
C ALA A 785 6.78 -8.01 -13.08
N PRO A 786 6.02 -7.88 -11.96
CA PRO A 786 4.74 -8.55 -11.65
C PRO A 786 3.66 -8.08 -12.63
N LEU A 787 2.72 -8.97 -12.99
CA LEU A 787 1.67 -8.61 -13.92
C LEU A 787 0.85 -7.45 -13.35
N PRO A 788 0.65 -6.34 -14.10
CA PRO A 788 -0.13 -5.22 -13.56
C PRO A 788 -1.63 -5.51 -13.69
N ARG A 789 -2.11 -6.46 -12.87
CA ARG A 789 -3.49 -6.98 -12.85
C ARG A 789 -4.57 -5.86 -12.83
N ARG A 790 -4.51 -4.95 -11.85
CA ARG A 790 -5.49 -3.88 -11.67
C ARG A 790 -5.49 -2.92 -12.88
N ARG A 791 -4.31 -2.41 -13.28
CA ARG A 791 -4.18 -1.48 -14.41
C ARG A 791 -4.64 -2.13 -15.71
N LEU A 792 -4.37 -3.45 -15.87
CA LEU A 792 -4.76 -4.19 -17.07
C LEU A 792 -6.30 -4.33 -17.12
N ALA A 793 -6.93 -4.70 -15.98
CA ALA A 793 -8.39 -4.84 -15.87
C ALA A 793 -9.09 -3.50 -16.13
N GLU A 794 -8.59 -2.39 -15.53
CA GLU A 794 -9.16 -1.05 -15.69
C GLU A 794 -9.02 -0.54 -17.13
N THR A 795 -7.92 -0.89 -17.82
CA THR A 795 -7.69 -0.49 -19.21
C THR A 795 -8.69 -1.20 -20.14
N LEU A 796 -8.84 -2.53 -19.99
CA LEU A 796 -9.73 -3.34 -20.85
C LEU A 796 -11.21 -2.98 -20.66
N ASP A 797 -11.62 -2.53 -19.44
CA ASP A 797 -13.00 -2.14 -19.15
C ASP A 797 -13.44 -0.91 -19.96
N ARG A 798 -12.46 -0.14 -20.47
CA ARG A 798 -12.70 1.06 -21.28
C ARG A 798 -13.04 0.73 -22.75
N TYR A 799 -12.98 -0.56 -23.13
CA TYR A 799 -13.30 -1.07 -24.47
C TYR A 799 -14.47 -2.07 -24.32
N PRO A 800 -15.71 -1.60 -24.08
CA PRO A 800 -16.81 -2.53 -23.77
C PRO A 800 -17.31 -3.42 -24.93
N ASN A 801 -17.05 -3.03 -26.18
CA ASN A 801 -17.57 -3.78 -27.33
C ASN A 801 -16.60 -4.81 -27.90
N VAL A 802 -15.52 -5.13 -27.16
CA VAL A 802 -14.51 -6.13 -27.54
C VAL A 802 -15.16 -7.53 -27.54
N LYS A 803 -15.05 -8.24 -28.67
CA LYS A 803 -15.60 -9.58 -28.86
C LYS A 803 -14.48 -10.63 -28.93
N GLU A 804 -13.22 -10.20 -29.16
CA GLU A 804 -12.06 -11.10 -29.26
C GLU A 804 -10.78 -10.39 -28.82
N LYS A 805 -9.91 -11.11 -28.09
CA LYS A 805 -8.63 -10.59 -27.58
C LYS A 805 -7.47 -11.48 -28.02
N PHE A 806 -6.37 -10.87 -28.47
CA PHE A 806 -5.22 -11.61 -28.92
C PHE A 806 -3.94 -11.11 -28.28
N TRP A 807 -3.11 -12.06 -27.83
CA TRP A 807 -1.77 -11.72 -27.39
C TRP A 807 -0.90 -11.82 -28.63
N VAL A 808 -0.29 -10.69 -29.04
CA VAL A 808 0.54 -10.63 -30.24
C VAL A 808 2.00 -10.46 -29.83
N GLN A 809 2.89 -11.29 -30.42
CA GLN A 809 4.33 -11.22 -30.18
C GLN A 809 5.13 -11.65 -31.41
N GLU A 810 6.32 -11.13 -31.51
CA GLU A 810 7.26 -11.46 -32.56
C GLU A 810 7.89 -12.85 -32.31
N GLU A 811 8.08 -13.19 -31.04
CA GLU A 811 8.79 -14.39 -30.63
C GLU A 811 8.03 -15.68 -30.95
N PRO A 812 8.76 -16.80 -31.16
CA PRO A 812 8.10 -18.11 -31.34
C PRO A 812 7.10 -18.42 -30.20
N ALA A 813 6.12 -19.29 -30.49
CA ALA A 813 5.01 -19.66 -29.60
C ALA A 813 5.49 -20.25 -28.24
N ASN A 814 6.66 -20.92 -28.22
CA ASN A 814 7.25 -21.51 -27.00
C ASN A 814 8.17 -20.50 -26.30
N GLN A 815 8.24 -19.27 -26.84
CA GLN A 815 9.12 -18.20 -26.34
C GLN A 815 8.34 -16.91 -26.11
N GLY A 816 9.04 -15.86 -25.69
CA GLY A 816 8.43 -14.58 -25.37
C GLY A 816 7.54 -14.67 -24.15
N ALA A 817 6.49 -13.82 -24.10
CA ALA A 817 5.60 -13.78 -22.92
C ALA A 817 4.46 -14.81 -22.97
N TRP A 818 4.11 -15.36 -24.15
CA TRP A 818 2.97 -16.28 -24.28
C TRP A 818 3.01 -17.51 -23.35
N PRO A 819 4.10 -18.32 -23.22
CA PRO A 819 4.04 -19.50 -22.31
C PRO A 819 3.57 -19.17 -20.89
N SER A 820 3.96 -18.01 -20.33
CA SER A 820 3.47 -17.64 -18.99
C SER A 820 2.13 -16.85 -19.08
N PHE A 821 2.00 -15.85 -20.00
CA PHE A 821 0.76 -15.07 -20.09
C PHE A 821 -0.44 -15.90 -20.54
N GLY A 822 -0.21 -16.84 -21.44
CA GLY A 822 -1.26 -17.75 -21.93
C GLY A 822 -1.84 -18.62 -20.85
N LEU A 823 -1.02 -18.93 -19.82
CA LEU A 823 -1.46 -19.73 -18.70
C LEU A 823 -1.98 -18.84 -17.54
N THR A 824 -1.29 -17.74 -17.24
CA THR A 824 -1.61 -16.83 -16.11
C THR A 824 -2.78 -15.86 -16.37
N LEU A 825 -2.81 -15.12 -17.52
CA LEU A 825 -3.87 -14.13 -17.79
C LEU A 825 -5.31 -14.72 -17.67
N PRO A 826 -5.69 -15.88 -18.26
CA PRO A 826 -7.06 -16.39 -18.05
C PRO A 826 -7.34 -16.86 -16.61
N GLU A 827 -6.30 -17.08 -15.81
CA GLU A 827 -6.42 -17.53 -14.41
C GLU A 827 -6.61 -16.33 -13.44
N ILE A 828 -5.80 -15.25 -13.60
CA ILE A 828 -5.84 -14.06 -12.71
C ILE A 828 -6.97 -13.09 -13.08
N LEU A 829 -7.35 -13.04 -14.38
CA LEU A 829 -8.42 -12.18 -14.89
C LEU A 829 -9.35 -13.01 -15.79
N PRO A 830 -10.09 -14.00 -15.22
CA PRO A 830 -10.95 -14.86 -16.07
C PRO A 830 -12.07 -14.13 -16.81
N ASP A 831 -12.63 -13.05 -16.24
CA ASP A 831 -13.69 -12.30 -16.92
C ASP A 831 -13.14 -11.49 -18.10
N HIS A 832 -11.83 -11.21 -18.09
CA HIS A 832 -11.20 -10.44 -19.16
C HIS A 832 -10.47 -11.31 -20.17
N PHE A 833 -9.81 -12.41 -19.75
CA PHE A 833 -8.96 -13.15 -20.67
C PHE A 833 -9.37 -14.61 -20.96
N THR A 834 -10.60 -15.03 -20.61
CA THR A 834 -11.06 -16.37 -21.01
C THR A 834 -11.29 -16.27 -22.52
N GLY A 835 -10.64 -17.15 -23.27
CA GLY A 835 -10.73 -17.14 -24.73
C GLY A 835 -9.59 -16.41 -25.41
N LEU A 836 -8.58 -15.96 -24.62
CA LEU A 836 -7.40 -15.27 -25.15
C LEU A 836 -6.67 -16.18 -26.12
N LYS A 837 -6.36 -15.65 -27.29
CA LYS A 837 -5.68 -16.39 -28.33
C LYS A 837 -4.32 -15.78 -28.63
N ARG A 838 -3.41 -16.60 -29.17
CA ARG A 838 -2.04 -16.20 -29.47
C ARG A 838 -1.83 -15.95 -30.97
N ILE A 839 -1.14 -14.85 -31.29
CA ILE A 839 -0.62 -14.53 -32.62
C ILE A 839 0.88 -14.36 -32.42
N SER A 840 1.66 -15.22 -33.04
CA SER A 840 3.11 -15.21 -32.90
C SER A 840 3.80 -15.98 -34.01
N ARG A 841 5.13 -16.13 -33.91
CA ARG A 841 5.86 -17.00 -34.80
C ARG A 841 5.58 -18.44 -34.34
N ARG A 842 5.75 -19.42 -35.21
CA ARG A 842 5.59 -20.83 -34.84
C ARG A 842 6.60 -21.23 -33.74
N ALA A 843 6.32 -22.28 -32.96
CA ALA A 843 7.28 -22.74 -31.96
C ALA A 843 8.58 -23.15 -32.68
N MET A 844 9.73 -22.70 -32.17
CA MET A 844 11.05 -22.97 -32.78
C MET A 844 12.04 -23.45 -31.72
N SER A 845 13.04 -24.25 -32.15
CA SER A 845 14.09 -24.76 -31.27
C SER A 845 15.21 -23.72 -31.05
N ALA A 846 15.25 -22.70 -31.92
CA ALA A 846 16.15 -21.57 -31.83
C ALA A 846 15.32 -20.27 -31.67
N PRO A 847 15.88 -19.13 -31.20
CA PRO A 847 15.03 -17.93 -30.99
C PRO A 847 14.42 -17.33 -32.27
N SER A 848 15.00 -17.65 -33.43
CA SER A 848 14.55 -17.16 -34.74
C SER A 848 15.19 -17.96 -35.86
N SER A 849 14.79 -17.67 -37.11
CA SER A 849 15.38 -18.25 -38.31
C SER A 849 16.74 -17.56 -38.56
N GLY A 850 17.63 -18.21 -39.30
CA GLY A 850 18.92 -17.63 -39.65
C GLY A 850 18.84 -16.61 -40.77
N SER A 851 17.77 -16.66 -41.60
CA SER A 851 17.58 -15.80 -42.79
C SER A 851 16.76 -14.53 -42.49
N SER A 852 17.25 -13.34 -42.95
CA SER A 852 16.53 -12.08 -42.79
C SER A 852 15.31 -12.04 -43.74
N LYS A 853 15.34 -12.83 -44.83
CA LYS A 853 14.25 -12.98 -45.80
C LYS A 853 13.08 -13.75 -45.14
N VAL A 854 13.39 -14.88 -44.47
CA VAL A 854 12.41 -15.72 -43.75
C VAL A 854 11.82 -14.88 -42.62
N HIS A 855 12.67 -14.15 -41.87
CA HIS A 855 12.24 -13.26 -40.80
C HIS A 855 11.17 -12.24 -41.29
N ALA A 856 11.43 -11.59 -42.43
CA ALA A 856 10.58 -10.55 -43.03
C ALA A 856 9.22 -11.12 -43.43
N VAL A 857 9.19 -12.34 -44.00
CA VAL A 857 7.95 -13.03 -44.38
C VAL A 857 7.14 -13.33 -43.09
N GLU A 858 7.82 -13.87 -42.05
CA GLU A 858 7.18 -14.21 -40.78
C GLU A 858 6.64 -12.97 -40.06
N GLN A 859 7.39 -11.82 -40.12
CA GLN A 859 6.95 -10.55 -39.48
C GLN A 859 5.67 -10.08 -40.13
N GLN A 860 5.59 -10.16 -41.47
CA GLN A 860 4.42 -9.76 -42.25
C GLN A 860 3.23 -10.70 -41.99
N GLU A 861 3.46 -12.03 -41.81
CA GLU A 861 2.38 -12.98 -41.50
C GLU A 861 1.71 -12.65 -40.15
N ILE A 862 2.50 -12.14 -39.17
CA ILE A 862 1.99 -11.75 -37.83
C ILE A 862 1.07 -10.52 -37.99
N LEU A 863 1.54 -9.54 -38.78
CA LEU A 863 0.84 -8.28 -39.08
C LEU A 863 -0.48 -8.52 -39.82
N ASP A 864 -0.48 -9.45 -40.78
CA ASP A 864 -1.67 -9.82 -41.57
C ASP A 864 -2.66 -10.66 -40.74
N THR A 865 -2.17 -11.52 -39.84
CA THR A 865 -3.02 -12.36 -38.97
C THR A 865 -3.76 -11.46 -37.96
N ALA A 866 -3.06 -10.49 -37.37
CA ALA A 866 -3.64 -9.55 -36.39
C ALA A 866 -4.73 -8.67 -37.00
N PHE A 867 -4.65 -8.39 -38.32
CA PHE A 867 -5.62 -7.55 -39.01
C PHE A 867 -6.47 -8.32 -40.05
N GLY A 868 -6.48 -9.65 -39.92
CA GLY A 868 -7.24 -10.57 -40.78
C GLY A 868 -8.64 -10.89 -40.23
N ASP B 6 84.01 -13.00 -13.87
CA ASP B 6 82.89 -12.07 -13.77
C ASP B 6 82.23 -11.77 -15.13
N LYS B 7 83.04 -11.63 -16.20
CA LYS B 7 82.57 -11.33 -17.57
C LYS B 7 81.78 -12.51 -18.17
N ASN B 8 82.26 -13.74 -17.95
CA ASN B 8 81.63 -14.99 -18.40
C ASN B 8 80.27 -15.20 -17.72
N ALA B 9 80.16 -14.73 -16.46
CA ALA B 9 78.96 -14.82 -15.64
C ALA B 9 77.90 -13.86 -16.18
N ARG B 10 78.34 -12.67 -16.67
CA ARG B 10 77.46 -11.64 -17.23
C ARG B 10 76.88 -12.07 -18.59
N VAL B 11 77.61 -12.94 -19.33
CA VAL B 11 77.20 -13.47 -20.63
C VAL B 11 76.08 -14.51 -20.41
N ILE B 12 76.26 -15.42 -19.43
CA ILE B 12 75.28 -16.46 -19.06
C ILE B 12 73.96 -15.82 -18.60
N GLU B 13 74.06 -14.68 -17.86
CA GLU B 13 72.93 -13.91 -17.37
C GLU B 13 72.22 -13.19 -18.53
N LEU B 14 72.99 -12.71 -19.53
CA LEU B 14 72.50 -12.03 -20.72
C LEU B 14 71.73 -13.00 -21.62
N ILE B 15 72.27 -14.22 -21.81
CA ILE B 15 71.62 -15.29 -22.59
C ILE B 15 70.26 -15.64 -21.94
N ALA B 16 70.23 -15.83 -20.60
CA ALA B 16 69.00 -16.14 -19.86
C ALA B 16 67.97 -15.02 -19.99
N ALA B 17 68.42 -13.74 -19.94
CA ALA B 17 67.56 -12.56 -20.07
C ALA B 17 66.84 -12.53 -21.44
N TYR B 18 67.56 -12.89 -22.53
CA TYR B 18 66.97 -12.92 -23.88
C TYR B 18 65.96 -14.06 -24.00
N ARG B 19 66.31 -15.24 -23.46
CA ARG B 19 65.44 -16.42 -23.49
C ARG B 19 64.18 -16.22 -22.67
N ASN B 20 64.31 -15.57 -21.48
CA ASN B 20 63.18 -15.35 -20.57
C ASN B 20 62.30 -14.17 -20.95
N ARG B 21 62.92 -13.01 -21.26
CA ARG B 21 62.20 -11.75 -21.45
C ARG B 21 62.42 -11.02 -22.78
N GLY B 22 63.18 -11.61 -23.71
CA GLY B 22 63.43 -11.02 -25.02
C GLY B 22 62.18 -10.66 -25.79
N HIS B 23 61.11 -11.48 -25.61
CA HIS B 23 59.77 -11.32 -26.25
C HIS B 23 59.11 -10.00 -25.87
N LEU B 24 59.60 -9.32 -24.82
CA LEU B 24 59.06 -8.03 -24.37
C LEU B 24 59.59 -6.90 -25.26
N MET B 25 60.76 -7.09 -25.90
CA MET B 25 61.40 -6.10 -26.78
C MET B 25 61.25 -6.44 -28.28
N ALA B 26 60.69 -7.64 -28.60
CA ALA B 26 60.47 -8.10 -29.96
C ALA B 26 59.53 -7.16 -30.74
N ASP B 27 59.82 -6.95 -32.04
CA ASP B 27 59.05 -6.08 -32.92
C ASP B 27 57.86 -6.88 -33.51
N ILE B 28 56.83 -7.09 -32.67
CA ILE B 28 55.67 -7.92 -33.00
C ILE B 28 54.45 -7.12 -33.46
N ASP B 29 54.34 -5.83 -33.10
CA ASP B 29 53.17 -5.03 -33.46
C ASP B 29 53.37 -4.33 -34.81
N PRO B 30 52.58 -4.70 -35.84
CA PRO B 30 52.70 -4.01 -37.15
C PRO B 30 52.30 -2.53 -37.11
N LEU B 31 51.56 -2.10 -36.08
CA LEU B 31 51.12 -0.70 -35.96
C LEU B 31 52.12 0.16 -35.15
N ARG B 32 52.98 -0.48 -34.33
CA ARG B 32 53.97 0.16 -33.45
C ARG B 32 53.29 1.24 -32.56
N LEU B 33 52.13 0.91 -31.95
CA LEU B 33 51.36 1.87 -31.14
C LEU B 33 52.07 2.28 -29.87
N ASP B 34 52.76 1.33 -29.20
CA ASP B 34 53.47 1.62 -27.96
C ASP B 34 54.84 2.24 -28.28
N ASN B 35 54.91 3.57 -28.07
CA ASN B 35 56.08 4.43 -28.28
C ASN B 35 57.14 4.25 -27.17
N THR B 36 56.79 3.50 -26.10
CA THR B 36 57.66 3.26 -24.94
C THR B 36 58.17 1.80 -24.91
N ARG B 37 57.74 0.98 -25.89
CA ARG B 37 58.07 -0.44 -26.02
C ARG B 37 59.58 -0.71 -26.12
N PHE B 38 60.27 -0.04 -27.07
CA PHE B 38 61.71 -0.23 -27.29
C PHE B 38 62.51 0.80 -26.51
N TRP B 54 82.00 -1.50 -25.95
CA TRP B 54 82.24 -2.66 -25.09
C TRP B 54 83.08 -3.72 -25.81
N ASP B 55 83.56 -4.73 -25.04
CA ASP B 55 84.36 -5.83 -25.57
C ASP B 55 83.44 -7.01 -25.98
N LEU B 56 83.12 -7.06 -27.29
CA LEU B 56 82.26 -8.07 -27.91
C LEU B 56 83.02 -8.92 -28.95
N ASP B 57 84.37 -8.83 -28.93
CA ASP B 57 85.26 -9.55 -29.84
C ASP B 57 85.86 -10.81 -29.18
N ARG B 58 85.66 -10.98 -27.86
CA ARG B 58 86.16 -12.11 -27.08
C ARG B 58 85.25 -13.32 -27.23
N GLU B 59 85.85 -14.51 -27.46
CA GLU B 59 85.14 -15.77 -27.65
C GLU B 59 84.92 -16.47 -26.31
N PHE B 60 83.65 -16.79 -25.99
CA PHE B 60 83.22 -17.45 -24.76
C PHE B 60 82.76 -18.88 -25.05
N LYS B 61 82.85 -19.77 -24.04
CA LYS B 61 82.43 -21.17 -24.18
C LYS B 61 80.96 -21.33 -23.79
N ARG B 70 82.73 -22.42 -28.31
CA ARG B 70 83.56 -21.22 -28.50
C ARG B 70 83.05 -20.37 -29.66
N LYS B 71 82.56 -19.16 -29.33
CA LYS B 71 82.01 -18.19 -30.28
C LYS B 71 82.09 -16.79 -29.71
N LYS B 72 82.30 -15.79 -30.57
CA LYS B 72 82.39 -14.37 -30.20
C LYS B 72 81.09 -13.86 -29.58
N LEU B 73 81.20 -13.02 -28.53
CA LEU B 73 80.07 -12.40 -27.82
C LEU B 73 79.13 -11.67 -28.81
N ARG B 74 79.69 -11.09 -29.89
CA ARG B 74 78.92 -10.41 -30.94
C ARG B 74 78.02 -11.38 -31.71
N ASP B 75 78.52 -12.62 -31.96
CA ASP B 75 77.78 -13.65 -32.69
C ASP B 75 76.77 -14.34 -31.78
N ILE B 76 77.10 -14.50 -30.48
CA ILE B 76 76.19 -15.06 -29.47
C ILE B 76 74.98 -14.10 -29.32
N LEU B 77 75.25 -12.78 -29.23
CA LEU B 77 74.23 -11.74 -29.07
C LEU B 77 73.32 -11.60 -30.30
N SER B 78 73.89 -11.69 -31.52
CA SER B 78 73.15 -11.56 -32.77
C SER B 78 72.17 -12.72 -32.96
N VAL B 79 72.55 -13.96 -32.55
CA VAL B 79 71.68 -15.15 -32.63
C VAL B 79 70.49 -14.97 -31.66
N LEU B 80 70.72 -14.34 -30.48
CA LEU B 80 69.68 -14.10 -29.48
C LEU B 80 68.70 -13.01 -29.90
N ARG B 81 69.19 -11.93 -30.57
CA ARG B 81 68.34 -10.84 -31.05
C ARG B 81 67.45 -11.33 -32.21
N ASP B 82 68.00 -12.09 -33.16
CA ASP B 82 67.26 -12.64 -34.30
C ASP B 82 66.21 -13.65 -33.86
N ALA B 83 66.55 -14.48 -32.86
CA ALA B 83 65.67 -15.53 -32.35
C ALA B 83 64.55 -14.99 -31.46
N TYR B 84 64.87 -14.00 -30.62
CA TYR B 84 63.93 -13.52 -29.61
C TYR B 84 63.46 -12.07 -29.73
N CYS B 85 64.16 -11.23 -30.53
CA CYS B 85 63.80 -9.82 -30.57
C CYS B 85 63.51 -9.28 -31.98
N ARG B 86 63.14 -10.15 -32.94
CA ARG B 86 62.82 -9.71 -34.30
C ARG B 86 61.27 -9.66 -34.44
N HIS B 87 60.70 -10.43 -35.39
CA HIS B 87 59.26 -10.44 -35.60
C HIS B 87 58.54 -11.55 -34.81
N VAL B 88 59.30 -12.36 -34.04
CA VAL B 88 58.76 -13.46 -33.25
C VAL B 88 59.14 -13.30 -31.78
N GLY B 89 58.12 -13.22 -30.92
CA GLY B 89 58.26 -13.19 -29.48
C GLY B 89 58.00 -14.59 -28.97
N VAL B 90 59.04 -15.23 -28.39
CA VAL B 90 58.96 -16.61 -27.92
C VAL B 90 58.86 -16.68 -26.39
N GLU B 91 57.80 -17.33 -25.90
CA GLU B 91 57.56 -17.60 -24.48
C GLU B 91 57.61 -19.09 -24.25
N TYR B 92 58.63 -19.56 -23.54
CA TYR B 92 58.77 -21.00 -23.37
C TYR B 92 59.49 -21.38 -22.06
N THR B 93 60.09 -20.44 -21.34
CA THR B 93 60.84 -20.75 -20.12
C THR B 93 59.91 -21.03 -18.92
N HIS B 94 58.59 -20.88 -19.12
CA HIS B 94 57.58 -21.20 -18.11
C HIS B 94 57.26 -22.71 -18.13
N ILE B 95 57.66 -23.40 -19.22
CA ILE B 95 57.44 -24.84 -19.43
C ILE B 95 58.29 -25.62 -18.41
N LEU B 96 57.65 -26.52 -17.65
CA LEU B 96 58.32 -27.30 -16.59
C LEU B 96 59.19 -28.43 -17.13
N GLU B 97 58.88 -28.96 -18.32
CA GLU B 97 59.63 -30.06 -18.95
C GLU B 97 60.93 -29.50 -19.57
N PRO B 98 62.13 -29.90 -19.07
CA PRO B 98 63.39 -29.35 -19.65
C PRO B 98 63.62 -29.76 -21.09
N GLU B 99 63.16 -30.97 -21.50
CA GLU B 99 63.28 -31.47 -22.87
C GLU B 99 62.45 -30.62 -23.88
N GLN B 100 61.34 -30.01 -23.44
CA GLN B 100 60.51 -29.16 -24.28
C GLN B 100 61.19 -27.80 -24.48
N GLN B 101 61.77 -27.25 -23.39
CA GLN B 101 62.52 -25.99 -23.40
C GLN B 101 63.74 -26.12 -24.32
N ARG B 102 64.44 -27.27 -24.25
CA ARG B 102 65.62 -27.59 -25.07
C ARG B 102 65.24 -27.69 -26.56
N TRP B 103 64.12 -28.39 -26.87
CA TRP B 103 63.61 -28.58 -28.24
C TRP B 103 63.34 -27.22 -28.93
N ILE B 104 62.68 -26.26 -28.24
CA ILE B 104 62.40 -24.93 -28.79
C ILE B 104 63.70 -24.15 -28.95
N GLN B 105 64.55 -24.12 -27.90
CA GLN B 105 65.86 -23.47 -27.85
C GLN B 105 66.72 -23.80 -29.06
N GLU B 106 66.85 -25.09 -29.39
CA GLU B 106 67.64 -25.60 -30.53
C GLU B 106 67.07 -25.15 -31.88
N ARG B 107 65.74 -25.14 -32.06
CA ARG B 107 65.13 -24.78 -33.34
C ARG B 107 65.01 -23.27 -33.58
N VAL B 108 65.00 -22.48 -32.50
CA VAL B 108 64.87 -21.02 -32.54
C VAL B 108 66.26 -20.32 -32.56
N GLU B 109 67.24 -20.87 -31.81
CA GLU B 109 68.59 -20.29 -31.70
C GLU B 109 69.58 -20.82 -32.75
N THR B 110 69.16 -20.99 -34.01
CA THR B 110 70.01 -21.46 -35.10
C THR B 110 69.78 -20.65 -36.35
N LYS B 111 70.78 -20.60 -37.25
CA LYS B 111 70.66 -19.91 -38.53
C LYS B 111 69.68 -20.70 -39.40
N HIS B 112 68.54 -20.09 -39.73
CA HIS B 112 67.50 -20.74 -40.51
C HIS B 112 67.73 -20.54 -41.99
N ASP B 113 67.43 -21.59 -42.78
CA ASP B 113 67.53 -21.55 -44.23
C ASP B 113 66.43 -20.65 -44.77
N LYS B 114 66.82 -19.61 -45.53
CA LYS B 114 65.88 -18.65 -46.14
C LYS B 114 64.90 -19.42 -47.05
N PRO B 115 63.59 -19.08 -47.07
CA PRO B 115 62.67 -19.83 -47.95
C PRO B 115 63.04 -19.68 -49.42
N THR B 116 62.75 -20.70 -50.23
CA THR B 116 63.02 -20.66 -51.67
C THR B 116 62.09 -19.65 -52.32
N VAL B 117 62.49 -19.11 -53.50
CA VAL B 117 61.71 -18.12 -54.25
C VAL B 117 60.32 -18.72 -54.55
N ALA B 118 60.27 -20.05 -54.82
CA ALA B 118 59.03 -20.79 -55.05
C ALA B 118 58.08 -20.72 -53.85
N GLU B 119 58.61 -20.91 -52.61
CA GLU B 119 57.84 -20.84 -51.36
C GLU B 119 57.37 -19.43 -51.09
N GLN B 120 58.21 -18.43 -51.42
CA GLN B 120 57.93 -17.00 -51.26
C GLN B 120 56.79 -16.59 -52.19
N LYS B 121 56.89 -17.00 -53.48
CA LYS B 121 55.86 -16.73 -54.49
C LYS B 121 54.54 -17.43 -54.11
N TYR B 122 54.63 -18.61 -53.43
CA TYR B 122 53.46 -19.38 -52.98
C TYR B 122 52.80 -18.64 -51.81
N ILE B 123 53.58 -18.11 -50.85
CA ILE B 123 53.06 -17.33 -49.72
C ILE B 123 52.33 -16.09 -50.31
N LEU B 124 52.95 -15.41 -51.31
CA LEU B 124 52.40 -14.26 -52.02
C LEU B 124 51.05 -14.60 -52.72
N SER B 125 50.95 -15.74 -53.44
CA SER B 125 49.70 -16.21 -54.09
C SER B 125 48.56 -16.35 -53.05
N LYS B 126 48.90 -16.89 -51.83
CA LYS B 126 47.90 -17.03 -50.75
C LYS B 126 47.50 -15.66 -50.21
N LEU B 127 48.40 -14.67 -50.24
CA LEU B 127 48.11 -13.29 -49.81
C LEU B 127 47.29 -12.55 -50.88
N ASN B 128 47.46 -12.94 -52.16
CA ASN B 128 46.75 -12.37 -53.30
C ASN B 128 45.30 -12.84 -53.29
N ALA B 129 45.08 -14.17 -53.07
CA ALA B 129 43.76 -14.84 -53.04
C ALA B 129 42.90 -14.35 -51.90
N ALA B 130 43.53 -14.16 -50.72
CA ALA B 130 42.86 -13.74 -49.51
C ALA B 130 42.46 -12.27 -49.57
N GLU B 131 43.35 -11.38 -50.08
CA GLU B 131 43.06 -9.96 -50.18
C GLU B 131 42.01 -9.69 -51.26
N ALA B 132 42.09 -10.38 -52.41
CA ALA B 132 41.14 -10.28 -53.52
C ALA B 132 39.73 -10.73 -53.07
N PHE B 133 39.67 -11.80 -52.24
CA PHE B 133 38.42 -12.31 -51.71
C PHE B 133 37.76 -11.21 -50.93
N GLU B 134 38.56 -10.50 -50.08
CA GLU B 134 38.12 -9.39 -49.22
C GLU B 134 37.58 -8.22 -50.00
N THR B 135 38.31 -7.80 -51.07
CA THR B 135 37.96 -6.70 -51.99
C THR B 135 36.69 -7.03 -52.74
N PHE B 136 36.53 -8.31 -53.16
CA PHE B 136 35.31 -8.74 -53.85
C PHE B 136 34.12 -8.61 -52.89
N LEU B 137 34.29 -9.12 -51.67
CA LEU B 137 33.28 -9.21 -50.62
C LEU B 137 32.80 -7.84 -50.12
N GLN B 138 33.68 -6.83 -50.10
CA GLN B 138 33.28 -5.49 -49.64
C GLN B 138 32.74 -4.61 -50.80
N THR B 139 32.75 -5.13 -52.04
CA THR B 139 32.28 -4.40 -53.22
C THR B 139 30.97 -5.00 -53.78
N LYS B 140 30.87 -6.33 -53.86
CA LYS B 140 29.70 -7.03 -54.41
C LYS B 140 28.47 -6.97 -53.47
N TYR B 141 28.68 -7.20 -52.17
CA TYR B 141 27.57 -7.24 -51.22
C TYR B 141 27.67 -6.20 -50.10
N VAL B 142 26.49 -5.86 -49.56
CA VAL B 142 26.29 -4.93 -48.44
C VAL B 142 26.08 -5.74 -47.15
N GLY B 143 26.50 -5.17 -46.04
CA GLY B 143 26.40 -5.79 -44.72
C GLY B 143 27.49 -6.80 -44.44
N GLN B 144 28.66 -6.67 -45.09
CA GLN B 144 29.72 -7.67 -44.97
C GLN B 144 30.90 -7.22 -44.11
N LYS B 145 31.07 -5.89 -43.87
CA LYS B 145 32.19 -5.26 -43.11
C LYS B 145 32.60 -6.03 -41.84
N ARG B 146 31.63 -6.52 -41.09
CA ARG B 146 31.70 -7.28 -39.84
C ARG B 146 32.45 -8.64 -39.98
N PHE B 147 32.65 -9.09 -41.21
CA PHE B 147 33.29 -10.36 -41.48
C PHE B 147 34.69 -10.18 -42.10
N SER B 148 35.06 -8.92 -42.47
CA SER B 148 36.33 -8.54 -43.09
C SER B 148 37.57 -9.03 -42.31
N LEU B 149 38.48 -9.66 -43.03
CA LEU B 149 39.77 -10.13 -42.54
C LEU B 149 40.88 -9.13 -42.88
N GLU B 150 40.55 -7.98 -43.51
CA GLU B 150 41.55 -6.93 -43.91
C GLU B 150 42.35 -6.42 -42.71
N GLY B 151 43.67 -6.49 -42.88
CA GLY B 151 44.63 -6.16 -41.83
C GLY B 151 45.11 -7.43 -41.15
N ALA B 152 44.46 -8.58 -41.46
CA ALA B 152 44.76 -9.90 -40.89
C ALA B 152 44.82 -11.05 -41.96
N GLU B 153 45.05 -10.70 -43.25
CA GLU B 153 45.18 -11.63 -44.40
C GLU B 153 46.24 -12.73 -44.22
N THR B 154 47.29 -12.44 -43.44
CA THR B 154 48.41 -13.33 -43.17
C THR B 154 47.95 -14.61 -42.43
N VAL B 155 46.76 -14.60 -41.79
CA VAL B 155 46.22 -15.80 -41.15
C VAL B 155 45.95 -16.89 -42.22
N ILE B 156 45.67 -16.51 -43.49
CA ILE B 156 45.41 -17.47 -44.57
C ILE B 156 46.74 -18.23 -44.91
N PRO B 157 47.91 -17.63 -45.31
CA PRO B 157 49.12 -18.45 -45.51
C PRO B 157 49.61 -19.13 -44.21
N MET B 158 49.28 -18.58 -43.01
CA MET B 158 49.63 -19.20 -41.73
C MET B 158 48.84 -20.51 -41.55
N MET B 159 47.51 -20.48 -41.79
CA MET B 159 46.66 -21.68 -41.69
C MET B 159 47.07 -22.71 -42.74
N ASP B 160 47.43 -22.25 -43.94
CA ASP B 160 47.89 -23.08 -45.03
C ASP B 160 49.18 -23.82 -44.63
N ALA B 161 50.07 -23.13 -43.89
CA ALA B 161 51.33 -23.70 -43.42
C ALA B 161 51.08 -24.75 -42.36
N VAL B 162 50.08 -24.54 -41.47
CA VAL B 162 49.70 -25.50 -40.43
C VAL B 162 49.28 -26.82 -41.10
N ILE B 163 48.31 -26.73 -42.05
CA ILE B 163 47.70 -27.86 -42.74
C ILE B 163 48.74 -28.58 -43.59
N ASP B 164 49.60 -27.83 -44.28
CA ASP B 164 50.66 -28.40 -45.10
C ASP B 164 51.68 -29.16 -44.23
N GLN B 165 52.00 -28.62 -43.03
CA GLN B 165 52.92 -29.29 -42.11
C GLN B 165 52.29 -30.55 -41.52
N CYS B 166 50.96 -30.55 -41.28
CA CYS B 166 50.25 -31.75 -40.80
C CYS B 166 50.26 -32.82 -41.90
N ALA B 167 50.13 -32.41 -43.18
CA ALA B 167 50.17 -33.32 -44.34
C ALA B 167 51.59 -33.91 -44.47
N GLU B 168 52.62 -33.09 -44.21
CA GLU B 168 54.03 -33.51 -44.25
C GLU B 168 54.29 -34.59 -43.17
N HIS B 169 53.58 -34.52 -42.03
CA HIS B 169 53.66 -35.51 -40.96
C HIS B 169 52.82 -36.78 -41.28
N GLY B 170 52.13 -36.77 -42.42
CA GLY B 170 51.29 -37.88 -42.89
C GLY B 170 50.02 -38.05 -42.09
N LEU B 171 49.51 -36.97 -41.50
CA LEU B 171 48.30 -37.01 -40.66
C LEU B 171 47.03 -37.09 -41.51
N ASP B 172 45.90 -37.49 -40.89
CA ASP B 172 44.65 -37.77 -41.59
C ASP B 172 43.71 -36.58 -41.76
N GLU B 173 43.58 -35.73 -40.74
CA GLU B 173 42.63 -34.62 -40.82
C GLU B 173 42.98 -33.47 -39.91
N VAL B 174 42.64 -32.26 -40.36
CA VAL B 174 42.73 -31.03 -39.57
C VAL B 174 41.29 -30.52 -39.46
N VAL B 175 40.79 -30.41 -38.23
CA VAL B 175 39.43 -29.93 -37.99
C VAL B 175 39.57 -28.54 -37.40
N ILE B 176 38.92 -27.57 -38.03
CA ILE B 176 38.96 -26.16 -37.63
C ILE B 176 37.67 -25.71 -36.91
N ALA B 177 37.85 -24.87 -35.89
CA ALA B 177 36.83 -24.11 -35.20
C ALA B 177 37.31 -22.68 -35.18
N MET B 178 36.44 -21.77 -35.56
CA MET B 178 36.80 -20.37 -35.60
C MET B 178 35.58 -19.46 -35.41
N PRO B 179 35.80 -18.18 -35.03
CA PRO B 179 34.65 -17.23 -35.04
C PRO B 179 34.33 -16.72 -36.48
N HIS B 180 33.48 -15.68 -36.57
CA HIS B 180 32.98 -15.03 -37.81
C HIS B 180 34.05 -14.53 -38.80
N ARG B 181 35.02 -13.75 -38.32
CA ARG B 181 36.02 -13.07 -39.13
C ARG B 181 36.83 -14.01 -40.02
N GLY B 182 36.76 -13.74 -41.32
CA GLY B 182 37.50 -14.46 -42.35
C GLY B 182 36.99 -15.84 -42.67
N ARG B 183 35.78 -16.20 -42.17
CA ARG B 183 35.20 -17.52 -42.35
C ARG B 183 35.04 -17.92 -43.77
N LEU B 184 34.40 -17.09 -44.61
CA LEU B 184 34.23 -17.44 -46.02
C LEU B 184 35.60 -17.39 -46.74
N ASN B 185 36.54 -16.57 -46.24
CA ASN B 185 37.89 -16.52 -46.81
C ASN B 185 38.59 -17.87 -46.55
N VAL B 186 38.41 -18.40 -45.32
CA VAL B 186 38.94 -19.67 -44.83
C VAL B 186 38.32 -20.77 -45.65
N LEU B 187 36.99 -20.67 -45.93
CA LEU B 187 36.28 -21.69 -46.73
C LEU B 187 36.84 -21.88 -48.13
N ALA B 188 37.10 -20.78 -48.86
CA ALA B 188 37.60 -20.85 -50.23
C ALA B 188 39.08 -21.07 -50.31
N ASN B 189 39.86 -20.42 -49.43
CA ASN B 189 41.32 -20.49 -49.58
C ASN B 189 42.05 -21.52 -48.68
N ILE B 190 41.32 -22.23 -47.79
CA ILE B 190 41.90 -23.23 -46.88
C ILE B 190 41.12 -24.55 -47.04
N VAL B 191 39.78 -24.50 -46.89
CA VAL B 191 38.90 -25.67 -47.01
C VAL B 191 38.79 -26.09 -48.50
N GLY B 192 38.97 -25.11 -49.40
CA GLY B 192 38.99 -25.35 -50.84
C GLY B 192 37.61 -25.49 -51.46
N LYS B 193 36.60 -24.86 -50.83
CA LYS B 193 35.23 -24.91 -51.30
C LYS B 193 35.07 -24.08 -52.56
N PRO B 194 34.30 -24.53 -53.59
CA PRO B 194 34.11 -23.66 -54.77
C PRO B 194 33.17 -22.49 -54.44
N TYR B 195 33.32 -21.36 -55.17
CA TYR B 195 32.52 -20.14 -55.03
C TYR B 195 31.04 -20.39 -55.37
N SER B 196 30.75 -21.38 -56.27
CA SER B 196 29.39 -21.77 -56.64
C SER B 196 28.63 -22.36 -55.43
N GLN B 197 29.34 -23.10 -54.55
CA GLN B 197 28.79 -23.71 -53.32
C GLN B 197 28.77 -22.71 -52.15
N ILE B 198 29.72 -21.75 -52.14
CA ILE B 198 29.85 -20.73 -51.10
C ILE B 198 28.76 -19.65 -51.21
N PHE B 199 28.64 -19.01 -52.38
CA PHE B 199 27.71 -17.89 -52.61
C PHE B 199 26.31 -18.32 -53.14
N SER B 200 25.99 -19.63 -53.06
CA SER B 200 24.70 -20.22 -53.45
C SER B 200 23.58 -19.76 -52.50
N GLU B 201 22.49 -19.17 -53.07
CA GLU B 201 21.29 -18.62 -52.41
C GLU B 201 21.68 -17.44 -51.47
N ASP B 216 23.77 -14.83 -43.71
CA ASP B 216 24.37 -14.92 -42.38
C ASP B 216 24.58 -16.36 -41.95
N VAL B 217 23.66 -17.29 -42.34
CA VAL B 217 23.68 -18.73 -42.03
C VAL B 217 25.05 -19.35 -42.42
N LYS B 218 25.57 -19.05 -43.65
CA LYS B 218 26.86 -19.53 -44.18
C LYS B 218 28.05 -19.31 -43.22
N TYR B 219 28.01 -18.22 -42.41
CA TYR B 219 29.03 -17.85 -41.45
C TYR B 219 29.01 -18.71 -40.15
N HIS B 220 28.20 -19.77 -40.10
CA HIS B 220 28.04 -20.63 -38.93
C HIS B 220 27.93 -22.12 -39.33
N LEU B 221 27.88 -22.46 -40.64
CA LEU B 221 27.75 -23.85 -41.11
C LEU B 221 29.07 -24.64 -41.14
N GLY B 222 28.95 -25.96 -41.07
CA GLY B 222 30.08 -26.88 -41.16
C GLY B 222 30.45 -27.12 -42.62
N ALA B 223 31.73 -27.46 -42.88
CA ALA B 223 32.21 -27.75 -44.25
C ALA B 223 33.35 -28.77 -44.24
N THR B 224 33.54 -29.46 -45.38
CA THR B 224 34.60 -30.47 -45.51
C THR B 224 35.27 -30.38 -46.89
N GLY B 225 36.55 -30.68 -46.92
CA GLY B 225 37.33 -30.64 -48.13
C GLY B 225 38.62 -31.43 -48.05
N THR B 226 39.39 -31.42 -49.14
CA THR B 226 40.66 -32.12 -49.21
C THR B 226 41.75 -31.11 -49.57
N TYR B 227 42.78 -31.04 -48.73
CA TYR B 227 43.91 -30.18 -48.96
C TYR B 227 44.97 -31.00 -49.69
N ILE B 228 45.45 -30.49 -50.83
CA ILE B 228 46.49 -31.15 -51.64
C ILE B 228 47.77 -30.31 -51.51
N GLN B 229 48.88 -30.93 -51.06
CA GLN B 229 50.17 -30.25 -50.91
C GLN B 229 50.64 -29.66 -52.22
N MET B 230 51.13 -28.42 -52.18
CA MET B 230 51.63 -27.70 -53.35
C MET B 230 53.00 -28.27 -53.77
N PHE B 231 53.94 -28.38 -52.81
CA PHE B 231 55.32 -28.84 -53.06
C PHE B 231 55.60 -30.27 -52.55
N GLY B 232 54.58 -30.93 -52.01
CA GLY B 232 54.66 -32.29 -51.51
C GLY B 232 53.70 -33.23 -52.22
N ASP B 233 53.77 -34.52 -51.87
CA ASP B 233 52.94 -35.53 -52.50
C ASP B 233 51.81 -36.04 -51.60
N ASN B 234 51.66 -35.44 -50.41
CA ASN B 234 50.60 -35.85 -49.47
C ASN B 234 49.33 -34.98 -49.59
N ASP B 235 48.24 -35.54 -49.11
CA ASP B 235 46.97 -34.85 -49.02
C ASP B 235 46.44 -35.09 -47.62
N ILE B 236 45.51 -34.24 -47.18
CA ILE B 236 44.93 -34.30 -45.85
C ILE B 236 43.49 -33.77 -45.90
N GLU B 237 42.58 -34.36 -45.13
CA GLU B 237 41.20 -33.89 -45.04
C GLU B 237 41.17 -32.61 -44.19
N VAL B 238 40.38 -31.64 -44.61
CA VAL B 238 40.22 -30.37 -43.88
C VAL B 238 38.74 -30.14 -43.68
N SER B 239 38.33 -29.96 -42.42
CA SER B 239 36.93 -29.69 -42.11
C SER B 239 36.82 -28.49 -41.17
N LEU B 240 35.66 -27.83 -41.21
CA LEU B 240 35.29 -26.66 -40.45
C LEU B 240 33.99 -26.98 -39.71
N THR B 241 33.98 -26.82 -38.39
CA THR B 241 32.79 -27.18 -37.64
C THR B 241 31.84 -26.00 -37.55
N ALA B 242 30.56 -26.26 -37.29
CA ALA B 242 29.52 -25.23 -37.13
C ALA B 242 29.69 -24.56 -35.80
N ASN B 243 29.21 -23.30 -35.64
CA ASN B 243 29.29 -22.62 -34.34
C ASN B 243 28.22 -21.51 -34.20
N PRO B 244 27.81 -21.16 -32.95
CA PRO B 244 26.91 -20.01 -32.78
C PRO B 244 27.73 -18.69 -32.79
N SER B 245 27.10 -17.56 -32.49
CA SER B 245 27.79 -16.28 -32.40
C SER B 245 28.55 -16.18 -31.09
N HIS B 246 28.17 -16.97 -30.08
CA HIS B 246 28.81 -17.04 -28.75
C HIS B 246 30.24 -17.42 -28.91
N LEU B 247 31.10 -16.42 -28.86
CA LEU B 247 32.54 -16.56 -29.03
C LEU B 247 33.12 -17.55 -28.02
N GLU B 248 34.00 -18.43 -28.50
CA GLU B 248 34.73 -19.47 -27.77
C GLU B 248 33.88 -20.64 -27.32
N ALA B 249 32.54 -20.58 -27.43
CA ALA B 249 31.63 -21.67 -27.02
C ALA B 249 31.92 -23.00 -27.75
N VAL B 250 32.36 -22.92 -29.02
CA VAL B 250 32.67 -24.08 -29.89
C VAL B 250 33.99 -24.82 -29.48
N ASP B 251 34.81 -24.15 -28.67
CA ASP B 251 36.12 -24.67 -28.30
C ASP B 251 36.06 -26.13 -27.76
N PRO B 252 35.25 -26.47 -26.73
CA PRO B 252 35.26 -27.88 -26.26
C PRO B 252 34.54 -28.78 -27.23
N VAL B 253 33.61 -28.21 -28.05
CA VAL B 253 32.89 -28.97 -29.10
C VAL B 253 33.92 -29.52 -30.11
N LEU B 254 34.86 -28.67 -30.56
CA LEU B 254 35.94 -29.05 -31.48
C LEU B 254 36.75 -30.20 -30.90
N GLU B 255 37.16 -30.09 -29.63
CA GLU B 255 37.95 -31.12 -28.95
C GLU B 255 37.20 -32.44 -28.90
N GLY B 256 35.91 -32.39 -28.55
CA GLY B 256 35.05 -33.55 -28.51
C GLY B 256 34.91 -34.19 -29.87
N LEU B 257 34.69 -33.37 -30.91
CA LEU B 257 34.58 -33.80 -32.31
C LEU B 257 35.87 -34.54 -32.75
N VAL B 258 37.03 -33.90 -32.50
CA VAL B 258 38.34 -34.45 -32.86
C VAL B 258 38.61 -35.77 -32.13
N ARG B 259 38.31 -35.84 -30.82
CA ARG B 259 38.53 -37.05 -30.03
C ARG B 259 37.71 -38.22 -30.57
N ALA B 260 36.45 -37.97 -30.99
CA ALA B 260 35.57 -38.98 -31.56
C ALA B 260 36.16 -39.52 -32.86
N LYS B 261 36.73 -38.63 -33.69
CA LYS B 261 37.37 -39.00 -34.96
C LYS B 261 38.67 -39.78 -34.68
N GLN B 262 39.44 -39.39 -33.65
CA GLN B 262 40.67 -40.09 -33.25
C GLN B 262 40.36 -41.50 -32.77
N ASP B 263 39.32 -41.67 -31.92
CA ASP B 263 38.90 -42.98 -31.43
C ASP B 263 38.47 -43.90 -32.61
N LEU B 264 37.76 -43.34 -33.61
CA LEU B 264 37.32 -44.07 -34.82
C LEU B 264 38.51 -44.52 -35.68
N LEU B 265 39.57 -43.70 -35.74
CA LEU B 265 40.75 -44.00 -36.53
C LEU B 265 41.76 -44.85 -35.76
N ASP B 266 41.44 -45.23 -34.50
CA ASP B 266 42.27 -46.01 -33.58
C ASP B 266 43.61 -45.29 -33.38
N THR B 267 43.53 -43.95 -33.23
CA THR B 267 44.70 -43.14 -32.99
C THR B 267 44.54 -42.41 -31.65
N GLY B 268 45.67 -42.19 -31.00
CA GLY B 268 45.71 -41.49 -29.73
C GLY B 268 45.51 -42.32 -28.49
N GLU B 269 44.93 -41.69 -27.46
CA GLU B 269 44.69 -42.19 -26.11
C GLU B 269 43.99 -43.56 -26.10
N GLU B 270 42.93 -43.73 -26.92
CA GLU B 270 42.20 -44.98 -27.00
C GLU B 270 42.59 -45.78 -28.26
N GLY B 271 43.75 -45.45 -28.83
CA GLY B 271 44.25 -46.09 -30.04
C GLY B 271 45.49 -46.94 -29.85
N SER B 272 45.83 -47.72 -30.89
CA SER B 272 47.01 -48.59 -30.95
C SER B 272 48.26 -47.76 -31.24
N ASP B 273 48.10 -46.61 -31.92
CA ASP B 273 49.20 -45.72 -32.24
C ASP B 273 49.09 -44.40 -31.47
N ASN B 274 50.23 -43.72 -31.30
CA ASN B 274 50.38 -42.45 -30.58
C ASN B 274 50.50 -41.25 -31.54
N ARG B 275 49.93 -41.34 -32.75
CA ARG B 275 50.06 -40.24 -33.71
C ARG B 275 49.02 -39.11 -33.48
N PHE B 276 47.83 -39.41 -32.90
CA PHE B 276 46.73 -38.42 -32.72
C PHE B 276 46.55 -37.71 -34.09
N SER B 277 46.39 -38.52 -35.13
CA SER B 277 46.37 -38.14 -36.55
C SER B 277 45.24 -37.18 -36.96
N VAL B 278 44.38 -36.75 -36.03
CA VAL B 278 43.32 -35.75 -36.28
C VAL B 278 43.71 -34.55 -35.42
N VAL B 279 43.98 -33.40 -36.08
CA VAL B 279 44.50 -32.22 -35.42
C VAL B 279 43.43 -31.12 -35.23
N PRO B 280 43.15 -30.71 -33.97
CA PRO B 280 42.28 -29.54 -33.78
C PRO B 280 43.06 -28.24 -34.09
N LEU B 281 42.52 -27.41 -34.98
CA LEU B 281 43.09 -26.09 -35.30
C LEU B 281 42.05 -25.11 -34.84
N MET B 282 42.35 -24.37 -33.76
CA MET B 282 41.34 -23.51 -33.15
C MET B 282 41.69 -22.01 -33.30
N LEU B 283 40.80 -21.25 -33.94
CA LEU B 283 41.00 -19.81 -34.12
C LEU B 283 40.24 -19.04 -33.08
N HIS B 284 40.79 -17.90 -32.70
CA HIS B 284 40.26 -17.03 -31.66
C HIS B 284 40.49 -15.56 -31.98
N GLY B 285 39.76 -14.70 -31.27
CA GLY B 285 39.94 -13.27 -31.30
C GLY B 285 40.63 -12.92 -30.00
N ASP B 286 41.35 -11.80 -29.96
CA ASP B 286 42.12 -11.41 -28.77
C ASP B 286 41.24 -11.08 -27.57
N ALA B 287 40.10 -10.36 -27.76
CA ALA B 287 39.26 -10.00 -26.60
C ALA B 287 38.54 -11.24 -25.98
N ALA B 288 38.07 -12.15 -26.83
CA ALA B 288 37.35 -13.35 -26.46
C ALA B 288 38.24 -14.38 -25.78
N PHE B 289 39.47 -14.57 -26.30
CA PHE B 289 40.44 -15.53 -25.79
C PHE B 289 40.79 -15.21 -24.34
N ALA B 290 40.89 -13.90 -23.99
CA ALA B 290 41.21 -13.52 -22.61
C ALA B 290 39.99 -13.49 -21.68
N GLY B 291 38.79 -13.20 -22.22
CA GLY B 291 37.64 -13.01 -21.34
C GLY B 291 36.71 -14.17 -21.08
N GLN B 292 36.66 -15.16 -21.97
CA GLN B 292 35.73 -16.26 -21.86
C GLN B 292 36.33 -17.40 -21.04
N GLY B 293 35.64 -17.77 -19.96
CA GLY B 293 36.05 -18.84 -19.05
C GLY B 293 36.16 -20.20 -19.69
N VAL B 294 35.40 -20.45 -20.75
CA VAL B 294 35.41 -21.74 -21.48
C VAL B 294 36.81 -22.03 -22.09
N VAL B 295 37.61 -20.98 -22.37
CA VAL B 295 38.96 -21.11 -22.91
C VAL B 295 39.79 -21.90 -21.89
N ALA B 296 39.84 -21.44 -20.62
CA ALA B 296 40.55 -22.08 -19.51
C ALA B 296 40.04 -23.52 -19.26
N GLU B 297 38.69 -23.70 -19.25
CA GLU B 297 38.06 -25.01 -19.07
C GLU B 297 38.48 -25.99 -20.13
N THR B 298 38.61 -25.50 -21.39
CA THR B 298 38.95 -26.33 -22.56
C THR B 298 40.45 -26.66 -22.53
N LEU B 299 41.30 -25.68 -22.15
CA LEU B 299 42.75 -25.86 -22.00
C LEU B 299 43.02 -26.90 -20.90
N ASN B 300 42.23 -26.85 -19.82
CA ASN B 300 42.31 -27.81 -18.71
C ASN B 300 42.06 -29.28 -19.15
N LEU B 301 41.39 -29.49 -20.29
CA LEU B 301 41.12 -30.83 -20.81
C LEU B 301 42.28 -31.44 -21.62
N ALA B 302 43.23 -30.60 -22.08
CA ALA B 302 44.27 -30.90 -23.06
C ALA B 302 45.14 -32.12 -22.78
N LEU B 303 45.37 -32.49 -21.51
CA LEU B 303 46.23 -33.63 -21.21
C LEU B 303 45.51 -34.72 -20.42
N LEU B 304 44.18 -34.57 -20.24
CA LEU B 304 43.38 -35.55 -19.51
C LEU B 304 43.17 -36.80 -20.36
N ARG B 305 43.21 -37.98 -19.73
CA ARG B 305 43.04 -39.25 -20.42
C ARG B 305 41.65 -39.32 -21.11
N GLY B 306 40.61 -38.75 -20.49
CA GLY B 306 39.30 -38.81 -21.09
C GLY B 306 39.04 -37.81 -22.19
N TYR B 307 39.92 -36.78 -22.33
CA TYR B 307 39.63 -35.66 -23.23
C TYR B 307 40.74 -35.24 -24.17
N ARG B 308 42.00 -35.67 -23.94
CA ARG B 308 43.15 -35.25 -24.77
C ARG B 308 42.98 -35.58 -26.25
N THR B 309 43.45 -34.68 -27.10
CA THR B 309 43.41 -34.81 -28.55
C THR B 309 44.85 -34.76 -29.12
N GLY B 310 45.84 -34.82 -28.24
CA GLY B 310 47.26 -34.85 -28.63
C GLY B 310 47.83 -33.49 -28.95
N GLY B 311 47.14 -32.46 -28.46
CA GLY B 311 47.53 -31.08 -28.63
C GLY B 311 46.75 -30.37 -29.72
N THR B 312 46.31 -29.16 -29.42
CA THR B 312 45.59 -28.27 -30.32
C THR B 312 46.52 -27.17 -30.81
N ILE B 313 46.39 -26.80 -32.09
CA ILE B 313 47.10 -25.65 -32.62
C ILE B 313 46.15 -24.47 -32.47
N HIS B 314 46.51 -23.49 -31.62
CA HIS B 314 45.70 -22.29 -31.39
C HIS B 314 46.24 -21.11 -32.18
N ILE B 315 45.34 -20.40 -32.87
CA ILE B 315 45.74 -19.20 -33.62
C ILE B 315 44.85 -18.07 -33.14
N VAL B 316 45.44 -17.06 -32.48
CA VAL B 316 44.69 -15.89 -32.05
C VAL B 316 44.89 -14.81 -33.10
N VAL B 317 43.78 -14.30 -33.67
CA VAL B 317 43.83 -13.21 -34.65
C VAL B 317 43.78 -11.96 -33.78
N ASN B 318 44.96 -11.59 -33.29
CA ASN B 318 45.11 -10.49 -32.34
C ASN B 318 45.19 -9.15 -33.06
N ASN B 319 44.02 -8.56 -33.35
CA ASN B 319 43.92 -7.28 -34.06
C ASN B 319 43.91 -6.11 -33.07
N GLN B 320 44.27 -6.39 -31.81
CA GLN B 320 44.51 -5.45 -30.67
C GLN B 320 43.30 -4.58 -30.39
N ILE B 321 42.10 -5.18 -30.55
CA ILE B 321 40.81 -4.52 -30.36
C ILE B 321 39.70 -5.56 -30.26
N GLY B 322 38.66 -5.21 -29.53
CA GLY B 322 37.44 -5.99 -29.35
C GLY B 322 36.25 -5.07 -29.51
N PHE B 323 35.71 -5.02 -30.72
CA PHE B 323 34.63 -4.15 -31.17
C PHE B 323 35.12 -2.70 -31.00
N THR B 324 34.86 -2.03 -29.88
CA THR B 324 35.39 -0.66 -29.65
C THR B 324 36.34 -0.62 -28.41
N THR B 325 36.54 -1.78 -27.77
CA THR B 325 37.26 -1.93 -26.51
C THR B 325 38.76 -2.17 -26.73
N ALA B 326 39.57 -1.38 -26.00
CA ALA B 326 41.03 -1.47 -26.00
C ALA B 326 41.47 -2.67 -25.15
N PRO B 327 42.63 -3.31 -25.48
CA PRO B 327 43.13 -4.43 -24.67
C PRO B 327 43.26 -4.15 -23.16
N THR B 328 43.51 -2.89 -22.75
CA THR B 328 43.64 -2.56 -21.33
C THR B 328 42.29 -2.68 -20.58
N ASP B 329 41.16 -2.70 -21.30
CA ASP B 329 39.83 -2.92 -20.67
C ASP B 329 39.40 -4.39 -20.83
N SER B 330 40.13 -5.18 -21.63
CA SER B 330 39.81 -6.57 -21.96
C SER B 330 40.57 -7.63 -21.16
N ARG B 331 41.78 -7.30 -20.64
CA ARG B 331 42.59 -8.26 -19.88
C ARG B 331 43.52 -7.59 -18.86
N SER B 332 43.91 -8.34 -17.83
CA SER B 332 44.80 -7.95 -16.72
C SER B 332 46.17 -8.61 -16.88
N SER B 333 46.54 -9.00 -18.09
CA SER B 333 47.82 -9.64 -18.39
C SER B 333 48.45 -9.01 -19.58
N GLU B 334 49.79 -9.19 -19.72
CA GLU B 334 50.53 -8.60 -20.84
C GLU B 334 49.95 -9.02 -22.19
N TYR B 335 49.70 -10.35 -22.37
CA TYR B 335 49.22 -10.94 -23.62
C TYR B 335 47.85 -11.54 -23.47
N CYS B 336 47.07 -11.55 -24.57
CA CYS B 336 45.71 -12.13 -24.63
C CYS B 336 45.78 -13.64 -24.46
N THR B 337 46.95 -14.24 -24.71
CA THR B 337 47.23 -15.67 -24.69
C THR B 337 47.81 -16.18 -23.36
N ASP B 338 47.96 -15.31 -22.34
CA ASP B 338 48.56 -15.67 -21.05
C ASP B 338 47.85 -16.83 -20.31
N VAL B 339 46.56 -17.04 -20.57
CA VAL B 339 45.78 -18.16 -20.01
C VAL B 339 46.42 -19.52 -20.40
N ALA B 340 47.04 -19.63 -21.60
CA ALA B 340 47.66 -20.87 -22.10
C ALA B 340 48.88 -21.33 -21.25
N LYS B 341 49.45 -20.44 -20.42
CA LYS B 341 50.54 -20.77 -19.51
C LYS B 341 50.04 -21.72 -18.41
N MET B 342 48.73 -21.77 -18.18
CA MET B 342 48.02 -22.67 -17.28
C MET B 342 48.43 -24.15 -17.51
N ILE B 343 48.72 -24.54 -18.77
CA ILE B 343 49.05 -25.92 -19.11
C ILE B 343 50.47 -26.01 -19.69
N GLY B 344 51.26 -24.96 -19.49
CA GLY B 344 52.64 -24.89 -19.94
C GLY B 344 52.80 -24.99 -21.44
N ALA B 345 51.86 -24.41 -22.20
CA ALA B 345 51.91 -24.39 -23.65
C ALA B 345 52.93 -23.36 -24.14
N PRO B 346 53.79 -23.65 -25.15
CA PRO B 346 54.65 -22.60 -25.70
C PRO B 346 53.79 -21.58 -26.46
N ILE B 347 54.17 -20.30 -26.37
CA ILE B 347 53.42 -19.22 -27.02
C ILE B 347 54.36 -18.45 -27.94
N PHE B 348 53.89 -18.24 -29.18
CA PHE B 348 54.65 -17.49 -30.17
C PHE B 348 53.85 -16.28 -30.60
N HIS B 349 54.37 -15.09 -30.29
CA HIS B 349 53.77 -13.81 -30.67
C HIS B 349 54.41 -13.43 -31.99
N VAL B 350 53.60 -13.29 -33.05
CA VAL B 350 54.19 -13.05 -34.37
C VAL B 350 53.62 -11.81 -35.06
N ASN B 351 54.53 -11.08 -35.75
CA ASN B 351 54.18 -9.91 -36.53
C ASN B 351 53.44 -10.35 -37.79
N GLY B 352 52.15 -10.02 -37.85
CA GLY B 352 51.27 -10.35 -38.96
C GLY B 352 51.60 -9.68 -40.28
N ASP B 353 52.52 -8.70 -40.28
CA ASP B 353 52.96 -8.05 -41.50
C ASP B 353 54.17 -8.79 -42.09
N ASP B 354 54.64 -9.85 -41.40
CA ASP B 354 55.74 -10.72 -41.85
C ASP B 354 55.15 -12.12 -42.10
N PRO B 355 54.61 -12.38 -43.32
CA PRO B 355 54.00 -13.69 -43.59
C PRO B 355 54.98 -14.88 -43.60
N GLU B 356 56.29 -14.65 -43.79
CA GLU B 356 57.32 -15.69 -43.75
C GLU B 356 57.52 -16.19 -42.32
N ALA B 357 57.67 -15.25 -41.34
CA ALA B 357 57.81 -15.56 -39.92
C ALA B 357 56.53 -16.26 -39.41
N CYS B 358 55.35 -15.85 -39.91
CA CYS B 358 54.05 -16.44 -39.57
C CYS B 358 53.95 -17.89 -40.07
N ALA B 359 54.39 -18.16 -41.32
CA ALA B 359 54.40 -19.51 -41.90
C ALA B 359 55.41 -20.41 -41.17
N TRP B 360 56.61 -19.89 -40.86
CA TRP B 360 57.67 -20.62 -40.15
C TRP B 360 57.20 -21.06 -38.75
N VAL B 361 56.58 -20.14 -38.00
CA VAL B 361 56.05 -20.37 -36.65
C VAL B 361 54.91 -21.42 -36.69
N ALA B 362 54.05 -21.38 -37.72
CA ALA B 362 52.95 -22.34 -37.90
C ALA B 362 53.50 -23.77 -38.04
N ARG B 363 54.60 -23.95 -38.81
CA ARG B 363 55.25 -25.24 -39.04
C ARG B 363 55.98 -25.71 -37.79
N LEU B 364 56.62 -24.79 -37.04
CA LEU B 364 57.28 -25.10 -35.79
C LEU B 364 56.25 -25.59 -34.76
N ALA B 365 55.07 -24.92 -34.72
CA ALA B 365 53.96 -25.26 -33.82
C ALA B 365 53.47 -26.70 -34.07
N VAL B 366 53.31 -27.09 -35.35
CA VAL B 366 52.87 -28.45 -35.73
C VAL B 366 53.93 -29.46 -35.25
N ASP B 367 55.23 -29.19 -35.50
CA ASP B 367 56.34 -30.06 -35.09
C ASP B 367 56.38 -30.26 -33.57
N PHE B 368 56.15 -29.19 -32.78
CA PHE B 368 56.12 -29.26 -31.31
C PHE B 368 54.94 -30.14 -30.86
N ARG B 369 53.78 -29.95 -31.48
CA ARG B 369 52.57 -30.70 -31.18
C ARG B 369 52.82 -32.20 -31.46
N GLN B 370 53.45 -32.53 -32.60
CA GLN B 370 53.77 -33.91 -32.93
C GLN B 370 54.78 -34.52 -31.96
N ALA B 371 55.78 -33.74 -31.54
CA ALA B 371 56.82 -34.24 -30.63
C ALA B 371 56.34 -34.40 -29.19
N PHE B 372 55.49 -33.49 -28.68
CA PHE B 372 55.12 -33.57 -27.27
C PHE B 372 53.64 -33.80 -27.00
N LYS B 373 52.77 -33.86 -28.03
CA LYS B 373 51.30 -34.11 -27.92
C LYS B 373 50.64 -33.12 -26.95
N LYS B 374 51.04 -31.84 -27.07
CA LYS B 374 50.63 -30.74 -26.23
C LYS B 374 50.29 -29.48 -27.06
N ASP B 375 49.38 -28.63 -26.57
CA ASP B 375 48.90 -27.39 -27.20
C ASP B 375 50.01 -26.39 -27.46
N VAL B 376 49.89 -25.67 -28.57
CA VAL B 376 50.78 -24.59 -29.00
C VAL B 376 49.89 -23.41 -29.33
N VAL B 377 50.29 -22.21 -28.90
CA VAL B 377 49.52 -21.02 -29.15
C VAL B 377 50.30 -20.06 -30.04
N ILE B 378 49.66 -19.60 -31.11
CA ILE B 378 50.23 -18.59 -32.02
C ILE B 378 49.38 -17.33 -31.88
N ASP B 379 50.02 -16.27 -31.40
CA ASP B 379 49.41 -14.97 -31.19
C ASP B 379 49.79 -14.11 -32.39
N MET B 380 48.90 -14.03 -33.40
CA MET B 380 49.24 -13.25 -34.60
C MET B 380 48.84 -11.78 -34.42
N LEU B 381 49.83 -10.91 -34.21
CA LEU B 381 49.56 -9.47 -34.06
C LEU B 381 49.30 -8.85 -35.43
N CYS B 382 48.14 -8.21 -35.53
CA CYS B 382 47.68 -7.59 -36.76
C CYS B 382 46.79 -6.39 -36.41
N TYR B 383 45.86 -6.04 -37.30
CA TYR B 383 44.94 -4.94 -37.09
C TYR B 383 43.65 -5.21 -37.83
N ARG B 384 42.63 -4.45 -37.50
CA ARG B 384 41.32 -4.51 -38.12
C ARG B 384 41.26 -3.22 -38.95
N ARG B 385 41.43 -3.34 -40.27
CA ARG B 385 41.51 -2.19 -41.17
C ARG B 385 40.25 -1.32 -41.11
N ARG B 386 39.06 -1.93 -41.19
CA ARG B 386 37.80 -1.17 -41.17
C ARG B 386 37.16 -1.22 -39.80
N GLY B 387 35.96 -0.63 -39.73
CA GLY B 387 35.13 -0.60 -38.54
C GLY B 387 34.61 -2.00 -38.28
N HIS B 388 34.15 -2.23 -37.02
CA HIS B 388 33.64 -3.55 -36.61
C HIS B 388 32.41 -3.98 -37.46
N ASN B 389 31.52 -3.02 -37.79
CA ASN B 389 30.30 -3.21 -38.59
C ASN B 389 29.92 -1.89 -39.30
N GLU B 390 28.83 -1.91 -40.12
CA GLU B 390 28.35 -0.78 -40.92
C GLU B 390 28.16 0.54 -40.15
N GLY B 391 27.64 0.48 -38.93
CA GLY B 391 27.43 1.69 -38.13
C GLY B 391 28.63 2.12 -37.30
N ASP B 392 29.85 1.65 -37.66
CA ASP B 392 31.03 1.99 -36.89
C ASP B 392 32.10 2.75 -37.67
N ASP B 393 32.35 4.00 -37.24
CA ASP B 393 33.48 4.84 -37.62
C ASP B 393 34.45 4.58 -36.44
N PRO B 394 35.46 3.70 -36.61
CA PRO B 394 36.28 3.29 -35.45
C PRO B 394 37.14 4.40 -34.83
N SER B 395 37.26 5.56 -35.50
CA SER B 395 38.04 6.68 -34.97
C SER B 395 37.27 7.41 -33.85
N MET B 396 35.96 7.13 -33.69
CA MET B 396 35.15 7.73 -32.60
C MET B 396 35.67 7.29 -31.20
N THR B 397 36.06 6.01 -31.10
CA THR B 397 36.49 5.39 -29.85
C THR B 397 37.99 5.10 -29.83
N GLN B 398 38.62 4.95 -31.03
CA GLN B 398 40.06 4.67 -31.09
C GLN B 398 40.71 5.58 -32.14
N PRO B 399 40.72 6.93 -31.94
CA PRO B 399 41.28 7.82 -32.97
C PRO B 399 42.76 7.56 -33.29
N TYR B 400 43.59 7.29 -32.28
CA TYR B 400 45.03 7.09 -32.42
C TYR B 400 45.33 5.84 -33.26
N MET B 401 44.76 4.69 -32.87
CA MET B 401 44.91 3.43 -33.60
C MET B 401 44.49 3.57 -35.08
N TYR B 402 43.33 4.22 -35.32
CA TYR B 402 42.84 4.32 -36.68
C TYR B 402 43.55 5.43 -37.47
N ASP B 403 44.28 6.36 -36.83
CA ASP B 403 45.07 7.31 -37.63
C ASP B 403 46.33 6.59 -38.12
N VAL B 404 46.83 5.64 -37.31
CA VAL B 404 47.98 4.82 -37.67
C VAL B 404 47.53 3.79 -38.75
N ILE B 405 46.35 3.15 -38.60
CA ILE B 405 45.82 2.16 -39.54
C ILE B 405 45.64 2.79 -40.94
N ASP B 406 45.22 4.07 -41.01
CA ASP B 406 45.02 4.78 -42.28
C ASP B 406 46.31 4.98 -43.08
N THR B 407 47.48 4.91 -42.41
CA THR B 407 48.81 5.05 -43.05
C THR B 407 49.39 3.66 -43.41
N LYS B 408 48.64 2.57 -43.15
CA LYS B 408 49.10 1.21 -43.43
C LYS B 408 48.72 0.69 -44.80
N ARG B 409 49.68 0.03 -45.46
CA ARG B 409 49.49 -0.70 -46.71
C ARG B 409 49.43 -2.16 -46.33
N GLY B 410 48.48 -2.91 -46.90
CA GLY B 410 48.26 -4.33 -46.58
C GLY B 410 49.51 -5.21 -46.59
N SER B 411 49.45 -6.35 -45.87
CA SER B 411 50.57 -7.28 -45.80
C SER B 411 50.85 -7.89 -47.18
N ARG B 412 49.91 -7.76 -48.14
CA ARG B 412 50.09 -8.19 -49.53
C ARG B 412 51.02 -7.20 -50.25
N LYS B 413 50.63 -5.88 -50.30
CA LYS B 413 51.42 -4.80 -50.91
C LYS B 413 52.80 -4.74 -50.25
N ALA B 414 52.84 -4.93 -48.93
CA ALA B 414 54.07 -4.95 -48.13
C ALA B 414 54.99 -6.09 -48.57
N TYR B 415 54.49 -7.36 -48.56
CA TYR B 415 55.27 -8.54 -48.94
C TYR B 415 55.70 -8.50 -50.41
N THR B 416 54.86 -7.94 -51.31
CA THR B 416 55.19 -7.80 -52.73
C THR B 416 56.36 -6.81 -52.88
N GLU B 417 56.28 -5.64 -52.22
CA GLU B 417 57.32 -4.60 -52.27
C GLU B 417 58.59 -5.04 -51.51
N ALA B 418 58.44 -5.79 -50.39
CA ALA B 418 59.57 -6.27 -49.58
C ALA B 418 60.41 -7.30 -50.32
N LEU B 419 59.79 -8.09 -51.22
CA LEU B 419 60.46 -9.11 -52.03
C LEU B 419 61.30 -8.44 -53.12
N ILE B 420 60.96 -7.18 -53.49
CA ILE B 420 61.72 -6.38 -54.48
C ILE B 420 62.91 -5.77 -53.72
N GLY B 421 62.64 -5.27 -52.50
CA GLY B 421 63.61 -4.68 -51.60
C GLY B 421 64.72 -5.65 -51.22
N ARG B 422 64.35 -6.93 -51.00
CA ARG B 422 65.27 -8.02 -50.67
C ARG B 422 66.00 -8.55 -51.92
N GLY B 423 65.42 -8.31 -53.09
CA GLY B 423 65.96 -8.77 -54.37
C GLY B 423 65.66 -10.23 -54.66
N ASP B 424 64.67 -10.80 -53.95
CA ASP B 424 64.24 -12.18 -54.09
C ASP B 424 63.40 -12.39 -55.36
N ILE B 425 62.59 -11.38 -55.75
CA ILE B 425 61.77 -11.42 -56.95
C ILE B 425 62.12 -10.22 -57.87
N SER B 426 61.97 -10.40 -59.19
CA SER B 426 62.26 -9.38 -60.21
C SER B 426 61.08 -8.40 -60.34
N MET B 427 61.24 -7.33 -61.17
CA MET B 427 60.18 -6.35 -61.43
C MET B 427 59.07 -6.99 -62.28
N LYS B 428 59.46 -7.88 -63.22
CA LYS B 428 58.52 -8.65 -64.06
C LYS B 428 57.76 -9.66 -63.18
N GLU B 429 58.44 -10.23 -62.16
CA GLU B 429 57.88 -11.16 -61.20
C GLU B 429 56.84 -10.46 -60.31
N ALA B 430 57.13 -9.20 -59.89
CA ALA B 430 56.27 -8.36 -59.07
C ALA B 430 55.03 -7.92 -59.84
N GLU B 431 55.19 -7.62 -61.14
CA GLU B 431 54.15 -7.24 -62.10
C GLU B 431 53.17 -8.40 -62.28
N ASP B 432 53.71 -9.62 -62.56
CA ASP B 432 52.96 -10.86 -62.76
C ASP B 432 52.19 -11.25 -61.49
N ALA B 433 52.77 -10.98 -60.31
CA ALA B 433 52.17 -11.20 -59.00
C ALA B 433 50.95 -10.27 -58.81
N LEU B 434 50.98 -9.08 -59.46
CA LEU B 434 49.85 -8.14 -59.46
C LEU B 434 48.79 -8.63 -60.45
N ARG B 435 49.23 -9.26 -61.56
CA ARG B 435 48.36 -9.84 -62.59
C ARG B 435 47.74 -11.16 -62.06
N ASP B 436 48.34 -11.72 -61.00
CA ASP B 436 47.85 -12.89 -60.29
C ASP B 436 46.68 -12.41 -59.45
N TYR B 437 46.89 -11.26 -58.75
CA TYR B 437 45.89 -10.60 -57.90
C TYR B 437 44.66 -10.22 -58.73
N GLN B 438 44.85 -9.47 -59.83
CA GLN B 438 43.79 -9.03 -60.73
C GLN B 438 43.04 -10.21 -61.36
N GLY B 439 43.79 -11.24 -61.77
CA GLY B 439 43.24 -12.49 -62.31
C GLY B 439 42.37 -13.21 -61.28
N GLN B 440 42.82 -13.23 -60.00
CA GLN B 440 42.07 -13.82 -58.88
C GLN B 440 40.83 -13.01 -58.57
N LEU B 441 40.94 -11.66 -58.62
CA LEU B 441 39.86 -10.70 -58.36
C LEU B 441 38.76 -10.82 -59.44
N GLU B 442 39.15 -11.03 -60.70
CA GLU B 442 38.25 -11.21 -61.85
C GLU B 442 37.50 -12.52 -61.73
N ARG B 443 38.24 -13.63 -61.52
CA ARG B 443 37.74 -15.01 -61.42
C ARG B 443 36.54 -15.10 -60.47
N VAL B 444 36.69 -14.60 -59.23
CA VAL B 444 35.64 -14.66 -58.22
C VAL B 444 34.40 -13.80 -58.66
N PHE B 445 34.63 -12.65 -59.33
CA PHE B 445 33.55 -11.79 -59.84
C PHE B 445 32.79 -12.48 -60.98
N ASN B 446 33.53 -13.15 -61.88
CA ASN B 446 33.00 -13.89 -63.02
C ASN B 446 32.28 -15.16 -62.56
N GLU B 447 32.86 -15.92 -61.60
CA GLU B 447 32.29 -17.17 -61.08
C GLU B 447 30.94 -16.93 -60.41
N VAL B 448 30.83 -15.87 -59.57
CA VAL B 448 29.58 -15.53 -58.87
C VAL B 448 28.57 -14.91 -59.89
N ARG B 449 29.07 -14.25 -60.97
CA ARG B 449 28.25 -13.69 -62.05
C ARG B 449 27.52 -14.82 -62.77
N GLU B 450 28.24 -15.92 -63.07
CA GLU B 450 27.75 -17.13 -63.73
C GLU B 450 26.73 -17.87 -62.83
N LEU B 451 26.97 -17.87 -61.52
CA LEU B 451 26.10 -18.47 -60.50
C LEU B 451 24.76 -17.71 -60.43
N GLU B 452 24.79 -16.36 -60.48
CA GLU B 452 23.61 -15.47 -60.45
C GLU B 452 22.76 -15.55 -61.75
N LYS B 453 23.33 -16.07 -62.84
CA LYS B 453 22.65 -16.21 -64.13
C LYS B 453 21.91 -17.56 -64.20
N HIS B 454 22.63 -18.68 -63.97
CA HIS B 454 22.09 -20.05 -64.00
C HIS B 454 21.25 -20.33 -62.75
N LEU B 472 11.57 -50.55 -34.11
CA LEU B 472 12.71 -51.37 -33.69
C LEU B 472 12.51 -51.91 -32.27
N ALA B 473 12.85 -53.19 -32.06
CA ALA B 473 12.71 -53.86 -30.78
C ALA B 473 13.95 -53.65 -29.92
N THR B 474 13.74 -53.40 -28.61
CA THR B 474 14.82 -53.14 -27.68
C THR B 474 15.00 -54.28 -26.67
N ALA B 475 14.04 -55.24 -26.64
CA ALA B 475 14.10 -56.40 -25.76
C ALA B 475 15.32 -57.27 -26.08
N VAL B 476 15.95 -57.82 -25.03
CA VAL B 476 17.11 -58.71 -25.19
C VAL B 476 16.72 -60.10 -24.67
N ASP B 477 17.52 -61.12 -24.97
CA ASP B 477 17.23 -62.45 -24.45
C ASP B 477 17.81 -62.55 -23.01
N LYS B 478 17.28 -63.46 -22.17
CA LYS B 478 17.73 -63.66 -20.78
C LYS B 478 19.23 -63.96 -20.69
N ALA B 479 19.80 -64.67 -21.70
CA ALA B 479 21.22 -64.98 -21.77
C ALA B 479 22.09 -63.71 -21.83
N MET B 480 21.57 -62.61 -22.45
CA MET B 480 22.27 -61.33 -22.51
C MET B 480 22.39 -60.73 -21.11
N LEU B 481 21.28 -60.76 -20.34
CA LEU B 481 21.22 -60.25 -18.96
C LEU B 481 22.19 -61.03 -18.09
N GLN B 482 22.18 -62.38 -18.23
CA GLN B 482 23.02 -63.30 -17.47
C GLN B 482 24.50 -63.07 -17.75
N ARG B 483 24.85 -62.81 -19.03
CA ARG B 483 26.21 -62.52 -19.47
C ARG B 483 26.75 -61.23 -18.80
N ILE B 484 25.91 -60.16 -18.72
CA ILE B 484 26.28 -58.87 -18.12
C ILE B 484 26.44 -59.05 -16.59
N GLY B 485 25.61 -59.91 -15.99
CA GLY B 485 25.69 -60.26 -14.57
C GLY B 485 26.94 -61.04 -14.25
N ASP B 486 27.24 -62.07 -15.07
CA ASP B 486 28.45 -62.91 -14.93
C ASP B 486 29.73 -62.08 -15.05
N ALA B 487 29.73 -61.07 -15.96
CA ALA B 487 30.84 -60.14 -16.22
C ALA B 487 31.32 -59.41 -14.94
N HIS B 488 30.38 -59.11 -14.02
CA HIS B 488 30.67 -58.43 -12.75
C HIS B 488 31.47 -59.32 -11.77
N LEU B 489 31.49 -60.65 -12.03
CA LEU B 489 32.23 -61.60 -11.21
C LEU B 489 33.41 -62.20 -11.98
N ALA B 490 33.57 -61.88 -13.28
CA ALA B 490 34.68 -62.40 -14.08
C ALA B 490 35.92 -61.51 -13.88
N LEU B 491 36.43 -61.50 -12.66
CA LEU B 491 37.57 -60.68 -12.23
C LEU B 491 38.89 -61.17 -12.80
N PRO B 492 39.84 -60.25 -13.15
CA PRO B 492 41.15 -60.70 -13.63
C PRO B 492 41.88 -61.49 -12.57
N GLU B 493 42.83 -62.35 -12.98
CA GLU B 493 43.63 -63.17 -12.09
C GLU B 493 44.36 -62.31 -11.05
N GLY B 494 44.19 -62.65 -9.77
CA GLY B 494 44.82 -61.94 -8.67
C GLY B 494 44.21 -60.62 -8.27
N PHE B 495 43.02 -60.27 -8.81
CA PHE B 495 42.33 -59.00 -8.48
C PHE B 495 41.73 -59.05 -7.07
N THR B 496 41.92 -57.95 -6.31
CA THR B 496 41.40 -57.82 -4.94
C THR B 496 40.23 -56.79 -4.91
N VAL B 497 38.99 -57.30 -4.79
CA VAL B 497 37.78 -56.45 -4.72
C VAL B 497 37.71 -55.77 -3.37
N HIS B 498 37.35 -54.48 -3.36
CA HIS B 498 37.11 -53.75 -2.11
C HIS B 498 35.94 -54.46 -1.40
N PRO B 499 36.02 -54.78 -0.08
CA PRO B 499 34.93 -55.52 0.60
C PRO B 499 33.51 -54.97 0.40
N ARG B 500 33.32 -53.64 0.34
CA ARG B 500 31.98 -53.04 0.19
C ARG B 500 31.50 -53.03 -1.27
N VAL B 501 32.40 -53.27 -2.23
CA VAL B 501 32.08 -53.32 -3.67
C VAL B 501 31.70 -54.77 -4.05
N ARG B 502 32.24 -55.75 -3.30
CA ARG B 502 32.02 -57.19 -3.44
C ARG B 502 30.51 -57.58 -3.46
N PRO B 503 29.64 -57.14 -2.50
CA PRO B 503 28.23 -57.54 -2.54
C PRO B 503 27.46 -56.94 -3.73
N VAL B 504 27.91 -55.78 -4.25
CA VAL B 504 27.30 -55.11 -5.41
C VAL B 504 27.46 -56.02 -6.64
N LEU B 505 28.68 -56.54 -6.87
CA LEU B 505 28.96 -57.46 -7.98
C LEU B 505 28.17 -58.76 -7.89
N GLU B 506 28.07 -59.33 -6.67
CA GLU B 506 27.33 -60.58 -6.41
C GLU B 506 25.82 -60.37 -6.54
N LYS B 507 25.29 -59.21 -6.07
CA LYS B 507 23.87 -58.86 -6.20
C LYS B 507 23.48 -58.69 -7.67
N ARG B 508 24.43 -58.21 -8.52
CA ARG B 508 24.21 -58.01 -9.97
C ARG B 508 24.12 -59.32 -10.72
N ARG B 509 24.87 -60.35 -10.30
CA ARG B 509 24.75 -61.70 -10.87
C ARG B 509 23.37 -62.25 -10.49
N GLU B 510 22.98 -62.09 -9.19
CA GLU B 510 21.70 -62.52 -8.63
C GLU B 510 20.54 -61.83 -9.38
N MET B 511 20.61 -60.51 -9.58
CA MET B 511 19.56 -59.76 -10.29
C MET B 511 19.40 -60.25 -11.74
N ALA B 512 20.53 -60.51 -12.44
CA ALA B 512 20.56 -60.98 -13.83
C ALA B 512 19.82 -62.32 -14.02
N TYR B 513 19.85 -63.20 -13.00
CA TYR B 513 19.22 -64.52 -13.05
C TYR B 513 17.86 -64.57 -12.34
N GLU B 514 17.64 -63.74 -11.29
CA GLU B 514 16.44 -63.84 -10.46
C GLU B 514 15.49 -62.62 -10.46
N GLY B 515 15.85 -61.55 -11.14
CA GLY B 515 15.00 -60.37 -11.21
C GLY B 515 15.25 -59.37 -10.09
N ARG B 516 14.25 -58.51 -9.82
CA ARG B 516 14.31 -57.39 -8.86
C ARG B 516 15.52 -56.49 -9.25
N ILE B 517 15.66 -56.24 -10.57
CA ILE B 517 16.74 -55.44 -11.15
C ILE B 517 16.52 -53.97 -10.80
N ASP B 518 17.51 -53.35 -10.11
CA ASP B 518 17.43 -51.96 -9.70
C ASP B 518 17.87 -51.04 -10.85
N TRP B 519 17.68 -49.72 -10.66
CA TRP B 519 18.00 -48.70 -11.66
C TRP B 519 19.46 -48.77 -12.14
N ALA B 520 20.42 -48.75 -11.21
CA ALA B 520 21.83 -48.75 -11.52
C ALA B 520 22.26 -49.93 -12.39
N PHE B 521 21.74 -51.13 -12.10
CA PHE B 521 22.07 -52.32 -12.90
C PHE B 521 21.39 -52.27 -14.27
N ALA B 522 20.11 -51.79 -14.33
CA ALA B 522 19.35 -51.65 -15.58
C ALA B 522 20.09 -50.77 -16.60
N GLU B 523 20.73 -49.68 -16.13
CA GLU B 523 21.54 -48.78 -16.95
C GLU B 523 22.70 -49.55 -17.58
N LEU B 524 23.42 -50.37 -16.77
CA LEU B 524 24.56 -51.17 -17.21
C LEU B 524 24.13 -52.32 -18.12
N LEU B 525 22.90 -52.83 -17.90
CA LEU B 525 22.32 -53.87 -18.77
C LEU B 525 22.10 -53.28 -20.16
N ALA B 526 21.61 -52.00 -20.24
CA ALA B 526 21.37 -51.29 -21.51
C ALA B 526 22.68 -50.98 -22.22
N LEU B 527 23.68 -50.48 -21.48
CA LEU B 527 24.98 -50.13 -22.06
C LEU B 527 25.76 -51.38 -22.44
N GLY B 528 25.76 -52.39 -21.57
CA GLY B 528 26.42 -53.67 -21.80
C GLY B 528 25.89 -54.40 -23.01
N SER B 529 24.56 -54.41 -23.21
CA SER B 529 23.91 -55.07 -24.34
C SER B 529 24.22 -54.34 -25.65
N LEU B 530 24.37 -53.00 -25.60
CA LEU B 530 24.73 -52.21 -26.79
C LEU B 530 26.16 -52.52 -27.23
N ILE B 531 27.11 -52.63 -26.26
CA ILE B 531 28.53 -52.99 -26.48
C ILE B 531 28.59 -54.39 -27.10
N ALA B 532 27.79 -55.34 -26.56
CA ALA B 532 27.71 -56.72 -27.09
C ALA B 532 27.23 -56.72 -28.54
N GLU B 533 26.38 -55.75 -28.92
CA GLU B 533 25.85 -55.61 -30.28
C GLU B 533 26.82 -54.84 -31.21
N GLY B 534 27.98 -54.39 -30.70
CA GLY B 534 29.01 -53.72 -31.47
C GLY B 534 29.07 -52.21 -31.36
N LYS B 535 28.29 -51.62 -30.44
CA LYS B 535 28.25 -50.16 -30.27
C LYS B 535 29.37 -49.65 -29.36
N LEU B 536 29.95 -48.49 -29.74
CA LEU B 536 30.89 -47.77 -28.91
C LEU B 536 30.05 -46.99 -27.89
N VAL B 537 30.33 -47.18 -26.59
CA VAL B 537 29.61 -46.48 -25.53
C VAL B 537 30.62 -45.60 -24.77
N ARG B 538 30.36 -44.28 -24.76
CA ARG B 538 31.18 -43.30 -24.04
C ARG B 538 30.31 -42.69 -22.95
N LEU B 539 30.74 -42.84 -21.69
CA LEU B 539 30.03 -42.37 -20.49
C LEU B 539 30.98 -41.56 -19.62
N SER B 540 30.58 -40.35 -19.24
CA SER B 540 31.44 -39.50 -18.42
C SER B 540 30.63 -38.48 -17.63
N GLY B 541 31.28 -37.89 -16.64
CA GLY B 541 30.68 -36.89 -15.78
C GLY B 541 31.44 -36.89 -14.46
N GLN B 542 31.02 -36.02 -13.52
CA GLN B 542 31.74 -35.92 -12.25
C GLN B 542 31.51 -37.17 -11.38
N ASP B 543 32.61 -37.93 -11.13
CA ASP B 543 32.65 -39.17 -10.33
C ASP B 543 31.73 -40.26 -10.91
N THR B 544 31.59 -40.27 -12.24
CA THR B 544 30.70 -41.18 -12.99
C THR B 544 31.18 -42.65 -12.97
N GLN B 545 32.48 -42.91 -12.78
CA GLN B 545 32.96 -44.32 -12.76
C GLN B 545 32.34 -45.07 -11.56
N ARG B 546 32.36 -44.46 -10.39
CA ARG B 546 31.76 -45.06 -9.21
C ARG B 546 30.27 -44.71 -9.13
N GLY B 547 29.96 -43.46 -9.45
CA GLY B 547 28.63 -42.91 -9.33
C GLY B 547 28.57 -42.04 -8.08
N THR B 548 27.94 -40.86 -8.22
CA THR B 548 27.74 -39.87 -7.16
C THR B 548 27.05 -40.51 -5.94
N PHE B 549 26.10 -41.43 -6.18
CA PHE B 549 25.33 -42.07 -5.13
C PHE B 549 25.84 -43.48 -4.85
N THR B 550 27.14 -43.75 -5.19
CA THR B 550 27.86 -45.03 -4.98
C THR B 550 27.03 -46.19 -5.58
N GLN B 551 26.36 -45.94 -6.70
CA GLN B 551 25.46 -46.92 -7.29
C GLN B 551 25.99 -47.57 -8.58
N ARG B 552 26.94 -46.93 -9.30
CA ARG B 552 27.29 -47.43 -10.63
C ARG B 552 28.37 -48.51 -10.62
N HIS B 553 29.59 -48.21 -10.15
CA HIS B 553 30.74 -49.12 -10.12
C HIS B 553 31.00 -49.70 -11.53
N ALA B 554 31.05 -48.79 -12.55
CA ALA B 554 31.36 -49.09 -13.95
C ALA B 554 32.82 -49.48 -14.03
N VAL B 555 33.63 -48.90 -13.13
CA VAL B 555 35.05 -49.17 -12.93
C VAL B 555 35.22 -49.57 -11.47
N ILE B 556 35.92 -50.68 -11.22
CA ILE B 556 36.18 -51.08 -9.85
C ILE B 556 37.70 -51.03 -9.63
N VAL B 557 38.10 -50.69 -8.41
CA VAL B 557 39.48 -50.42 -8.06
C VAL B 557 40.02 -51.48 -7.11
N ASP B 558 41.16 -52.16 -7.52
CA ASP B 558 41.88 -53.17 -6.74
C ASP B 558 42.32 -52.55 -5.41
N ARG B 559 41.88 -53.10 -4.25
CA ARG B 559 42.23 -52.56 -2.91
C ARG B 559 43.75 -52.56 -2.64
N LYS B 560 44.51 -53.50 -3.25
CA LYS B 560 45.95 -53.60 -3.03
C LYS B 560 46.81 -52.90 -4.09
N THR B 561 46.39 -52.84 -5.37
CA THR B 561 47.24 -52.22 -6.39
C THR B 561 46.68 -50.90 -6.93
N GLY B 562 45.37 -50.71 -6.82
CA GLY B 562 44.73 -49.53 -7.39
C GLY B 562 44.46 -49.72 -8.87
N GLU B 563 44.68 -50.94 -9.39
CA GLU B 563 44.41 -51.29 -10.81
C GLU B 563 42.91 -51.23 -11.07
N GLU B 564 42.52 -50.59 -12.17
CA GLU B 564 41.13 -50.42 -12.58
C GLU B 564 40.68 -51.64 -13.39
N PHE B 565 39.45 -52.09 -13.15
CA PHE B 565 38.78 -53.19 -13.86
C PHE B 565 37.41 -52.72 -14.28
N THR B 566 37.07 -52.90 -15.56
CA THR B 566 35.79 -52.45 -16.14
C THR B 566 34.97 -53.68 -16.58
N PRO B 567 34.02 -54.15 -15.73
CA PRO B 567 33.24 -55.36 -16.08
C PRO B 567 32.55 -55.31 -17.45
N LEU B 568 31.93 -54.16 -17.84
CA LEU B 568 31.22 -54.06 -19.13
C LEU B 568 32.15 -54.20 -20.35
N GLN B 569 33.47 -53.99 -20.16
CA GLN B 569 34.45 -54.11 -21.26
C GLN B 569 34.56 -55.58 -21.74
N LEU B 570 34.20 -56.56 -20.89
CA LEU B 570 34.23 -57.98 -21.26
C LEU B 570 33.17 -58.28 -22.33
N LEU B 571 32.13 -57.43 -22.45
CA LEU B 571 31.07 -57.62 -23.44
C LEU B 571 31.52 -57.15 -24.85
N ALA B 572 32.71 -56.55 -24.97
CA ALA B 572 33.29 -56.14 -26.26
C ALA B 572 33.90 -57.35 -27.00
N THR B 573 33.93 -58.52 -26.34
CA THR B 573 34.42 -59.79 -26.87
C THR B 573 33.26 -60.80 -26.85
N ASN B 574 32.94 -61.41 -28.01
CA ASN B 574 31.90 -62.44 -28.17
C ASN B 574 32.27 -63.73 -27.40
N PRO B 575 31.31 -64.61 -27.03
CA PRO B 575 31.68 -65.88 -26.35
C PRO B 575 32.75 -66.72 -27.07
N ASP B 576 32.81 -66.65 -28.43
CA ASP B 576 33.80 -67.40 -29.23
C ASP B 576 35.22 -66.77 -29.14
N GLY B 577 35.30 -65.54 -28.63
CA GLY B 577 36.56 -64.80 -28.46
C GLY B 577 36.79 -63.67 -29.44
N THR B 578 35.93 -63.56 -30.48
CA THR B 578 36.06 -62.53 -31.50
C THR B 578 35.57 -61.16 -30.97
N PRO B 579 36.12 -60.02 -31.46
CA PRO B 579 35.60 -58.72 -30.97
C PRO B 579 34.23 -58.42 -31.58
N THR B 580 33.35 -57.76 -30.80
CA THR B 580 32.00 -57.38 -31.23
C THR B 580 32.04 -56.10 -32.07
N GLY B 581 33.12 -55.33 -31.89
CA GLY B 581 33.30 -54.03 -32.52
C GLY B 581 32.94 -52.92 -31.54
N GLY B 582 32.31 -53.30 -30.42
CA GLY B 582 31.91 -52.40 -29.35
C GLY B 582 33.04 -52.07 -28.39
N LYS B 583 32.82 -51.06 -27.53
CA LYS B 583 33.81 -50.61 -26.54
C LYS B 583 33.12 -49.79 -25.46
N PHE B 584 33.64 -49.86 -24.22
CA PHE B 584 33.13 -49.05 -23.11
C PHE B 584 34.20 -48.06 -22.68
N LEU B 585 33.95 -46.78 -22.95
CA LEU B 585 34.84 -45.70 -22.59
C LEU B 585 34.19 -44.92 -21.47
N VAL B 586 34.64 -45.15 -20.23
CA VAL B 586 34.03 -44.50 -19.08
C VAL B 586 35.10 -43.68 -18.34
N TYR B 587 34.77 -42.41 -18.06
CA TYR B 587 35.71 -41.53 -17.41
C TYR B 587 35.06 -40.70 -16.33
N ASN B 588 35.91 -40.27 -15.39
CA ASN B 588 35.61 -39.25 -14.42
C ASN B 588 35.99 -37.95 -15.11
N SER B 589 35.07 -36.99 -15.15
CA SER B 589 35.39 -35.73 -15.84
C SER B 589 36.11 -34.77 -14.90
N ALA B 590 36.59 -33.63 -15.47
CA ALA B 590 37.12 -32.51 -14.71
C ALA B 590 35.92 -31.85 -14.04
N LEU B 591 36.16 -30.95 -13.07
CA LEU B 591 35.06 -30.27 -12.42
C LEU B 591 34.60 -29.12 -13.33
N SER B 592 34.03 -29.49 -14.50
CA SER B 592 33.53 -28.54 -15.48
C SER B 592 32.20 -29.00 -15.97
N GLU B 593 31.33 -28.05 -16.31
CA GLU B 593 30.05 -28.37 -16.93
C GLU B 593 30.08 -27.88 -18.36
N PHE B 594 30.44 -26.61 -18.57
CA PHE B 594 30.46 -25.97 -19.89
C PHE B 594 31.37 -26.75 -20.86
N ALA B 595 32.65 -26.96 -20.50
CA ALA B 595 33.56 -27.70 -21.39
C ALA B 595 33.17 -29.16 -21.52
N ALA B 596 32.85 -29.85 -20.41
CA ALA B 596 32.49 -31.26 -20.44
C ALA B 596 31.23 -31.55 -21.31
N VAL B 597 30.13 -30.76 -21.13
CA VAL B 597 28.89 -30.93 -21.95
C VAL B 597 29.20 -30.60 -23.41
N GLY B 598 29.98 -29.53 -23.64
CA GLY B 598 30.40 -29.13 -24.98
C GLY B 598 31.18 -30.24 -25.67
N PHE B 599 32.10 -30.89 -24.92
CA PHE B 599 32.93 -32.02 -25.39
C PHE B 599 32.08 -33.22 -25.82
N GLU B 600 31.13 -33.64 -24.95
CA GLU B 600 30.24 -34.78 -25.24
C GLU B 600 29.32 -34.51 -26.40
N TYR B 601 28.82 -33.26 -26.54
CA TYR B 601 28.01 -32.88 -27.69
C TYR B 601 28.86 -33.05 -28.96
N GLY B 602 30.08 -32.51 -28.93
CA GLY B 602 31.06 -32.60 -30.01
C GLY B 602 31.43 -34.04 -30.35
N TYR B 603 31.56 -34.89 -29.32
CA TYR B 603 31.90 -36.29 -29.50
C TYR B 603 30.79 -37.02 -30.29
N SER B 604 29.48 -36.77 -29.96
CA SER B 604 28.36 -37.40 -30.65
CA SER B 604 28.37 -37.41 -30.66
C SER B 604 28.29 -36.93 -32.14
N VAL B 605 28.71 -35.71 -32.44
CA VAL B 605 28.75 -35.16 -33.81
C VAL B 605 29.87 -35.89 -34.59
N GLY B 606 31.05 -36.04 -33.95
CA GLY B 606 32.22 -36.69 -34.55
C GLY B 606 32.05 -38.15 -34.88
N ASN B 607 31.23 -38.87 -34.06
CA ASN B 607 30.91 -40.28 -34.27
C ASN B 607 29.42 -40.47 -34.04
N PRO B 608 28.58 -40.31 -35.10
CA PRO B 608 27.12 -40.46 -34.95
C PRO B 608 26.69 -41.87 -34.53
N ASP B 609 27.59 -42.86 -34.67
CA ASP B 609 27.35 -44.27 -34.32
C ASP B 609 27.66 -44.55 -32.85
N ALA B 610 28.26 -43.61 -32.13
CA ALA B 610 28.56 -43.80 -30.72
C ALA B 610 27.35 -43.49 -29.83
N MET B 611 27.26 -44.19 -28.68
CA MET B 611 26.31 -43.94 -27.60
C MET B 611 27.09 -43.05 -26.64
N VAL B 612 26.72 -41.76 -26.54
CA VAL B 612 27.46 -40.74 -25.77
C VAL B 612 26.57 -40.18 -24.67
N LEU B 613 26.97 -40.43 -23.41
CA LEU B 613 26.23 -39.96 -22.25
C LEU B 613 27.08 -39.06 -21.36
N TRP B 614 26.52 -37.93 -20.96
CA TRP B 614 27.14 -37.03 -20.01
C TRP B 614 26.26 -37.01 -18.78
N GLU B 615 26.87 -37.16 -17.62
CA GLU B 615 26.12 -37.17 -16.39
C GLU B 615 26.49 -36.00 -15.49
N ALA B 616 25.47 -35.19 -15.12
CA ALA B 616 25.64 -34.12 -14.14
C ALA B 616 25.75 -34.75 -12.77
N GLN B 617 26.54 -34.17 -11.85
CA GLN B 617 26.65 -34.66 -10.48
C GLN B 617 25.24 -34.68 -9.87
N PHE B 618 24.55 -33.55 -10.02
CA PHE B 618 23.14 -33.24 -9.71
C PHE B 618 22.69 -32.41 -10.91
N GLY B 619 21.43 -32.58 -11.37
CA GLY B 619 20.91 -31.81 -12.50
C GLY B 619 21.04 -30.31 -12.36
N ASP B 620 21.03 -29.81 -11.09
CA ASP B 620 21.16 -28.39 -10.68
C ASP B 620 22.42 -27.66 -11.21
N PHE B 621 23.47 -28.40 -11.56
CA PHE B 621 24.73 -27.82 -12.02
C PHE B 621 24.83 -27.72 -13.54
N VAL B 622 23.84 -28.26 -14.30
CA VAL B 622 23.85 -28.22 -15.76
C VAL B 622 23.64 -26.78 -16.28
N ASN B 623 23.12 -25.84 -15.45
CA ASN B 623 22.99 -24.44 -15.87
C ASN B 623 24.39 -23.80 -16.13
N GLY B 624 25.47 -24.43 -15.63
CA GLY B 624 26.84 -24.01 -15.91
C GLY B 624 27.21 -24.24 -17.36
N ALA B 625 26.42 -25.09 -18.05
CA ALA B 625 26.57 -25.42 -19.47
C ALA B 625 25.42 -24.85 -20.29
N GLN B 626 24.73 -23.81 -19.80
CA GLN B 626 23.56 -23.26 -20.48
C GLN B 626 23.85 -22.85 -21.94
N SER B 627 25.01 -22.23 -22.20
CA SER B 627 25.40 -21.83 -23.56
C SER B 627 25.40 -23.04 -24.52
N ILE B 628 25.91 -24.21 -24.09
CA ILE B 628 25.95 -25.42 -24.93
C ILE B 628 24.52 -25.93 -25.16
N ILE B 629 23.70 -25.97 -24.09
CA ILE B 629 22.32 -26.43 -24.19
C ILE B 629 21.55 -25.54 -25.18
N ASP B 630 21.66 -24.20 -25.01
CA ASP B 630 20.96 -23.24 -25.85
C ASP B 630 21.46 -23.19 -27.29
N GLU B 631 22.78 -23.15 -27.47
CA GLU B 631 23.41 -22.91 -28.78
C GLU B 631 23.70 -24.13 -29.58
N PHE B 632 23.86 -25.30 -28.96
CA PHE B 632 24.20 -26.49 -29.74
C PHE B 632 23.18 -27.60 -29.62
N ILE B 633 22.96 -28.09 -28.41
CA ILE B 633 22.12 -29.26 -28.17
C ILE B 633 20.67 -29.05 -28.66
N SER B 634 19.98 -28.04 -28.13
CA SER B 634 18.57 -27.81 -28.43
C SER B 634 18.30 -27.27 -29.83
N SER B 635 19.28 -26.61 -30.42
CA SER B 635 19.07 -25.87 -31.64
C SER B 635 20.00 -26.15 -32.84
N GLY B 636 21.09 -26.92 -32.66
CA GLY B 636 22.04 -27.21 -33.73
C GLY B 636 21.41 -27.79 -35.00
N GLU B 637 20.48 -28.73 -34.85
CA GLU B 637 19.80 -29.39 -35.98
C GLU B 637 19.04 -28.38 -36.85
N ALA B 638 18.13 -27.57 -36.25
CA ALA B 638 17.39 -26.61 -37.05
C ALA B 638 18.28 -25.49 -37.62
N LYS B 639 19.33 -25.07 -36.91
CA LYS B 639 20.12 -23.94 -37.40
C LYS B 639 21.13 -24.34 -38.45
N TRP B 640 21.81 -25.47 -38.27
CA TRP B 640 22.90 -25.85 -39.16
C TRP B 640 22.75 -27.20 -39.84
N GLY B 641 21.71 -27.97 -39.51
CA GLY B 641 21.57 -29.32 -40.04
C GLY B 641 22.57 -30.27 -39.39
N GLN B 642 23.21 -29.81 -38.29
CA GLN B 642 24.18 -30.58 -37.53
C GLN B 642 23.42 -31.43 -36.53
N LEU B 643 23.66 -32.74 -36.56
CA LEU B 643 22.95 -33.69 -35.71
C LEU B 643 23.83 -34.24 -34.59
N SER B 644 23.22 -34.42 -33.44
CA SER B 644 23.84 -34.98 -32.24
C SER B 644 22.87 -35.92 -31.56
N ASP B 645 23.38 -37.04 -31.07
CA ASP B 645 22.60 -38.05 -30.35
C ASP B 645 23.01 -38.05 -28.88
N VAL B 646 23.63 -36.94 -28.40
CA VAL B 646 24.14 -36.84 -27.02
C VAL B 646 23.03 -37.05 -25.97
N VAL B 647 23.38 -37.76 -24.88
CA VAL B 647 22.48 -37.99 -23.77
C VAL B 647 22.96 -37.18 -22.58
N LEU B 648 22.05 -36.42 -21.94
CA LEU B 648 22.35 -35.73 -20.68
C LEU B 648 21.57 -36.43 -19.57
N LEU B 649 22.28 -36.94 -18.55
CA LEU B 649 21.66 -37.60 -17.39
C LEU B 649 21.66 -36.60 -16.25
N LEU B 650 20.48 -36.20 -15.82
CA LEU B 650 20.36 -35.14 -14.80
C LEU B 650 19.69 -35.63 -13.52
N PRO B 651 20.49 -35.97 -12.46
CA PRO B 651 19.87 -36.43 -11.19
C PRO B 651 18.91 -35.37 -10.67
N HIS B 652 17.66 -35.77 -10.50
CA HIS B 652 16.56 -34.87 -10.22
C HIS B 652 15.61 -35.46 -9.19
N GLY B 653 15.08 -34.61 -8.33
CA GLY B 653 14.09 -35.01 -7.33
C GLY B 653 14.13 -34.25 -6.04
N HIS B 654 12.94 -33.94 -5.49
CA HIS B 654 12.76 -33.25 -4.21
C HIS B 654 12.92 -34.25 -3.08
N GLU B 655 14.00 -34.12 -2.28
CA GLU B 655 14.33 -35.03 -1.18
C GLU B 655 14.80 -34.27 0.08
N GLY B 656 14.75 -32.92 0.04
CA GLY B 656 15.13 -32.07 1.17
C GLY B 656 16.61 -31.69 1.24
N GLN B 657 17.34 -31.80 0.09
CA GLN B 657 18.76 -31.48 0.07
C GLN B 657 19.06 -30.04 -0.41
N GLY B 658 18.03 -29.21 -0.52
CA GLY B 658 18.22 -27.80 -0.85
C GLY B 658 18.04 -27.41 -2.30
N PRO B 659 18.01 -26.08 -2.57
CA PRO B 659 17.75 -25.60 -3.94
C PRO B 659 18.80 -25.95 -5.01
N ASP B 660 19.97 -26.48 -4.63
CA ASP B 660 21.04 -26.85 -5.58
C ASP B 660 21.32 -28.34 -5.60
N HIS B 661 20.46 -29.12 -4.96
CA HIS B 661 20.56 -30.57 -4.97
C HIS B 661 19.14 -31.16 -5.14
N THR B 662 18.33 -30.51 -5.98
CA THR B 662 16.93 -30.91 -6.16
C THR B 662 16.43 -30.97 -7.62
N SER B 663 16.76 -29.96 -8.45
CA SER B 663 16.15 -29.85 -9.78
C SER B 663 17.13 -29.68 -10.95
N GLY B 664 16.85 -30.40 -12.02
CA GLY B 664 17.55 -30.30 -13.29
C GLY B 664 16.86 -29.29 -14.21
N ARG B 665 15.83 -28.59 -13.67
CA ARG B 665 15.01 -27.55 -14.33
C ARG B 665 14.32 -28.11 -15.57
N ILE B 666 13.41 -29.06 -15.34
CA ILE B 666 12.59 -29.73 -16.38
C ILE B 666 11.93 -28.68 -17.28
N GLU B 667 11.34 -27.65 -16.65
CA GLU B 667 10.61 -26.54 -17.26
C GLU B 667 11.45 -25.82 -18.33
N ARG B 668 12.76 -25.67 -18.10
CA ARG B 668 13.67 -24.99 -19.04
C ARG B 668 13.89 -25.85 -20.28
N PHE B 669 14.11 -27.17 -20.11
CA PHE B 669 14.29 -28.07 -21.25
C PHE B 669 12.98 -28.18 -22.04
N LEU B 670 11.81 -28.19 -21.33
CA LEU B 670 10.52 -28.28 -22.01
C LEU B 670 10.21 -26.99 -22.76
N GLN B 671 10.74 -25.86 -22.29
CA GLN B 671 10.57 -24.54 -22.92
C GLN B 671 11.41 -24.46 -24.20
N LEU B 672 12.63 -25.00 -24.17
CA LEU B 672 13.55 -25.03 -25.32
C LEU B 672 13.07 -25.96 -26.47
N TRP B 673 12.37 -27.05 -26.11
CA TRP B 673 11.86 -28.07 -27.04
C TRP B 673 10.87 -27.48 -28.04
N ALA B 674 11.01 -27.91 -29.28
CA ALA B 674 10.14 -27.60 -30.42
C ALA B 674 10.27 -28.77 -31.37
N GLU B 675 9.11 -29.28 -31.85
CA GLU B 675 8.87 -30.47 -32.68
C GLU B 675 10.14 -31.18 -33.12
N GLY B 676 10.34 -32.30 -32.47
CA GLY B 676 11.42 -33.25 -32.71
C GLY B 676 12.82 -32.73 -32.56
N SER B 677 13.07 -31.73 -31.72
CA SER B 677 14.46 -31.28 -31.57
C SER B 677 15.18 -32.18 -30.58
N MET B 678 14.47 -32.59 -29.50
CA MET B 678 15.02 -33.45 -28.45
C MET B 678 13.99 -34.42 -27.93
N THR B 679 14.45 -35.45 -27.21
CA THR B 679 13.60 -36.36 -26.46
C THR B 679 13.84 -36.03 -24.99
N ILE B 680 12.77 -35.83 -24.21
CA ILE B 680 12.89 -35.48 -22.79
C ILE B 680 12.10 -36.52 -21.98
N ALA B 681 12.78 -37.19 -21.04
CA ALA B 681 12.12 -38.23 -20.28
C ALA B 681 12.47 -38.22 -18.80
N MET B 682 11.53 -38.73 -17.99
CA MET B 682 11.71 -38.89 -16.55
CA MET B 682 11.69 -38.88 -16.54
C MET B 682 11.18 -40.29 -16.18
N PRO B 683 11.96 -41.36 -16.47
CA PRO B 683 11.47 -42.72 -16.20
C PRO B 683 11.29 -43.01 -14.72
N SER B 684 10.36 -43.91 -14.40
CA SER B 684 10.05 -44.28 -13.02
C SER B 684 10.46 -45.71 -12.71
N THR B 685 10.84 -46.49 -13.71
CA THR B 685 11.24 -47.88 -13.46
C THR B 685 12.58 -48.19 -14.13
N PRO B 686 13.39 -49.09 -13.53
CA PRO B 686 14.66 -49.49 -14.16
C PRO B 686 14.51 -50.02 -15.60
N ALA B 687 13.53 -50.92 -15.85
CA ALA B 687 13.29 -51.49 -17.18
C ALA B 687 12.90 -50.42 -18.21
N ASN B 688 12.08 -49.43 -17.82
CA ASN B 688 11.70 -48.38 -18.76
C ASN B 688 12.90 -47.49 -19.11
N TYR B 689 13.84 -47.30 -18.16
CA TYR B 689 15.08 -46.56 -18.41
C TYR B 689 15.97 -47.36 -19.39
N PHE B 690 16.07 -48.69 -19.15
CA PHE B 690 16.83 -49.62 -20.00
C PHE B 690 16.33 -49.54 -21.46
N HIS B 691 15.00 -49.61 -21.66
CA HIS B 691 14.41 -49.55 -23.01
C HIS B 691 14.56 -48.16 -23.62
N LEU B 692 14.51 -47.09 -22.79
CA LEU B 692 14.73 -45.71 -23.25
C LEU B 692 16.13 -45.56 -23.85
N LEU B 693 17.18 -46.04 -23.14
CA LEU B 693 18.57 -45.97 -23.60
C LEU B 693 18.80 -46.82 -24.86
N ARG B 694 18.24 -48.05 -24.89
CA ARG B 694 18.38 -48.94 -26.03
C ARG B 694 17.65 -48.40 -27.25
N ARG B 695 16.44 -47.82 -27.08
CA ARG B 695 15.72 -47.19 -28.20
C ARG B 695 16.58 -46.05 -28.78
N HIS B 696 17.13 -45.20 -27.90
CA HIS B 696 17.98 -44.07 -28.27
C HIS B 696 19.22 -44.51 -29.05
N GLY B 697 19.87 -45.59 -28.63
CA GLY B 697 21.05 -46.11 -29.30
C GLY B 697 20.78 -46.88 -30.58
N LYS B 698 19.55 -47.40 -30.78
CA LYS B 698 19.23 -48.24 -31.94
C LYS B 698 18.22 -47.65 -32.94
N ASP B 699 17.57 -46.51 -32.65
CA ASP B 699 16.52 -45.93 -33.51
C ASP B 699 17.04 -45.36 -34.86
N GLY B 700 18.34 -45.21 -35.02
CA GLY B 700 18.94 -44.67 -36.24
C GLY B 700 18.65 -43.19 -36.48
N ILE B 701 18.23 -42.48 -35.42
CA ILE B 701 17.89 -41.06 -35.42
C ILE B 701 18.90 -40.34 -34.52
N GLN B 702 19.49 -39.24 -35.01
CA GLN B 702 20.46 -38.47 -34.23
C GLN B 702 19.75 -37.32 -33.58
N ARG B 703 19.27 -37.56 -32.35
CA ARG B 703 18.47 -36.60 -31.61
C ARG B 703 18.89 -36.57 -30.14
N PRO B 704 19.23 -35.40 -29.54
CA PRO B 704 19.64 -35.40 -28.11
C PRO B 704 18.53 -35.93 -27.19
N LEU B 705 18.95 -36.65 -26.13
CA LEU B 705 18.04 -37.22 -25.14
C LEU B 705 18.37 -36.61 -23.78
N ILE B 706 17.36 -36.00 -23.14
CA ILE B 706 17.50 -35.39 -21.80
C ILE B 706 16.79 -36.31 -20.81
N VAL B 707 17.55 -36.88 -19.84
CA VAL B 707 16.95 -37.80 -18.87
C VAL B 707 17.06 -37.23 -17.47
N PHE B 708 15.91 -37.12 -16.78
CA PHE B 708 15.83 -36.73 -15.37
C PHE B 708 15.90 -38.04 -14.59
N THR B 709 17.07 -38.30 -13.96
CA THR B 709 17.42 -39.56 -13.30
C THR B 709 17.24 -39.51 -11.76
N PRO B 710 17.08 -40.67 -11.09
CA PRO B 710 16.85 -40.64 -9.64
C PRO B 710 18.11 -40.52 -8.79
N LYS B 711 17.85 -40.32 -7.49
CA LYS B 711 18.84 -40.19 -6.42
C LYS B 711 18.43 -41.20 -5.33
N SER B 712 17.50 -40.88 -4.41
CA SER B 712 17.06 -41.87 -3.41
C SER B 712 16.24 -43.05 -4.04
N MET B 713 15.54 -42.82 -5.16
CA MET B 713 14.74 -43.84 -5.86
C MET B 713 15.64 -44.99 -6.44
N LEU B 714 16.98 -44.78 -6.53
CA LEU B 714 17.97 -45.80 -6.91
C LEU B 714 17.90 -46.97 -5.92
N ARG B 715 17.55 -46.67 -4.63
CA ARG B 715 17.49 -47.68 -3.56
C ARG B 715 16.05 -47.91 -3.01
N ASN B 716 15.05 -47.44 -3.75
CA ASN B 716 13.65 -47.67 -3.39
C ASN B 716 13.35 -49.11 -3.84
N LYS B 717 13.01 -49.98 -2.89
CA LYS B 717 12.75 -51.41 -3.11
C LYS B 717 11.49 -51.67 -3.98
N ALA B 718 10.61 -50.66 -4.13
CA ALA B 718 9.44 -50.75 -5.02
C ALA B 718 9.84 -50.44 -6.46
N ALA B 719 10.94 -49.67 -6.64
CA ALA B 719 11.44 -49.26 -7.96
C ALA B 719 12.44 -50.27 -8.51
N VAL B 720 11.97 -51.53 -8.69
CA VAL B 720 12.74 -52.65 -9.24
C VAL B 720 11.93 -53.28 -10.36
N SER B 721 12.62 -53.98 -11.29
CA SER B 721 11.96 -54.57 -12.44
C SER B 721 12.20 -56.08 -12.57
N ASP B 722 11.23 -56.78 -13.17
CA ASP B 722 11.28 -58.22 -13.44
C ASP B 722 12.08 -58.47 -14.71
N ILE B 723 12.67 -59.67 -14.85
CA ILE B 723 13.42 -60.08 -16.04
C ILE B 723 12.55 -59.90 -17.33
N ARG B 724 11.25 -60.28 -17.27
CA ARG B 724 10.32 -60.20 -18.41
C ARG B 724 10.13 -58.75 -18.90
N ASP B 725 10.36 -57.74 -18.04
CA ASP B 725 10.25 -56.32 -18.41
C ASP B 725 11.41 -55.92 -19.35
N PHE B 726 12.52 -56.71 -19.33
CA PHE B 726 13.71 -56.51 -20.17
C PHE B 726 13.67 -57.39 -21.42
N THR B 727 13.13 -58.61 -21.28
CA THR B 727 13.11 -59.62 -22.35
C THR B 727 11.84 -59.63 -23.19
N GLU B 728 10.70 -59.17 -22.65
CA GLU B 728 9.44 -59.23 -23.42
C GLU B 728 8.67 -57.91 -23.41
N SER B 729 9.37 -56.79 -23.29
CA SER B 729 8.70 -55.50 -23.29
C SER B 729 9.48 -54.51 -24.16
N LYS B 730 9.04 -53.24 -24.15
CA LYS B 730 9.61 -52.13 -24.91
C LYS B 730 9.45 -50.84 -24.09
N PHE B 731 9.95 -49.69 -24.62
CA PHE B 731 9.78 -48.41 -23.93
C PHE B 731 8.30 -48.03 -23.94
N ARG B 732 7.79 -47.69 -22.74
CA ARG B 732 6.40 -47.29 -22.54
C ARG B 732 6.39 -45.84 -22.14
N SER B 733 5.95 -44.97 -23.07
CA SER B 733 5.92 -43.52 -22.89
C SER B 733 4.90 -43.11 -21.83
N VAL B 734 3.88 -43.96 -21.62
CA VAL B 734 2.79 -43.79 -20.65
C VAL B 734 2.68 -45.10 -19.87
N LEU B 735 2.69 -45.02 -18.53
CA LEU B 735 2.55 -46.22 -17.71
C LEU B 735 1.34 -46.15 -16.78
N GLU B 736 0.56 -47.23 -16.77
CA GLU B 736 -0.56 -47.42 -15.87
C GLU B 736 -0.08 -48.19 -14.66
N GLU B 737 -0.89 -48.24 -13.60
CA GLU B 737 -0.56 -49.00 -12.39
C GLU B 737 -0.63 -50.50 -12.70
N PRO B 738 0.35 -51.30 -12.19
CA PRO B 738 0.34 -52.76 -12.45
C PRO B 738 -0.95 -53.48 -12.02
N MET B 739 -1.74 -52.93 -11.06
CA MET B 739 -3.01 -53.53 -10.63
C MET B 739 -4.03 -53.57 -11.78
N TYR B 740 -3.95 -52.65 -12.76
CA TYR B 740 -4.89 -52.63 -13.87
C TYR B 740 -4.38 -53.42 -15.08
N THR B 741 -3.06 -53.45 -15.30
CA THR B 741 -2.47 -54.15 -16.45
C THR B 741 -2.15 -55.63 -16.15
N ASP B 742 -1.86 -55.98 -14.88
CA ASP B 742 -1.47 -57.34 -14.52
C ASP B 742 -2.23 -57.89 -13.30
N GLY B 743 -2.88 -57.02 -12.55
CA GLY B 743 -3.62 -57.41 -11.35
C GLY B 743 -5.13 -57.52 -11.50
N GLU B 744 -5.83 -57.41 -10.36
CA GLU B 744 -7.28 -57.52 -10.29
C GLU B 744 -7.98 -56.16 -10.06
N GLY B 745 -7.29 -55.07 -10.40
CA GLY B 745 -7.83 -53.72 -10.28
C GLY B 745 -8.93 -53.44 -11.30
N ASP B 746 -9.97 -52.70 -10.87
CA ASP B 746 -11.10 -52.32 -11.72
C ASP B 746 -11.03 -50.82 -12.08
N ARG B 747 -10.68 -50.53 -13.36
CA ARG B 747 -10.59 -49.18 -13.94
C ARG B 747 -11.91 -48.40 -13.90
N ASN B 748 -13.06 -49.11 -13.94
CA ASN B 748 -14.38 -48.49 -13.95
C ASN B 748 -14.78 -47.88 -12.59
N LYS B 749 -14.06 -48.21 -11.52
CA LYS B 749 -14.33 -47.65 -10.19
C LYS B 749 -13.67 -46.24 -10.05
N VAL B 750 -12.70 -45.93 -10.93
CA VAL B 750 -11.91 -44.69 -10.93
C VAL B 750 -12.77 -43.48 -11.33
N THR B 751 -12.80 -42.47 -10.44
CA THR B 751 -13.50 -41.19 -10.63
C THR B 751 -12.51 -40.03 -10.64
N ARG B 752 -11.31 -40.23 -10.04
CA ARG B 752 -10.24 -39.24 -9.99
C ARG B 752 -8.97 -39.81 -10.62
N LEU B 753 -8.44 -39.09 -11.59
CA LEU B 753 -7.25 -39.48 -12.30
C LEU B 753 -6.09 -38.54 -11.95
N LEU B 754 -4.98 -39.11 -11.47
CA LEU B 754 -3.77 -38.36 -11.13
C LEU B 754 -2.71 -38.63 -12.19
N LEU B 755 -2.29 -37.59 -12.92
CA LEU B 755 -1.24 -37.70 -13.92
C LEU B 755 0.02 -37.15 -13.31
N THR B 756 1.12 -37.90 -13.43
CA THR B 756 2.37 -37.54 -12.81
C THR B 756 3.56 -38.11 -13.60
N SER B 757 4.77 -37.88 -13.08
CA SER B 757 6.01 -38.35 -13.64
C SER B 757 7.05 -38.47 -12.52
N GLY B 758 7.88 -39.51 -12.58
CA GLY B 758 8.95 -39.69 -11.61
C GLY B 758 8.56 -40.36 -10.31
N LYS B 759 9.46 -40.30 -9.32
CA LYS B 759 9.38 -40.94 -8.01
C LYS B 759 8.13 -40.62 -7.19
N ILE B 760 7.45 -39.45 -7.40
CA ILE B 760 6.26 -39.12 -6.61
C ILE B 760 5.15 -40.19 -6.84
N TYR B 761 5.21 -40.95 -7.96
CA TYR B 761 4.29 -42.05 -8.25
C TYR B 761 4.29 -43.05 -7.08
N TYR B 762 5.49 -43.47 -6.61
CA TYR B 762 5.61 -44.46 -5.52
C TYR B 762 4.95 -43.97 -4.23
N GLU B 763 5.09 -42.67 -3.91
CA GLU B 763 4.47 -42.07 -2.73
C GLU B 763 2.96 -42.02 -2.89
N LEU B 764 2.45 -41.67 -4.10
CA LEU B 764 1.01 -41.65 -4.43
C LEU B 764 0.43 -43.06 -4.40
N ALA B 765 1.19 -44.07 -4.90
CA ALA B 765 0.76 -45.47 -4.94
C ALA B 765 0.71 -46.07 -3.54
N ALA B 766 1.67 -45.69 -2.67
CA ALA B 766 1.73 -46.17 -1.27
C ALA B 766 0.49 -45.66 -0.51
N ARG B 767 0.14 -44.35 -0.72
CA ARG B 767 -1.04 -43.72 -0.09
C ARG B 767 -2.33 -44.39 -0.59
N LYS B 768 -2.45 -44.63 -1.92
CA LYS B 768 -3.60 -45.31 -2.51
C LYS B 768 -3.80 -46.69 -1.84
N ALA B 769 -2.70 -47.48 -1.74
CA ALA B 769 -2.68 -48.81 -1.14
C ALA B 769 -3.11 -48.77 0.34
N LYS B 770 -2.60 -47.78 1.12
CA LYS B 770 -2.90 -47.59 2.54
C LYS B 770 -4.40 -47.37 2.80
N GLU B 771 -5.05 -46.52 1.99
CA GLU B 771 -6.47 -46.18 2.16
C GLU B 771 -7.42 -47.01 1.27
N ASN B 772 -6.87 -47.96 0.45
CA ASN B 772 -7.61 -48.80 -0.51
C ASN B 772 -8.51 -47.92 -1.40
N ARG B 773 -7.92 -46.87 -2.02
CA ARG B 773 -8.63 -45.91 -2.87
C ARG B 773 -8.77 -46.43 -4.31
N GLU B 774 -9.81 -47.24 -4.54
CA GLU B 774 -10.15 -47.81 -5.85
C GLU B 774 -10.75 -46.74 -6.78
N ASP B 775 -11.19 -45.60 -6.20
CA ASP B 775 -11.77 -44.45 -6.88
C ASP B 775 -10.69 -43.54 -7.52
N VAL B 776 -9.40 -43.77 -7.18
CA VAL B 776 -8.27 -42.97 -7.67
C VAL B 776 -7.31 -43.86 -8.50
N ALA B 777 -6.83 -43.35 -9.66
CA ALA B 777 -5.82 -44.03 -10.47
C ALA B 777 -4.67 -43.07 -10.75
N ILE B 778 -3.46 -43.63 -10.85
CA ILE B 778 -2.24 -42.85 -11.09
C ILE B 778 -1.64 -43.26 -12.43
N VAL B 779 -1.54 -42.29 -13.35
CA VAL B 779 -0.99 -42.49 -14.69
C VAL B 779 0.33 -41.71 -14.79
N ARG B 780 1.40 -42.40 -15.21
CA ARG B 780 2.72 -41.80 -15.36
C ARG B 780 3.02 -41.41 -16.80
N ILE B 781 3.55 -40.20 -16.99
CA ILE B 781 4.01 -39.74 -18.29
C ILE B 781 5.54 -39.89 -18.23
N GLU B 782 6.07 -40.96 -18.84
CA GLU B 782 7.50 -41.29 -18.83
C GLU B 782 8.28 -40.44 -19.83
N GLN B 783 7.68 -40.22 -21.00
CA GLN B 783 8.23 -39.39 -22.06
C GLN B 783 7.54 -38.03 -22.00
N LEU B 784 8.24 -37.00 -21.50
CA LEU B 784 7.66 -35.66 -21.35
C LEU B 784 7.60 -34.92 -22.68
N ALA B 785 8.57 -35.14 -23.55
CA ALA B 785 8.65 -34.54 -24.87
C ALA B 785 9.32 -35.49 -25.87
N PRO B 786 8.73 -35.72 -27.07
CA PRO B 786 7.43 -35.21 -27.54
C PRO B 786 6.31 -35.81 -26.71
N LEU B 787 5.23 -35.04 -26.49
CA LEU B 787 4.11 -35.56 -25.69
C LEU B 787 3.51 -36.81 -26.37
N PRO B 788 3.36 -37.93 -25.64
CA PRO B 788 2.82 -39.13 -26.28
C PRO B 788 1.29 -39.06 -26.38
N ARG B 789 0.80 -38.17 -27.28
CA ARG B 789 -0.61 -37.83 -27.50
C ARG B 789 -1.50 -39.07 -27.68
N ARG B 790 -1.18 -39.96 -28.64
CA ARG B 790 -1.98 -41.16 -28.95
C ARG B 790 -2.06 -42.11 -27.75
N ARG B 791 -0.90 -42.53 -27.18
CA ARG B 791 -0.84 -43.44 -26.05
C ARG B 791 -1.55 -42.82 -24.81
N LEU B 792 -1.45 -41.49 -24.62
CA LEU B 792 -2.12 -40.78 -23.51
C LEU B 792 -3.65 -40.81 -23.70
N ALA B 793 -4.14 -40.52 -24.92
CA ALA B 793 -5.58 -40.53 -25.23
C ALA B 793 -6.17 -41.95 -25.07
N GLU B 794 -5.46 -42.98 -25.58
CA GLU B 794 -5.88 -44.38 -25.50
C GLU B 794 -5.90 -44.88 -24.04
N THR B 795 -4.95 -44.41 -23.20
CA THR B 795 -4.85 -44.80 -21.80
C THR B 795 -6.04 -44.22 -21.01
N LEU B 796 -6.34 -42.91 -21.17
CA LEU B 796 -7.42 -42.22 -20.46
C LEU B 796 -8.81 -42.74 -20.83
N ASP B 797 -8.99 -43.22 -22.09
CA ASP B 797 -10.28 -43.76 -22.58
C ASP B 797 -10.69 -45.02 -21.82
N ARG B 798 -9.71 -45.70 -21.18
CA ARG B 798 -9.91 -46.94 -20.41
C ARG B 798 -10.47 -46.66 -19.00
N TYR B 799 -10.63 -45.38 -18.62
CA TYR B 799 -11.17 -44.93 -17.34
C TYR B 799 -12.42 -44.08 -17.63
N PRO B 800 -13.57 -44.70 -17.99
CA PRO B 800 -14.75 -43.91 -18.41
C PRO B 800 -15.47 -43.13 -17.32
N ASN B 801 -15.31 -43.50 -16.04
CA ASN B 801 -16.05 -42.84 -14.98
C ASN B 801 -15.28 -41.70 -14.30
N VAL B 802 -14.17 -41.24 -14.90
CA VAL B 802 -13.33 -40.15 -14.39
C VAL B 802 -14.12 -38.83 -14.49
N LYS B 803 -14.25 -38.13 -13.34
CA LYS B 803 -14.96 -36.85 -13.22
C LYS B 803 -13.98 -35.68 -13.03
N GLU B 804 -12.73 -35.98 -12.61
CA GLU B 804 -11.70 -34.96 -12.38
C GLU B 804 -10.30 -35.50 -12.65
N LYS B 805 -9.45 -34.66 -13.27
CA LYS B 805 -8.06 -35.01 -13.61
C LYS B 805 -7.10 -33.99 -13.02
N PHE B 806 -6.01 -34.48 -12.41
CA PHE B 806 -5.01 -33.60 -11.82
C PHE B 806 -3.62 -33.92 -12.28
N TRP B 807 -2.85 -32.88 -12.60
CA TRP B 807 -1.44 -33.03 -12.87
C TRP B 807 -0.76 -32.85 -11.51
N VAL B 808 -0.08 -33.90 -11.02
CA VAL B 808 0.59 -33.86 -9.72
C VAL B 808 2.10 -33.86 -9.93
N GLN B 809 2.80 -32.93 -9.23
CA GLN B 809 4.24 -32.81 -9.29
C GLN B 809 4.81 -32.31 -7.98
N GLU B 810 6.06 -32.67 -7.71
CA GLU B 810 6.82 -32.23 -6.54
C GLU B 810 7.28 -30.78 -6.71
N GLU B 811 7.59 -30.40 -7.95
CA GLU B 811 8.19 -29.11 -8.26
C GLU B 811 7.25 -27.94 -8.05
N PRO B 812 7.80 -26.72 -7.73
CA PRO B 812 6.97 -25.52 -7.66
C PRO B 812 6.12 -25.32 -8.91
N ALA B 813 4.99 -24.60 -8.76
CA ALA B 813 3.98 -24.34 -9.79
C ALA B 813 4.56 -23.70 -11.07
N ASN B 814 5.62 -22.88 -10.95
CA ASN B 814 6.30 -22.21 -12.08
C ASN B 814 7.43 -23.09 -12.65
N GLN B 815 7.57 -24.32 -12.10
CA GLN B 815 8.63 -25.25 -12.49
C GLN B 815 8.05 -26.62 -12.82
N GLY B 816 8.93 -27.57 -13.13
CA GLY B 816 8.52 -28.91 -13.52
C GLY B 816 7.79 -28.91 -14.84
N ALA B 817 6.88 -29.88 -15.05
CA ALA B 817 6.16 -30.03 -16.32
C ALA B 817 4.90 -29.15 -16.44
N TRP B 818 4.32 -28.67 -15.30
CA TRP B 818 3.08 -27.89 -15.32
C TRP B 818 3.09 -26.65 -16.25
N PRO B 819 4.08 -25.70 -16.24
CA PRO B 819 3.99 -24.54 -17.15
C PRO B 819 3.76 -24.90 -18.63
N SER B 820 4.36 -26.00 -19.13
CA SER B 820 4.12 -26.41 -20.52
C SER B 820 2.89 -27.37 -20.61
N PHE B 821 2.78 -28.38 -19.73
CA PHE B 821 1.61 -29.31 -19.79
C PHE B 821 0.28 -28.61 -19.51
N GLY B 822 0.26 -27.67 -18.56
CA GLY B 822 -0.94 -26.93 -18.22
C GLY B 822 -1.49 -26.11 -19.39
N LEU B 823 -0.59 -25.69 -20.30
CA LEU B 823 -0.95 -24.93 -21.51
C LEU B 823 -1.20 -25.87 -22.71
N THR B 824 -0.34 -26.89 -22.90
CA THR B 824 -0.38 -27.82 -24.05
C THR B 824 -1.45 -28.91 -23.94
N LEU B 825 -1.54 -29.67 -22.82
CA LEU B 825 -2.50 -30.79 -22.70
C LEU B 825 -3.96 -30.38 -23.02
N PRO B 826 -4.55 -29.28 -22.47
CA PRO B 826 -5.93 -28.93 -22.87
C PRO B 826 -6.06 -28.48 -24.34
N GLU B 827 -4.95 -28.13 -25.00
CA GLU B 827 -4.94 -27.67 -26.39
C GLU B 827 -4.85 -28.87 -27.39
N ILE B 828 -3.95 -29.85 -27.14
CA ILE B 828 -3.72 -31.02 -28.01
C ILE B 828 -4.76 -32.12 -27.78
N LEU B 829 -5.30 -32.24 -26.55
CA LEU B 829 -6.33 -33.23 -26.20
C LEU B 829 -7.45 -32.52 -25.42
N PRO B 830 -8.24 -31.62 -26.09
CA PRO B 830 -9.29 -30.88 -25.37
C PRO B 830 -10.39 -31.74 -24.78
N ASP B 831 -10.74 -32.87 -25.43
CA ASP B 831 -11.79 -33.75 -24.91
C ASP B 831 -11.32 -34.50 -23.66
N HIS B 832 -10.00 -34.63 -23.48
CA HIS B 832 -9.43 -35.34 -22.34
C HIS B 832 -8.95 -34.41 -21.23
N PHE B 833 -8.38 -33.25 -21.57
CA PHE B 833 -7.78 -32.42 -20.52
C PHE B 833 -8.37 -31.03 -20.29
N THR B 834 -9.60 -30.76 -20.80
CA THR B 834 -10.27 -29.50 -20.48
C THR B 834 -10.69 -29.64 -19.01
N GLY B 835 -10.26 -28.69 -18.19
CA GLY B 835 -10.55 -28.72 -16.75
C GLY B 835 -9.44 -29.32 -15.92
N LEU B 836 -8.27 -29.64 -16.56
CA LEU B 836 -7.10 -30.19 -15.88
C LEU B 836 -6.62 -29.21 -14.82
N LYS B 837 -6.42 -29.72 -13.60
CA LYS B 837 -5.99 -28.90 -12.48
C LYS B 837 -4.62 -29.33 -12.01
N ARG B 838 -3.91 -28.42 -11.33
CA ARG B 838 -2.56 -28.65 -10.85
C ARG B 838 -2.51 -28.90 -9.34
N ILE B 839 -1.71 -29.90 -8.94
CA ILE B 839 -1.35 -30.17 -7.53
C ILE B 839 0.17 -30.16 -7.54
N SER B 840 0.78 -29.20 -6.83
CA SER B 840 2.23 -29.04 -6.78
C SER B 840 2.66 -28.21 -5.59
N ARG B 841 3.96 -27.90 -5.52
CA ARG B 841 4.47 -26.96 -4.52
C ARG B 841 4.07 -25.56 -5.03
N ARG B 842 3.99 -24.57 -4.15
CA ARG B 842 3.67 -23.19 -4.54
C ARG B 842 4.78 -22.66 -5.50
N ALA B 843 4.48 -21.64 -6.31
CA ALA B 843 5.51 -21.03 -7.17
C ALA B 843 6.63 -20.48 -6.27
N MET B 844 7.89 -20.77 -6.61
CA MET B 844 9.06 -20.34 -5.84
C MET B 844 10.12 -19.74 -6.75
N SER B 845 10.93 -18.79 -6.22
CA SER B 845 12.01 -18.15 -6.97
C SER B 845 13.28 -19.04 -7.03
N ALA B 846 13.32 -20.09 -6.20
CA ALA B 846 14.37 -21.09 -6.13
C ALA B 846 13.74 -22.47 -6.39
N PRO B 847 14.51 -23.52 -6.77
CA PRO B 847 13.87 -24.82 -7.07
C PRO B 847 13.17 -25.50 -5.88
N SER B 848 13.54 -25.13 -4.65
CA SER B 848 12.99 -25.68 -3.43
C SER B 848 13.37 -24.80 -2.22
N SER B 849 12.84 -25.17 -1.05
CA SER B 849 13.20 -24.54 0.21
C SER B 849 14.59 -25.04 0.65
N GLY B 850 15.29 -24.27 1.48
CA GLY B 850 16.58 -24.67 2.01
C GLY B 850 16.49 -25.69 3.14
N SER B 851 15.32 -25.79 3.81
CA SER B 851 15.07 -26.69 4.96
C SER B 851 14.47 -28.06 4.55
N SER B 852 15.05 -29.17 5.09
CA SER B 852 14.52 -30.51 4.86
C SER B 852 13.20 -30.72 5.64
N LYS B 853 12.99 -29.95 6.73
CA LYS B 853 11.77 -29.96 7.53
C LYS B 853 10.62 -29.36 6.72
N VAL B 854 10.85 -28.18 6.07
CA VAL B 854 9.88 -27.49 5.23
C VAL B 854 9.54 -28.39 4.03
N HIS B 855 10.57 -29.00 3.42
CA HIS B 855 10.40 -29.94 2.30
C HIS B 855 9.42 -31.09 2.66
N ALA B 856 9.63 -31.70 3.84
CA ALA B 856 8.85 -32.83 4.33
C ALA B 856 7.36 -32.46 4.53
N VAL B 857 7.10 -31.26 5.08
CA VAL B 857 5.74 -30.73 5.28
C VAL B 857 5.08 -30.53 3.91
N GLU B 858 5.81 -29.90 2.96
CA GLU B 858 5.32 -29.64 1.59
C GLU B 858 5.05 -30.93 0.82
N GLN B 859 5.90 -31.97 1.00
CA GLN B 859 5.72 -33.26 0.31
C GLN B 859 4.42 -33.91 0.79
N GLN B 860 4.15 -33.84 2.11
CA GLN B 860 2.95 -34.40 2.73
C GLN B 860 1.70 -33.60 2.31
N GLU B 861 1.80 -32.26 2.16
CA GLU B 861 0.64 -31.45 1.70
C GLU B 861 0.20 -31.84 0.27
N ILE B 862 1.16 -32.23 -0.60
CA ILE B 862 0.88 -32.65 -1.98
C ILE B 862 0.10 -33.99 -1.96
N LEU B 863 0.57 -34.94 -1.15
CA LEU B 863 -0.06 -36.26 -1.03
C LEU B 863 -1.47 -36.16 -0.47
N ASP B 864 -1.65 -35.32 0.59
CA ASP B 864 -2.97 -35.11 1.21
C ASP B 864 -3.93 -34.39 0.26
N THR B 865 -3.43 -33.44 -0.56
CA THR B 865 -4.28 -32.71 -1.53
C THR B 865 -4.76 -33.68 -2.63
N ALA B 866 -3.87 -34.55 -3.14
CA ALA B 866 -4.18 -35.53 -4.18
C ALA B 866 -5.25 -36.55 -3.72
N PHE B 867 -5.30 -36.85 -2.40
CA PHE B 867 -6.25 -37.81 -1.84
C PHE B 867 -7.31 -37.15 -0.93
N GLY B 868 -7.49 -35.84 -1.07
CA GLY B 868 -8.46 -35.07 -0.30
C GLY B 868 -9.77 -34.89 -1.03
N ASN C 8 -83.97 14.25 24.45
CA ASN C 8 -82.62 14.57 24.93
C ASN C 8 -81.59 13.52 24.46
N ALA C 9 -80.63 13.95 23.60
CA ALA C 9 -79.55 13.12 23.04
C ALA C 9 -78.23 13.29 23.83
N ARG C 10 -78.34 13.15 25.16
CA ARG C 10 -77.25 13.20 26.14
C ARG C 10 -76.37 11.95 26.06
N VAL C 11 -76.86 10.91 25.37
CA VAL C 11 -76.17 9.63 25.18
C VAL C 11 -75.05 9.84 24.14
N ILE C 12 -75.36 10.55 23.03
CA ILE C 12 -74.40 10.85 21.96
C ILE C 12 -73.24 11.72 22.50
N GLU C 13 -73.56 12.66 23.41
CA GLU C 13 -72.60 13.53 24.08
C GLU C 13 -71.73 12.73 25.08
N LEU C 14 -72.34 11.74 25.77
CA LEU C 14 -71.66 10.88 26.73
C LEU C 14 -70.66 9.96 26.02
N ILE C 15 -71.07 9.36 24.87
CA ILE C 15 -70.21 8.50 24.03
C ILE C 15 -68.98 9.32 23.57
N ALA C 16 -69.20 10.55 23.07
CA ALA C 16 -68.14 11.45 22.60
C ALA C 16 -67.17 11.80 23.74
N ALA C 17 -67.69 12.04 24.96
CA ALA C 17 -66.91 12.36 26.15
C ALA C 17 -65.94 11.23 26.52
N TYR C 18 -66.38 9.96 26.42
CA TYR C 18 -65.55 8.80 26.72
C TYR C 18 -64.47 8.63 25.66
N ARG C 19 -64.85 8.79 24.38
CA ARG C 19 -63.91 8.67 23.25
C ARG C 19 -62.86 9.77 23.26
N ASN C 20 -63.25 11.02 23.59
CA ASN C 20 -62.36 12.18 23.61
C ASN C 20 -61.49 12.30 24.86
N ARG C 21 -62.08 12.11 26.05
CA ARG C 21 -61.43 12.39 27.32
C ARG C 21 -61.41 11.24 28.33
N GLY C 22 -61.90 10.05 27.96
CA GLY C 22 -61.90 8.87 28.83
C GLY C 22 -60.52 8.50 29.33
N HIS C 23 -59.47 8.76 28.50
CA HIS C 23 -58.05 8.50 28.84
C HIS C 23 -57.59 9.27 30.10
N LEU C 24 -58.21 10.42 30.43
CA LEU C 24 -57.90 11.22 31.64
C LEU C 24 -58.39 10.51 32.92
N MET C 25 -59.25 9.51 32.77
CA MET C 25 -59.84 8.74 33.87
C MET C 25 -59.29 7.31 33.93
N ALA C 26 -58.67 6.83 32.85
CA ALA C 26 -58.17 5.46 32.76
C ALA C 26 -57.17 5.12 33.90
N ASP C 27 -57.24 3.88 34.44
CA ASP C 27 -56.35 3.41 35.48
C ASP C 27 -55.02 2.94 34.84
N ILE C 28 -54.19 3.90 34.44
CA ILE C 28 -52.94 3.68 33.73
C ILE C 28 -51.70 3.68 34.62
N ASP C 29 -51.74 4.34 35.80
CA ASP C 29 -50.56 4.44 36.66
C ASP C 29 -50.50 3.28 37.65
N PRO C 30 -49.48 2.38 37.54
CA PRO C 30 -49.36 1.28 38.52
C PRO C 30 -49.04 1.74 39.95
N LEU C 31 -48.54 2.99 40.14
CA LEU C 31 -48.23 3.55 41.45
C LEU C 31 -49.43 4.29 42.09
N ARG C 32 -50.43 4.70 41.27
CA ARG C 32 -51.63 5.43 41.70
C ARG C 32 -51.24 6.70 42.52
N LEU C 33 -50.29 7.48 41.99
CA LEU C 33 -49.79 8.69 42.66
C LEU C 33 -50.85 9.81 42.73
N ASP C 34 -51.61 10.01 41.66
CA ASP C 34 -52.64 11.03 41.61
C ASP C 34 -53.88 10.53 42.33
N ASN C 35 -54.08 11.06 43.54
CA ASN C 35 -55.19 10.77 44.45
C ASN C 35 -56.48 11.48 44.02
N THR C 36 -56.40 12.42 43.05
CA THR C 36 -57.54 13.21 42.58
C THR C 36 -57.98 12.80 41.15
N ARG C 37 -57.28 11.82 40.55
CA ARG C 37 -57.50 11.33 39.19
C ARG C 37 -58.91 10.75 38.95
N PHE C 38 -59.39 9.89 39.86
CA PHE C 38 -60.69 9.24 39.73
C PHE C 38 -61.78 10.01 40.46
N THR C 52 -78.71 10.26 34.90
CA THR C 52 -80.01 9.65 34.65
C THR C 52 -79.94 8.12 34.92
N LEU C 53 -80.08 7.72 36.21
CA LEU C 53 -80.00 6.33 36.67
C LEU C 53 -81.18 5.47 36.19
N TRP C 54 -82.37 6.07 35.99
CA TRP C 54 -83.57 5.39 35.50
C TRP C 54 -83.51 5.18 33.97
N ASP C 55 -82.49 5.77 33.30
CA ASP C 55 -82.27 5.66 31.85
C ASP C 55 -81.22 4.59 31.50
N LEU C 56 -80.54 4.01 32.52
CA LEU C 56 -79.54 2.95 32.39
C LEU C 56 -80.07 1.70 31.67
N ASP C 57 -81.34 1.36 31.93
CA ASP C 57 -81.99 0.17 31.36
C ASP C 57 -82.80 0.49 30.08
N ARG C 58 -82.76 1.75 29.62
CA ARG C 58 -83.45 2.20 28.41
C ARG C 58 -82.57 1.95 27.18
N GLU C 59 -83.18 1.47 26.10
CA GLU C 59 -82.49 1.19 24.83
C GLU C 59 -82.40 2.46 23.96
N PHE C 60 -81.21 2.72 23.35
CA PHE C 60 -80.95 3.89 22.51
C PHE C 60 -80.45 3.49 21.13
N LYS C 71 -79.12 -0.52 21.54
CA LYS C 71 -78.40 -1.00 22.72
C LYS C 71 -78.79 -0.22 23.99
N LYS C 72 -78.88 -0.93 25.14
CA LYS C 72 -79.20 -0.33 26.45
C LYS C 72 -78.04 0.55 26.92
N LEU C 73 -78.34 1.69 27.57
CA LEU C 73 -77.37 2.64 28.08
C LEU C 73 -76.29 1.98 28.96
N ARG C 74 -76.70 1.05 29.87
CA ARG C 74 -75.78 0.33 30.75
C ARG C 74 -74.76 -0.48 29.91
N ASP C 75 -75.18 -1.02 28.75
CA ASP C 75 -74.33 -1.81 27.85
C ASP C 75 -73.38 -0.89 27.09
N ILE C 76 -73.87 0.29 26.66
CA ILE C 76 -73.06 1.30 25.96
C ILE C 76 -71.96 1.78 26.91
N LEU C 77 -72.34 2.09 28.17
CA LEU C 77 -71.44 2.58 29.22
C LEU C 77 -70.37 1.54 29.59
N SER C 78 -70.73 0.24 29.62
CA SER C 78 -69.80 -0.83 29.97
C SER C 78 -68.77 -1.02 28.86
N VAL C 79 -69.18 -0.89 27.58
CA VAL C 79 -68.30 -1.00 26.41
C VAL C 79 -67.31 0.18 26.44
N LEU C 80 -67.78 1.41 26.74
CA LEU C 80 -66.97 2.63 26.83
C LEU C 80 -65.93 2.56 27.98
N ARG C 81 -66.36 2.13 29.19
CA ARG C 81 -65.52 1.98 30.39
C ARG C 81 -64.41 0.96 30.17
N ASP C 82 -64.75 -0.22 29.59
CA ASP C 82 -63.81 -1.29 29.32
C ASP C 82 -62.79 -0.86 28.28
N ALA C 83 -63.22 -0.09 27.26
CA ALA C 83 -62.37 0.37 26.18
C ALA C 83 -61.51 1.57 26.54
N TYR C 84 -62.09 2.53 27.31
CA TYR C 84 -61.40 3.80 27.55
C TYR C 84 -61.00 4.11 28.99
N CYS C 85 -61.52 3.42 30.00
CA CYS C 85 -61.21 3.78 31.39
C CYS C 85 -60.66 2.61 32.23
N ARG C 86 -60.10 1.57 31.60
CA ARG C 86 -59.52 0.46 32.34
C ARG C 86 -58.00 0.64 32.37
N HIS C 87 -57.21 -0.31 31.86
CA HIS C 87 -55.76 -0.18 31.91
C HIS C 87 -55.16 0.47 30.64
N VAL C 88 -56.02 0.84 29.67
CA VAL C 88 -55.62 1.48 28.41
C VAL C 88 -56.30 2.84 28.25
N GLY C 89 -55.49 3.89 28.10
CA GLY C 89 -55.94 5.24 27.81
C GLY C 89 -55.71 5.46 26.32
N VAL C 90 -56.80 5.67 25.58
CA VAL C 90 -56.75 5.82 24.12
C VAL C 90 -56.96 7.26 23.71
N GLU C 91 -55.98 7.81 22.99
CA GLU C 91 -56.02 9.15 22.41
C GLU C 91 -56.00 9.02 20.91
N TYR C 92 -57.14 9.31 20.24
CA TYR C 92 -57.24 9.18 18.80
C TYR C 92 -58.19 10.18 18.13
N THR C 93 -59.04 10.89 18.90
CA THR C 93 -60.04 11.78 18.28
C THR C 93 -59.42 13.08 17.70
N HIS C 94 -58.10 13.28 17.93
CA HIS C 94 -57.30 14.38 17.39
C HIS C 94 -56.91 14.07 15.94
N ILE C 95 -57.01 12.79 15.52
CA ILE C 95 -56.67 12.32 14.17
C ILE C 95 -57.66 12.92 13.16
N LEU C 96 -57.15 13.60 12.11
CA LEU C 96 -58.00 14.27 11.12
C LEU C 96 -58.65 13.29 10.13
N GLU C 97 -58.05 12.11 9.90
CA GLU C 97 -58.59 11.09 8.97
C GLU C 97 -59.76 10.35 9.64
N PRO C 98 -61.01 10.46 9.13
CA PRO C 98 -62.15 9.78 9.78
C PRO C 98 -62.04 8.27 9.74
N GLU C 99 -61.44 7.71 8.66
CA GLU C 99 -61.23 6.26 8.49
C GLU C 99 -60.26 5.69 9.56
N GLN C 100 -59.31 6.50 10.06
CA GLN C 100 -58.37 6.05 11.09
C GLN C 100 -59.07 6.04 12.45
N GLN C 101 -59.88 7.06 12.73
CA GLN C 101 -60.71 7.17 13.95
C GLN C 101 -61.69 6.01 14.03
N ARG C 102 -62.33 5.68 12.89
CA ARG C 102 -63.28 4.57 12.76
C ARG C 102 -62.58 3.21 12.99
N TRP C 103 -61.40 3.00 12.38
CA TRP C 103 -60.61 1.77 12.52
C TRP C 103 -60.28 1.47 14.01
N ILE C 104 -59.86 2.50 14.77
CA ILE C 104 -59.52 2.38 16.20
C ILE C 104 -60.79 2.08 17.00
N GLN C 105 -61.88 2.87 16.78
CA GLN C 105 -63.20 2.70 17.40
C GLN C 105 -63.66 1.26 17.34
N GLU C 106 -63.74 0.69 16.12
CA GLU C 106 -64.20 -0.67 15.86
C GLU C 106 -63.36 -1.73 16.59
N ARG C 107 -62.04 -1.53 16.71
CA ARG C 107 -61.19 -2.53 17.39
C ARG C 107 -61.17 -2.39 18.90
N VAL C 108 -61.35 -1.17 19.45
CA VAL C 108 -61.33 -0.99 20.92
C VAL C 108 -62.75 -1.13 21.52
N GLU C 109 -63.81 -0.77 20.75
CA GLU C 109 -65.19 -0.80 21.23
C GLU C 109 -65.92 -2.10 20.88
N THR C 110 -65.25 -3.24 21.06
CA THR C 110 -65.80 -4.57 20.85
C THR C 110 -65.35 -5.51 21.95
N LYS C 111 -66.14 -6.56 22.22
CA LYS C 111 -65.82 -7.58 23.20
C LYS C 111 -64.63 -8.38 22.64
N HIS C 112 -63.49 -8.31 23.33
CA HIS C 112 -62.27 -8.97 22.90
C HIS C 112 -62.22 -10.39 23.43
N ASP C 113 -61.72 -11.32 22.61
CA ASP C 113 -61.54 -12.71 23.00
C ASP C 113 -60.40 -12.79 24.00
N LYS C 114 -60.68 -13.35 25.19
CA LYS C 114 -59.69 -13.50 26.26
C LYS C 114 -58.51 -14.33 25.74
N PRO C 115 -57.23 -13.99 26.06
CA PRO C 115 -56.12 -14.82 25.55
C PRO C 115 -56.18 -16.25 26.10
N THR C 116 -55.68 -17.22 25.33
CA THR C 116 -55.65 -18.62 25.75
C THR C 116 -54.63 -18.77 26.89
N VAL C 117 -54.78 -19.84 27.70
CA VAL C 117 -53.87 -20.15 28.82
C VAL C 117 -52.44 -20.26 28.27
N ALA C 118 -52.28 -20.84 27.05
CA ALA C 118 -50.99 -20.97 26.36
C ALA C 118 -50.34 -19.60 26.12
N GLU C 119 -51.13 -18.61 25.64
CA GLU C 119 -50.66 -17.22 25.38
C GLU C 119 -50.33 -16.51 26.69
N GLN C 120 -51.18 -16.71 27.73
CA GLN C 120 -51.00 -16.15 29.07
C GLN C 120 -49.72 -16.69 29.72
N LYS C 121 -49.48 -18.01 29.62
CA LYS C 121 -48.28 -18.69 30.12
C LYS C 121 -47.05 -18.20 29.35
N TYR C 122 -47.21 -17.93 28.04
CA TYR C 122 -46.13 -17.42 27.22
C TYR C 122 -45.76 -16.00 27.66
N ILE C 123 -46.77 -15.15 27.95
CA ILE C 123 -46.53 -13.79 28.43
C ILE C 123 -45.78 -13.86 29.78
N LEU C 124 -46.24 -14.74 30.69
CA LEU C 124 -45.65 -14.98 32.01
C LEU C 124 -44.17 -15.44 31.87
N SER C 125 -43.87 -16.35 30.92
CA SER C 125 -42.50 -16.83 30.65
C SER C 125 -41.56 -15.69 30.15
N LYS C 126 -42.11 -14.66 29.48
CA LYS C 126 -41.33 -13.50 29.00
C LYS C 126 -40.92 -12.60 30.17
N LEU C 127 -41.90 -12.27 31.05
CA LEU C 127 -41.72 -11.49 32.29
C LEU C 127 -40.80 -12.21 33.27
N ASN C 128 -40.87 -13.58 33.29
CA ASN C 128 -40.01 -14.47 34.07
C ASN C 128 -38.57 -14.32 33.63
N ALA C 129 -38.34 -14.31 32.27
CA ALA C 129 -37.03 -14.14 31.65
C ALA C 129 -36.52 -12.76 31.90
N ALA C 130 -37.40 -11.76 31.72
CA ALA C 130 -37.11 -10.34 31.93
C ALA C 130 -36.66 -10.09 33.38
N GLU C 131 -37.45 -10.54 34.36
CA GLU C 131 -37.14 -10.33 35.75
C GLU C 131 -35.96 -11.17 36.23
N ALA C 132 -35.72 -12.35 35.63
CA ALA C 132 -34.58 -13.18 36.04
C ALA C 132 -33.26 -12.55 35.56
N PHE C 133 -33.26 -11.95 34.36
CA PHE C 133 -32.10 -11.24 33.82
C PHE C 133 -31.76 -10.00 34.72
N GLU C 134 -32.79 -9.21 35.09
CA GLU C 134 -32.62 -8.06 35.99
C GLU C 134 -32.04 -8.48 37.34
N THR C 135 -32.54 -9.58 37.95
CA THR C 135 -32.05 -10.01 39.27
C THR C 135 -30.59 -10.51 39.15
N PHE C 136 -30.26 -11.26 38.10
CA PHE C 136 -28.89 -11.70 37.83
C PHE C 136 -27.94 -10.48 37.61
N LEU C 137 -28.31 -9.51 36.73
CA LEU C 137 -27.48 -8.30 36.47
C LEU C 137 -27.11 -7.54 37.77
N GLN C 138 -28.09 -7.34 38.66
CA GLN C 138 -27.90 -6.63 39.91
C GLN C 138 -27.15 -7.46 40.93
N THR C 139 -27.19 -8.78 40.81
CA THR C 139 -26.48 -9.63 41.76
C THR C 139 -25.04 -9.81 41.28
N LYS C 140 -24.84 -10.51 40.13
CA LYS C 140 -23.55 -10.86 39.52
C LYS C 140 -22.59 -9.68 39.39
N TYR C 141 -23.06 -8.50 38.98
CA TYR C 141 -22.13 -7.38 38.78
C TYR C 141 -22.47 -6.13 39.61
N VAL C 142 -21.43 -5.31 39.84
CA VAL C 142 -21.46 -4.04 40.57
C VAL C 142 -21.55 -2.88 39.54
N GLY C 143 -22.12 -1.75 39.97
CA GLY C 143 -22.29 -0.58 39.11
C GLY C 143 -23.21 -0.78 37.93
N GLN C 144 -24.22 -1.67 38.06
CA GLN C 144 -25.19 -2.00 36.99
C GLN C 144 -26.60 -1.37 37.25
N LYS C 145 -26.80 -0.66 38.40
CA LYS C 145 -28.09 -0.04 38.80
C LYS C 145 -28.67 0.89 37.72
N ARG C 146 -27.81 1.69 37.02
CA ARG C 146 -28.26 2.62 35.95
C ARG C 146 -28.88 1.89 34.74
N PHE C 147 -28.63 0.59 34.63
CA PHE C 147 -29.11 -0.15 33.48
C PHE C 147 -30.36 -0.95 33.81
N SER C 148 -30.77 -0.95 35.11
CA SER C 148 -31.91 -1.67 35.61
C SER C 148 -33.23 -1.32 34.91
N LEU C 149 -33.93 -2.38 34.50
CA LEU C 149 -35.25 -2.38 33.90
C LEU C 149 -36.31 -2.74 34.96
N GLU C 150 -35.92 -2.88 36.21
CA GLU C 150 -36.79 -3.24 37.33
C GLU C 150 -37.90 -2.17 37.60
N GLY C 151 -39.15 -2.61 37.49
CA GLY C 151 -40.36 -1.80 37.59
C GLY C 151 -40.94 -1.60 36.19
N ALA C 152 -40.23 -2.06 35.14
CA ALA C 152 -40.60 -1.82 33.75
C ALA C 152 -40.39 -3.04 32.85
N GLU C 153 -40.34 -4.28 33.41
CA GLU C 153 -40.09 -5.57 32.73
C GLU C 153 -41.18 -5.98 31.73
N THR C 154 -42.34 -5.33 31.80
CA THR C 154 -43.44 -5.60 30.89
C THR C 154 -43.07 -5.12 29.46
N VAL C 155 -42.04 -4.26 29.31
CA VAL C 155 -41.59 -3.81 27.99
C VAL C 155 -41.05 -5.02 27.18
N ILE C 156 -40.55 -6.10 27.86
CA ILE C 156 -40.03 -7.30 27.18
C ILE C 156 -41.23 -8.06 26.53
N PRO C 157 -42.32 -8.53 27.20
CA PRO C 157 -43.41 -9.18 26.43
C PRO C 157 -44.11 -8.22 25.47
N MET C 158 -44.07 -6.89 25.74
CA MET C 158 -44.64 -5.89 24.83
C MET C 158 -43.84 -5.84 23.52
N MET C 159 -42.49 -5.80 23.60
CA MET C 159 -41.62 -5.78 22.41
C MET C 159 -41.74 -7.09 21.66
N ASP C 160 -41.88 -8.21 22.40
CA ASP C 160 -42.05 -9.55 21.83
C ASP C 160 -43.34 -9.62 21.02
N ALA C 161 -44.41 -8.95 21.52
CA ALA C 161 -45.71 -8.91 20.85
C ALA C 161 -45.62 -8.08 19.58
N VAL C 162 -44.84 -6.98 19.59
CA VAL C 162 -44.62 -6.13 18.40
C VAL C 162 -44.00 -6.98 17.28
N ILE C 163 -42.88 -7.66 17.61
CA ILE C 163 -42.08 -8.45 16.67
C ILE C 163 -42.88 -9.65 16.16
N ASP C 164 -43.63 -10.32 17.06
CA ASP C 164 -44.47 -11.45 16.70
C ASP C 164 -45.59 -11.03 15.76
N GLN C 165 -46.18 -9.83 16.00
CA GLN C 165 -47.24 -9.31 15.13
C GLN C 165 -46.69 -8.91 13.79
N CYS C 166 -45.44 -8.41 13.73
CA CYS C 166 -44.80 -8.06 12.45
C CYS C 166 -44.51 -9.35 11.66
N ALA C 167 -44.14 -10.45 12.36
CA ALA C 167 -43.90 -11.77 11.73
C ALA C 167 -45.23 -12.33 11.18
N GLU C 168 -46.34 -12.12 11.92
CA GLU C 168 -47.69 -12.54 11.54
C GLU C 168 -48.12 -11.83 10.23
N HIS C 169 -47.66 -10.57 10.04
CA HIS C 169 -47.91 -9.78 8.83
C HIS C 169 -46.96 -10.18 7.68
N GLY C 170 -46.06 -11.13 7.94
CA GLY C 170 -45.10 -11.64 6.96
C GLY C 170 -44.03 -10.64 6.59
N LEU C 171 -43.68 -9.74 7.52
CA LEU C 171 -42.67 -8.71 7.30
C LEU C 171 -41.24 -9.28 7.44
N ASP C 172 -40.25 -8.54 6.90
CA ASP C 172 -38.87 -9.01 6.79
C ASP C 172 -37.96 -8.69 7.98
N GLU C 173 -38.09 -7.51 8.58
CA GLU C 173 -37.19 -7.13 9.67
C GLU C 173 -37.79 -6.05 10.57
N VAL C 174 -37.41 -6.10 11.84
CA VAL C 174 -37.73 -5.11 12.85
C VAL C 174 -36.38 -4.56 13.30
N VAL C 175 -36.17 -3.28 13.15
CA VAL C 175 -34.93 -2.63 13.55
C VAL C 175 -35.25 -1.79 14.77
N ILE C 176 -34.52 -2.02 15.86
CA ILE C 176 -34.72 -1.32 17.14
C ILE C 176 -33.64 -0.27 17.39
N ALA C 177 -34.07 0.85 17.96
CA ALA C 177 -33.25 1.91 18.53
C ALA C 177 -33.81 2.16 19.93
N MET C 178 -32.93 2.26 20.89
CA MET C 178 -33.32 2.46 22.28
C MET C 178 -32.21 3.12 23.11
N PRO C 179 -32.53 3.72 24.28
CA PRO C 179 -31.45 4.18 25.19
C PRO C 179 -30.81 2.96 25.91
N HIS C 180 -29.97 3.20 26.92
CA HIS C 180 -29.23 2.12 27.62
C HIS C 180 -30.07 1.25 28.60
N ARG C 181 -31.20 1.76 29.13
CA ARG C 181 -32.04 1.05 30.12
C ARG C 181 -32.68 -0.26 29.53
N GLY C 182 -32.35 -1.40 30.14
CA GLY C 182 -32.82 -2.73 29.73
C GLY C 182 -32.25 -3.28 28.43
N ARG C 183 -31.17 -2.66 27.89
CA ARG C 183 -30.57 -2.99 26.61
C ARG C 183 -30.07 -4.42 26.52
N LEU C 184 -29.35 -4.90 27.54
CA LEU C 184 -28.81 -6.27 27.52
C LEU C 184 -29.94 -7.28 27.70
N ASN C 185 -31.03 -6.89 28.38
CA ASN C 185 -32.20 -7.73 28.56
C ASN C 185 -32.89 -7.92 27.21
N VAL C 186 -32.92 -6.82 26.39
CA VAL C 186 -33.47 -6.80 25.03
C VAL C 186 -32.56 -7.72 24.19
N LEU C 187 -31.23 -7.60 24.35
CA LEU C 187 -30.29 -8.45 23.62
C LEU C 187 -30.54 -9.94 23.84
N ALA C 188 -30.88 -10.35 25.08
CA ALA C 188 -31.10 -11.77 25.35
C ALA C 188 -32.54 -12.22 25.10
N ASN C 189 -33.53 -11.38 25.46
CA ASN C 189 -34.93 -11.77 25.43
C ASN C 189 -35.76 -11.25 24.27
N ILE C 190 -35.15 -10.52 23.32
CA ILE C 190 -35.84 -10.01 22.15
C ILE C 190 -34.99 -10.32 20.89
N VAL C 191 -33.72 -9.85 20.85
CA VAL C 191 -32.81 -10.06 19.71
C VAL C 191 -32.43 -11.56 19.68
N GLY C 192 -32.31 -12.16 20.86
CA GLY C 192 -32.00 -13.57 21.03
C GLY C 192 -30.52 -13.88 21.06
N LYS C 193 -29.69 -12.89 21.47
CA LYS C 193 -28.25 -13.07 21.60
C LYS C 193 -27.97 -14.00 22.78
N PRO C 194 -27.10 -15.06 22.62
CA PRO C 194 -26.84 -15.97 23.75
C PRO C 194 -26.02 -15.29 24.84
N TYR C 195 -26.20 -15.75 26.09
CA TYR C 195 -25.55 -15.20 27.28
C TYR C 195 -24.02 -15.20 27.14
N SER C 196 -23.44 -16.13 26.36
CA SER C 196 -21.99 -16.23 26.15
C SER C 196 -21.41 -15.01 25.40
N GLN C 197 -22.14 -14.51 24.37
CA GLN C 197 -21.73 -13.36 23.56
C GLN C 197 -22.00 -12.05 24.27
N ILE C 198 -23.15 -11.94 24.96
CA ILE C 198 -23.53 -10.75 25.70
C ILE C 198 -22.49 -10.46 26.80
N PHE C 199 -22.21 -11.46 27.68
CA PHE C 199 -21.33 -11.29 28.82
C PHE C 199 -19.84 -11.77 28.55
N SER C 200 -19.40 -11.73 27.29
CA SER C 200 -18.04 -12.06 26.88
C SER C 200 -17.14 -10.85 27.17
N GLU C 201 -16.25 -10.98 28.19
CA GLU C 201 -15.27 -9.96 28.61
C GLU C 201 -15.92 -8.59 28.86
N ASP C 216 -19.86 1.79 29.41
CA ASP C 216 -19.73 0.42 28.93
C ASP C 216 -20.14 0.37 27.45
N VAL C 217 -19.23 -0.12 26.60
CA VAL C 217 -19.39 -0.18 25.14
C VAL C 217 -20.54 -1.12 24.69
N LYS C 218 -20.83 -2.22 25.45
CA LYS C 218 -21.88 -3.20 25.09
C LYS C 218 -23.31 -2.59 25.14
N TYR C 219 -23.46 -1.47 25.86
CA TYR C 219 -24.70 -0.72 26.03
C TYR C 219 -24.90 0.27 24.91
N HIS C 220 -24.03 0.21 23.89
CA HIS C 220 -24.06 1.14 22.78
C HIS C 220 -23.79 0.43 21.44
N LEU C 221 -23.46 -0.88 21.42
CA LEU C 221 -23.14 -1.62 20.19
C LEU C 221 -24.39 -2.12 19.42
N GLY C 222 -24.20 -2.30 18.11
CA GLY C 222 -25.23 -2.85 17.24
C GLY C 222 -25.28 -4.36 17.33
N ALA C 223 -26.45 -4.97 16.99
CA ALA C 223 -26.61 -6.44 17.04
C ALA C 223 -27.67 -6.91 16.05
N THR C 224 -27.61 -8.20 15.69
CA THR C 224 -28.58 -8.80 14.77
C THR C 224 -28.94 -10.23 15.21
N GLY C 225 -30.17 -10.62 14.93
CA GLY C 225 -30.68 -11.95 15.26
C GLY C 225 -31.92 -12.34 14.49
N THR C 226 -32.45 -13.53 14.77
CA THR C 226 -33.64 -14.04 14.10
C THR C 226 -34.68 -14.39 15.15
N TYR C 227 -35.88 -13.81 14.99
CA TYR C 227 -36.99 -14.10 15.87
C TYR C 227 -37.83 -15.21 15.23
N ILE C 228 -38.09 -16.29 15.98
CA ILE C 228 -38.89 -17.41 15.52
C ILE C 228 -40.21 -17.39 16.31
N GLN C 229 -41.35 -17.35 15.58
CA GLN C 229 -42.68 -17.32 16.20
C GLN C 229 -42.89 -18.55 17.09
N MET C 230 -43.46 -18.32 18.27
CA MET C 230 -43.76 -19.37 19.25
C MET C 230 -44.98 -20.18 18.78
N PHE C 231 -46.09 -19.49 18.43
CA PHE C 231 -47.36 -20.11 18.04
C PHE C 231 -47.66 -19.99 16.53
N GLY C 232 -46.70 -19.47 15.77
CA GLY C 232 -46.82 -19.30 14.33
C GLY C 232 -45.71 -19.99 13.58
N ASP C 233 -45.79 -19.98 12.24
CA ASP C 233 -44.81 -20.63 11.38
C ASP C 233 -43.88 -19.63 10.68
N ASN C 234 -43.97 -18.34 11.04
CA ASN C 234 -43.11 -17.31 10.43
C ASN C 234 -41.89 -16.98 11.29
N ASP C 235 -40.90 -16.39 10.66
CA ASP C 235 -39.71 -15.88 11.31
C ASP C 235 -39.47 -14.47 10.77
N ILE C 236 -38.70 -13.68 11.50
CA ILE C 236 -38.40 -12.28 11.13
C ILE C 236 -37.02 -11.92 11.68
N GLU C 237 -36.27 -11.11 10.93
CA GLU C 237 -34.96 -10.64 11.37
C GLU C 237 -35.17 -9.53 12.41
N VAL C 238 -34.34 -9.52 13.46
CA VAL C 238 -34.42 -8.50 14.51
C VAL C 238 -33.02 -7.94 14.70
N SER C 239 -32.89 -6.62 14.55
CA SER C 239 -31.61 -5.94 14.75
C SER C 239 -31.75 -4.75 15.68
N LEU C 240 -30.64 -4.35 16.29
CA LEU C 240 -30.50 -3.28 17.26
C LEU C 240 -29.38 -2.37 16.78
N THR C 241 -29.66 -1.09 16.62
CA THR C 241 -28.62 -0.21 16.10
C THR C 241 -27.76 0.37 17.24
N ALA C 242 -26.54 0.82 16.90
CA ALA C 242 -25.63 1.43 17.89
C ALA C 242 -26.12 2.82 18.21
N ASN C 243 -25.75 3.37 19.39
CA ASN C 243 -26.14 4.75 19.77
C ASN C 243 -25.21 5.36 20.81
N PRO C 244 -25.05 6.70 20.85
CA PRO C 244 -24.27 7.32 21.93
C PRO C 244 -25.10 7.43 23.21
N SER C 245 -24.59 8.13 24.26
CA SER C 245 -25.41 8.32 25.45
C SER C 245 -26.46 9.43 25.22
N HIS C 246 -26.22 10.32 24.23
CA HIS C 246 -27.12 11.43 23.86
C HIS C 246 -28.48 10.89 23.51
N LEU C 247 -29.42 11.02 24.47
CA LEU C 247 -30.75 10.45 24.36
C LEU C 247 -31.52 11.04 23.18
N GLU C 248 -32.18 10.16 22.43
CA GLU C 248 -33.00 10.47 21.26
C GLU C 248 -32.18 10.85 20.01
N ALA C 249 -30.85 11.06 20.11
CA ALA C 249 -30.00 11.39 18.93
C ALA C 249 -30.10 10.34 17.81
N VAL C 250 -30.25 9.05 18.17
CA VAL C 250 -30.31 7.89 17.25
C VAL C 250 -31.64 7.83 16.46
N ASP C 251 -32.67 8.53 16.96
CA ASP C 251 -34.01 8.47 16.37
C ASP C 251 -34.01 8.69 14.84
N PRO C 252 -33.44 9.78 14.29
CA PRO C 252 -33.44 9.91 12.83
C PRO C 252 -32.51 8.90 12.18
N VAL C 253 -31.44 8.46 12.88
CA VAL C 253 -30.48 7.47 12.36
C VAL C 253 -31.25 6.16 12.05
N LEU C 254 -32.10 5.70 13.01
CA LEU C 254 -32.95 4.53 12.85
C LEU C 254 -33.78 4.66 11.59
N GLU C 255 -34.49 5.77 11.42
CA GLU C 255 -35.35 6.00 10.25
C GLU C 255 -34.56 5.90 8.94
N GLY C 256 -33.39 6.56 8.86
CA GLY C 256 -32.55 6.48 7.67
C GLY C 256 -32.08 5.05 7.40
N LEU C 257 -31.69 4.35 8.47
CA LEU C 257 -31.20 2.98 8.40
C LEU C 257 -32.29 2.11 7.82
N VAL C 258 -33.52 2.20 8.37
CA VAL C 258 -34.68 1.42 7.95
C VAL C 258 -35.04 1.74 6.49
N ARG C 259 -35.02 3.02 6.12
CA ARG C 259 -35.36 3.45 4.76
C ARG C 259 -34.39 2.84 3.75
N ALA C 260 -33.10 2.78 4.09
CA ALA C 260 -32.07 2.19 3.22
C ALA C 260 -32.33 0.71 3.01
N LYS C 261 -32.76 0.00 4.07
CA LYS C 261 -33.09 -1.43 4.01
C LYS C 261 -34.37 -1.63 3.19
N GLN C 262 -35.38 -0.73 3.33
CA GLN C 262 -36.62 -0.79 2.56
C GLN C 262 -36.34 -0.59 1.07
N ASP C 263 -35.49 0.40 0.72
CA ASP C 263 -35.14 0.66 -0.68
C ASP C 263 -34.44 -0.57 -1.30
N LEU C 264 -33.55 -1.24 -0.53
CA LEU C 264 -32.84 -2.45 -0.96
C LEU C 264 -33.78 -3.64 -1.19
N LEU C 265 -34.84 -3.76 -0.36
CA LEU C 265 -35.81 -4.84 -0.44
C LEU C 265 -36.92 -4.53 -1.42
N ASP C 266 -36.88 -3.33 -2.04
CA ASP C 266 -37.85 -2.84 -3.03
C ASP C 266 -39.25 -2.81 -2.37
N THR C 267 -39.31 -2.34 -1.10
CA THR C 267 -40.55 -2.24 -0.33
C THR C 267 -40.78 -0.78 0.08
N GLY C 268 -42.02 -0.34 -0.02
CA GLY C 268 -42.37 1.03 0.33
C GLY C 268 -42.28 2.03 -0.80
N GLU C 269 -41.97 3.30 -0.44
CA GLU C 269 -41.90 4.51 -1.27
C GLU C 269 -41.03 4.35 -2.54
N GLU C 270 -39.85 3.72 -2.44
CA GLU C 270 -38.99 3.52 -3.63
C GLU C 270 -38.99 2.04 -4.06
N GLY C 271 -40.08 1.34 -3.78
CA GLY C 271 -40.26 -0.06 -4.16
C GLY C 271 -41.47 -0.29 -5.06
N SER C 272 -41.74 -1.57 -5.38
CA SER C 272 -42.91 -1.93 -6.21
C SER C 272 -44.12 -2.20 -5.31
N ASP C 273 -43.89 -2.72 -4.08
CA ASP C 273 -44.94 -3.00 -3.10
C ASP C 273 -45.03 -1.89 -2.06
N ASN C 274 -46.19 -1.76 -1.40
CA ASN C 274 -46.40 -0.76 -0.35
C ASN C 274 -46.46 -1.46 1.02
N ARG C 275 -45.67 -2.54 1.22
CA ARG C 275 -45.66 -3.25 2.49
C ARG C 275 -44.78 -2.57 3.55
N PHE C 276 -43.68 -1.85 3.15
CA PHE C 276 -42.71 -1.21 4.08
C PHE C 276 -42.30 -2.29 5.09
N SER C 277 -41.85 -3.42 4.55
CA SER C 277 -41.58 -4.68 5.24
C SER C 277 -40.39 -4.65 6.23
N VAL C 278 -39.80 -3.46 6.47
CA VAL C 278 -38.77 -3.22 7.50
C VAL C 278 -39.40 -2.22 8.47
N VAL C 279 -39.58 -2.63 9.74
CA VAL C 279 -40.28 -1.84 10.74
C VAL C 279 -39.35 -1.16 11.75
N PRO C 280 -39.35 0.19 11.86
CA PRO C 280 -38.61 0.84 12.96
C PRO C 280 -39.37 0.67 14.29
N LEU C 281 -38.69 0.14 15.30
CA LEU C 281 -39.24 0.01 16.65
C LEU C 281 -38.37 0.91 17.51
N MET C 282 -38.92 2.02 17.98
CA MET C 282 -38.11 3.02 18.67
C MET C 282 -38.50 3.14 20.17
N LEU C 283 -37.53 2.89 21.06
CA LEU C 283 -37.76 3.02 22.50
C LEU C 283 -37.27 4.37 23.00
N HIS C 284 -37.93 4.85 24.03
CA HIS C 284 -37.69 6.17 24.62
C HIS C 284 -37.90 6.16 26.11
N GLY C 285 -37.34 7.16 26.77
CA GLY C 285 -37.56 7.49 28.17
C GLY C 285 -38.55 8.64 28.20
N ASP C 286 -39.33 8.76 29.26
CA ASP C 286 -40.36 9.81 29.34
C ASP C 286 -39.77 11.23 29.35
N ALA C 287 -38.64 11.47 30.08
CA ALA C 287 -38.15 12.86 30.15
C ALA C 287 -37.55 13.29 28.81
N ALA C 288 -36.77 12.38 28.18
CA ALA C 288 -36.10 12.61 26.89
C ALA C 288 -37.09 12.80 25.72
N PHE C 289 -38.15 12.00 25.67
CA PHE C 289 -39.15 12.05 24.61
C PHE C 289 -39.81 13.45 24.57
N ALA C 290 -40.06 14.06 25.74
CA ALA C 290 -40.70 15.38 25.79
C ALA C 290 -39.70 16.56 25.61
N GLY C 291 -38.45 16.38 26.01
CA GLY C 291 -37.49 17.47 26.02
C GLY C 291 -36.59 17.65 24.83
N GLN C 292 -36.30 16.58 24.08
CA GLN C 292 -35.35 16.62 22.96
C GLN C 292 -36.05 17.00 21.67
N GLY C 293 -35.58 18.09 21.05
CA GLY C 293 -36.13 18.63 19.80
C GLY C 293 -36.06 17.68 18.64
N VAL C 294 -35.08 16.77 18.63
CA VAL C 294 -34.87 15.79 17.56
C VAL C 294 -36.09 14.84 17.42
N VAL C 295 -36.85 14.64 18.49
CA VAL C 295 -38.06 13.82 18.50
C VAL C 295 -39.06 14.43 17.51
N ALA C 296 -39.38 15.73 17.65
CA ALA C 296 -40.29 16.47 16.76
C ALA C 296 -39.78 16.47 15.31
N GLU C 297 -38.47 16.75 15.12
CA GLU C 297 -37.82 16.74 13.80
C GLU C 297 -37.96 15.39 13.11
N THR C 298 -37.85 14.30 13.88
CA THR C 298 -37.90 12.91 13.37
C THR C 298 -39.36 12.52 13.05
N LEU C 299 -40.30 12.91 13.91
CA LEU C 299 -41.76 12.73 13.69
C LEU C 299 -42.19 13.45 12.43
N ASN C 300 -41.65 14.67 12.20
CA ASN C 300 -41.94 15.48 11.02
C ASN C 300 -41.55 14.79 9.69
N LEU C 301 -40.63 13.80 9.76
CA LEU C 301 -40.18 13.05 8.58
C LEU C 301 -41.10 11.90 8.19
N ALA C 302 -41.99 11.46 9.11
CA ALA C 302 -42.78 10.24 9.04
C ALA C 302 -43.61 10.04 7.77
N LEU C 303 -44.10 11.11 7.13
CA LEU C 303 -44.94 10.95 5.94
C LEU C 303 -44.34 11.59 4.70
N LEU C 304 -43.08 12.08 4.79
CA LEU C 304 -42.41 12.72 3.66
C LEU C 304 -41.99 11.66 2.66
N ARG C 305 -42.10 11.98 1.36
CA ARG C 305 -41.72 11.03 0.30
C ARG C 305 -40.23 10.65 0.39
N GLY C 306 -39.38 11.59 0.79
CA GLY C 306 -37.96 11.31 0.88
C GLY C 306 -37.51 10.57 2.12
N TYR C 307 -38.37 10.50 3.15
CA TYR C 307 -37.97 9.98 4.44
C TYR C 307 -38.90 8.96 5.10
N ARG C 308 -40.18 8.81 4.62
CA ARG C 308 -41.13 7.87 5.27
C ARG C 308 -40.61 6.42 5.32
N THR C 309 -40.96 5.72 6.40
CA THR C 309 -40.56 4.32 6.60
C THR C 309 -41.83 3.46 6.79
N GLY C 310 -42.98 4.04 6.50
CA GLY C 310 -44.27 3.36 6.59
C GLY C 310 -44.83 3.28 7.99
N GLY C 311 -44.31 4.15 8.87
CA GLY C 311 -44.72 4.24 10.26
C GLY C 311 -43.77 3.54 11.20
N THR C 312 -43.46 4.21 12.31
CA THR C 312 -42.60 3.73 13.39
C THR C 312 -43.46 3.31 14.57
N ILE C 313 -43.09 2.19 15.21
CA ILE C 313 -43.73 1.80 16.46
C ILE C 313 -42.89 2.43 17.59
N HIS C 314 -43.48 3.39 18.32
CA HIS C 314 -42.79 4.05 19.44
C HIS C 314 -43.22 3.45 20.76
N ILE C 315 -42.24 3.12 21.62
CA ILE C 315 -42.52 2.63 22.98
C ILE C 315 -41.81 3.55 23.95
N VAL C 316 -42.58 4.28 24.77
CA VAL C 316 -41.99 5.12 25.81
C VAL C 316 -42.01 4.33 27.11
N VAL C 317 -40.83 4.14 27.73
CA VAL C 317 -40.73 3.49 29.03
C VAL C 317 -40.93 4.62 30.03
N ASN C 318 -42.21 4.93 30.29
CA ASN C 318 -42.60 6.05 31.11
C ASN C 318 -42.60 5.65 32.59
N ASN C 319 -41.42 5.77 33.23
CA ASN C 319 -41.25 5.42 34.63
C ASN C 319 -41.49 6.64 35.54
N GLN C 320 -42.12 7.69 34.96
CA GLN C 320 -42.63 8.93 35.59
C GLN C 320 -41.56 9.67 36.36
N ILE C 321 -40.33 9.64 35.84
CA ILE C 321 -39.15 10.29 36.45
C ILE C 321 -38.03 10.38 35.42
N GLY C 322 -37.20 11.41 35.60
CA GLY C 322 -36.02 11.67 34.78
C GLY C 322 -34.87 11.99 35.72
N PHE C 323 -34.14 10.93 36.15
CA PHE C 323 -33.05 10.97 37.13
C PHE C 323 -33.68 11.43 38.49
N THR C 324 -33.60 12.70 38.88
CA THR C 324 -34.24 13.15 40.13
C THR C 324 -35.50 14.01 39.83
N THR C 325 -35.68 14.37 38.52
CA THR C 325 -36.65 15.34 38.06
C THR C 325 -38.04 14.77 37.87
N ALA C 326 -39.03 15.47 38.48
CA ALA C 326 -40.44 15.11 38.38
C ALA C 326 -40.99 15.50 37.01
N PRO C 327 -42.01 14.78 36.46
CA PRO C 327 -42.61 15.16 35.17
C PRO C 327 -43.07 16.63 35.07
N THR C 328 -43.50 17.25 36.19
CA THR C 328 -43.95 18.65 36.17
C THR C 328 -42.79 19.64 35.88
N ASP C 329 -41.53 19.22 36.07
CA ASP C 329 -40.37 20.05 35.70
C ASP C 329 -39.82 19.65 34.30
N SER C 330 -40.30 18.53 33.74
CA SER C 330 -39.81 17.97 32.47
C SER C 330 -40.67 18.30 31.23
N ARG C 331 -41.98 18.61 31.41
CA ARG C 331 -42.87 18.90 30.29
C ARG C 331 -44.01 19.84 30.71
N SER C 332 -44.58 20.53 29.70
CA SER C 332 -45.68 21.50 29.84
C SER C 332 -47.01 20.89 29.36
N SER C 333 -47.08 19.56 29.24
CA SER C 333 -48.27 18.87 28.75
C SER C 333 -48.64 17.71 29.65
N GLU C 334 -49.89 17.24 29.52
CA GLU C 334 -50.46 16.13 30.28
C GLU C 334 -49.62 14.85 30.14
N TYR C 335 -49.21 14.50 28.89
CA TYR C 335 -48.44 13.29 28.62
C TYR C 335 -47.09 13.57 28.01
N CYS C 336 -46.08 12.72 28.29
CA CYS C 336 -44.73 12.82 27.71
C CYS C 336 -44.77 12.61 26.20
N THR C 337 -45.82 11.96 25.70
CA THR C 337 -46.04 11.60 24.30
C THR C 337 -46.86 12.64 23.48
N ASP C 338 -47.24 13.77 24.09
CA ASP C 338 -48.08 14.78 23.45
C ASP C 338 -47.47 15.39 22.13
N VAL C 339 -46.16 15.37 21.99
CA VAL C 339 -45.46 15.80 20.77
C VAL C 339 -45.94 14.96 19.53
N ALA C 340 -46.30 13.65 19.72
CA ALA C 340 -46.75 12.77 18.63
C ALA C 340 -48.09 13.21 18.00
N LYS C 341 -48.85 14.09 18.68
CA LYS C 341 -50.09 14.66 18.15
C LYS C 341 -49.77 15.58 16.95
N MET C 342 -48.52 16.05 16.86
CA MET C 342 -47.97 16.86 15.77
C MET C 342 -48.26 16.21 14.40
N ILE C 343 -48.27 14.85 14.32
CA ILE C 343 -48.48 14.17 13.04
C ILE C 343 -49.76 13.31 13.08
N GLY C 344 -50.61 13.58 14.08
CA GLY C 344 -51.86 12.86 14.25
C GLY C 344 -51.71 11.38 14.49
N ALA C 345 -50.66 10.99 15.23
CA ALA C 345 -50.40 9.60 15.58
C ALA C 345 -51.34 9.14 16.69
N PRO C 346 -51.94 7.94 16.63
CA PRO C 346 -52.73 7.46 17.79
C PRO C 346 -51.78 7.17 18.97
N ILE C 347 -52.23 7.45 20.19
CA ILE C 347 -51.41 7.24 21.40
C ILE C 347 -52.16 6.33 22.35
N PHE C 348 -51.47 5.31 22.84
CA PHE C 348 -52.03 4.37 23.80
C PHE C 348 -51.22 4.43 25.08
N HIS C 349 -51.86 4.88 26.16
CA HIS C 349 -51.25 4.94 27.49
C HIS C 349 -51.64 3.64 28.16
N VAL C 350 -50.64 2.83 28.56
CA VAL C 350 -50.94 1.52 29.12
C VAL C 350 -50.36 1.35 30.51
N ASN C 351 -51.05 0.56 31.32
CA ASN C 351 -50.62 0.19 32.64
C ASN C 351 -49.58 -0.94 32.51
N GLY C 352 -48.32 -0.64 32.86
CA GLY C 352 -47.20 -1.57 32.77
C GLY C 352 -47.29 -2.74 33.75
N ASP C 353 -48.25 -2.71 34.70
CA ASP C 353 -48.45 -3.83 35.62
C ASP C 353 -49.43 -4.83 35.02
N ASP C 354 -50.00 -4.51 33.82
CA ASP C 354 -50.94 -5.39 33.11
C ASP C 354 -50.28 -5.81 31.80
N PRO C 355 -49.53 -6.92 31.80
CA PRO C 355 -48.82 -7.33 30.57
C PRO C 355 -49.73 -7.80 29.42
N GLU C 356 -50.96 -8.26 29.72
CA GLU C 356 -51.93 -8.65 28.70
C GLU C 356 -52.39 -7.44 27.91
N ALA C 357 -52.74 -6.34 28.60
CA ALA C 357 -53.16 -5.08 27.96
C ALA C 357 -51.99 -4.49 27.15
N CYS C 358 -50.76 -4.63 27.67
CA CYS C 358 -49.53 -4.16 27.03
C CYS C 358 -49.27 -4.94 25.73
N ALA C 359 -49.41 -6.29 25.76
CA ALA C 359 -49.24 -7.15 24.59
C ALA C 359 -50.33 -6.88 23.54
N TRP C 360 -51.60 -6.70 23.97
CA TRP C 360 -52.74 -6.44 23.09
C TRP C 360 -52.55 -5.11 22.34
N VAL C 361 -52.15 -4.05 23.07
CA VAL C 361 -51.89 -2.71 22.52
C VAL C 361 -50.72 -2.75 21.51
N ALA C 362 -49.66 -3.54 21.79
CA ALA C 362 -48.50 -3.70 20.90
C ALA C 362 -48.93 -4.28 19.54
N ARG C 363 -49.83 -5.29 19.56
CA ARG C 363 -50.37 -5.96 18.37
C ARG C 363 -51.32 -5.02 17.61
N LEU C 364 -52.14 -4.23 18.34
CA LEU C 364 -53.03 -3.24 17.73
C LEU C 364 -52.22 -2.15 17.02
N ALA C 365 -51.10 -1.72 17.64
CA ALA C 365 -50.18 -0.72 17.12
C ALA C 365 -49.57 -1.18 15.79
N VAL C 366 -49.13 -2.46 15.71
CA VAL C 366 -48.57 -3.03 14.47
C VAL C 366 -49.66 -3.04 13.38
N ASP C 367 -50.89 -3.47 13.72
CA ASP C 367 -52.02 -3.53 12.76
C ASP C 367 -52.36 -2.14 12.21
N PHE C 368 -52.35 -1.08 13.07
CA PHE C 368 -52.62 0.30 12.64
C PHE C 368 -51.53 0.78 11.68
N ARG C 369 -50.26 0.47 12.03
CA ARG C 369 -49.10 0.84 11.23
C ARG C 369 -49.22 0.17 9.85
N GLN C 370 -49.58 -1.12 9.79
CA GLN C 370 -49.75 -1.82 8.51
C GLN C 370 -50.91 -1.25 7.69
N ALA C 371 -52.02 -0.89 8.34
CA ALA C 371 -53.19 -0.35 7.64
C ALA C 371 -53.00 1.09 7.14
N PHE C 372 -52.33 1.96 7.93
CA PHE C 372 -52.27 3.36 7.51
C PHE C 372 -50.86 3.89 7.22
N LYS C 373 -49.80 3.06 7.44
CA LYS C 373 -48.38 3.42 7.16
C LYS C 373 -47.98 4.70 7.88
N LYS C 374 -48.42 4.80 9.16
CA LYS C 374 -48.25 5.96 10.03
C LYS C 374 -47.81 5.52 11.44
N ASP C 375 -47.05 6.39 12.15
CA ASP C 375 -46.53 6.19 13.50
C ASP C 375 -47.61 5.92 14.53
N VAL C 376 -47.29 5.06 15.50
CA VAL C 376 -48.13 4.71 16.64
C VAL C 376 -47.27 4.86 17.87
N VAL C 377 -47.80 5.47 18.91
CA VAL C 377 -47.06 5.67 20.15
C VAL C 377 -47.70 4.87 21.28
N ILE C 378 -46.87 4.09 21.99
CA ILE C 378 -47.28 3.33 23.17
C ILE C 378 -46.54 3.94 24.37
N ASP C 379 -47.32 4.49 25.28
CA ASP C 379 -46.83 5.14 26.51
C ASP C 379 -46.98 4.12 27.62
N MET C 380 -45.90 3.37 27.93
CA MET C 380 -46.02 2.35 28.97
C MET C 380 -45.74 2.93 30.35
N LEU C 381 -46.80 3.13 31.15
CA LEU C 381 -46.66 3.65 32.51
C LEU C 381 -46.15 2.56 33.44
N CYS C 382 -45.02 2.87 34.08
CA CYS C 382 -44.33 1.97 34.97
C CYS C 382 -43.62 2.78 36.05
N TYR C 383 -42.53 2.23 36.59
CA TYR C 383 -41.75 2.89 37.62
C TYR C 383 -40.32 2.41 37.55
N ARG C 384 -39.44 3.14 38.23
CA ARG C 384 -38.04 2.81 38.34
C ARG C 384 -37.89 2.36 39.78
N ARG C 385 -37.75 1.03 39.99
CA ARG C 385 -37.70 0.35 41.28
C ARG C 385 -36.59 0.87 42.18
N ARG C 386 -35.39 1.03 41.62
CA ARG C 386 -34.21 1.49 42.35
C ARG C 386 -33.85 2.95 41.99
N GLY C 387 -32.72 3.40 42.53
CA GLY C 387 -32.17 4.71 42.24
C GLY C 387 -31.65 4.74 40.82
N HIS C 388 -31.48 5.95 40.24
CA HIS C 388 -30.95 6.16 38.88
C HIS C 388 -29.55 5.53 38.71
N ASN C 389 -28.69 5.64 39.75
CA ASN C 389 -27.33 5.11 39.74
C ASN C 389 -26.85 4.84 41.19
N GLU C 390 -25.61 4.32 41.34
CA GLU C 390 -25.00 3.93 42.62
C GLU C 390 -25.07 4.98 43.73
N GLY C 391 -24.83 6.25 43.39
CA GLY C 391 -24.86 7.33 44.37
C GLY C 391 -26.23 7.95 44.59
N ASP C 392 -27.33 7.24 44.24
CA ASP C 392 -28.67 7.78 44.38
C ASP C 392 -29.57 6.98 45.31
N ASP C 393 -29.99 7.64 46.42
CA ASP C 393 -31.06 7.24 47.30
C ASP C 393 -32.23 8.08 46.77
N PRO C 394 -33.13 7.50 45.95
CA PRO C 394 -34.16 8.33 45.27
C PRO C 394 -35.19 8.99 46.20
N SER C 395 -35.23 8.62 47.49
CA SER C 395 -36.16 9.24 48.45
C SER C 395 -35.65 10.64 48.88
N MET C 396 -34.38 11.00 48.55
CA MET C 396 -33.85 12.34 48.85
C MET C 396 -34.59 13.42 48.06
N THR C 397 -34.93 13.12 46.79
CA THR C 397 -35.57 14.06 45.90
C THR C 397 -37.03 13.71 45.64
N GLN C 398 -37.42 12.43 45.77
CA GLN C 398 -38.80 12.00 45.53
C GLN C 398 -39.27 11.09 46.67
N PRO C 399 -39.38 11.62 47.94
CA PRO C 399 -39.79 10.75 49.07
C PRO C 399 -41.15 10.05 48.89
N TYR C 400 -42.16 10.77 48.38
CA TYR C 400 -43.52 10.23 48.20
C TYR C 400 -43.57 9.06 47.21
N MET C 401 -43.03 9.27 46.00
CA MET C 401 -42.95 8.25 44.94
C MET C 401 -42.21 7.00 45.44
N TYR C 402 -41.07 7.19 46.12
CA TYR C 402 -40.32 6.03 46.56
C TYR C 402 -40.89 5.39 47.82
N ASP C 403 -41.79 6.05 48.57
CA ASP C 403 -42.45 5.36 49.67
C ASP C 403 -43.52 4.41 49.08
N VAL C 404 -44.13 4.83 47.96
CA VAL C 404 -45.12 4.05 47.23
C VAL C 404 -44.41 2.88 46.51
N ILE C 405 -43.25 3.14 45.85
CA ILE C 405 -42.46 2.14 45.12
C ILE C 405 -42.00 1.01 46.06
N ASP C 406 -41.64 1.34 47.32
CA ASP C 406 -41.21 0.35 48.32
C ASP C 406 -42.30 -0.65 48.69
N THR C 407 -43.59 -0.30 48.49
CA THR C 407 -44.73 -1.18 48.78
C THR C 407 -45.14 -1.99 47.53
N LYS C 408 -44.37 -1.90 46.44
CA LYS C 408 -44.69 -2.56 45.18
C LYS C 408 -43.94 -3.85 44.97
N ARG C 409 -44.66 -4.89 44.56
CA ARG C 409 -44.06 -6.16 44.18
C ARG C 409 -44.06 -6.14 42.67
N GLY C 410 -43.05 -6.75 42.05
CA GLY C 410 -42.87 -6.76 40.59
C GLY C 410 -44.05 -7.15 39.70
N SER C 411 -43.96 -6.84 38.39
CA SER C 411 -45.00 -7.15 37.39
C SER C 411 -45.21 -8.68 37.24
N ARG C 412 -44.14 -9.48 37.38
CA ARG C 412 -44.14 -10.93 37.27
C ARG C 412 -44.98 -11.53 38.42
N LYS C 413 -44.74 -11.05 39.67
CA LYS C 413 -45.49 -11.51 40.85
C LYS C 413 -46.95 -11.04 40.75
N ALA C 414 -47.17 -9.81 40.26
CA ALA C 414 -48.52 -9.23 40.07
C ALA C 414 -49.33 -10.08 39.11
N TYR C 415 -48.79 -10.31 37.88
CA TYR C 415 -49.44 -11.08 36.82
C TYR C 415 -49.64 -12.56 37.22
N THR C 416 -48.72 -13.14 38.03
CA THR C 416 -48.83 -14.52 38.53
C THR C 416 -50.02 -14.60 39.49
N GLU C 417 -50.10 -13.65 40.45
CA GLU C 417 -51.15 -13.56 41.47
C GLU C 417 -52.50 -13.21 40.84
N ALA C 418 -52.51 -12.38 39.78
CA ALA C 418 -53.72 -11.99 39.05
C ALA C 418 -54.30 -13.18 38.23
N LEU C 419 -53.43 -14.07 37.70
CA LEU C 419 -53.83 -15.26 36.94
C LEU C 419 -54.47 -16.33 37.86
N ILE C 420 -54.03 -16.42 39.15
CA ILE C 420 -54.58 -17.37 40.13
C ILE C 420 -55.98 -16.88 40.60
N GLY C 421 -56.07 -15.57 40.87
CA GLY C 421 -57.29 -14.89 41.31
C GLY C 421 -58.46 -15.03 40.36
N ARG C 422 -58.19 -14.88 39.05
CA ARG C 422 -59.19 -15.00 37.98
C ARG C 422 -59.47 -16.47 37.60
N GLY C 423 -58.71 -17.40 38.20
CA GLY C 423 -58.83 -18.83 37.96
C GLY C 423 -58.26 -19.29 36.63
N ASP C 424 -57.50 -18.38 35.95
CA ASP C 424 -56.89 -18.61 34.64
C ASP C 424 -55.84 -19.72 34.70
N ILE C 425 -55.13 -19.85 35.84
CA ILE C 425 -54.15 -20.91 36.06
C ILE C 425 -54.39 -21.59 37.42
N SER C 426 -54.08 -22.90 37.53
CA SER C 426 -54.18 -23.68 38.77
C SER C 426 -52.96 -23.40 39.66
N MET C 427 -52.96 -23.91 40.91
CA MET C 427 -51.87 -23.71 41.87
C MET C 427 -50.56 -24.30 41.35
N LYS C 428 -50.62 -25.53 40.76
CA LYS C 428 -49.49 -26.24 40.17
C LYS C 428 -48.88 -25.43 39.02
N GLU C 429 -49.74 -24.80 38.19
CA GLU C 429 -49.36 -23.98 37.04
C GLU C 429 -48.61 -22.71 37.50
N ALA C 430 -49.06 -22.07 38.61
CA ALA C 430 -48.41 -20.89 39.20
C ALA C 430 -47.03 -21.29 39.78
N GLU C 431 -46.97 -22.46 40.43
CA GLU C 431 -45.76 -23.06 41.01
C GLU C 431 -44.77 -23.45 39.91
N ASP C 432 -45.27 -23.89 38.72
CA ASP C 432 -44.43 -24.26 37.58
C ASP C 432 -43.77 -23.03 36.99
N ALA C 433 -44.51 -21.89 37.01
CA ALA C 433 -44.05 -20.57 36.55
C ALA C 433 -42.96 -20.04 37.49
N LEU C 434 -43.08 -20.36 38.80
CA LEU C 434 -42.11 -20.03 39.84
C LEU C 434 -40.83 -20.86 39.62
N ARG C 435 -40.98 -22.15 39.20
CA ARG C 435 -39.88 -23.05 38.85
C ARG C 435 -39.20 -22.54 37.57
N ASP C 436 -40.00 -22.00 36.61
CA ASP C 436 -39.53 -21.44 35.35
C ASP C 436 -38.64 -20.22 35.62
N TYR C 437 -39.07 -19.33 36.56
CA TYR C 437 -38.30 -18.14 36.96
C TYR C 437 -36.98 -18.54 37.58
N GLN C 438 -37.01 -19.50 38.53
CA GLN C 438 -35.81 -19.99 39.22
C GLN C 438 -34.79 -20.61 38.25
N GLY C 439 -35.27 -21.51 37.36
CA GLY C 439 -34.49 -22.16 36.32
C GLY C 439 -33.93 -21.18 35.30
N GLN C 440 -34.71 -20.13 34.94
CA GLN C 440 -34.22 -19.08 34.02
C GLN C 440 -33.12 -18.27 34.73
N LEU C 441 -33.29 -18.01 36.05
CA LEU C 441 -32.32 -17.30 36.87
C LEU C 441 -31.04 -18.17 37.04
N GLU C 442 -31.23 -19.49 37.19
CA GLU C 442 -30.13 -20.44 37.33
C GLU C 442 -29.30 -20.47 36.04
N ARG C 443 -29.97 -20.69 34.89
CA ARG C 443 -29.38 -20.82 33.54
C ARG C 443 -28.38 -19.70 33.23
N VAL C 444 -28.77 -18.41 33.39
CA VAL C 444 -27.90 -17.25 33.12
C VAL C 444 -26.70 -17.29 34.08
N PHE C 445 -26.92 -17.54 35.38
CA PHE C 445 -25.81 -17.64 36.36
C PHE C 445 -24.79 -18.73 35.95
N ASN C 446 -25.30 -19.91 35.50
CA ASN C 446 -24.52 -21.08 35.09
C ASN C 446 -23.81 -20.89 33.74
N GLU C 447 -24.53 -20.38 32.71
CA GLU C 447 -23.97 -20.16 31.37
C GLU C 447 -22.83 -19.17 31.42
N VAL C 448 -23.00 -18.08 32.20
CA VAL C 448 -21.97 -17.05 32.37
C VAL C 448 -20.78 -17.69 33.17
N ARG C 449 -21.06 -18.53 34.19
CA ARG C 449 -20.05 -19.25 34.98
C ARG C 449 -19.13 -20.07 34.08
N GLU C 450 -19.73 -20.89 33.17
CA GLU C 450 -19.06 -21.72 32.17
C GLU C 450 -18.27 -20.85 31.15
N LEU C 451 -18.82 -19.69 30.73
CA LEU C 451 -18.19 -18.78 29.78
C LEU C 451 -16.88 -18.17 30.35
N GLU C 452 -16.93 -17.62 31.57
CA GLU C 452 -15.79 -17.00 32.22
C GLU C 452 -14.79 -18.06 32.78
N LYS C 453 -15.24 -19.35 32.89
CA LYS C 453 -14.39 -20.47 33.32
C LYS C 453 -13.29 -20.66 32.28
N HIS C 454 -13.69 -20.61 30.97
CA HIS C 454 -12.83 -20.72 29.80
C HIS C 454 -11.97 -19.46 29.64
N GLU C 455 -12.51 -18.27 30.00
CA GLU C 455 -11.83 -16.97 29.90
C GLU C 455 -10.72 -16.85 30.94
N LEU C 472 -7.80 2.48 -7.20
CA LEU C 472 -8.76 2.29 -8.28
C LEU C 472 -8.88 3.55 -9.16
N ALA C 473 -9.12 3.37 -10.48
CA ALA C 473 -9.24 4.44 -11.45
C ALA C 473 -10.65 5.03 -11.45
N THR C 474 -10.75 6.37 -11.56
CA THR C 474 -12.02 7.06 -11.54
C THR C 474 -12.35 7.69 -12.90
N ALA C 475 -11.37 7.70 -13.83
CA ALA C 475 -11.56 8.26 -15.17
C ALA C 475 -12.63 7.49 -15.94
N VAL C 476 -13.46 8.22 -16.71
CA VAL C 476 -14.51 7.61 -17.54
C VAL C 476 -14.18 7.87 -19.02
N ASP C 477 -14.85 7.18 -19.95
CA ASP C 477 -14.63 7.46 -21.37
C ASP C 477 -15.49 8.69 -21.76
N LYS C 478 -15.11 9.42 -22.83
CA LYS C 478 -15.84 10.60 -23.34
C LYS C 478 -17.31 10.28 -23.65
N ALA C 479 -17.61 9.04 -24.10
CA ALA C 479 -18.98 8.59 -24.40
C ALA C 479 -19.87 8.65 -23.14
N MET C 480 -19.29 8.43 -21.93
CA MET C 480 -20.01 8.50 -20.66
C MET C 480 -20.45 9.95 -20.40
N LEU C 481 -19.53 10.91 -20.60
CA LEU C 481 -19.79 12.34 -20.45
C LEU C 481 -20.90 12.78 -21.42
N GLN C 482 -20.79 12.34 -22.69
CA GLN C 482 -21.72 12.66 -23.76
C GLN C 482 -23.13 12.13 -23.47
N ARG C 483 -23.21 10.91 -22.91
CA ARG C 483 -24.45 10.24 -22.52
C ARG C 483 -25.18 11.05 -21.42
N ILE C 484 -24.44 11.56 -20.42
CA ILE C 484 -24.98 12.35 -19.31
C ILE C 484 -25.46 13.73 -19.84
N GLY C 485 -24.75 14.27 -20.82
CA GLY C 485 -25.10 15.52 -21.50
C GLY C 485 -26.36 15.37 -22.33
N ASP C 486 -26.43 14.29 -23.14
CA ASP C 486 -27.59 13.95 -23.97
C ASP C 486 -28.84 13.74 -23.13
N ALA C 487 -28.70 13.12 -21.93
CA ALA C 487 -29.77 12.83 -20.97
C ALA C 487 -30.55 14.09 -20.57
N HIS C 488 -29.87 15.24 -20.48
CA HIS C 488 -30.46 16.53 -20.11
C HIS C 488 -31.40 17.06 -21.22
N LEU C 489 -31.30 16.51 -22.44
CA LEU C 489 -32.15 16.91 -23.56
C LEU C 489 -33.11 15.79 -23.97
N ALA C 490 -33.00 14.59 -23.35
CA ALA C 490 -33.88 13.45 -23.67
C ALA C 490 -35.17 13.56 -22.84
N LEU C 491 -35.95 14.61 -23.13
CA LEU C 491 -37.18 14.96 -22.42
C LEU C 491 -38.33 14.01 -22.76
N PRO C 492 -39.22 13.72 -21.77
CA PRO C 492 -40.40 12.89 -22.06
C PRO C 492 -41.31 13.59 -23.07
N GLU C 493 -42.13 12.79 -23.78
CA GLU C 493 -43.05 13.29 -24.79
C GLU C 493 -44.00 14.35 -24.21
N GLY C 494 -44.05 15.51 -24.86
CA GLY C 494 -44.91 16.63 -24.48
C GLY C 494 -44.44 17.44 -23.29
N PHE C 495 -43.19 17.25 -22.82
CA PHE C 495 -42.65 17.96 -21.65
C PHE C 495 -42.34 19.41 -22.01
N THR C 496 -42.78 20.34 -21.13
CA THR C 496 -42.56 21.78 -21.33
C THR C 496 -41.47 22.25 -20.36
N VAL C 497 -40.25 22.47 -20.87
CA VAL C 497 -39.19 22.98 -19.99
C VAL C 497 -39.43 24.45 -19.70
N HIS C 498 -39.17 24.90 -18.44
CA HIS C 498 -39.21 26.31 -18.08
C HIS C 498 -38.18 27.05 -18.97
N PRO C 499 -38.55 28.18 -19.60
CA PRO C 499 -37.60 28.87 -20.50
C PRO C 499 -36.21 29.17 -19.92
N ARG C 500 -36.09 29.43 -18.59
CA ARG C 500 -34.78 29.70 -17.97
C ARG C 500 -33.99 28.40 -17.62
N VAL C 501 -34.61 27.20 -17.74
CA VAL C 501 -33.92 25.91 -17.47
C VAL C 501 -33.34 25.35 -18.77
N ARG C 502 -34.05 25.60 -19.88
CA ARG C 502 -33.68 25.21 -21.23
C ARG C 502 -32.18 25.55 -21.56
N PRO C 503 -31.62 26.77 -21.31
CA PRO C 503 -30.19 26.99 -21.67
C PRO C 503 -29.23 26.18 -20.81
N VAL C 504 -29.62 25.86 -19.55
CA VAL C 504 -28.83 25.03 -18.64
C VAL C 504 -28.68 23.62 -19.23
N LEU C 505 -29.79 23.00 -19.71
CA LEU C 505 -29.80 21.66 -20.34
C LEU C 505 -28.97 21.63 -21.63
N GLU C 506 -29.10 22.67 -22.45
CA GLU C 506 -28.37 22.78 -23.72
C GLU C 506 -26.88 23.03 -23.47
N LYS C 507 -26.54 23.84 -22.44
CA LYS C 507 -25.14 24.12 -22.09
C LYS C 507 -24.44 22.84 -21.60
N ARG C 508 -25.16 21.92 -20.95
CA ARG C 508 -24.62 20.66 -20.42
C ARG C 508 -24.34 19.68 -21.56
N ARG C 509 -25.18 19.68 -22.62
CA ARG C 509 -24.90 18.88 -23.80
C ARG C 509 -23.58 19.42 -24.43
N GLU C 510 -23.48 20.76 -24.57
CA GLU C 510 -22.33 21.47 -25.13
C GLU C 510 -21.08 21.17 -24.32
N MET C 511 -21.16 21.28 -22.99
CA MET C 511 -20.02 21.01 -22.09
C MET C 511 -19.54 19.56 -22.22
N ALA C 512 -20.47 18.59 -22.31
CA ALA C 512 -20.19 17.17 -22.43
C ALA C 512 -19.35 16.83 -23.67
N TYR C 513 -19.56 17.57 -24.78
CA TYR C 513 -18.87 17.36 -26.05
C TYR C 513 -17.70 18.33 -26.29
N GLU C 514 -17.75 19.55 -25.74
CA GLU C 514 -16.74 20.59 -26.03
C GLU C 514 -15.87 21.06 -24.85
N GLY C 515 -16.13 20.58 -23.64
CA GLY C 515 -15.35 20.98 -22.49
C GLY C 515 -15.88 22.22 -21.79
N ARG C 516 -14.99 22.90 -21.02
CA ARG C 516 -15.31 24.04 -20.16
C ARG C 516 -16.44 23.62 -19.18
N ILE C 517 -16.31 22.39 -18.63
CA ILE C 517 -17.28 21.80 -17.71
C ILE C 517 -17.20 22.52 -16.37
N ASP C 518 -18.33 23.08 -15.92
CA ASP C 518 -18.42 23.83 -14.67
C ASP C 518 -18.66 22.87 -13.53
N TRP C 519 -18.55 23.38 -12.29
CA TRP C 519 -18.71 22.60 -11.06
C TRP C 519 -20.04 21.84 -11.00
N ALA C 520 -21.17 22.54 -11.21
CA ALA C 520 -22.50 21.95 -11.11
C ALA C 520 -22.69 20.75 -12.04
N PHE C 521 -22.19 20.83 -13.28
CA PHE C 521 -22.29 19.75 -14.23
C PHE C 521 -21.33 18.58 -13.85
N ALA C 522 -20.09 18.91 -13.38
CA ALA C 522 -19.09 17.93 -12.96
C ALA C 522 -19.65 17.01 -11.83
N GLU C 523 -20.43 17.57 -10.90
CA GLU C 523 -21.09 16.84 -9.82
C GLU C 523 -22.07 15.80 -10.40
N LEU C 524 -22.87 16.21 -11.38
CA LEU C 524 -23.86 15.35 -12.03
C LEU C 524 -23.19 14.32 -12.94
N LEU C 525 -22.02 14.67 -13.51
CA LEU C 525 -21.23 13.75 -14.31
C LEU C 525 -20.73 12.62 -13.42
N ALA C 526 -20.29 12.96 -12.19
CA ALA C 526 -19.81 11.98 -11.21
C ALA C 526 -20.95 11.08 -10.72
N LEU C 527 -22.12 11.66 -10.38
CA LEU C 527 -23.26 10.90 -9.90
C LEU C 527 -23.89 10.07 -11.02
N GLY C 528 -24.02 10.66 -12.20
CA GLY C 528 -24.56 9.99 -13.39
C GLY C 528 -23.73 8.80 -13.82
N SER C 529 -22.39 8.92 -13.77
CA SER C 529 -21.47 7.83 -14.16
C SER C 529 -21.53 6.68 -13.15
N LEU C 530 -21.76 6.99 -11.86
CA LEU C 530 -21.89 5.98 -10.80
C LEU C 530 -23.17 5.16 -11.01
N ILE C 531 -24.31 5.86 -11.33
CA ILE C 531 -25.61 5.25 -11.63
C ILE C 531 -25.47 4.32 -12.86
N ALA C 532 -24.76 4.80 -13.91
CA ALA C 532 -24.50 4.02 -15.14
C ALA C 532 -23.71 2.75 -14.81
N GLU C 533 -22.86 2.79 -13.77
CA GLU C 533 -22.05 1.65 -13.32
C GLU C 533 -22.82 0.71 -12.35
N GLY C 534 -24.08 1.05 -12.03
CA GLY C 534 -24.94 0.24 -11.19
C GLY C 534 -25.10 0.68 -9.74
N LYS C 535 -24.57 1.87 -9.37
CA LYS C 535 -24.65 2.35 -8.01
C LYS C 535 -25.96 3.10 -7.71
N LEU C 536 -26.48 2.89 -6.49
CA LEU C 536 -27.63 3.63 -5.98
C LEU C 536 -27.06 4.94 -5.47
N VAL C 537 -27.60 6.07 -5.93
CA VAL C 537 -27.17 7.40 -5.50
C VAL C 537 -28.35 8.10 -4.81
N ARG C 538 -28.17 8.48 -3.52
CA ARG C 538 -29.16 9.23 -2.76
C ARG C 538 -28.57 10.60 -2.44
N LEU C 539 -29.27 11.67 -2.88
CA LEU C 539 -28.84 13.05 -2.70
C LEU C 539 -30.02 13.88 -2.13
N SER C 540 -29.76 14.62 -1.04
CA SER C 540 -30.82 15.41 -0.43
C SER C 540 -30.25 16.55 0.38
N GLY C 541 -31.10 17.48 0.74
CA GLY C 541 -30.76 18.68 1.50
C GLY C 541 -31.76 19.76 1.19
N GLN C 542 -31.61 20.94 1.82
CA GLN C 542 -32.57 22.03 1.61
C GLN C 542 -32.47 22.60 0.18
N ASP C 543 -33.58 22.44 -0.60
CA ASP C 543 -33.74 22.91 -2.00
C ASP C 543 -32.69 22.28 -2.94
N THR C 544 -32.25 21.05 -2.63
CA THR C 544 -31.19 20.30 -3.32
C THR C 544 -31.59 19.89 -4.77
N GLN C 545 -32.89 19.71 -5.06
CA GLN C 545 -33.30 19.32 -6.43
C GLN C 545 -32.93 20.41 -7.44
N ARG C 546 -33.22 21.66 -7.10
CA ARG C 546 -32.87 22.78 -7.96
C ARG C 546 -31.45 23.27 -7.67
N GLY C 547 -31.12 23.32 -6.38
CA GLY C 547 -29.86 23.86 -5.91
C GLY C 547 -30.11 25.24 -5.35
N THR C 548 -29.52 25.54 -4.20
CA THR C 548 -29.62 26.80 -3.49
C THR C 548 -29.18 27.97 -4.38
N PHE C 549 -28.15 27.73 -5.23
CA PHE C 549 -27.60 28.75 -6.11
C PHE C 549 -28.08 28.57 -7.53
N THR C 550 -29.27 27.92 -7.72
CA THR C 550 -29.95 27.64 -9.00
C THR C 550 -28.98 26.99 -9.99
N GLN C 551 -28.09 26.13 -9.49
CA GLN C 551 -27.04 25.57 -10.33
C GLN C 551 -27.25 24.08 -10.65
N ARG C 552 -28.02 23.33 -9.84
CA ARG C 552 -28.06 21.87 -9.97
C ARG C 552 -29.08 21.38 -11.02
N HIS C 553 -30.40 21.65 -10.81
CA HIS C 553 -31.46 21.19 -11.71
C HIS C 553 -31.36 19.65 -11.94
N ALA C 554 -31.27 18.88 -10.81
CA ALA C 554 -31.25 17.41 -10.79
C ALA C 554 -32.64 16.91 -11.14
N VAL C 555 -33.64 17.71 -10.77
CA VAL C 555 -35.05 17.52 -11.10
C VAL C 555 -35.51 18.77 -11.85
N ILE C 556 -36.19 18.59 -12.97
CA ILE C 556 -36.73 19.75 -13.69
C ILE C 556 -38.25 19.63 -13.69
N VAL C 557 -38.91 20.79 -13.63
CA VAL C 557 -40.37 20.83 -13.46
C VAL C 557 -41.08 21.39 -14.72
N ASP C 558 -42.06 20.63 -15.22
CA ASP C 558 -42.87 20.99 -16.39
C ASP C 558 -43.59 22.30 -16.09
N ARG C 559 -43.34 23.32 -16.93
CA ARG C 559 -43.89 24.68 -16.81
C ARG C 559 -45.44 24.71 -16.80
N LYS C 560 -46.10 23.73 -17.45
CA LYS C 560 -47.56 23.67 -17.55
C LYS C 560 -48.22 22.65 -16.57
N THR C 561 -47.57 21.50 -16.30
CA THR C 561 -48.22 20.49 -15.44
C THR C 561 -47.59 20.35 -14.05
N GLY C 562 -46.35 20.78 -13.91
CA GLY C 562 -45.64 20.63 -12.64
C GLY C 562 -45.06 19.23 -12.51
N GLU C 563 -45.14 18.40 -13.57
CA GLU C 563 -44.57 17.05 -13.57
C GLU C 563 -43.05 17.12 -13.47
N GLU C 564 -42.47 16.30 -12.60
CA GLU C 564 -41.03 16.24 -12.38
C GLU C 564 -40.37 15.29 -13.38
N PHE C 565 -39.19 15.69 -13.89
CA PHE C 565 -38.34 14.90 -14.79
C PHE C 565 -36.93 14.91 -14.22
N THR C 566 -36.31 13.72 -14.08
CA THR C 566 -34.97 13.55 -13.51
C THR C 566 -34.03 13.05 -14.59
N PRO C 567 -33.26 13.94 -15.25
CA PRO C 567 -32.37 13.49 -16.33
C PRO C 567 -31.39 12.36 -15.97
N LEU C 568 -30.75 12.41 -14.78
CA LEU C 568 -29.79 11.37 -14.39
C LEU C 568 -30.43 9.97 -14.22
N GLN C 569 -31.76 9.89 -14.04
CA GLN C 569 -32.46 8.61 -13.90
C GLN C 569 -32.41 7.78 -15.20
N LEU C 570 -32.22 8.44 -16.36
CA LEU C 570 -32.09 7.76 -17.66
C LEU C 570 -30.81 6.90 -17.70
N LEU C 571 -29.81 7.23 -16.87
CA LEU C 571 -28.55 6.49 -16.82
C LEU C 571 -28.67 5.15 -16.06
N ALA C 572 -29.85 4.89 -15.43
CA ALA C 572 -30.14 3.62 -14.73
C ALA C 572 -30.49 2.50 -15.75
N THR C 573 -30.63 2.87 -17.03
CA THR C 573 -30.92 1.95 -18.14
C THR C 573 -29.76 2.00 -19.15
N ASN C 574 -29.23 0.83 -19.56
CA ASN C 574 -28.14 0.73 -20.54
C ASN C 574 -28.64 1.10 -21.95
N PRO C 575 -27.77 1.50 -22.91
CA PRO C 575 -28.26 1.81 -24.28
C PRO C 575 -29.11 0.70 -24.93
N ASP C 576 -28.86 -0.59 -24.59
CA ASP C 576 -29.62 -1.73 -25.12
C ASP C 576 -31.02 -1.86 -24.44
N GLY C 577 -31.23 -1.14 -23.34
CA GLY C 577 -32.49 -1.15 -22.59
C GLY C 577 -32.50 -1.94 -21.31
N THR C 578 -31.37 -2.59 -20.97
CA THR C 578 -31.24 -3.40 -19.75
C THR C 578 -30.96 -2.51 -18.52
N PRO C 579 -31.47 -2.84 -17.31
CA PRO C 579 -31.15 -2.00 -16.15
C PRO C 579 -29.69 -2.16 -15.73
N THR C 580 -29.08 -1.06 -15.25
CA THR C 580 -27.69 -1.06 -14.79
C THR C 580 -27.64 -1.57 -13.34
N GLY C 581 -28.76 -1.46 -12.64
CA GLY C 581 -28.88 -1.79 -11.23
C GLY C 581 -28.81 -0.52 -10.38
N GLY C 582 -28.42 0.59 -11.00
CA GLY C 582 -28.30 1.90 -10.38
C GLY C 582 -29.62 2.65 -10.28
N LYS C 583 -29.65 3.73 -9.50
CA LYS C 583 -30.84 4.55 -9.27
C LYS C 583 -30.45 5.93 -8.72
N PHE C 584 -31.21 6.96 -9.05
CA PHE C 584 -30.99 8.31 -8.54
C PHE C 584 -32.18 8.72 -7.70
N LEU C 585 -31.93 8.83 -6.38
CA LEU C 585 -32.94 9.23 -5.41
C LEU C 585 -32.57 10.62 -4.93
N VAL C 586 -33.27 11.63 -5.43
CA VAL C 586 -32.94 13.02 -5.09
C VAL C 586 -34.17 13.68 -4.46
N TYR C 587 -33.98 14.33 -3.31
CA TYR C 587 -35.08 14.95 -2.60
C TYR C 587 -34.74 16.31 -2.05
N ASN C 588 -35.78 17.11 -1.87
CA ASN C 588 -35.74 18.35 -1.10
C ASN C 588 -36.00 17.91 0.33
N SER C 589 -35.16 18.31 1.26
CA SER C 589 -35.38 17.89 2.65
C SER C 589 -36.34 18.86 3.38
N ALA C 590 -36.75 18.46 4.59
CA ALA C 590 -37.49 19.33 5.51
C ALA C 590 -36.52 20.40 5.98
N LEU C 591 -36.99 21.47 6.65
CA LEU C 591 -36.08 22.49 7.12
C LEU C 591 -35.49 21.99 8.47
N SER C 592 -34.68 20.91 8.38
CA SER C 592 -34.01 20.29 9.53
C SER C 592 -32.59 20.01 9.20
N GLU C 593 -31.72 20.10 10.21
CA GLU C 593 -30.32 19.74 10.04
C GLU C 593 -30.04 18.49 10.85
N PHE C 594 -30.40 18.51 12.12
CA PHE C 594 -30.19 17.40 13.06
C PHE C 594 -30.84 16.10 12.53
N ALA C 595 -32.17 16.12 12.24
CA ALA C 595 -32.83 14.90 11.75
C ALA C 595 -32.37 14.52 10.35
N ALA C 596 -32.22 15.50 9.43
CA ALA C 596 -31.81 15.21 8.06
C ALA C 596 -30.39 14.58 7.99
N VAL C 597 -29.38 15.16 8.71
CA VAL C 597 -28.01 14.62 8.73
C VAL C 597 -28.03 13.22 9.41
N GLY C 598 -28.79 13.09 10.50
CA GLY C 598 -28.94 11.82 11.20
C GLY C 598 -29.48 10.75 10.28
N PHE C 599 -30.51 11.11 9.46
CA PHE C 599 -31.17 10.23 8.49
C PHE C 599 -30.18 9.74 7.42
N GLU C 600 -29.42 10.65 6.82
CA GLU C 600 -28.44 10.32 5.78
C GLU C 600 -27.29 9.48 6.32
N TYR C 601 -26.83 9.75 7.57
CA TYR C 601 -25.81 8.92 8.21
C TYR C 601 -26.35 7.49 8.35
N GLY C 602 -27.57 7.37 8.85
CA GLY C 602 -28.21 6.07 9.03
C GLY C 602 -28.45 5.36 7.72
N TYR C 603 -28.82 6.12 6.66
CA TYR C 603 -29.04 5.57 5.34
C TYR C 603 -27.75 4.91 4.80
N SER C 604 -26.58 5.56 4.96
CA SER C 604 -25.30 5.00 4.52
C SER C 604 -24.93 3.71 5.33
N VAL C 605 -25.34 3.62 6.60
CA VAL C 605 -25.13 2.44 7.45
C VAL C 605 -26.04 1.29 6.95
N GLY C 606 -27.31 1.61 6.63
CA GLY C 606 -28.28 0.63 6.14
C GLY C 606 -27.96 0.02 4.79
N ASN C 607 -27.30 0.80 3.91
CA ASN C 607 -26.87 0.36 2.59
C ASN C 607 -25.44 0.85 2.37
N PRO C 608 -24.42 0.06 2.78
CA PRO C 608 -23.02 0.48 2.58
C PRO C 608 -22.62 0.64 1.12
N ASP C 609 -23.42 0.08 0.18
CA ASP C 609 -23.18 0.12 -1.26
C ASP C 609 -23.77 1.36 -1.92
N ALA C 610 -24.58 2.13 -1.18
CA ALA C 610 -25.15 3.37 -1.71
C ALA C 610 -24.19 4.53 -1.61
N MET C 611 -24.30 5.48 -2.57
CA MET C 611 -23.62 6.76 -2.58
C MET C 611 -24.64 7.70 -1.92
N VAL C 612 -24.36 8.19 -0.70
CA VAL C 612 -25.29 9.01 0.10
C VAL C 612 -24.68 10.37 0.37
N LEU C 613 -25.33 11.42 -0.16
CA LEU C 613 -24.87 12.80 0.01
C LEU C 613 -25.95 13.67 0.67
N TRP C 614 -25.53 14.47 1.67
CA TRP C 614 -26.39 15.43 2.32
C TRP C 614 -25.80 16.77 2.05
N GLU C 615 -26.64 17.72 1.63
CA GLU C 615 -26.16 19.04 1.33
C GLU C 615 -26.78 20.09 2.25
N ALA C 616 -25.90 20.86 2.94
CA ALA C 616 -26.33 21.98 3.77
C ALA C 616 -26.69 23.12 2.83
N GLN C 617 -27.68 23.95 3.17
CA GLN C 617 -28.06 25.12 2.37
C GLN C 617 -26.82 26.00 2.21
N PHE C 618 -26.17 26.27 3.37
CA PHE C 618 -24.89 26.93 3.57
C PHE C 618 -24.22 26.12 4.65
N GLY C 619 -22.88 25.91 4.59
CA GLY C 619 -22.17 25.13 5.60
C GLY C 619 -22.41 25.61 7.03
N ASP C 620 -22.72 26.92 7.20
CA ASP C 620 -22.97 27.60 8.47
C ASP C 620 -24.12 26.99 9.33
N PHE C 621 -25.04 26.25 8.70
CA PHE C 621 -26.20 25.67 9.39
C PHE C 621 -25.98 24.23 9.83
N VAL C 622 -24.83 23.62 9.49
CA VAL C 622 -24.53 22.25 9.88
C VAL C 622 -24.29 22.13 11.40
N ASN C 623 -23.99 23.25 12.11
CA ASN C 623 -23.85 23.22 13.57
C ASN C 623 -25.20 22.82 14.25
N GLY C 624 -26.33 22.90 13.51
CA GLY C 624 -27.63 22.44 14.00
C GLY C 624 -27.64 20.91 14.12
N ALA C 625 -26.68 20.24 13.46
CA ALA C 625 -26.52 18.79 13.47
C ALA C 625 -25.25 18.40 14.22
N GLN C 626 -24.75 19.27 15.12
CA GLN C 626 -23.48 19.00 15.82
C GLN C 626 -23.48 17.64 16.54
N SER C 627 -24.58 17.27 17.21
CA SER C 627 -24.68 15.99 17.92
C SER C 627 -24.43 14.81 16.98
N ILE C 628 -24.96 14.85 15.75
CA ILE C 628 -24.76 13.76 14.77
C ILE C 628 -23.31 13.73 14.33
N ILE C 629 -22.73 14.91 14.02
CA ILE C 629 -21.34 15.02 13.60
C ILE C 629 -20.42 14.46 14.72
N ASP C 630 -20.62 14.91 15.97
CA ASP C 630 -19.79 14.49 17.10
C ASP C 630 -19.99 13.01 17.50
N GLU C 631 -21.25 12.55 17.58
CA GLU C 631 -21.58 11.25 18.14
C GLU C 631 -21.64 10.13 17.15
N PHE C 632 -21.88 10.40 15.86
CA PHE C 632 -21.98 9.31 14.90
C PHE C 632 -20.97 9.40 13.79
N ILE C 633 -21.00 10.48 13.00
CA ILE C 633 -20.16 10.62 11.81
C ILE C 633 -18.66 10.54 12.13
N SER C 634 -18.16 11.44 12.98
CA SER C 634 -16.73 11.51 13.26
C SER C 634 -16.21 10.39 14.09
N SER C 635 -17.05 9.74 14.89
CA SER C 635 -16.61 8.81 15.92
C SER C 635 -17.25 7.40 15.94
N GLY C 636 -18.31 7.14 15.16
CA GLY C 636 -18.99 5.85 15.15
C GLY C 636 -18.09 4.65 14.89
N GLU C 637 -17.16 4.77 13.93
CA GLU C 637 -16.24 3.68 13.58
C GLU C 637 -15.34 3.28 14.75
N ALA C 638 -14.66 4.24 15.40
CA ALA C 638 -13.79 3.92 16.53
C ALA C 638 -14.57 3.44 17.74
N LYS C 639 -15.77 3.96 17.98
CA LYS C 639 -16.47 3.58 19.20
C LYS C 639 -17.20 2.26 19.07
N TRP C 640 -17.85 2.01 17.92
CA TRP C 640 -18.71 0.84 17.78
C TRP C 640 -18.37 -0.10 16.63
N GLY C 641 -17.40 0.25 15.80
CA GLY C 641 -17.09 -0.55 14.61
C GLY C 641 -18.14 -0.37 13.52
N GLN C 642 -19.03 0.62 13.70
CA GLN C 642 -20.09 0.98 12.77
C GLN C 642 -19.52 1.89 11.72
N LEU C 643 -19.68 1.49 10.44
CA LEU C 643 -19.12 2.21 9.31
C LEU C 643 -20.19 2.95 8.50
N SER C 644 -19.82 4.15 8.04
CA SER C 644 -20.65 5.02 7.23
C SER C 644 -19.82 5.66 6.14
N ASP C 645 -20.37 5.75 4.95
CA ASP C 645 -19.71 6.37 3.81
C ASP C 645 -20.43 7.68 3.45
N VAL C 646 -21.20 8.25 4.40
CA VAL C 646 -21.99 9.47 4.16
C VAL C 646 -21.11 10.65 3.69
N VAL C 647 -21.65 11.45 2.77
CA VAL C 647 -21.00 12.66 2.28
C VAL C 647 -21.77 13.86 2.78
N LEU C 648 -21.05 14.85 3.38
CA LEU C 648 -21.64 16.13 3.74
C LEU C 648 -21.09 17.20 2.79
N LEU C 649 -21.98 17.89 2.06
CA LEU C 649 -21.59 18.97 1.15
C LEU C 649 -21.88 20.28 1.84
N LEU C 650 -20.85 21.06 2.13
CA LEU C 650 -21.00 22.28 2.92
C LEU C 650 -20.59 23.53 2.13
N PRO C 651 -21.56 24.29 1.55
CA PRO C 651 -21.21 25.51 0.80
C PRO C 651 -20.45 26.46 1.70
N HIS C 652 -19.23 26.77 1.26
CA HIS C 652 -18.28 27.53 2.06
C HIS C 652 -17.54 28.58 1.23
N GLY C 653 -17.26 29.73 1.85
CA GLY C 653 -16.49 30.79 1.23
C GLY C 653 -16.87 32.20 1.64
N HIS C 654 -15.84 33.06 1.84
CA HIS C 654 -16.00 34.48 2.21
C HIS C 654 -16.35 35.27 0.95
N GLU C 655 -17.58 35.79 0.90
CA GLU C 655 -18.10 36.56 -0.25
C GLU C 655 -18.85 37.83 0.18
N GLY C 656 -18.84 38.13 1.49
CA GLY C 656 -19.52 39.31 2.06
C GLY C 656 -20.98 39.12 2.42
N GLN C 657 -21.44 37.85 2.57
CA GLN C 657 -22.85 37.57 2.89
C GLN C 657 -23.10 37.39 4.40
N GLY C 658 -22.13 37.73 5.24
CA GLY C 658 -22.32 37.69 6.68
C GLY C 658 -21.83 36.45 7.42
N PRO C 659 -21.80 36.51 8.76
CA PRO C 659 -21.26 35.39 9.56
C PRO C 659 -22.04 34.06 9.48
N ASP C 660 -23.27 34.06 8.88
CA ASP C 660 -24.07 32.84 8.77
C ASP C 660 -24.25 32.38 7.33
N HIS C 661 -23.51 32.98 6.40
CA HIS C 661 -23.52 32.62 4.99
C HIS C 661 -22.08 32.65 4.46
N THR C 662 -21.13 32.19 5.29
CA THR C 662 -19.72 32.21 4.93
C THR C 662 -18.93 30.93 5.22
N SER C 663 -19.10 30.31 6.41
CA SER C 663 -18.22 29.23 6.84
C SER C 663 -18.93 27.96 7.30
N GLY C 664 -18.39 26.82 6.84
CA GLY C 664 -18.82 25.49 7.24
C GLY C 664 -18.02 25.00 8.45
N ARG C 665 -17.17 25.90 9.01
CA ARG C 665 -16.30 25.70 10.16
C ARG C 665 -15.31 24.55 9.90
N ILE C 666 -14.43 24.75 8.92
CA ILE C 666 -13.37 23.79 8.53
C ILE C 666 -12.58 23.33 9.77
N GLU C 667 -12.18 24.31 10.61
CA GLU C 667 -11.41 24.16 11.84
C GLU C 667 -12.03 23.12 12.79
N ARG C 668 -13.38 23.06 12.87
CA ARG C 668 -14.07 22.13 13.77
C ARG C 668 -13.97 20.69 13.22
N PHE C 669 -14.15 20.51 11.89
CA PHE C 669 -14.03 19.19 11.29
C PHE C 669 -12.58 18.72 11.36
N LEU C 670 -11.60 19.65 11.18
CA LEU C 670 -10.17 19.29 11.25
C LEU C 670 -9.79 18.94 12.70
N GLN C 671 -10.46 19.54 13.67
CA GLN C 671 -10.24 19.26 15.09
C GLN C 671 -10.77 17.86 15.45
N LEU C 672 -11.96 17.49 14.94
CA LEU C 672 -12.59 16.19 15.18
C LEU C 672 -11.83 15.01 14.57
N TRP C 673 -11.20 15.24 13.42
CA TRP C 673 -10.42 14.29 12.65
C TRP C 673 -9.30 13.62 13.49
N ALA C 674 -9.17 12.31 13.32
CA ALA C 674 -8.11 11.47 13.88
C ALA C 674 -7.97 10.28 12.97
N GLU C 675 -6.70 9.95 12.57
CA GLU C 675 -6.28 8.98 11.55
C GLU C 675 -7.37 7.98 11.13
N GLY C 676 -7.76 8.13 9.87
CA GLY C 676 -8.70 7.29 9.15
C GLY C 676 -10.17 7.41 9.52
N SER C 677 -10.57 8.47 10.26
CA SER C 677 -11.98 8.54 10.62
C SER C 677 -12.81 9.13 9.51
N MET C 678 -12.31 10.21 8.84
CA MET C 678 -13.01 10.96 7.77
C MET C 678 -12.06 11.49 6.72
N THR C 679 -12.59 11.76 5.54
CA THR C 679 -11.85 12.45 4.48
C THR C 679 -12.41 13.86 4.48
N ILE C 680 -11.56 14.88 4.45
CA ILE C 680 -11.99 16.28 4.46
C ILE C 680 -11.34 16.97 3.25
N ALA C 681 -12.18 17.56 2.37
CA ALA C 681 -11.65 18.19 1.17
C ALA C 681 -12.30 19.52 0.84
N MET C 682 -11.55 20.37 0.15
CA MET C 682 -12.04 21.66 -0.36
C MET C 682 -11.52 21.79 -1.82
N PRO C 683 -12.19 21.10 -2.80
CA PRO C 683 -11.69 21.13 -4.18
C PRO C 683 -11.82 22.52 -4.81
N SER C 684 -10.94 22.82 -5.77
CA SER C 684 -10.92 24.13 -6.46
C SER C 684 -11.32 23.97 -7.93
N THR C 685 -11.42 22.73 -8.44
CA THR C 685 -11.78 22.55 -9.84
C THR C 685 -12.93 21.55 -9.98
N PRO C 686 -13.81 21.75 -11.00
CA PRO C 686 -14.90 20.78 -11.24
C PRO C 686 -14.41 19.33 -11.41
N ALA C 687 -13.37 19.10 -12.23
CA ALA C 687 -12.83 17.74 -12.46
C ALA C 687 -12.28 17.10 -11.19
N ASN C 688 -11.60 17.88 -10.32
CA ASN C 688 -11.08 17.32 -9.07
C ASN C 688 -12.23 16.94 -8.12
N TYR C 689 -13.35 17.68 -8.16
CA TYR C 689 -14.55 17.34 -7.37
C TYR C 689 -15.18 16.06 -7.92
N PHE C 690 -15.26 15.94 -9.26
CA PHE C 690 -15.77 14.75 -9.96
C PHE C 690 -14.98 13.49 -9.54
N HIS C 691 -13.64 13.57 -9.57
CA HIS C 691 -12.77 12.44 -9.18
C HIS C 691 -12.86 12.16 -7.68
N LEU C 692 -13.03 13.20 -6.86
CA LEU C 692 -13.22 13.06 -5.39
C LEU C 692 -14.47 12.21 -5.10
N LEU C 693 -15.61 12.54 -5.74
CA LEU C 693 -16.88 11.81 -5.54
C LEU C 693 -16.80 10.38 -6.07
N ARG C 694 -16.19 10.20 -7.25
CA ARG C 694 -16.05 8.86 -7.85
C ARG C 694 -15.09 7.99 -7.02
N ARG C 695 -13.96 8.57 -6.50
CA ARG C 695 -13.04 7.81 -5.65
C ARG C 695 -13.80 7.35 -4.40
N HIS C 696 -14.57 8.27 -3.77
CA HIS C 696 -15.38 7.99 -2.59
C HIS C 696 -16.38 6.87 -2.81
N GLY C 697 -17.06 6.86 -3.96
CA GLY C 697 -18.03 5.83 -4.29
C GLY C 697 -17.44 4.49 -4.71
N LYS C 698 -16.18 4.47 -5.16
CA LYS C 698 -15.58 3.23 -5.70
C LYS C 698 -14.37 2.66 -4.92
N ASP C 699 -13.88 3.35 -3.86
CA ASP C 699 -12.69 2.93 -3.11
C ASP C 699 -12.90 1.68 -2.21
N GLY C 700 -14.15 1.24 -2.05
CA GLY C 700 -14.48 0.09 -1.21
C GLY C 700 -14.21 0.29 0.28
N ILE C 701 -14.10 1.57 0.71
CA ILE C 701 -13.83 1.98 2.09
C ILE C 701 -15.06 2.76 2.58
N GLN C 702 -15.58 2.41 3.75
CA GLN C 702 -16.74 3.09 4.31
C GLN C 702 -16.25 4.15 5.29
N ARG C 703 -16.10 5.39 4.79
CA ARG C 703 -15.59 6.51 5.58
C ARG C 703 -16.29 7.80 5.21
N PRO C 704 -16.75 8.60 6.19
CA PRO C 704 -17.44 9.86 5.80
C PRO C 704 -16.52 10.82 5.04
N LEU C 705 -17.12 11.53 4.11
CA LEU C 705 -16.42 12.53 3.32
C LEU C 705 -17.05 13.88 3.60
N ILE C 706 -16.23 14.85 4.05
CA ILE C 706 -16.69 16.21 4.32
C ILE C 706 -16.18 17.10 3.18
N VAL C 707 -17.09 17.72 2.42
CA VAL C 707 -16.68 18.57 1.30
C VAL C 707 -17.11 20.01 1.52
N PHE C 708 -16.14 20.93 1.48
CA PHE C 708 -16.37 22.38 1.51
C PHE C 708 -16.54 22.79 0.04
N THR C 709 -17.80 23.07 -0.35
CA THR C 709 -18.22 23.32 -1.73
C THR C 709 -18.39 24.81 -2.06
N PRO C 710 -18.34 25.21 -3.36
CA PRO C 710 -18.42 26.63 -3.68
C PRO C 710 -19.84 27.19 -3.77
N LYS C 711 -19.88 28.53 -3.87
CA LYS C 711 -21.07 29.37 -4.02
C LYS C 711 -20.86 30.25 -5.25
N SER C 712 -20.16 31.38 -5.17
CA SER C 712 -19.90 32.22 -6.36
C SER C 712 -18.91 31.52 -7.36
N MET C 713 -18.00 30.66 -6.88
CA MET C 713 -17.00 29.94 -7.69
C MET C 713 -17.67 28.91 -8.66
N LEU C 714 -18.97 28.58 -8.44
CA LEU C 714 -19.79 27.77 -9.34
C LEU C 714 -19.86 28.44 -10.72
N ARG C 715 -19.85 29.79 -10.73
CA ARG C 715 -19.98 30.59 -11.97
C ARG C 715 -18.69 31.34 -12.35
N ASN C 716 -17.57 31.04 -11.71
CA ASN C 716 -16.29 31.63 -12.04
C ASN C 716 -15.83 30.93 -13.31
N LYS C 717 -15.62 31.72 -14.39
CA LYS C 717 -15.26 31.22 -15.72
C LYS C 717 -13.84 30.61 -15.77
N ALA C 718 -12.99 30.92 -14.78
CA ALA C 718 -11.66 30.32 -14.65
C ALA C 718 -11.77 28.92 -13.98
N ALA C 719 -12.84 28.69 -13.19
CA ALA C 719 -13.07 27.42 -12.47
C ALA C 719 -13.87 26.44 -13.35
N VAL C 720 -13.29 26.07 -14.50
CA VAL C 720 -13.88 25.12 -15.47
C VAL C 720 -12.83 24.08 -15.83
N SER C 721 -13.28 22.90 -16.29
CA SER C 721 -12.37 21.81 -16.60
C SER C 721 -12.52 21.29 -18.03
N ASP C 722 -11.41 20.75 -18.57
CA ASP C 722 -11.34 20.14 -19.89
C ASP C 722 -11.84 18.71 -19.83
N ILE C 723 -12.34 18.17 -20.95
CA ILE C 723 -12.80 16.79 -21.05
C ILE C 723 -11.69 15.79 -20.58
N ARG C 724 -10.40 16.03 -21.00
CA ARG C 724 -9.26 15.16 -20.64
C ARG C 724 -9.03 15.08 -19.11
N ASP C 725 -9.48 16.09 -18.34
CA ASP C 725 -9.37 16.09 -16.87
C ASP C 725 -10.31 15.04 -16.25
N PHE C 726 -11.36 14.65 -17.00
CA PHE C 726 -12.36 13.65 -16.60
C PHE C 726 -12.02 12.27 -17.15
N THR C 727 -11.46 12.22 -18.37
CA THR C 727 -11.18 10.98 -19.08
C THR C 727 -9.76 10.44 -18.89
N GLU C 728 -8.78 11.31 -18.58
CA GLU C 728 -7.41 10.81 -18.47
C GLU C 728 -6.70 11.28 -17.21
N SER C 729 -7.46 11.53 -16.14
CA SER C 729 -6.86 11.98 -14.90
C SER C 729 -7.49 11.22 -13.72
N LYS C 730 -7.11 11.62 -12.51
CA LYS C 730 -7.57 11.06 -11.24
C LYS C 730 -7.61 12.17 -10.20
N PHE C 731 -8.05 11.88 -8.98
CA PHE C 731 -8.10 12.86 -7.91
C PHE C 731 -6.68 13.31 -7.54
N ARG C 732 -6.51 14.63 -7.45
CA ARG C 732 -5.24 15.24 -7.10
C ARG C 732 -5.40 15.93 -5.75
N SER C 733 -4.73 15.37 -4.73
CA SER C 733 -4.81 15.90 -3.37
C SER C 733 -4.05 17.24 -3.24
N VAL C 734 -3.08 17.47 -4.13
CA VAL C 734 -2.26 18.68 -4.21
C VAL C 734 -2.25 19.14 -5.66
N LEU C 735 -2.53 20.43 -5.91
CA LEU C 735 -2.52 20.97 -7.27
C LEU C 735 -1.55 22.14 -7.43
N GLU C 736 -0.81 22.11 -8.53
CA GLU C 736 0.10 23.19 -8.93
C GLU C 736 -0.59 24.06 -9.95
N GLU C 737 -0.02 25.23 -10.23
CA GLU C 737 -0.55 26.15 -11.25
C GLU C 737 -0.38 25.57 -12.65
N PRO C 738 -1.41 25.70 -13.53
CA PRO C 738 -1.30 25.17 -14.90
C PRO C 738 -0.09 25.71 -15.70
N MET C 739 0.42 26.93 -15.37
CA MET C 739 1.59 27.48 -16.07
C MET C 739 2.85 26.59 -15.88
N TYR C 740 2.94 25.83 -14.77
CA TYR C 740 4.11 24.98 -14.52
C TYR C 740 3.90 23.56 -15.04
N THR C 741 2.66 23.06 -15.01
CA THR C 741 2.37 21.68 -15.45
C THR C 741 2.03 21.58 -16.96
N ASP C 742 1.51 22.67 -17.58
CA ASP C 742 1.08 22.66 -18.97
C ASP C 742 1.56 23.87 -19.77
N GLY C 743 2.06 24.90 -19.09
CA GLY C 743 2.51 26.13 -19.72
C GLY C 743 4.01 26.31 -19.81
N GLU C 744 4.44 27.57 -19.92
CA GLU C 744 5.84 27.96 -20.06
C GLU C 744 6.41 28.61 -18.78
N GLY C 745 5.78 28.36 -17.64
CA GLY C 745 6.24 28.86 -16.35
C GLY C 745 7.51 28.17 -15.87
N ASP C 746 8.41 28.95 -15.23
CA ASP C 746 9.67 28.45 -14.69
C ASP C 746 9.61 28.41 -13.14
N ARG C 747 9.52 27.17 -12.58
CA ARG C 747 9.49 26.91 -11.13
C ARG C 747 10.74 27.41 -10.38
N ASN C 748 11.89 27.46 -11.06
CA ASN C 748 13.16 27.88 -10.45
C ASN C 748 13.23 29.39 -10.15
N LYS C 749 12.31 30.19 -10.72
CA LYS C 749 12.26 31.62 -10.47
C LYS C 749 11.55 31.93 -9.15
N VAL C 750 10.78 30.95 -8.62
CA VAL C 750 9.96 31.08 -7.42
C VAL C 750 10.81 31.12 -6.15
N THR C 751 10.66 32.22 -5.39
CA THR C 751 11.33 32.48 -4.12
C THR C 751 10.31 32.50 -2.97
N ARG C 752 9.02 32.74 -3.29
CA ARG C 752 7.92 32.78 -2.34
C ARG C 752 6.84 31.77 -2.73
N LEU C 753 6.52 30.89 -1.80
CA LEU C 753 5.49 29.91 -2.04
C LEU C 753 4.27 30.20 -1.18
N LEU C 754 3.10 30.23 -1.82
CA LEU C 754 1.82 30.43 -1.16
C LEU C 754 1.05 29.11 -1.18
N LEU C 755 0.74 28.59 0.01
CA LEU C 755 -0.05 27.38 0.16
C LEU C 755 -1.45 27.79 0.54
N THR C 756 -2.44 27.22 -0.15
CA THR C 756 -3.81 27.63 0.06
C THR C 756 -4.77 26.48 -0.30
N SER C 757 -6.06 26.77 -0.20
CA SER C 757 -7.14 25.85 -0.52
C SER C 757 -8.39 26.64 -0.91
N GLY C 758 -9.13 26.16 -1.90
CA GLY C 758 -10.37 26.78 -2.31
C GLY C 758 -10.24 27.94 -3.27
N LYS C 759 -11.33 28.70 -3.42
CA LYS C 759 -11.49 29.82 -4.36
C LYS C 759 -10.47 30.96 -4.22
N ILE C 760 -9.84 31.18 -3.03
CA ILE C 760 -8.86 32.28 -2.91
C ILE C 760 -7.69 32.07 -3.90
N TYR C 761 -7.46 30.82 -4.37
CA TYR C 761 -6.46 30.50 -5.39
C TYR C 761 -6.68 31.38 -6.63
N TYR C 762 -7.93 31.48 -7.14
CA TYR C 762 -8.23 32.25 -8.35
C TYR C 762 -7.89 33.72 -8.17
N GLU C 763 -8.15 34.30 -6.98
CA GLU C 763 -7.83 35.68 -6.67
C GLU C 763 -6.33 35.89 -6.59
N LEU C 764 -5.59 34.93 -5.99
CA LEU C 764 -4.12 34.95 -5.89
C LEU C 764 -3.50 34.80 -7.27
N ALA C 765 -4.08 33.93 -8.13
CA ALA C 765 -3.58 33.68 -9.49
C ALA C 765 -3.82 34.90 -10.39
N ALA C 766 -4.98 35.59 -10.21
CA ALA C 766 -5.31 36.80 -10.99
C ALA C 766 -4.30 37.92 -10.67
N ARG C 767 -3.97 38.09 -9.37
CA ARG C 767 -3.01 39.10 -8.91
C ARG C 767 -1.61 38.80 -9.46
N LYS C 768 -1.19 37.50 -9.42
CA LYS C 768 0.10 37.04 -9.94
C LYS C 768 0.21 37.36 -11.45
N ALA C 769 -0.87 37.09 -12.19
CA ALA C 769 -0.94 37.35 -13.64
C ALA C 769 -0.84 38.85 -13.93
N LYS C 770 -1.57 39.70 -13.16
CA LYS C 770 -1.60 41.17 -13.30
C LYS C 770 -0.22 41.79 -13.16
N GLU C 771 0.56 41.38 -12.14
CA GLU C 771 1.89 41.94 -11.86
C GLU C 771 3.03 41.12 -12.42
N ASN C 772 2.74 39.99 -13.15
CA ASN C 772 3.72 39.06 -13.72
C ASN C 772 4.73 38.62 -12.60
N ARG C 773 4.20 38.09 -11.49
CA ARG C 773 4.99 37.67 -10.34
C ARG C 773 5.50 36.22 -10.50
N GLU C 774 6.61 36.06 -11.26
CA GLU C 774 7.28 34.79 -11.53
C GLU C 774 8.01 34.29 -10.29
N ASP C 775 8.28 35.18 -9.33
CA ASP C 775 8.96 34.90 -8.06
C ASP C 775 7.98 34.28 -7.03
N VAL C 776 6.68 34.23 -7.36
CA VAL C 776 5.63 33.69 -6.48
C VAL C 776 4.92 32.48 -7.14
N ALA C 777 4.67 31.41 -6.37
CA ALA C 777 3.90 30.26 -6.84
C ALA C 777 2.82 29.91 -5.84
N ILE C 778 1.69 29.41 -6.35
CA ILE C 778 0.52 29.10 -5.53
C ILE C 778 0.24 27.60 -5.63
N VAL C 779 0.28 26.94 -4.45
CA VAL C 779 0.06 25.49 -4.36
C VAL C 779 -1.23 25.26 -3.57
N ARG C 780 -2.15 24.48 -4.14
CA ARG C 780 -3.42 24.17 -3.51
C ARG C 780 -3.43 22.82 -2.79
N ILE C 781 -3.95 22.81 -1.56
CA ILE C 781 -4.14 21.58 -0.79
C ILE C 781 -5.62 21.25 -0.95
N GLU C 782 -5.95 20.32 -1.84
CA GLU C 782 -7.34 19.91 -2.16
C GLU C 782 -7.91 18.98 -1.09
N GLN C 783 -7.06 18.08 -0.59
CA GLN C 783 -7.42 17.13 0.47
C GLN C 783 -6.82 17.64 1.77
N LEU C 784 -7.67 18.18 2.66
CA LEU C 784 -7.20 18.78 3.91
C LEU C 784 -6.88 17.70 4.95
N ALA C 785 -7.62 16.59 4.93
CA ALA C 785 -7.44 15.46 5.85
C ALA C 785 -7.84 14.16 5.15
N PRO C 786 -7.00 13.09 5.22
CA PRO C 786 -5.66 13.06 5.83
C PRO C 786 -4.71 13.96 5.03
N LEU C 787 -3.75 14.60 5.71
CA LEU C 787 -2.81 15.48 5.03
C LEU C 787 -2.03 14.69 3.98
N PRO C 788 -2.00 15.16 2.71
CA PRO C 788 -1.25 14.40 1.69
C PRO C 788 0.25 14.71 1.80
N ARG C 789 0.88 14.20 2.88
CA ARG C 789 2.30 14.39 3.23
C ARG C 789 3.27 14.17 2.07
N ARG C 790 3.23 12.96 1.44
CA ARG C 790 4.15 12.60 0.36
C ARG C 790 3.96 13.53 -0.86
N ARG C 791 2.72 13.70 -1.34
CA ARG C 791 2.42 14.54 -2.51
C ARG C 791 2.80 15.99 -2.25
N LEU C 792 2.62 16.48 -1.00
CA LEU C 792 2.98 17.84 -0.59
C LEU C 792 4.50 18.01 -0.62
N ALA C 793 5.26 17.05 -0.04
CA ALA C 793 6.72 17.08 -0.02
C ALA C 793 7.30 17.04 -1.43
N GLU C 794 6.76 16.16 -2.31
CA GLU C 794 7.21 15.99 -3.70
C GLU C 794 6.92 17.24 -4.53
N THR C 795 5.80 17.93 -4.26
CA THR C 795 5.43 19.16 -4.97
C THR C 795 6.38 20.30 -4.60
N LEU C 796 6.64 20.52 -3.29
CA LEU C 796 7.51 21.60 -2.81
C LEU C 796 8.98 21.42 -3.24
N ASP C 797 9.45 20.15 -3.41
CA ASP C 797 10.82 19.86 -3.84
C ASP C 797 11.11 20.38 -5.25
N ARG C 798 10.05 20.61 -6.04
CA ARG C 798 10.14 21.10 -7.43
C ARG C 798 10.36 22.62 -7.51
N TYR C 799 10.36 23.31 -6.35
CA TYR C 799 10.59 24.76 -6.21
C TYR C 799 11.85 24.96 -5.34
N PRO C 800 13.07 24.72 -5.86
CA PRO C 800 14.27 24.74 -4.99
C PRO C 800 14.73 26.10 -4.47
N ASN C 801 14.33 27.19 -5.12
CA ASN C 801 14.80 28.51 -4.74
C ASN C 801 13.84 29.25 -3.78
N VAL C 802 12.87 28.53 -3.18
CA VAL C 802 11.91 29.09 -2.23
C VAL C 802 12.65 29.47 -0.94
N LYS C 803 12.51 30.75 -0.52
CA LYS C 803 13.13 31.31 0.68
C LYS C 803 12.09 31.56 1.78
N GLU C 804 10.79 31.59 1.42
CA GLU C 804 9.69 31.81 2.38
C GLU C 804 8.41 31.11 1.93
N LYS C 805 7.67 30.54 2.89
CA LYS C 805 6.41 29.84 2.66
C LYS C 805 5.29 30.42 3.52
N PHE C 806 4.12 30.63 2.91
CA PHE C 806 2.98 31.16 3.62
C PHE C 806 1.74 30.34 3.42
N TRP C 807 1.03 30.09 4.52
CA TRP C 807 -0.29 29.48 4.43
C TRP C 807 -1.27 30.65 4.30
N VAL C 808 -1.99 30.71 3.16
CA VAL C 808 -2.92 31.81 2.88
C VAL C 808 -4.35 31.28 2.94
N GLN C 809 -5.22 32.01 3.69
CA GLN C 809 -6.64 31.65 3.82
C GLN C 809 -7.51 32.88 4.01
N GLU C 810 -8.76 32.77 3.60
CA GLU C 810 -9.76 33.82 3.75
C GLU C 810 -10.26 33.89 5.19
N GLU C 811 -10.32 32.73 5.86
CA GLU C 811 -10.90 32.59 7.18
C GLU C 811 -10.07 33.28 8.27
N PRO C 812 -10.72 33.74 9.37
CA PRO C 812 -9.98 34.27 10.52
C PRO C 812 -8.89 33.30 11.01
N ALA C 813 -7.85 33.87 11.68
CA ALA C 813 -6.65 33.18 12.17
C ALA C 813 -6.97 31.98 13.10
N ASN C 814 -8.09 32.04 13.85
CA ASN C 814 -8.54 31.00 14.78
C ASN C 814 -9.47 30.01 14.08
N GLN C 815 -9.69 30.21 12.76
CA GLN C 815 -10.59 29.40 11.94
C GLN C 815 -9.88 28.90 10.67
N GLY C 816 -10.63 28.20 9.82
CA GLY C 816 -10.09 27.59 8.61
C GLY C 816 -9.08 26.49 8.93
N ALA C 817 -8.11 26.28 8.03
CA ALA C 817 -7.11 25.20 8.20
C ALA C 817 -5.89 25.57 9.07
N TRP C 818 -5.61 26.88 9.28
CA TRP C 818 -4.42 27.32 10.01
C TRP C 818 -4.29 26.72 11.44
N PRO C 819 -5.31 26.73 12.35
CA PRO C 819 -5.09 26.16 13.71
C PRO C 819 -4.52 24.73 13.71
N SER C 820 -4.95 23.88 12.75
CA SER C 820 -4.38 22.52 12.69
C SER C 820 -3.10 22.47 11.80
N PHE C 821 -3.11 23.11 10.59
CA PHE C 821 -1.94 23.09 9.69
C PHE C 821 -0.74 23.80 10.30
N GLY C 822 -0.96 24.91 10.99
CA GLY C 822 0.09 25.68 11.66
C GLY C 822 0.82 24.88 12.71
N LEU C 823 0.12 23.91 13.34
CA LEU C 823 0.69 23.03 14.34
C LEU C 823 1.27 21.73 13.72
N THR C 824 0.53 21.12 12.79
CA THR C 824 0.88 19.84 12.15
C THR C 824 1.96 19.93 11.04
N LEU C 825 1.83 20.85 10.05
CA LEU C 825 2.78 20.94 8.93
C LEU C 825 4.27 21.06 9.39
N PRO C 826 4.67 21.96 10.33
CA PRO C 826 6.10 21.99 10.74
C PRO C 826 6.55 20.73 11.53
N GLU C 827 5.59 19.93 12.03
CA GLU C 827 5.86 18.71 12.78
C GLU C 827 6.05 17.48 11.85
N ILE C 828 5.16 17.29 10.86
CA ILE C 828 5.18 16.15 9.93
C ILE C 828 6.20 16.35 8.79
N LEU C 829 6.46 17.61 8.38
CA LEU C 829 7.41 17.94 7.32
C LEU C 829 8.32 19.10 7.81
N PRO C 830 9.18 18.84 8.84
CA PRO C 830 10.03 19.93 9.38
C PRO C 830 11.00 20.54 8.38
N ASP C 831 11.53 19.76 7.42
CA ASP C 831 12.48 20.30 6.44
C ASP C 831 11.77 21.20 5.43
N HIS C 832 10.44 21.03 5.28
CA HIS C 832 9.66 21.82 4.33
C HIS C 832 8.91 22.97 4.99
N PHE C 833 8.39 22.79 6.21
CA PHE C 833 7.53 23.81 6.79
C PHE C 833 8.01 24.48 8.08
N THR C 834 9.30 24.34 8.44
CA THR C 834 9.83 25.09 9.59
C THR C 834 9.90 26.55 9.11
N GLY C 835 9.26 27.44 9.85
CA GLY C 835 9.23 28.86 9.49
C GLY C 835 7.98 29.26 8.74
N LEU C 836 7.01 28.31 8.57
CA LEU C 836 5.74 28.57 7.89
C LEU C 836 5.00 29.69 8.59
N LYS C 837 4.57 30.68 7.82
CA LYS C 837 3.85 31.83 8.34
C LYS C 837 2.43 31.86 7.81
N ARG C 838 1.54 32.52 8.54
CA ARG C 838 0.13 32.63 8.22
C ARG C 838 -0.23 33.99 7.63
N ILE C 839 -1.04 33.98 6.56
CA ILE C 839 -1.68 35.16 5.97
C ILE C 839 -3.17 34.82 5.99
N SER C 840 -3.95 35.58 6.74
CA SER C 840 -5.39 35.33 6.89
C SER C 840 -6.10 36.57 7.41
N ARG C 841 -7.41 36.42 7.70
CA ARG C 841 -8.15 37.47 8.40
C ARG C 841 -7.72 37.40 9.87
N ARG C 842 -7.88 38.48 10.62
CA ARG C 842 -7.57 38.50 12.04
C ARG C 842 -8.45 37.48 12.78
N ALA C 843 -8.01 37.00 13.97
CA ALA C 843 -8.86 36.08 14.75
C ALA C 843 -10.18 36.80 15.08
N MET C 844 -11.33 36.12 14.88
CA MET C 844 -12.65 36.70 15.12
C MET C 844 -13.52 35.76 15.94
N SER C 845 -14.49 36.31 16.69
CA SER C 845 -15.41 35.51 17.51
C SER C 845 -16.57 34.95 16.66
N ALA C 846 -16.78 35.52 15.46
CA ALA C 846 -17.76 35.09 14.47
C ALA C 846 -17.01 34.68 13.19
N PRO C 847 -17.62 33.92 12.25
CA PRO C 847 -16.86 33.46 11.08
C PRO C 847 -16.42 34.57 10.12
N SER C 848 -17.05 35.74 10.20
CA SER C 848 -16.75 36.91 9.36
C SER C 848 -17.42 38.17 9.91
N SER C 849 -17.15 39.31 9.27
CA SER C 849 -17.80 40.57 9.59
C SER C 849 -19.22 40.56 8.98
N GLY C 850 -20.12 41.38 9.53
CA GLY C 850 -21.48 41.49 9.02
C GLY C 850 -21.59 42.33 7.75
N SER C 851 -20.59 43.21 7.50
CA SER C 851 -20.58 44.15 6.35
C SER C 851 -19.83 43.60 5.11
N SER C 852 -20.46 43.72 3.91
CA SER C 852 -19.81 43.29 2.66
C SER C 852 -18.67 44.27 2.28
N LYS C 853 -18.74 45.53 2.77
CA LYS C 853 -17.72 46.57 2.57
C LYS C 853 -16.46 46.19 3.37
N VAL C 854 -16.62 45.82 4.66
CA VAL C 854 -15.53 45.40 5.55
C VAL C 854 -14.89 44.13 4.98
N HIS C 855 -15.72 43.16 4.53
CA HIS C 855 -15.27 41.93 3.88
C HIS C 855 -14.32 42.23 2.68
N ALA C 856 -14.73 43.15 1.78
CA ALA C 856 -14.02 43.52 0.56
C ALA C 856 -12.65 44.15 0.89
N VAL C 857 -12.59 45.00 1.93
CA VAL C 857 -11.34 45.62 2.39
C VAL C 857 -10.41 44.50 2.92
N GLU C 858 -10.94 43.59 3.77
CA GLU C 858 -10.17 42.48 4.35
C GLU C 858 -9.68 41.51 3.29
N GLN C 859 -10.50 41.22 2.24
CA GLN C 859 -10.10 40.32 1.14
C GLN C 859 -8.92 40.91 0.39
N GLN C 860 -8.95 42.24 0.13
CA GLN C 860 -7.88 42.95 -0.55
C GLN C 860 -6.62 43.00 0.31
N GLU C 861 -6.74 43.16 1.66
CA GLU C 861 -5.55 43.16 2.55
C GLU C 861 -4.81 41.82 2.52
N ILE C 862 -5.54 40.68 2.33
CA ILE C 862 -4.96 39.34 2.26
C ILE C 862 -4.14 39.24 0.95
N LEU C 863 -4.71 39.71 -0.17
CA LEU C 863 -4.07 39.67 -1.48
C LEU C 863 -2.83 40.54 -1.51
N ASP C 864 -2.90 41.76 -0.93
CA ASP C 864 -1.77 42.69 -0.86
C ASP C 864 -0.66 42.16 0.05
N THR C 865 -1.01 41.46 1.15
CA THR C 865 -0.03 40.89 2.09
C THR C 865 0.74 39.75 1.40
N ALA C 866 0.02 38.89 0.67
CA ALA C 866 0.60 37.75 -0.05
C ALA C 866 1.57 38.19 -1.15
N PHE C 867 1.35 39.39 -1.73
CA PHE C 867 2.20 39.91 -2.81
C PHE C 867 3.00 41.16 -2.38
N GLY C 868 3.13 41.37 -1.07
CA GLY C 868 3.87 42.49 -0.49
C GLY C 868 5.31 42.13 -0.12
N ASN D 8 -82.69 15.44 16.02
CA ASN D 8 -82.14 16.20 17.14
C ASN D 8 -80.73 15.68 17.49
N ALA D 9 -80.54 14.34 17.48
CA ALA D 9 -79.24 13.70 17.76
C ALA D 9 -78.27 14.00 16.62
N ARG D 10 -78.80 14.10 15.38
CA ARG D 10 -78.05 14.45 14.17
C ARG D 10 -77.61 15.94 14.19
N VAL D 11 -78.33 16.79 14.95
CA VAL D 11 -78.05 18.21 15.11
C VAL D 11 -76.83 18.37 16.04
N ILE D 12 -76.82 17.64 17.18
CA ILE D 12 -75.73 17.62 18.17
C ILE D 12 -74.43 17.12 17.53
N GLU D 13 -74.54 16.12 16.62
CA GLU D 13 -73.43 15.54 15.87
C GLU D 13 -72.89 16.54 14.83
N LEU D 14 -73.80 17.33 14.21
CA LEU D 14 -73.48 18.36 13.22
C LEU D 14 -72.71 19.51 13.88
N ILE D 15 -73.17 19.97 15.06
CA ILE D 15 -72.52 21.03 15.85
C ILE D 15 -71.08 20.59 16.21
N ALA D 16 -70.91 19.34 16.69
CA ALA D 16 -69.60 18.78 17.05
C ALA D 16 -68.68 18.71 15.85
N ALA D 17 -69.21 18.31 14.66
CA ALA D 17 -68.45 18.23 13.40
C ALA D 17 -67.88 19.59 12.99
N TYR D 18 -68.66 20.68 13.15
CA TYR D 18 -68.21 22.03 12.80
C TYR D 18 -67.14 22.50 13.77
N ARG D 19 -67.34 22.26 15.07
CA ARG D 19 -66.41 22.64 16.12
C ARG D 19 -65.07 21.88 16.00
N ASN D 20 -65.14 20.58 15.70
CA ASN D 20 -63.96 19.73 15.59
C ASN D 20 -63.21 19.85 14.27
N ARG D 21 -63.93 19.82 13.14
CA ARG D 21 -63.32 19.72 11.82
C ARG D 21 -63.71 20.79 10.80
N GLY D 22 -64.52 21.79 11.22
CA GLY D 22 -64.95 22.89 10.34
C GLY D 22 -63.79 23.59 9.65
N HIS D 23 -62.66 23.76 10.40
CA HIS D 23 -61.40 24.38 9.99
C HIS D 23 -60.80 23.73 8.73
N LEU D 24 -61.15 22.45 8.46
CA LEU D 24 -60.70 21.73 7.27
C LEU D 24 -61.37 22.26 6.01
N MET D 25 -62.55 22.89 6.17
CA MET D 25 -63.36 23.45 5.08
C MET D 25 -63.27 24.98 5.02
N ALA D 26 -62.66 25.63 6.02
CA ALA D 26 -62.59 27.08 6.06
C ALA D 26 -61.82 27.64 4.84
N ASP D 27 -62.26 28.81 4.35
CA ASP D 27 -61.63 29.50 3.21
C ASP D 27 -60.45 30.34 3.72
N ILE D 28 -59.32 29.67 3.99
CA ILE D 28 -58.13 30.24 4.63
C ILE D 28 -57.01 30.55 3.65
N ASP D 29 -57.00 29.90 2.48
CA ASP D 29 -55.92 30.12 1.53
C ASP D 29 -56.29 31.21 0.54
N PRO D 30 -55.55 32.36 0.55
CA PRO D 30 -55.85 33.44 -0.41
C PRO D 30 -55.56 33.06 -1.87
N LEU D 31 -54.76 32.00 -2.11
CA LEU D 31 -54.42 31.55 -3.46
C LEU D 31 -55.39 30.48 -3.99
N ARG D 32 -56.15 29.82 -3.08
CA ARG D 32 -57.11 28.75 -3.39
C ARG D 32 -56.46 27.66 -4.26
N LEU D 33 -55.24 27.21 -3.88
CA LEU D 33 -54.45 26.24 -4.63
C LEU D 33 -55.05 24.85 -4.67
N ASP D 34 -55.58 24.38 -3.53
CA ASP D 34 -56.19 23.06 -3.48
C ASP D 34 -57.61 23.14 -4.00
N ASN D 35 -57.81 22.62 -5.21
CA ASN D 35 -59.05 22.57 -5.99
C ASN D 35 -60.01 21.49 -5.47
N THR D 36 -59.53 20.61 -4.58
CA THR D 36 -60.29 19.49 -4.01
C THR D 36 -60.65 19.74 -2.52
N ARG D 37 -60.23 20.88 -1.95
CA ARG D 37 -60.42 21.28 -0.55
C ARG D 37 -61.92 21.42 -0.17
N PHE D 38 -62.70 22.14 -0.98
CA PHE D 38 -64.13 22.37 -0.73
C PHE D 38 -64.98 21.30 -1.40
N TRP D 54 -85.34 20.19 3.97
CA TRP D 54 -85.30 21.56 4.45
C TRP D 54 -85.94 21.67 5.84
N ASP D 55 -85.27 21.01 6.82
CA ASP D 55 -85.63 20.98 8.25
C ASP D 55 -84.95 22.15 8.99
N LEU D 56 -84.58 23.20 8.23
CA LEU D 56 -83.92 24.42 8.65
C LEU D 56 -84.79 25.34 9.51
N ASP D 57 -86.13 25.31 9.32
CA ASP D 57 -87.01 26.20 10.08
C ASP D 57 -87.53 25.56 11.39
N ARG D 58 -87.07 24.33 11.70
CA ARG D 58 -87.41 23.60 12.93
C ARG D 58 -86.48 24.02 14.08
N GLU D 59 -87.07 24.24 15.27
CA GLU D 59 -86.35 24.66 16.48
C GLU D 59 -85.88 23.45 17.29
N PHE D 60 -84.63 23.51 17.83
CA PHE D 60 -84.02 22.44 18.61
C PHE D 60 -83.53 22.92 19.98
N LYS D 71 -83.83 28.24 19.26
CA LYS D 71 -83.17 28.68 18.02
C LYS D 71 -83.42 27.70 16.87
N LYS D 72 -83.75 28.25 15.67
CA LYS D 72 -83.99 27.47 14.44
C LYS D 72 -82.69 26.84 13.91
N LEU D 73 -82.80 25.70 13.19
CA LEU D 73 -81.67 24.95 12.61
C LEU D 73 -80.88 25.80 11.60
N ARG D 74 -81.56 26.65 10.80
CA ARG D 74 -80.89 27.53 9.83
C ARG D 74 -80.00 28.55 10.53
N ASP D 75 -80.41 29.02 11.72
CA ASP D 75 -79.70 30.02 12.52
C ASP D 75 -78.51 29.40 13.23
N ILE D 76 -78.64 28.13 13.70
CA ILE D 76 -77.56 27.38 14.35
C ILE D 76 -76.43 27.17 13.34
N LEU D 77 -76.78 26.66 12.15
CA LEU D 77 -75.83 26.37 11.06
C LEU D 77 -75.10 27.61 10.56
N SER D 78 -75.80 28.76 10.44
CA SER D 78 -75.21 30.02 9.98
C SER D 78 -74.16 30.51 10.99
N VAL D 79 -74.44 30.31 12.31
CA VAL D 79 -73.51 30.67 13.39
C VAL D 79 -72.27 29.78 13.27
N LEU D 80 -72.45 28.45 13.06
CA LEU D 80 -71.34 27.51 12.94
C LEU D 80 -70.50 27.77 11.68
N ARG D 81 -71.14 28.04 10.52
CA ARG D 81 -70.45 28.35 9.26
C ARG D 81 -69.61 29.65 9.35
N ASP D 82 -70.16 30.73 9.91
CA ASP D 82 -69.47 32.02 10.06
C ASP D 82 -68.28 31.94 11.02
N ALA D 83 -68.40 31.12 12.07
CA ALA D 83 -67.40 30.97 13.11
C ALA D 83 -66.27 30.03 12.70
N TYR D 84 -66.60 28.94 11.98
CA TYR D 84 -65.61 27.90 11.68
C TYR D 84 -65.27 27.67 10.21
N CYS D 85 -66.09 28.18 9.26
CA CYS D 85 -65.84 27.86 7.85
C CYS D 85 -65.69 29.09 6.95
N ARG D 86 -65.37 30.26 7.51
CA ARG D 86 -65.21 31.48 6.72
C ARG D 86 -63.72 31.73 6.51
N HIS D 87 -63.17 32.87 6.95
CA HIS D 87 -61.75 33.17 6.76
C HIS D 87 -60.89 32.75 7.97
N VAL D 88 -61.51 32.17 9.01
CA VAL D 88 -60.82 31.72 10.22
C VAL D 88 -61.08 30.23 10.48
N GLY D 89 -60.00 29.46 10.52
CA GLY D 89 -60.01 28.04 10.87
C GLY D 89 -59.61 27.92 12.31
N VAL D 90 -60.54 27.45 13.17
CA VAL D 90 -60.32 27.35 14.62
C VAL D 90 -60.08 25.90 15.04
N GLU D 91 -58.92 25.66 15.67
CA GLU D 91 -58.57 24.36 16.23
C GLU D 91 -58.46 24.54 17.72
N TYR D 92 -59.41 23.98 18.48
CA TYR D 92 -59.42 24.16 19.94
C TYR D 92 -60.02 22.96 20.68
N THR D 93 -60.62 21.99 19.99
CA THR D 93 -61.27 20.87 20.69
C THR D 93 -60.23 19.84 21.19
N HIS D 94 -58.93 20.03 20.85
CA HIS D 94 -57.81 19.19 21.30
C HIS D 94 -57.37 19.62 22.71
N ILE D 95 -57.80 20.81 23.16
CA ILE D 95 -57.47 21.38 24.48
C ILE D 95 -58.17 20.55 25.56
N LEU D 96 -57.39 20.07 26.55
CA LEU D 96 -57.90 19.21 27.62
C LEU D 96 -58.72 19.97 28.69
N GLU D 97 -58.46 21.28 28.87
CA GLU D 97 -59.19 22.12 29.84
C GLU D 97 -60.58 22.50 29.28
N PRO D 98 -61.71 22.04 29.90
CA PRO D 98 -63.04 22.37 29.36
C PRO D 98 -63.37 23.86 29.41
N GLU D 99 -62.84 24.59 30.42
CA GLU D 99 -63.05 26.02 30.58
C GLU D 99 -62.38 26.84 29.43
N GLN D 100 -61.28 26.33 28.85
CA GLN D 100 -60.59 26.98 27.74
C GLN D 100 -61.38 26.77 26.45
N GLN D 101 -61.91 25.55 26.24
CA GLN D 101 -62.76 25.18 25.10
C GLN D 101 -64.03 26.04 25.11
N ARG D 102 -64.63 26.21 26.30
CA ARG D 102 -65.85 27.01 26.50
C ARG D 102 -65.59 28.48 26.22
N TRP D 103 -64.45 29.04 26.70
CA TRP D 103 -64.05 30.44 26.50
C TRP D 103 -63.96 30.78 25.00
N ILE D 104 -63.32 29.89 24.19
CA ILE D 104 -63.17 30.07 22.75
C ILE D 104 -64.53 29.96 22.06
N GLN D 105 -65.29 28.89 22.36
CA GLN D 105 -66.65 28.64 21.85
C GLN D 105 -67.53 29.87 21.94
N GLU D 106 -67.65 30.47 23.15
CA GLU D 106 -68.48 31.64 23.43
C GLU D 106 -68.07 32.87 22.61
N ARG D 107 -66.77 33.12 22.46
CA ARG D 107 -66.28 34.31 21.74
C ARG D 107 -66.30 34.14 20.20
N VAL D 108 -66.22 32.91 19.71
CA VAL D 108 -66.20 32.55 18.29
C VAL D 108 -67.64 32.29 17.75
N GLU D 109 -68.52 31.65 18.54
CA GLU D 109 -69.88 31.31 18.13
C GLU D 109 -70.92 32.41 18.46
N THR D 110 -70.59 33.69 18.26
CA THR D 110 -71.53 34.79 18.51
C THR D 110 -71.46 35.80 17.36
N LYS D 111 -72.54 36.59 17.16
CA LYS D 111 -72.56 37.63 16.14
C LYS D 111 -71.63 38.74 16.60
N HIS D 112 -70.55 38.98 15.84
CA HIS D 112 -69.55 39.99 16.17
C HIS D 112 -69.92 41.32 15.60
N ASP D 113 -69.67 42.39 16.39
CA ASP D 113 -69.92 43.77 15.98
C ASP D 113 -68.94 44.14 14.89
N LYS D 114 -69.46 44.58 13.73
CA LYS D 114 -68.65 45.00 12.58
C LYS D 114 -67.71 46.15 13.01
N PRO D 115 -66.42 46.17 12.58
CA PRO D 115 -65.54 47.27 13.00
C PRO D 115 -66.05 48.62 12.48
N THR D 116 -65.76 49.71 13.22
CA THR D 116 -66.16 51.05 12.81
C THR D 116 -65.34 51.46 11.58
N VAL D 117 -65.85 52.43 10.79
CA VAL D 117 -65.19 52.96 9.60
C VAL D 117 -63.80 53.49 10.02
N ALA D 118 -63.71 54.11 11.23
CA ALA D 118 -62.46 54.61 11.80
C ALA D 118 -61.42 53.49 11.96
N GLU D 119 -61.84 52.32 12.51
CA GLU D 119 -60.98 51.14 12.72
C GLU D 119 -60.58 50.51 11.37
N GLN D 120 -61.53 50.47 10.41
CA GLN D 120 -61.32 49.95 9.06
C GLN D 120 -60.30 50.82 8.31
N LYS D 121 -60.45 52.16 8.40
CA LYS D 121 -59.53 53.14 7.80
C LYS D 121 -58.16 53.04 8.44
N TYR D 122 -58.12 52.74 9.76
CA TYR D 122 -56.85 52.56 10.48
C TYR D 122 -56.15 51.29 10.00
N ILE D 123 -56.91 50.19 9.80
CA ILE D 123 -56.34 48.93 9.28
C ILE D 123 -55.79 49.18 7.86
N LEU D 124 -56.57 49.86 7.00
CA LEU D 124 -56.15 50.22 5.65
C LEU D 124 -54.86 51.09 5.67
N SER D 125 -54.79 52.12 6.56
CA SER D 125 -53.60 52.98 6.70
C SER D 125 -52.34 52.15 7.06
N LYS D 126 -52.50 51.09 7.91
CA LYS D 126 -51.39 50.20 8.28
C LYS D 126 -50.97 49.32 7.11
N LEU D 127 -51.89 48.94 6.23
CA LEU D 127 -51.58 48.19 5.01
C LEU D 127 -50.85 49.09 4.00
N ASN D 128 -51.33 50.36 3.87
CA ASN D 128 -50.79 51.39 2.99
C ASN D 128 -49.33 51.64 3.30
N ALA D 129 -49.01 51.86 4.59
CA ALA D 129 -47.67 52.09 5.12
C ALA D 129 -46.76 50.90 4.87
N ALA D 130 -47.31 49.66 5.07
CA ALA D 130 -46.57 48.42 4.95
C ALA D 130 -46.19 48.12 3.51
N GLU D 131 -47.13 48.28 2.58
CA GLU D 131 -46.91 48.06 1.15
C GLU D 131 -46.05 49.19 0.55
N ALA D 132 -46.24 50.45 0.97
CA ALA D 132 -45.40 51.57 0.51
C ALA D 132 -43.94 51.38 0.93
N PHE D 133 -43.70 50.79 2.12
CA PHE D 133 -42.37 50.52 2.61
C PHE D 133 -41.70 49.51 1.69
N GLU D 134 -42.45 48.48 1.25
CA GLU D 134 -41.96 47.40 0.39
C GLU D 134 -41.63 47.88 -1.01
N THR D 135 -42.51 48.72 -1.63
CA THR D 135 -42.29 49.26 -2.98
C THR D 135 -41.09 50.19 -2.95
N PHE D 136 -40.92 51.00 -1.88
CA PHE D 136 -39.74 51.88 -1.73
C PHE D 136 -38.49 51.01 -1.68
N LEU D 137 -38.53 49.96 -0.84
CA LEU D 137 -37.42 49.05 -0.56
C LEU D 137 -36.94 48.29 -1.79
N GLN D 138 -37.86 47.90 -2.68
CA GLN D 138 -37.51 47.15 -3.89
C GLN D 138 -37.17 48.05 -5.10
N THR D 139 -37.38 49.39 -4.97
CA THR D 139 -37.11 50.37 -6.03
C THR D 139 -35.80 51.15 -5.78
N LYS D 140 -35.58 51.60 -4.55
CA LYS D 140 -34.41 52.41 -4.18
C LYS D 140 -33.13 51.57 -4.12
N TYR D 141 -33.13 50.49 -3.32
CA TYR D 141 -31.95 49.64 -3.13
C TYR D 141 -32.00 48.34 -3.93
N VAL D 142 -30.79 47.79 -4.20
CA VAL D 142 -30.56 46.54 -4.92
C VAL D 142 -30.21 45.42 -3.93
N GLY D 143 -30.69 44.23 -4.23
CA GLY D 143 -30.48 43.03 -3.41
C GLY D 143 -31.27 43.01 -2.12
N GLN D 144 -32.54 43.48 -2.16
CA GLN D 144 -33.40 43.50 -0.96
C GLN D 144 -34.59 42.54 -1.06
N LYS D 145 -34.72 41.79 -2.21
CA LYS D 145 -35.81 40.86 -2.54
C LYS D 145 -36.10 39.82 -1.45
N ARG D 146 -35.06 39.30 -0.81
CA ARG D 146 -35.07 38.28 0.24
C ARG D 146 -35.69 38.77 1.56
N PHE D 147 -35.90 40.06 1.71
CA PHE D 147 -36.49 40.59 2.92
C PHE D 147 -37.91 41.09 2.67
N SER D 148 -38.45 40.81 1.46
CA SER D 148 -39.78 41.26 1.04
C SER D 148 -40.92 40.60 1.80
N LEU D 149 -41.85 41.43 2.26
CA LEU D 149 -43.07 41.03 2.96
C LEU D 149 -44.29 41.05 2.00
N GLU D 150 -44.08 41.36 0.73
CA GLU D 150 -45.16 41.43 -0.27
C GLU D 150 -45.89 40.10 -0.39
N GLY D 151 -47.19 40.19 -0.29
CA GLY D 151 -48.08 39.03 -0.26
C GLY D 151 -48.41 38.67 1.18
N ALA D 152 -47.73 39.32 2.13
CA ALA D 152 -47.87 39.08 3.58
C ALA D 152 -47.87 40.40 4.41
N GLU D 153 -48.31 41.53 3.82
CA GLU D 153 -48.37 42.85 4.49
C GLU D 153 -49.37 42.89 5.65
N THR D 154 -50.35 41.99 5.64
CA THR D 154 -51.39 41.88 6.67
C THR D 154 -50.78 41.55 8.04
N VAL D 155 -49.54 41.00 8.09
CA VAL D 155 -48.86 40.73 9.36
C VAL D 155 -48.60 42.06 10.12
N ILE D 156 -48.45 43.20 9.40
CA ILE D 156 -48.23 44.51 10.02
C ILE D 156 -49.55 44.94 10.79
N PRO D 157 -50.78 45.09 10.21
CA PRO D 157 -51.94 45.43 11.07
C PRO D 157 -52.27 44.33 12.10
N MET D 158 -51.88 43.05 11.84
CA MET D 158 -52.06 41.95 12.79
C MET D 158 -51.18 42.17 14.03
N MET D 159 -49.87 42.49 13.82
CA MET D 159 -48.93 42.74 14.92
C MET D 159 -49.35 44.00 15.68
N ASP D 160 -49.86 45.01 14.95
CA ASP D 160 -50.34 46.26 15.54
C ASP D 160 -51.53 45.98 16.46
N ALA D 161 -52.39 45.02 16.07
CA ALA D 161 -53.56 44.65 16.86
C ALA D 161 -53.14 43.91 18.12
N VAL D 162 -52.09 43.07 18.04
CA VAL D 162 -51.53 42.34 19.20
C VAL D 162 -51.08 43.35 20.25
N ILE D 163 -50.21 44.28 19.82
CA ILE D 163 -49.57 45.28 20.69
C ILE D 163 -50.63 46.24 21.26
N ASP D 164 -51.60 46.65 20.44
CA ASP D 164 -52.69 47.53 20.88
C ASP D 164 -53.55 46.83 21.93
N GLN D 165 -53.81 45.51 21.75
CA GLN D 165 -54.61 44.74 22.71
C GLN D 165 -53.82 44.54 24.01
N CYS D 166 -52.48 44.39 23.94
CA CYS D 166 -51.65 44.27 25.16
C CYS D 166 -51.68 45.62 25.91
N ALA D 167 -51.69 46.77 25.19
CA ALA D 167 -51.77 48.12 25.76
C ALA D 167 -53.13 48.31 26.43
N GLU D 168 -54.21 47.78 25.80
CA GLU D 168 -55.58 47.84 26.32
C GLU D 168 -55.67 47.06 27.65
N HIS D 169 -54.86 45.98 27.82
CA HIS D 169 -54.78 45.18 29.05
C HIS D 169 -53.88 45.86 30.10
N GLY D 170 -53.31 47.03 29.76
CA GLY D 170 -52.42 47.80 30.63
C GLY D 170 -51.08 47.13 30.89
N LEU D 171 -50.60 46.33 29.94
CA LEU D 171 -49.32 45.60 30.08
C LEU D 171 -48.12 46.54 29.83
N ASP D 172 -46.92 46.10 30.26
CA ASP D 172 -45.71 46.93 30.24
C ASP D 172 -44.88 46.85 28.97
N GLU D 173 -44.71 45.66 28.38
CA GLU D 173 -43.86 45.52 27.22
C GLU D 173 -44.21 44.31 26.38
N VAL D 174 -44.00 44.44 25.07
CA VAL D 174 -44.12 43.37 24.09
C VAL D 174 -42.72 43.21 23.52
N VAL D 175 -42.13 42.02 23.66
CA VAL D 175 -40.79 41.76 23.13
C VAL D 175 -40.99 40.81 21.96
N ILE D 176 -40.48 41.22 20.80
CA ILE D 176 -40.58 40.46 19.55
C ILE D 176 -39.27 39.75 19.20
N ALA D 177 -39.43 38.53 18.64
CA ALA D 177 -38.41 37.73 17.97
C ALA D 177 -38.99 37.32 16.64
N MET D 178 -38.20 37.47 15.59
CA MET D 178 -38.65 37.14 14.26
C MET D 178 -37.49 36.79 13.31
N PRO D 179 -37.75 36.10 12.18
CA PRO D 179 -36.72 35.96 11.14
C PRO D 179 -36.56 37.29 10.34
N HIS D 180 -35.79 37.27 9.24
CA HIS D 180 -35.43 38.44 8.41
C HIS D 180 -36.58 39.05 7.57
N ARG D 181 -37.61 38.25 7.20
CA ARG D 181 -38.68 38.70 6.35
C ARG D 181 -39.57 39.76 7.01
N GLY D 182 -39.56 40.96 6.44
CA GLY D 182 -40.37 42.07 6.90
C GLY D 182 -39.77 42.81 8.07
N ARG D 183 -38.54 42.45 8.49
CA ARG D 183 -37.89 43.03 9.67
C ARG D 183 -37.80 44.51 9.65
N LEU D 184 -37.34 45.14 8.56
CA LEU D 184 -37.24 46.61 8.55
C LEU D 184 -38.65 47.24 8.48
N ASN D 185 -39.66 46.48 7.99
CA ASN D 185 -41.06 46.98 7.94
C ASN D 185 -41.63 46.98 9.36
N VAL D 186 -41.26 45.96 10.16
CA VAL D 186 -41.63 45.80 11.55
C VAL D 186 -40.97 46.90 12.33
N LEU D 187 -39.68 47.20 12.03
CA LEU D 187 -38.99 48.27 12.74
C LEU D 187 -39.65 49.62 12.54
N ALA D 188 -39.99 49.94 11.27
CA ALA D 188 -40.59 51.20 10.90
C ALA D 188 -42.06 51.28 11.27
N ASN D 189 -42.84 50.19 11.07
CA ASN D 189 -44.29 50.32 11.27
C ASN D 189 -44.88 49.69 12.55
N ILE D 190 -44.06 49.03 13.38
CA ILE D 190 -44.51 48.42 14.64
C ILE D 190 -43.66 48.97 15.82
N VAL D 191 -42.33 48.94 15.69
CA VAL D 191 -41.34 49.41 16.68
C VAL D 191 -41.30 50.97 16.66
N GLY D 192 -41.77 51.57 15.58
CA GLY D 192 -41.88 53.02 15.44
C GLY D 192 -40.56 53.73 15.28
N LYS D 193 -39.49 53.00 14.83
CA LYS D 193 -38.16 53.58 14.60
C LYS D 193 -38.21 54.55 13.41
N PRO D 194 -37.53 55.73 13.48
CA PRO D 194 -37.54 56.63 12.32
C PRO D 194 -36.67 56.10 11.18
N TYR D 195 -37.02 56.47 9.93
CA TYR D 195 -36.32 56.07 8.71
C TYR D 195 -34.85 56.54 8.71
N SER D 196 -34.55 57.76 9.25
CA SER D 196 -33.18 58.32 9.38
C SER D 196 -32.24 57.43 10.22
N GLN D 197 -32.81 56.54 11.06
CA GLN D 197 -32.06 55.61 11.91
C GLN D 197 -31.95 54.23 11.23
N ILE D 198 -33.02 53.81 10.53
CA ILE D 198 -33.13 52.53 9.79
C ILE D 198 -32.19 52.45 8.58
N PHE D 199 -32.07 53.55 7.81
CA PHE D 199 -31.27 53.52 6.57
C PHE D 199 -29.92 54.26 6.73
N SER D 200 -29.58 54.60 7.99
CA SER D 200 -28.31 55.26 8.32
C SER D 200 -27.16 54.27 8.14
N GLU D 201 -26.27 54.56 7.17
CA GLU D 201 -25.07 53.81 6.78
C GLU D 201 -25.29 52.28 6.85
N ASP D 216 -26.40 44.71 5.72
CA ASP D 216 -27.63 44.02 6.09
C ASP D 216 -27.51 43.38 7.51
N VAL D 217 -26.69 44.04 8.38
CA VAL D 217 -26.46 43.76 9.82
C VAL D 217 -27.74 44.24 10.58
N LYS D 218 -28.43 45.28 10.02
CA LYS D 218 -29.66 45.89 10.55
C LYS D 218 -30.82 44.87 10.58
N TYR D 219 -30.71 43.78 9.80
CA TYR D 219 -31.67 42.68 9.71
C TYR D 219 -31.45 41.62 10.83
N HIS D 220 -30.56 41.92 11.79
CA HIS D 220 -30.22 41.03 12.89
C HIS D 220 -30.05 41.78 14.22
N LEU D 221 -30.07 43.15 14.21
CA LEU D 221 -29.88 43.97 15.42
C LEU D 221 -31.14 44.12 16.29
N GLY D 222 -30.91 44.38 17.58
CA GLY D 222 -31.96 44.62 18.54
C GLY D 222 -32.46 46.06 18.44
N ALA D 223 -33.73 46.32 18.83
CA ALA D 223 -34.31 47.66 18.81
C ALA D 223 -35.35 47.86 19.90
N THR D 224 -35.60 49.12 20.30
CA THR D 224 -36.60 49.43 21.32
C THR D 224 -37.40 50.69 20.91
N GLY D 225 -38.66 50.73 21.29
CA GLY D 225 -39.55 51.84 21.01
C GLY D 225 -40.75 51.89 21.92
N THR D 226 -41.60 52.89 21.72
CA THR D 226 -42.82 53.06 22.49
C THR D 226 -44.01 53.08 21.55
N TYR D 227 -44.96 52.18 21.79
CA TYR D 227 -46.18 52.13 20.99
C TYR D 227 -47.23 52.98 21.69
N ILE D 228 -47.83 53.92 20.95
CA ILE D 228 -48.89 54.81 21.47
C ILE D 228 -50.21 54.40 20.81
N GLN D 229 -51.23 54.06 21.63
CA GLN D 229 -52.55 53.65 21.14
C GLN D 229 -53.16 54.75 20.26
N MET D 230 -53.74 54.34 19.13
CA MET D 230 -54.39 55.24 18.18
C MET D 230 -55.74 55.72 18.75
N PHE D 231 -56.58 54.76 19.21
CA PHE D 231 -57.94 55.02 19.71
C PHE D 231 -58.06 54.88 21.24
N GLY D 232 -56.94 54.69 21.91
CA GLY D 232 -56.90 54.55 23.37
C GLY D 232 -55.93 55.52 24.00
N ASP D 233 -55.88 55.52 25.35
CA ASP D 233 -55.03 56.44 26.08
C ASP D 233 -53.81 55.74 26.72
N ASN D 234 -53.58 54.45 26.40
CA ASN D 234 -52.45 53.71 26.93
C ASN D 234 -51.28 53.68 25.94
N ASP D 235 -50.10 53.40 26.48
CA ASP D 235 -48.89 53.22 25.74
C ASP D 235 -48.22 51.95 26.28
N ILE D 236 -47.32 51.36 25.50
CA ILE D 236 -46.61 50.13 25.85
C ILE D 236 -45.23 50.14 25.19
N GLU D 237 -44.22 49.60 25.88
CA GLU D 237 -42.88 49.48 25.32
C GLU D 237 -42.86 48.34 24.31
N VAL D 238 -42.17 48.54 23.18
CA VAL D 238 -42.05 47.51 22.14
C VAL D 238 -40.57 47.35 21.83
N SER D 239 -40.07 46.11 21.94
CA SER D 239 -38.68 45.84 21.63
C SER D 239 -38.57 44.62 20.71
N LEU D 240 -37.47 44.55 19.97
CA LEU D 240 -37.12 43.54 18.99
C LEU D 240 -35.75 43.00 19.35
N THR D 241 -35.65 41.68 19.52
CA THR D 241 -34.36 41.14 19.95
C THR D 241 -33.49 40.81 18.74
N ALA D 242 -32.17 40.73 18.95
CA ALA D 242 -31.20 40.37 17.91
C ALA D 242 -31.29 38.89 17.62
N ASN D 243 -30.90 38.44 16.40
CA ASN D 243 -30.92 37.00 16.07
C ASN D 243 -29.95 36.65 14.94
N PRO D 244 -29.45 35.39 14.87
CA PRO D 244 -28.61 34.99 13.72
C PRO D 244 -29.51 34.63 12.53
N SER D 245 -28.94 34.08 11.45
CA SER D 245 -29.73 33.63 10.31
C SER D 245 -30.41 32.30 10.61
N HIS D 246 -29.89 31.55 11.59
CA HIS D 246 -30.40 30.23 12.04
C HIS D 246 -31.82 30.39 12.50
N LEU D 247 -32.77 30.01 11.65
CA LEU D 247 -34.20 30.13 11.88
C LEU D 247 -34.63 29.38 13.11
N GLU D 248 -35.44 30.04 13.93
CA GLU D 248 -36.03 29.52 15.18
C GLU D 248 -35.05 29.44 16.33
N ALA D 249 -33.72 29.62 16.11
CA ALA D 249 -32.71 29.56 17.19
C ALA D 249 -32.97 30.57 18.31
N VAL D 250 -33.52 31.75 17.97
CA VAL D 250 -33.80 32.86 18.90
C VAL D 250 -35.03 32.57 19.82
N ASP D 251 -35.83 31.57 19.45
CA ASP D 251 -37.07 31.27 20.17
C ASP D 251 -36.86 31.11 21.69
N PRO D 252 -35.94 30.26 22.17
CA PRO D 252 -35.80 30.13 23.63
C PRO D 252 -35.12 31.34 24.21
N VAL D 253 -34.30 32.08 23.40
CA VAL D 253 -33.61 33.31 23.81
C VAL D 253 -34.68 34.37 24.19
N LEU D 254 -35.72 34.52 23.34
CA LEU D 254 -36.85 35.44 23.58
C LEU D 254 -37.51 35.12 24.90
N GLU D 255 -37.83 33.84 25.15
CA GLU D 255 -38.48 33.39 26.39
C GLU D 255 -37.63 33.76 27.62
N GLY D 256 -36.31 33.55 27.54
CA GLY D 256 -35.40 33.84 28.64
C GLY D 256 -35.32 35.31 28.94
N LEU D 257 -35.19 36.13 27.87
CA LEU D 257 -35.17 37.59 27.88
C LEU D 257 -36.45 38.13 28.54
N VAL D 258 -37.63 37.63 28.11
CA VAL D 258 -38.94 38.04 28.66
C VAL D 258 -39.03 37.68 30.16
N ARG D 259 -38.61 36.45 30.52
CA ARG D 259 -38.69 35.97 31.89
C ARG D 259 -37.83 36.84 32.82
N ALA D 260 -36.64 37.26 32.36
CA ALA D 260 -35.73 38.12 33.11
C ALA D 260 -36.38 39.48 33.37
N LYS D 261 -37.09 40.02 32.35
CA LYS D 261 -37.81 41.30 32.45
C LYS D 261 -39.02 41.16 33.40
N GLN D 262 -39.73 40.00 33.35
CA GLN D 262 -40.87 39.72 34.24
C GLN D 262 -40.39 39.63 35.70
N ASP D 263 -39.27 38.93 35.95
CA ASP D 263 -38.71 38.82 37.31
C ASP D 263 -38.32 40.22 37.85
N LEU D 264 -37.74 41.10 37.00
CA LEU D 264 -37.36 42.47 37.37
C LEU D 264 -38.57 43.35 37.69
N LEU D 265 -39.70 43.13 36.99
CA LEU D 265 -40.92 43.90 37.19
C LEU D 265 -41.79 43.30 38.29
N ASP D 266 -41.34 42.20 38.93
CA ASP D 266 -42.04 41.47 39.99
C ASP D 266 -43.41 41.00 39.46
N THR D 267 -43.43 40.52 38.20
CA THR D 267 -44.65 40.03 37.57
C THR D 267 -44.47 38.58 37.16
N GLY D 268 -45.53 37.81 37.33
CA GLY D 268 -45.51 36.40 36.96
C GLY D 268 -45.14 35.41 38.04
N GLU D 269 -44.51 34.29 37.61
CA GLU D 269 -44.09 33.12 38.40
C GLU D 269 -43.30 33.50 39.65
N GLU D 270 -42.31 34.41 39.51
CA GLU D 270 -41.48 34.85 40.64
C GLU D 270 -41.90 36.25 41.12
N GLY D 271 -43.12 36.64 40.78
CA GLY D 271 -43.67 37.94 41.13
C GLY D 271 -44.90 37.91 42.02
N SER D 272 -45.19 39.06 42.66
CA SER D 272 -46.33 39.26 43.57
C SER D 272 -47.66 39.23 42.80
N ASP D 273 -47.65 39.65 41.53
CA ASP D 273 -48.85 39.61 40.71
C ASP D 273 -48.72 38.51 39.65
N ASN D 274 -49.85 38.08 39.09
CA ASN D 274 -49.88 37.06 38.05
C ASN D 274 -50.32 37.66 36.70
N ARG D 275 -49.84 38.87 36.39
CA ARG D 275 -50.17 39.54 35.13
C ARG D 275 -49.24 39.08 33.99
N PHE D 276 -47.96 38.77 34.32
CA PHE D 276 -46.93 38.41 33.31
C PHE D 276 -46.93 39.55 32.28
N SER D 277 -46.76 40.79 32.79
CA SER D 277 -46.93 42.05 32.07
C SER D 277 -45.92 42.31 30.92
N VAL D 278 -45.02 41.34 30.66
CA VAL D 278 -44.07 41.38 29.53
C VAL D 278 -44.48 40.21 28.63
N VAL D 279 -44.88 40.53 27.38
CA VAL D 279 -45.43 39.55 26.46
C VAL D 279 -44.42 39.13 25.36
N PRO D 280 -44.07 37.85 25.25
CA PRO D 280 -43.29 37.40 24.08
C PRO D 280 -44.19 37.33 22.83
N LEU D 281 -43.78 38.00 21.74
CA LEU D 281 -44.48 37.94 20.46
C LEU D 281 -43.48 37.30 19.51
N MET D 282 -43.73 36.06 19.09
CA MET D 282 -42.75 35.32 18.33
C MET D 282 -43.23 35.06 16.88
N LEU D 283 -42.47 35.57 15.90
CA LEU D 283 -42.79 35.35 14.48
C LEU D 283 -41.99 34.18 13.93
N HIS D 284 -42.58 33.50 12.97
CA HIS D 284 -42.02 32.30 12.35
C HIS D 284 -42.38 32.22 10.87
N GLY D 285 -41.67 31.36 10.18
CA GLY D 285 -41.92 30.99 8.80
C GLY D 285 -42.54 29.61 8.84
N ASP D 286 -43.36 29.25 7.83
CA ASP D 286 -44.03 27.96 7.82
C ASP D 286 -43.08 26.77 7.72
N ALA D 287 -42.03 26.82 6.86
CA ALA D 287 -41.12 25.67 6.73
C ALA D 287 -40.27 25.46 8.02
N ALA D 288 -39.81 26.55 8.64
CA ALA D 288 -38.95 26.53 9.82
C ALA D 288 -39.70 26.10 11.06
N PHE D 289 -40.96 26.56 11.23
CA PHE D 289 -41.81 26.24 12.38
C PHE D 289 -42.06 24.73 12.46
N ALA D 290 -42.21 24.07 11.31
CA ALA D 290 -42.44 22.62 11.29
C ALA D 290 -41.15 21.79 11.36
N GLY D 291 -40.03 22.32 10.85
CA GLY D 291 -38.81 21.53 10.75
C GLY D 291 -37.79 21.60 11.87
N GLN D 292 -37.74 22.72 12.60
CA GLN D 292 -36.74 22.94 13.63
C GLN D 292 -37.20 22.40 14.98
N GLY D 293 -36.40 21.50 15.54
CA GLY D 293 -36.63 20.86 16.83
C GLY D 293 -36.71 21.83 18.00
N VAL D 294 -36.01 22.97 17.90
CA VAL D 294 -35.99 23.98 18.97
C VAL D 294 -37.40 24.57 19.23
N VAL D 295 -38.30 24.52 18.23
CA VAL D 295 -39.68 24.99 18.35
C VAL D 295 -40.36 24.16 19.44
N ALA D 296 -40.34 22.80 19.30
CA ALA D 296 -40.92 21.85 20.26
C ALA D 296 -40.28 22.01 21.65
N GLU D 297 -38.94 22.10 21.73
CA GLU D 297 -38.19 22.30 22.97
C GLU D 297 -38.64 23.57 23.69
N THR D 298 -38.91 24.65 22.92
CA THR D 298 -39.29 25.97 23.47
C THR D 298 -40.75 25.94 23.92
N LEU D 299 -41.64 25.27 23.14
CA LEU D 299 -43.05 25.07 23.49
C LEU D 299 -43.15 24.25 24.80
N ASN D 300 -42.30 23.24 24.94
CA ASN D 300 -42.22 22.41 26.14
C ASN D 300 -41.88 23.22 27.43
N LEU D 301 -41.30 24.42 27.29
CA LEU D 301 -40.96 25.28 28.43
C LEU D 301 -42.13 26.15 28.92
N ALA D 302 -43.17 26.30 28.10
CA ALA D 302 -44.28 27.26 28.23
C ALA D 302 -45.00 27.29 29.57
N LEU D 303 -45.12 26.15 30.26
CA LEU D 303 -45.87 26.11 31.52
C LEU D 303 -45.00 25.66 32.69
N LEU D 304 -43.67 25.53 32.49
CA LEU D 304 -42.73 25.10 33.53
C LEU D 304 -42.52 26.25 34.49
N ARG D 305 -42.43 25.95 35.79
CA ARG D 305 -42.23 26.97 36.82
C ARG D 305 -40.89 27.74 36.60
N GLY D 306 -39.86 27.06 36.10
CA GLY D 306 -38.59 27.75 35.89
C GLY D 306 -38.49 28.55 34.62
N TYR D 307 -39.45 28.36 33.69
CA TYR D 307 -39.32 28.95 32.35
C TYR D 307 -40.54 29.67 31.81
N ARG D 308 -41.76 29.48 32.39
CA ARG D 308 -42.99 30.10 31.87
C ARG D 308 -42.92 31.63 31.79
N THR D 309 -43.54 32.19 30.78
CA THR D 309 -43.59 33.64 30.56
C THR D 309 -45.06 34.12 30.50
N GLY D 310 -45.97 33.24 30.89
CA GLY D 310 -47.41 33.53 30.93
C GLY D 310 -48.11 33.44 29.60
N GLY D 311 -47.45 32.73 28.67
CA GLY D 311 -47.96 32.52 27.32
C GLY D 311 -47.33 33.43 26.30
N THR D 312 -46.96 32.85 25.17
CA THR D 312 -46.37 33.52 24.01
C THR D 312 -47.41 33.66 22.92
N ILE D 313 -47.42 34.81 22.23
CA ILE D 313 -48.28 34.97 21.06
C ILE D 313 -47.39 34.58 19.86
N HIS D 314 -47.75 33.49 19.17
CA HIS D 314 -47.02 33.02 18.00
C HIS D 314 -47.72 33.45 16.71
N ILE D 315 -46.95 33.99 15.77
CA ILE D 315 -47.48 34.38 14.46
C ILE D 315 -46.64 33.68 13.41
N VAL D 316 -47.25 32.75 12.66
CA VAL D 316 -46.56 32.08 11.56
C VAL D 316 -46.92 32.82 10.28
N VAL D 317 -45.90 33.31 9.54
CA VAL D 317 -46.11 33.96 8.25
C VAL D 317 -46.08 32.81 7.25
N ASN D 318 -47.24 32.15 7.12
CA ASN D 318 -47.38 30.95 6.33
C ASN D 318 -47.63 31.29 4.86
N ASN D 319 -46.53 31.50 4.12
CA ASN D 319 -46.59 31.87 2.69
C ASN D 319 -46.57 30.62 1.81
N GLN D 320 -46.82 29.45 2.42
CA GLN D 320 -47.01 28.12 1.83
C GLN D 320 -45.86 27.70 0.94
N ILE D 321 -44.64 28.09 1.36
CA ILE D 321 -43.40 27.81 0.66
C ILE D 321 -42.21 28.05 1.57
N GLY D 322 -41.14 27.31 1.32
CA GLY D 322 -39.87 27.42 2.02
C GLY D 322 -38.77 27.43 1.00
N PHE D 323 -38.40 28.62 0.53
CA PHE D 323 -37.43 28.89 -0.53
C PHE D 323 -38.01 28.25 -1.82
N THR D 324 -37.62 27.04 -2.21
CA THR D 324 -38.21 26.41 -3.42
C THR D 324 -39.07 25.19 -3.02
N THR D 325 -39.12 24.90 -1.71
CA THR D 325 -39.72 23.67 -1.20
C THR D 325 -41.21 23.83 -0.90
N ALA D 326 -42.01 22.89 -1.42
CA ALA D 326 -43.47 22.82 -1.19
C ALA D 326 -43.74 22.28 0.23
N PRO D 327 -44.86 22.68 0.87
CA PRO D 327 -45.21 22.15 2.20
C PRO D 327 -45.23 20.62 2.31
N THR D 328 -45.56 19.90 1.20
CA THR D 328 -45.61 18.43 1.25
C THR D 328 -44.20 17.83 1.44
N ASP D 329 -43.12 18.58 1.14
CA ASP D 329 -41.73 18.13 1.40
C ASP D 329 -41.19 18.68 2.74
N SER D 330 -41.93 19.59 3.38
CA SER D 330 -41.52 20.29 4.61
C SER D 330 -42.13 19.73 5.90
N ARG D 331 -43.33 19.09 5.82
CA ARG D 331 -43.99 18.55 7.02
C ARG D 331 -44.87 17.31 6.70
N SER D 332 -45.11 16.49 7.72
CA SER D 332 -45.92 15.26 7.71
C SER D 332 -47.29 15.49 8.36
N SER D 333 -47.73 16.74 8.46
CA SER D 333 -49.01 17.09 9.09
C SER D 333 -49.78 18.08 8.26
N GLU D 334 -51.11 18.16 8.52
CA GLU D 334 -52.01 19.08 7.80
C GLU D 334 -51.54 20.54 7.90
N TYR D 335 -51.12 21.01 9.09
CA TYR D 335 -50.70 22.40 9.30
C TYR D 335 -49.29 22.50 9.79
N CYS D 336 -48.59 23.61 9.43
CA CYS D 336 -47.21 23.90 9.86
C CYS D 336 -47.15 24.11 11.37
N THR D 337 -48.30 24.45 11.98
CA THR D 337 -48.46 24.76 13.40
C THR D 337 -48.87 23.56 14.28
N ASP D 338 -48.98 22.35 13.71
CA ASP D 338 -49.45 21.16 14.43
C ASP D 338 -48.61 20.78 15.68
N VAL D 339 -47.32 21.16 15.70
CA VAL D 339 -46.43 20.99 16.85
C VAL D 339 -47.00 21.68 18.11
N ALA D 340 -47.74 22.82 17.96
CA ALA D 340 -48.31 23.57 19.10
C ALA D 340 -49.40 22.80 19.85
N LYS D 341 -49.95 21.73 19.25
CA LYS D 341 -50.94 20.86 19.89
C LYS D 341 -50.29 20.08 21.04
N MET D 342 -48.96 19.96 21.02
CA MET D 342 -48.11 19.35 22.03
C MET D 342 -48.42 19.91 23.44
N ILE D 343 -48.79 21.22 23.54
CA ILE D 343 -49.03 21.88 24.82
C ILE D 343 -50.49 22.37 24.91
N GLY D 344 -51.35 21.86 24.00
CA GLY D 344 -52.76 22.19 23.96
C GLY D 344 -53.03 23.67 23.72
N ALA D 345 -52.21 24.30 22.89
CA ALA D 345 -52.38 25.70 22.52
C ALA D 345 -53.50 25.85 21.49
N PRO D 346 -54.42 26.85 21.61
CA PRO D 346 -55.41 27.06 20.54
C PRO D 346 -54.70 27.58 19.29
N ILE D 347 -55.17 27.13 18.12
CA ILE D 347 -54.56 27.53 16.84
C ILE D 347 -55.63 28.16 15.96
N PHE D 348 -55.29 29.32 15.40
CA PHE D 348 -56.18 30.04 14.50
C PHE D 348 -55.51 30.19 13.16
N HIS D 349 -56.09 29.56 12.13
CA HIS D 349 -55.61 29.65 10.76
C HIS D 349 -56.39 30.77 10.12
N VAL D 350 -55.70 31.78 9.58
CA VAL D 350 -56.42 32.94 9.07
C VAL D 350 -55.99 33.34 7.68
N ASN D 351 -57.00 33.79 6.91
CA ASN D 351 -56.81 34.27 5.55
C ASN D 351 -56.13 35.64 5.59
N GLY D 352 -54.88 35.70 5.12
CA GLY D 352 -54.06 36.92 5.08
C GLY D 352 -54.58 38.00 4.15
N ASP D 353 -55.57 37.68 3.30
CA ASP D 353 -56.17 38.67 2.40
C ASP D 353 -57.34 39.36 3.10
N ASP D 354 -57.66 38.93 4.34
CA ASP D 354 -58.74 39.51 5.15
C ASP D 354 -58.08 40.14 6.39
N PRO D 355 -57.66 41.40 6.31
CA PRO D 355 -56.97 42.03 7.46
C PRO D 355 -57.86 42.26 8.69
N GLU D 356 -59.19 42.35 8.51
CA GLU D 356 -60.15 42.50 9.61
C GLU D 356 -60.18 41.24 10.46
N ALA D 357 -60.31 40.05 9.81
CA ALA D 357 -60.29 38.75 10.49
C ALA D 357 -58.93 38.52 11.17
N CYS D 358 -57.82 38.98 10.54
CA CYS D 358 -56.47 38.89 11.08
C CYS D 358 -56.32 39.74 12.34
N ALA D 359 -56.83 40.99 12.31
CA ALA D 359 -56.79 41.90 13.46
C ALA D 359 -57.66 41.37 14.62
N TRP D 360 -58.86 40.84 14.31
CA TRP D 360 -59.80 40.29 15.29
C TRP D 360 -59.18 39.08 16.03
N VAL D 361 -58.57 38.15 15.28
CA VAL D 361 -57.91 36.95 15.78
C VAL D 361 -56.70 37.33 16.68
N ALA D 362 -55.93 38.37 16.29
CA ALA D 362 -54.79 38.87 17.07
C ALA D 362 -55.23 39.35 18.47
N ARG D 363 -56.38 40.06 18.54
CA ARG D 363 -56.96 40.58 19.79
C ARG D 363 -57.53 39.45 20.63
N LEU D 364 -58.18 38.45 19.99
CA LEU D 364 -58.71 37.27 20.67
C LEU D 364 -57.55 36.47 21.30
N ALA D 365 -56.42 36.34 20.56
CA ALA D 365 -55.22 35.63 21.00
C ALA D 365 -54.65 36.27 22.28
N VAL D 366 -54.58 37.62 22.33
CA VAL D 366 -54.07 38.36 23.50
C VAL D 366 -55.01 38.10 24.70
N ASP D 367 -56.34 38.17 24.48
CA ASP D 367 -57.34 37.93 25.53
C ASP D 367 -57.23 36.51 26.11
N PHE D 368 -57.02 35.49 25.25
CA PHE D 368 -56.84 34.09 25.69
C PHE D 368 -55.58 33.95 26.54
N ARG D 369 -54.49 34.58 26.08
CA ARG D 369 -53.21 34.58 26.78
C ARG D 369 -53.37 35.21 28.16
N GLN D 370 -54.08 36.35 28.26
CA GLN D 370 -54.32 37.02 29.54
C GLN D 370 -55.20 36.18 30.47
N ALA D 371 -56.21 35.48 29.92
CA ALA D 371 -57.12 34.67 30.71
C ALA D 371 -56.49 33.35 31.20
N PHE D 372 -55.67 32.68 30.37
CA PHE D 372 -55.18 31.36 30.76
C PHE D 372 -53.67 31.26 30.91
N LYS D 373 -52.90 32.32 30.61
CA LYS D 373 -51.42 32.37 30.75
C LYS D 373 -50.74 31.22 29.98
N LYS D 374 -51.24 30.98 28.76
CA LYS D 374 -50.85 29.91 27.87
C LYS D 374 -50.68 30.42 26.42
N ASP D 375 -49.78 29.78 25.65
CA ASP D 375 -49.45 30.08 24.24
C ASP D 375 -50.66 30.01 23.32
N VAL D 376 -50.67 30.91 22.32
CA VAL D 376 -51.69 30.99 21.26
C VAL D 376 -50.93 31.05 19.97
N VAL D 377 -51.37 30.28 18.97
CA VAL D 377 -50.71 30.28 17.68
C VAL D 377 -51.65 30.85 16.60
N ILE D 378 -51.14 31.81 15.83
CA ILE D 378 -51.86 32.39 14.70
C ILE D 378 -51.10 31.98 13.44
N ASP D 379 -51.78 31.22 12.59
CA ASP D 379 -51.23 30.72 11.33
C ASP D 379 -51.77 31.62 10.24
N MET D 380 -50.98 32.63 9.82
CA MET D 380 -51.48 33.56 8.80
C MET D 380 -51.17 33.04 7.39
N LEU D 381 -52.20 32.56 6.69
CA LEU D 381 -52.04 32.06 5.32
C LEU D 381 -51.95 33.22 4.36
N CYS D 382 -50.85 33.23 3.60
CA CYS D 382 -50.54 34.28 2.66
C CYS D 382 -49.72 33.70 1.52
N TYR D 383 -48.90 34.54 0.88
CA TYR D 383 -48.04 34.12 -0.22
C TYR D 383 -46.81 35.01 -0.26
N ARG D 384 -45.83 34.57 -1.00
CA ARG D 384 -44.58 35.26 -1.23
C ARG D 384 -44.68 35.72 -2.66
N ARG D 385 -44.95 37.02 -2.84
CA ARG D 385 -45.17 37.63 -4.15
C ARG D 385 -43.99 37.41 -5.09
N ARG D 386 -42.76 37.72 -4.63
CA ARG D 386 -41.57 37.61 -5.46
C ARG D 386 -40.83 36.31 -5.18
N GLY D 387 -39.67 36.19 -5.85
CA GLY D 387 -38.74 35.09 -5.67
C GLY D 387 -38.10 35.19 -4.32
N HIS D 388 -37.47 34.07 -3.88
CA HIS D 388 -36.88 34.02 -2.53
C HIS D 388 -35.74 35.05 -2.41
N ASN D 389 -34.92 35.17 -3.47
CA ASN D 389 -33.77 36.07 -3.59
C ASN D 389 -33.53 36.45 -5.09
N GLU D 390 -32.51 37.31 -5.34
CA GLU D 390 -32.15 37.85 -6.67
C GLU D 390 -32.02 36.78 -7.79
N GLY D 391 -31.42 35.63 -7.48
CA GLY D 391 -31.25 34.57 -8.47
C GLY D 391 -32.40 33.59 -8.57
N ASP D 392 -33.61 33.99 -8.11
CA ASP D 392 -34.75 33.09 -8.13
C ASP D 392 -35.94 33.59 -8.97
N ASP D 393 -36.25 32.83 -10.04
CA ASP D 393 -37.47 32.92 -10.82
C ASP D 393 -38.29 31.78 -10.20
N PRO D 394 -39.24 32.09 -9.29
CA PRO D 394 -39.92 31.01 -8.52
C PRO D 394 -40.79 30.07 -9.38
N SER D 395 -41.05 30.41 -10.65
CA SER D 395 -41.86 29.58 -11.54
C SER D 395 -41.04 28.37 -12.04
N MET D 396 -39.70 28.38 -11.85
CA MET D 396 -38.84 27.24 -12.24
C MET D 396 -39.18 25.98 -11.41
N THR D 397 -39.47 26.16 -10.11
CA THR D 397 -39.75 25.08 -9.18
C THR D 397 -41.22 25.03 -8.76
N GLN D 398 -41.94 26.17 -8.83
CA GLN D 398 -43.35 26.20 -8.45
C GLN D 398 -44.17 26.95 -9.53
N PRO D 399 -44.24 26.41 -10.78
CA PRO D 399 -44.97 27.13 -11.84
C PRO D 399 -46.44 27.42 -11.54
N TYR D 400 -47.17 26.44 -10.97
CA TYR D 400 -48.61 26.56 -10.67
C TYR D 400 -48.89 27.66 -9.64
N MET D 401 -48.20 27.61 -8.50
CA MET D 401 -48.33 28.62 -7.43
C MET D 401 -48.04 30.03 -7.97
N TYR D 402 -46.96 30.18 -8.75
CA TYR D 402 -46.60 31.50 -9.25
C TYR D 402 -47.45 31.94 -10.45
N ASP D 403 -48.19 31.04 -11.11
CA ASP D 403 -49.11 31.52 -12.15
C ASP D 403 -50.34 32.11 -11.47
N VAL D 404 -50.70 31.54 -10.29
CA VAL D 404 -51.81 32.02 -9.50
C VAL D 404 -51.40 33.36 -8.83
N ILE D 405 -50.15 33.42 -8.26
CA ILE D 405 -49.63 34.63 -7.59
C ILE D 405 -49.61 35.83 -8.55
N ASP D 406 -49.29 35.60 -9.84
CA ASP D 406 -49.24 36.67 -10.86
C ASP D 406 -50.61 37.31 -11.13
N THR D 407 -51.71 36.61 -10.82
CA THR D 407 -53.08 37.11 -11.00
C THR D 407 -53.60 37.76 -9.70
N LYS D 408 -52.77 37.83 -8.66
CA LYS D 408 -53.16 38.39 -7.35
C LYS D 408 -52.88 39.88 -7.23
N ARG D 409 -53.84 40.60 -6.65
CA ARG D 409 -53.73 42.02 -6.28
C ARG D 409 -53.48 41.99 -4.78
N GLY D 410 -52.48 42.75 -4.30
CA GLY D 410 -52.10 42.76 -2.88
C GLY D 410 -53.21 42.99 -1.86
N SER D 411 -52.93 42.66 -0.57
CA SER D 411 -53.85 42.79 0.57
C SER D 411 -54.50 44.17 0.60
N ARG D 412 -53.68 45.22 0.32
CA ARG D 412 -54.01 46.65 0.29
C ARG D 412 -55.10 46.90 -0.74
N LYS D 413 -54.83 46.59 -2.04
CA LYS D 413 -55.79 46.74 -3.14
C LYS D 413 -57.03 45.88 -2.89
N ALA D 414 -56.84 44.65 -2.42
CA ALA D 414 -57.92 43.73 -2.07
C ALA D 414 -58.82 44.33 -0.99
N TYR D 415 -58.23 44.93 0.08
CA TYR D 415 -59.02 45.53 1.16
C TYR D 415 -59.69 46.82 0.76
N THR D 416 -59.02 47.71 -0.01
CA THR D 416 -59.61 48.98 -0.42
C THR D 416 -60.80 48.75 -1.39
N GLU D 417 -60.74 47.73 -2.26
CA GLU D 417 -61.81 47.41 -3.23
C GLU D 417 -62.97 46.65 -2.54
N ALA D 418 -62.66 45.80 -1.52
CA ALA D 418 -63.66 45.04 -0.76
C ALA D 418 -64.51 45.98 0.10
N LEU D 419 -63.90 47.07 0.60
CA LEU D 419 -64.57 48.09 1.40
C LEU D 419 -65.56 48.87 0.53
N ILE D 420 -65.28 49.00 -0.80
CA ILE D 420 -66.19 49.65 -1.76
C ILE D 420 -67.38 48.72 -1.99
N GLY D 421 -67.07 47.45 -2.26
CA GLY D 421 -68.03 46.39 -2.51
C GLY D 421 -69.03 46.21 -1.38
N ARG D 422 -68.55 46.33 -0.13
CA ARG D 422 -69.35 46.24 1.08
C ARG D 422 -70.19 47.52 1.34
N GLY D 423 -69.79 48.63 0.71
CA GLY D 423 -70.43 49.93 0.90
C GLY D 423 -69.93 50.64 2.15
N ASP D 424 -68.77 50.18 2.70
CA ASP D 424 -68.12 50.73 3.89
C ASP D 424 -67.36 52.01 3.56
N ILE D 425 -66.86 52.11 2.31
CA ILE D 425 -66.15 53.29 1.79
C ILE D 425 -66.68 53.65 0.39
N SER D 426 -66.66 54.96 0.07
CA SER D 426 -67.08 55.49 -1.24
C SER D 426 -65.90 55.47 -2.22
N MET D 427 -66.13 55.81 -3.50
CA MET D 427 -65.09 55.88 -4.54
C MET D 427 -64.05 56.95 -4.18
N LYS D 428 -64.50 58.12 -3.66
CA LYS D 428 -63.64 59.23 -3.22
C LYS D 428 -62.75 58.79 -2.05
N GLU D 429 -63.32 58.04 -1.07
CA GLU D 429 -62.63 57.52 0.11
C GLU D 429 -61.53 56.52 -0.30
N ALA D 430 -61.79 55.72 -1.35
CA ALA D 430 -60.86 54.74 -1.95
C ALA D 430 -59.69 55.45 -2.61
N GLU D 431 -60.01 56.57 -3.31
CA GLU D 431 -59.05 57.45 -3.98
C GLU D 431 -58.18 58.18 -2.95
N ASP D 432 -58.76 58.52 -1.77
CA ASP D 432 -58.05 59.17 -0.65
C ASP D 432 -57.06 58.18 -0.03
N ALA D 433 -57.47 56.90 0.06
CA ALA D 433 -56.65 55.80 0.56
C ALA D 433 -55.46 55.59 -0.37
N LEU D 434 -55.68 55.84 -1.69
CA LEU D 434 -54.63 55.75 -2.71
C LEU D 434 -53.67 56.94 -2.59
N ARG D 435 -54.17 58.12 -2.15
CA ARG D 435 -53.34 59.31 -1.94
C ARG D 435 -52.62 59.22 -0.59
N ASP D 436 -53.16 58.40 0.34
CA ASP D 436 -52.49 58.13 1.62
C ASP D 436 -51.29 57.22 1.32
N TYR D 437 -51.47 56.25 0.40
CA TYR D 437 -50.45 55.30 -0.02
C TYR D 437 -49.27 56.06 -0.70
N GLN D 438 -49.59 56.90 -1.70
CA GLN D 438 -48.65 57.72 -2.46
C GLN D 438 -47.93 58.72 -1.53
N GLY D 439 -48.67 59.35 -0.61
CA GLY D 439 -48.11 60.27 0.38
C GLY D 439 -47.09 59.59 1.27
N GLN D 440 -47.39 58.33 1.71
CA GLN D 440 -46.50 57.51 2.53
C GLN D 440 -45.27 57.09 1.72
N LEU D 441 -45.47 56.80 0.42
CA LEU D 441 -44.43 56.39 -0.52
C LEU D 441 -43.43 57.53 -0.78
N GLU D 442 -43.93 58.77 -0.89
CA GLU D 442 -43.13 59.97 -1.09
C GLU D 442 -42.33 60.33 0.14
N ARG D 443 -42.99 60.31 1.33
CA ARG D 443 -42.37 60.64 2.62
C ARG D 443 -41.09 59.83 2.87
N VAL D 444 -41.15 58.50 2.66
CA VAL D 444 -40.01 57.62 2.90
C VAL D 444 -38.87 57.92 1.88
N PHE D 445 -39.22 58.20 0.60
CA PHE D 445 -38.20 58.54 -0.42
C PHE D 445 -37.52 59.86 -0.07
N ASN D 446 -38.34 60.85 0.37
CA ASN D 446 -37.86 62.17 0.78
C ASN D 446 -37.03 62.12 2.07
N GLU D 447 -37.50 61.40 3.12
CA GLU D 447 -36.79 61.28 4.39
C GLU D 447 -35.40 60.68 4.22
N VAL D 448 -35.26 59.63 3.37
CA VAL D 448 -33.96 59.00 3.12
C VAL D 448 -33.11 59.90 2.19
N ARG D 449 -33.74 60.62 1.24
CA ARG D 449 -33.01 61.56 0.37
C ARG D 449 -32.31 62.62 1.24
N GLU D 450 -33.06 63.16 2.24
CA GLU D 450 -32.58 64.14 3.22
C GLU D 450 -31.51 63.54 4.13
N LEU D 451 -31.58 62.22 4.39
CA LEU D 451 -30.59 61.48 5.19
C LEU D 451 -29.26 61.42 4.41
N GLU D 452 -29.33 61.17 3.08
CA GLU D 452 -28.19 61.12 2.14
C GLU D 452 -27.56 62.52 1.89
N LYS D 453 -28.24 63.60 2.34
CA LYS D 453 -27.73 64.97 2.22
C LYS D 453 -26.69 65.20 3.33
N HIS D 454 -27.06 64.81 4.58
CA HIS D 454 -26.22 64.90 5.77
C HIS D 454 -25.08 63.85 5.72
N GLU D 455 -25.36 62.66 5.15
CA GLU D 455 -24.40 61.56 5.01
C GLU D 455 -23.33 61.83 3.94
N ILE D 456 -22.06 61.61 4.34
CA ILE D 456 -20.86 61.77 3.51
C ILE D 456 -19.96 60.54 3.66
N LEU D 472 -11.03 44.91 41.56
CA LEU D 472 -12.10 44.63 42.51
C LEU D 472 -11.77 43.43 43.39
N ALA D 473 -12.04 43.56 44.69
CA ALA D 473 -11.77 42.49 45.67
C ALA D 473 -12.93 41.53 45.74
N THR D 474 -12.65 40.23 45.81
CA THR D 474 -13.68 39.19 45.87
C THR D 474 -13.69 38.49 47.23
N ALA D 475 -12.68 38.76 48.08
CA ALA D 475 -12.58 38.18 49.42
C ALA D 475 -13.75 38.64 50.29
N VAL D 476 -14.27 37.73 51.13
CA VAL D 476 -15.37 38.04 52.05
C VAL D 476 -14.85 37.91 53.49
N ASP D 477 -15.59 38.41 54.48
CA ASP D 477 -15.18 38.27 55.87
C ASP D 477 -15.62 36.86 56.35
N LYS D 478 -14.97 36.31 57.38
CA LYS D 478 -15.28 34.99 57.95
C LYS D 478 -16.75 34.89 58.39
N ALA D 479 -17.35 36.00 58.88
CA ALA D 479 -18.76 36.06 59.30
C ALA D 479 -19.71 35.75 58.13
N MET D 480 -19.33 36.11 56.88
CA MET D 480 -20.11 35.80 55.68
C MET D 480 -20.16 34.31 55.45
N LEU D 481 -18.99 33.62 55.56
CA LEU D 481 -18.87 32.17 55.41
C LEU D 481 -19.70 31.47 56.46
N GLN D 482 -19.60 31.93 57.72
CA GLN D 482 -20.32 31.38 58.87
C GLN D 482 -21.82 31.50 58.71
N ARG D 483 -22.30 32.66 58.18
CA ARG D 483 -23.70 32.93 57.92
C ARG D 483 -24.27 31.94 56.88
N ILE D 484 -23.51 31.64 55.81
CA ILE D 484 -23.92 30.72 54.73
C ILE D 484 -23.95 29.27 55.29
N GLY D 485 -23.03 28.96 56.20
CA GLY D 485 -22.96 27.67 56.88
C GLY D 485 -24.12 27.49 57.83
N ASP D 486 -24.42 28.51 58.65
CA ASP D 486 -25.54 28.53 59.61
C ASP D 486 -26.87 28.37 58.89
N ALA D 487 -27.03 28.98 57.70
CA ALA D 487 -28.22 28.93 56.83
C ALA D 487 -28.65 27.49 56.48
N HIS D 488 -27.67 26.57 56.33
CA HIS D 488 -27.89 25.16 56.02
C HIS D 488 -28.54 24.39 57.20
N LEU D 489 -28.50 24.97 58.41
CA LEU D 489 -29.10 24.37 59.60
C LEU D 489 -30.30 25.20 60.08
N ALA D 490 -30.57 26.37 59.46
CA ALA D 490 -31.71 27.21 59.87
C ALA D 490 -32.99 26.72 59.15
N LEU D 491 -33.41 25.50 59.50
CA LEU D 491 -34.57 24.83 58.92
C LEU D 491 -35.90 25.44 59.36
N PRO D 492 -36.93 25.47 58.47
CA PRO D 492 -38.25 25.98 58.89
C PRO D 492 -38.84 25.11 59.98
N GLU D 493 -39.76 25.66 60.78
CA GLU D 493 -40.43 24.95 61.86
C GLU D 493 -41.17 23.71 61.33
N GLY D 494 -40.90 22.57 61.95
CA GLY D 494 -41.50 21.30 61.58
C GLY D 494 -40.93 20.60 60.37
N PHE D 495 -39.79 21.11 59.81
CA PHE D 495 -39.15 20.51 58.62
C PHE D 495 -38.44 19.20 58.97
N THR D 496 -38.64 18.16 58.13
CA THR D 496 -38.01 16.83 58.29
C THR D 496 -36.91 16.64 57.21
N VAL D 497 -35.63 16.77 57.60
CA VAL D 497 -34.50 16.55 56.69
C VAL D 497 -34.35 15.07 56.42
N HIS D 498 -34.14 14.68 55.15
CA HIS D 498 -33.85 13.30 54.80
C HIS D 498 -32.57 12.89 55.55
N PRO D 499 -32.55 11.70 56.19
CA PRO D 499 -31.36 11.30 56.97
C PRO D 499 -30.01 11.42 56.25
N ARG D 500 -29.94 11.19 54.94
CA ARG D 500 -28.66 11.26 54.18
C ARG D 500 -28.26 12.69 53.79
N VAL D 501 -29.19 13.65 53.86
CA VAL D 501 -28.94 15.06 53.53
C VAL D 501 -28.44 15.81 54.78
N ARG D 502 -28.95 15.41 55.98
CA ARG D 502 -28.62 16.00 57.28
C ARG D 502 -27.09 16.10 57.53
N PRO D 503 -26.24 15.05 57.29
CA PRO D 503 -24.79 15.25 57.51
C PRO D 503 -24.16 16.30 56.60
N VAL D 504 -24.73 16.51 55.39
CA VAL D 504 -24.25 17.51 54.42
C VAL D 504 -24.46 18.91 55.02
N LEU D 505 -25.63 19.15 55.60
CA LEU D 505 -25.96 20.43 56.21
C LEU D 505 -25.07 20.72 57.42
N GLU D 506 -24.77 19.69 58.23
CA GLU D 506 -23.92 19.80 59.44
C GLU D 506 -22.44 19.94 59.05
N LYS D 507 -21.98 19.22 58.02
CA LYS D 507 -20.61 19.33 57.50
C LYS D 507 -20.35 20.74 56.92
N ARG D 508 -21.39 21.35 56.32
CA ARG D 508 -21.32 22.70 55.75
C ARG D 508 -21.14 23.77 56.83
N ARG D 509 -21.82 23.61 57.98
CA ARG D 509 -21.63 24.53 59.12
C ARG D 509 -20.20 24.37 59.64
N GLU D 510 -19.72 23.10 59.76
CA GLU D 510 -18.37 22.74 60.23
C GLU D 510 -17.32 23.34 59.28
N MET D 511 -17.49 23.18 57.96
CA MET D 511 -16.55 23.74 56.96
C MET D 511 -16.48 25.28 57.07
N ALA D 512 -17.64 25.96 57.25
CA ALA D 512 -17.74 27.42 57.35
C ALA D 512 -16.92 27.99 58.51
N TYR D 513 -16.82 27.23 59.62
CA TYR D 513 -16.10 27.65 60.83
C TYR D 513 -14.70 27.05 60.94
N GLU D 514 -14.47 25.84 60.40
CA GLU D 514 -13.19 25.14 60.59
C GLU D 514 -12.32 24.90 59.33
N GLY D 515 -12.82 25.26 58.15
CA GLY D 515 -12.06 25.07 56.93
C GLY D 515 -12.28 23.73 56.26
N ARG D 516 -11.32 23.31 55.41
CA ARG D 516 -11.39 22.10 54.57
C ARG D 516 -12.67 22.17 53.70
N ILE D 517 -12.94 23.38 53.16
CA ILE D 517 -14.12 23.67 52.34
C ILE D 517 -13.97 22.98 50.99
N ASP D 518 -14.95 22.11 50.66
CA ASP D 518 -14.94 21.35 49.41
C ASP D 518 -15.53 22.20 48.27
N TRP D 519 -15.40 21.71 47.02
CA TRP D 519 -15.88 22.39 45.81
C TRP D 519 -17.36 22.77 45.90
N ALA D 520 -18.23 21.82 46.21
CA ALA D 520 -19.68 22.02 46.23
C ALA D 520 -20.09 23.14 47.20
N PHE D 521 -19.47 23.20 48.39
CA PHE D 521 -19.78 24.26 49.35
C PHE D 521 -19.21 25.62 48.90
N ALA D 522 -17.99 25.62 48.32
CA ALA D 522 -17.34 26.84 47.81
C ALA D 522 -18.22 27.56 46.76
N GLU D 523 -18.90 26.78 45.89
CA GLU D 523 -19.84 27.29 44.89
C GLU D 523 -20.98 28.03 45.57
N LEU D 524 -21.56 27.43 46.62
CA LEU D 524 -22.68 27.99 47.38
C LEU D 524 -22.24 29.17 48.23
N LEU D 525 -20.97 29.18 48.67
CA LEU D 525 -20.39 30.30 49.40
C LEU D 525 -20.31 31.52 48.48
N ALA D 526 -19.92 31.30 47.21
CA ALA D 526 -19.83 32.34 46.19
C ALA D 526 -21.22 32.89 45.82
N LEU D 527 -22.20 31.99 45.60
CA LEU D 527 -23.56 32.40 45.22
C LEU D 527 -24.28 33.03 46.41
N GLY D 528 -24.14 32.44 47.60
CA GLY D 528 -24.73 32.95 48.83
C GLY D 528 -24.24 34.35 49.20
N SER D 529 -22.93 34.60 49.03
CA SER D 529 -22.33 35.91 49.35
C SER D 529 -22.79 36.98 48.35
N LEU D 530 -23.04 36.59 47.07
CA LEU D 530 -23.54 37.51 46.05
C LEU D 530 -24.98 37.92 46.36
N ILE D 531 -25.83 36.96 46.79
CA ILE D 531 -27.23 37.17 47.21
C ILE D 531 -27.24 38.14 48.40
N ALA D 532 -26.34 37.91 49.39
CA ALA D 532 -26.21 38.76 50.59
C ALA D 532 -25.85 40.19 50.19
N GLU D 533 -25.10 40.37 49.09
CA GLU D 533 -24.69 41.66 48.55
C GLU D 533 -25.77 42.32 47.65
N GLY D 534 -26.91 41.64 47.46
CA GLY D 534 -28.04 42.15 46.70
C GLY D 534 -28.20 41.66 45.27
N LYS D 535 -27.40 40.66 44.87
CA LYS D 535 -27.46 40.13 43.51
C LYS D 535 -28.52 39.05 43.33
N LEU D 536 -29.21 39.10 42.18
CA LEU D 536 -30.14 38.05 41.80
C LEU D 536 -29.29 36.93 41.23
N VAL D 537 -29.45 35.72 41.75
CA VAL D 537 -28.71 34.54 41.26
C VAL D 537 -29.71 33.53 40.68
N ARG D 538 -29.57 33.20 39.39
CA ARG D 538 -30.40 32.21 38.71
C ARG D 538 -29.49 31.05 38.31
N LEU D 539 -29.81 29.83 38.80
CA LEU D 539 -29.03 28.62 38.56
C LEU D 539 -29.98 27.50 38.10
N SER D 540 -29.63 26.83 37.00
CA SER D 540 -30.49 25.78 36.47
C SER D 540 -29.70 24.81 35.59
N GLY D 541 -30.28 23.67 35.32
CA GLY D 541 -29.71 22.62 34.52
C GLY D 541 -30.31 21.29 34.91
N GLN D 542 -29.89 20.19 34.28
CA GLN D 542 -30.49 18.90 34.56
C GLN D 542 -30.11 18.40 35.99
N ASP D 543 -31.13 18.28 36.87
CA ASP D 543 -31.04 17.82 38.28
C ASP D 543 -30.11 18.71 39.10
N THR D 544 -30.06 20.00 38.77
CA THR D 544 -29.17 21.02 39.37
C THR D 544 -29.54 21.34 40.84
N GLN D 545 -30.79 21.15 41.26
CA GLN D 545 -31.16 21.44 42.65
C GLN D 545 -30.39 20.50 43.62
N ARG D 546 -30.35 19.22 43.30
CA ARG D 546 -29.62 18.26 44.12
C ARG D 546 -28.17 18.18 43.66
N GLY D 547 -27.97 18.20 42.35
CA GLY D 547 -26.67 18.03 41.73
C GLY D 547 -26.57 16.61 41.21
N THR D 548 -26.04 16.48 39.99
CA THR D 548 -25.85 15.21 39.27
C THR D 548 -25.00 14.24 40.13
N PHE D 549 -24.01 14.77 40.85
CA PHE D 549 -23.10 13.97 41.66
C PHE D 549 -23.49 14.04 43.13
N THR D 550 -24.79 14.33 43.43
CA THR D 550 -25.39 14.42 44.79
C THR D 550 -24.55 15.34 45.67
N GLN D 551 -23.98 16.39 45.08
CA GLN D 551 -23.07 17.26 45.83
C GLN D 551 -23.66 18.65 46.18
N ARG D 552 -24.68 19.13 45.47
CA ARG D 552 -25.12 20.51 45.64
C ARG D 552 -26.13 20.72 46.79
N HIS D 553 -27.32 20.11 46.71
CA HIS D 553 -28.39 20.25 47.71
C HIS D 553 -28.72 21.76 47.94
N ALA D 554 -28.93 22.50 46.82
CA ALA D 554 -29.32 23.92 46.81
C ALA D 554 -30.76 24.00 47.29
N VAL D 555 -31.52 22.94 47.01
CA VAL D 555 -32.91 22.74 47.46
C VAL D 555 -32.93 21.42 48.22
N ILE D 556 -33.52 21.40 49.40
CA ILE D 556 -33.65 20.15 50.14
C ILE D 556 -35.14 19.85 50.28
N VAL D 557 -35.49 18.57 50.29
CA VAL D 557 -36.87 18.11 50.26
C VAL D 557 -37.27 17.41 51.56
N ASP D 558 -38.37 17.90 52.17
CA ASP D 558 -38.95 17.35 53.40
C ASP D 558 -39.33 15.90 53.18
N ARG D 559 -38.73 15.00 53.97
CA ARG D 559 -38.93 13.53 53.94
C ARG D 559 -40.41 13.12 54.10
N LYS D 560 -41.23 13.91 54.84
CA LYS D 560 -42.63 13.63 55.11
C LYS D 560 -43.63 14.42 54.25
N THR D 561 -43.33 15.67 53.84
CA THR D 561 -44.30 16.44 53.06
C THR D 561 -43.89 16.67 51.59
N GLY D 562 -42.58 16.59 51.32
CA GLY D 562 -42.08 16.89 49.99
C GLY D 562 -41.92 18.39 49.77
N GLU D 563 -42.08 19.19 50.84
CA GLU D 563 -41.90 20.64 50.79
C GLU D 563 -40.44 20.97 50.54
N GLU D 564 -40.18 21.90 49.61
CA GLU D 564 -38.84 22.34 49.24
C GLU D 564 -38.37 23.46 50.15
N PHE D 565 -37.10 23.41 50.58
CA PHE D 565 -36.43 24.43 51.39
C PHE D 565 -35.12 24.80 50.72
N THR D 566 -34.88 26.11 50.53
CA THR D 566 -33.68 26.62 49.86
C THR D 566 -32.82 27.41 50.87
N PRO D 567 -31.77 26.76 51.46
CA PRO D 567 -30.94 27.45 52.46
C PRO D 567 -30.36 28.81 52.03
N LEU D 568 -29.85 28.93 50.78
CA LEU D 568 -29.25 30.20 50.31
C LEU D 568 -30.28 31.35 50.22
N GLN D 569 -31.58 31.05 50.16
CA GLN D 569 -32.63 32.08 50.09
C GLN D 569 -32.68 32.91 51.39
N LEU D 570 -32.20 32.36 52.53
CA LEU D 570 -32.15 33.07 53.80
C LEU D 570 -31.17 34.26 53.75
N LEU D 571 -30.20 34.22 52.81
CA LEU D 571 -29.22 35.28 52.65
C LEU D 571 -29.79 36.50 51.88
N ALA D 572 -31.04 36.41 51.38
CA ALA D 572 -31.73 37.50 50.70
C ALA D 572 -32.32 38.50 51.73
N THR D 573 -32.22 38.16 53.02
CA THR D 573 -32.67 38.98 54.14
C THR D 573 -31.46 39.30 55.02
N ASN D 574 -31.21 40.61 55.28
CA ASN D 574 -30.12 41.10 56.14
C ASN D 574 -30.34 40.69 57.61
N PRO D 575 -29.28 40.65 58.48
CA PRO D 575 -29.50 40.30 59.90
C PRO D 575 -30.60 41.09 60.62
N ASP D 576 -30.78 42.39 60.29
CA ASP D 576 -31.84 43.21 60.90
C ASP D 576 -33.24 42.69 60.50
N GLY D 577 -33.37 42.22 59.25
CA GLY D 577 -34.61 41.69 58.70
C GLY D 577 -35.00 42.33 57.37
N THR D 578 -34.25 43.35 56.93
CA THR D 578 -34.52 44.06 55.68
C THR D 578 -34.07 43.22 54.48
N PRO D 579 -34.73 43.35 53.29
CA PRO D 579 -34.24 42.58 52.13
C PRO D 579 -32.94 43.17 51.59
N THR D 580 -32.04 42.30 51.10
CA THR D 580 -30.76 42.69 50.51
C THR D 580 -30.96 43.17 49.06
N GLY D 581 -32.06 42.73 48.46
CA GLY D 581 -32.39 43.00 47.07
C GLY D 581 -32.03 41.79 46.22
N GLY D 582 -31.29 40.84 46.82
CA GLY D 582 -30.86 39.59 46.20
C GLY D 582 -31.93 38.52 46.23
N LYS D 583 -31.72 37.44 45.47
CA LYS D 583 -32.65 36.32 45.37
C LYS D 583 -31.95 35.10 44.78
N PHE D 584 -32.36 33.90 45.20
CA PHE D 584 -31.82 32.66 44.65
C PHE D 584 -32.93 31.93 43.91
N LEU D 585 -32.78 31.86 42.59
CA LEU D 585 -33.74 31.19 41.72
C LEU D 585 -33.05 29.95 41.18
N VAL D 586 -33.39 28.79 41.75
CA VAL D 586 -32.73 27.54 41.34
C VAL D 586 -33.79 26.56 40.84
N TYR D 587 -33.53 25.99 39.66
CA TYR D 587 -34.47 25.07 39.04
C TYR D 587 -33.82 23.86 38.45
N ASN D 588 -34.59 22.80 38.35
CA ASN D 588 -34.29 21.60 37.58
C ASN D 588 -34.81 21.91 36.20
N SER D 589 -33.99 21.76 35.18
CA SER D 589 -34.44 22.07 33.83
C SER D 589 -35.15 20.88 33.19
N ALA D 590 -35.76 21.12 32.01
CA ALA D 590 -36.32 20.05 31.19
C ALA D 590 -35.12 19.28 30.62
N LEU D 591 -35.35 18.10 30.04
CA LEU D 591 -34.25 17.34 29.44
C LEU D 591 -33.97 17.93 28.06
N SER D 592 -33.40 19.13 28.06
CA SER D 592 -33.13 19.88 26.85
C SER D 592 -31.85 20.68 27.04
N GLU D 593 -31.09 20.84 25.94
CA GLU D 593 -29.84 21.61 25.98
C GLU D 593 -29.99 22.85 25.15
N PHE D 594 -30.47 22.72 23.91
CA PHE D 594 -30.65 23.84 22.97
C PHE D 594 -31.57 24.91 23.58
N ALA D 595 -32.80 24.54 23.97
CA ALA D 595 -33.72 25.52 24.55
C ALA D 595 -33.23 26.05 25.90
N ALA D 596 -32.76 25.15 26.80
CA ALA D 596 -32.31 25.57 28.14
C ALA D 596 -31.10 26.55 28.08
N VAL D 597 -30.06 26.27 27.26
CA VAL D 597 -28.89 27.16 27.11
C VAL D 597 -29.35 28.49 26.45
N GLY D 598 -30.22 28.39 25.45
CA GLY D 598 -30.79 29.56 24.77
C GLY D 598 -31.53 30.45 25.75
N PHE D 599 -32.32 29.83 26.65
CA PHE D 599 -33.12 30.51 27.68
C PHE D 599 -32.22 31.28 28.67
N GLU D 600 -31.16 30.62 29.18
CA GLU D 600 -30.23 31.24 30.14
C GLU D 600 -29.42 32.35 29.50
N TYR D 601 -29.03 32.19 28.22
CA TYR D 601 -28.34 33.27 27.50
C TYR D 601 -29.29 34.50 27.42
N GLY D 602 -30.54 34.25 27.02
CA GLY D 602 -31.57 35.28 26.92
C GLY D 602 -31.87 35.94 28.25
N TYR D 603 -31.88 35.13 29.34
CA TYR D 603 -32.12 35.64 30.69
C TYR D 603 -31.00 36.64 31.11
N SER D 604 -29.72 36.34 30.80
CA SER D 604 -28.61 37.25 31.14
C SER D 604 -28.69 38.58 30.31
N VAL D 605 -29.25 38.52 29.10
CA VAL D 605 -29.46 39.69 28.24
C VAL D 605 -30.57 40.56 28.85
N GLY D 606 -31.67 39.93 29.27
CA GLY D 606 -32.84 40.59 29.86
C GLY D 606 -32.56 41.28 31.19
N ASN D 607 -31.64 40.72 31.99
CA ASN D 607 -31.23 41.31 33.27
C ASN D 607 -29.68 41.23 33.36
N PRO D 608 -28.98 42.27 32.84
CA PRO D 608 -27.50 42.24 32.89
C PRO D 608 -26.92 42.23 34.32
N ASP D 609 -27.74 42.56 35.32
CA ASP D 609 -27.35 42.61 36.74
C ASP D 609 -27.52 41.25 37.44
N ALA D 610 -28.13 40.27 36.75
CA ALA D 610 -28.28 38.94 37.33
C ALA D 610 -27.02 38.07 37.14
N MET D 611 -26.80 37.14 38.07
CA MET D 611 -25.78 36.09 38.01
C MET D 611 -26.55 34.90 37.45
N VAL D 612 -26.28 34.51 36.20
CA VAL D 612 -27.03 33.46 35.48
C VAL D 612 -26.10 32.30 35.15
N LEU D 613 -26.38 31.13 35.71
CA LEU D 613 -25.58 29.94 35.48
C LEU D 613 -26.43 28.80 34.90
N TRP D 614 -25.92 28.14 33.87
CA TRP D 614 -26.52 26.96 33.30
C TRP D 614 -25.55 25.83 33.50
N GLU D 615 -26.04 24.70 34.00
CA GLU D 615 -25.20 23.56 34.25
C GLU D 615 -25.59 22.36 33.36
N ALA D 616 -24.62 21.87 32.56
CA ALA D 616 -24.78 20.64 31.80
C ALA D 616 -24.72 19.46 32.76
N GLN D 617 -25.46 18.38 32.50
CA GLN D 617 -25.43 17.16 33.33
C GLN D 617 -23.98 16.67 33.37
N PHE D 618 -23.38 16.58 32.17
CA PHE D 618 -21.98 16.30 31.84
C PHE D 618 -21.69 17.27 30.70
N GLY D 619 -20.47 17.83 30.62
CA GLY D 619 -20.12 18.78 29.56
C GLY D 619 -20.34 18.23 28.16
N ASP D 620 -20.26 16.89 28.00
CA ASP D 620 -20.44 16.12 26.75
C ASP D 620 -21.80 16.37 26.02
N PHE D 621 -22.83 16.82 26.74
CA PHE D 621 -24.16 17.05 26.18
C PHE D 621 -24.39 18.48 25.72
N VAL D 622 -23.42 19.39 25.97
CA VAL D 622 -23.56 20.81 25.57
C VAL D 622 -23.52 20.96 24.02
N ASN D 623 -23.01 19.95 23.28
CA ASN D 623 -23.00 20.01 21.81
C ASN D 623 -24.47 20.02 21.27
N GLY D 624 -25.44 19.61 22.10
CA GLY D 624 -26.86 19.70 21.76
C GLY D 624 -27.33 21.14 21.65
N ALA D 625 -26.55 22.07 22.23
CA ALA D 625 -26.80 23.51 22.21
C ALA D 625 -25.75 24.24 21.36
N GLN D 626 -25.09 23.52 20.41
CA GLN D 626 -24.03 24.14 19.60
C GLN D 626 -24.47 25.42 18.88
N SER D 627 -25.69 25.45 18.33
CA SER D 627 -26.20 26.64 17.65
C SER D 627 -26.20 27.87 18.56
N ILE D 628 -26.58 27.71 19.86
CA ILE D 628 -26.61 28.83 20.81
C ILE D 628 -25.18 29.27 21.12
N ILE D 629 -24.26 28.30 21.35
CA ILE D 629 -22.87 28.58 21.64
C ILE D 629 -22.25 29.36 20.47
N ASP D 630 -22.43 28.86 19.23
CA ASP D 630 -21.88 29.47 18.03
C ASP D 630 -22.50 30.82 17.67
N GLU D 631 -23.82 30.92 17.72
CA GLU D 631 -24.57 32.07 17.21
C GLU D 631 -24.85 33.14 18.21
N PHE D 632 -24.87 32.83 19.51
CA PHE D 632 -25.19 33.86 20.49
C PHE D 632 -24.10 34.09 21.49
N ILE D 633 -23.76 33.05 22.28
CA ILE D 633 -22.81 33.17 23.38
C ILE D 633 -21.41 33.68 22.92
N SER D 634 -20.76 32.95 22.01
CA SER D 634 -19.40 33.28 21.59
C SER D 634 -19.30 34.51 20.71
N SER D 635 -20.38 34.88 20.02
CA SER D 635 -20.32 35.87 18.96
C SER D 635 -21.33 37.04 19.01
N GLY D 636 -22.33 36.99 19.90
CA GLY D 636 -23.34 38.04 20.00
C GLY D 636 -22.80 39.45 20.18
N GLU D 637 -21.77 39.61 21.03
CA GLU D 637 -21.16 40.90 21.32
C GLU D 637 -20.54 41.53 20.07
N ALA D 638 -19.66 40.80 19.35
CA ALA D 638 -19.04 41.34 18.15
C ALA D 638 -20.04 41.58 17.03
N LYS D 639 -21.06 40.70 16.88
CA LYS D 639 -21.97 40.86 15.74
C LYS D 639 -23.02 41.92 15.97
N TRP D 640 -23.61 41.98 17.18
CA TRP D 640 -24.74 42.87 17.42
C TRP D 640 -24.56 43.88 18.54
N GLY D 641 -23.46 43.82 19.27
CA GLY D 641 -23.26 44.70 20.42
C GLY D 641 -24.11 44.25 21.60
N GLN D 642 -24.71 43.05 21.49
CA GLN D 642 -25.54 42.44 22.52
C GLN D 642 -24.63 41.73 23.51
N LEU D 643 -24.77 42.09 24.78
CA LEU D 643 -23.93 41.56 25.86
C LEU D 643 -24.67 40.57 26.75
N SER D 644 -23.94 39.54 27.17
CA SER D 644 -24.40 38.49 28.03
C SER D 644 -23.30 38.14 29.02
N ASP D 645 -23.68 37.89 30.27
CA ASP D 645 -22.77 37.50 31.33
C ASP D 645 -23.07 36.05 31.73
N VAL D 646 -23.73 35.28 30.85
CA VAL D 646 -24.13 33.88 31.13
C VAL D 646 -22.91 32.98 31.49
N VAL D 647 -23.11 32.10 32.47
CA VAL D 647 -22.11 31.12 32.89
C VAL D 647 -22.56 29.74 32.45
N LEU D 648 -21.67 28.98 31.79
CA LEU D 648 -21.91 27.58 31.47
C LEU D 648 -20.99 26.72 32.36
N LEU D 649 -21.57 25.82 33.15
CA LEU D 649 -20.82 24.89 34.00
C LEU D 649 -20.80 23.54 33.32
N LEU D 650 -19.61 23.10 32.94
CA LEU D 650 -19.49 21.86 32.16
C LEU D 650 -18.69 20.78 32.90
N PRO D 651 -19.37 19.79 33.55
CA PRO D 651 -18.61 18.72 34.26
C PRO D 651 -17.70 18.00 33.27
N HIS D 652 -16.39 18.05 33.59
CA HIS D 652 -15.35 17.59 32.69
C HIS D 652 -14.29 16.81 33.42
N GLY D 653 -13.76 15.79 32.75
CA GLY D 653 -12.66 14.98 33.29
C GLY D 653 -12.66 13.53 32.88
N HIS D 654 -11.47 12.98 32.59
CA HIS D 654 -11.23 11.60 32.22
C HIS D 654 -11.24 10.74 33.49
N GLU D 655 -12.25 9.87 33.63
CA GLU D 655 -12.43 9.01 34.82
C GLU D 655 -12.86 7.57 34.42
N GLY D 656 -12.89 7.28 33.12
CA GLY D 656 -13.26 5.96 32.62
C GLY D 656 -14.74 5.71 32.40
N GLN D 657 -15.55 6.78 32.31
CA GLN D 657 -16.98 6.63 32.11
C GLN D 657 -17.42 6.72 30.63
N GLY D 658 -16.47 6.68 29.71
CA GLY D 658 -16.79 6.65 28.28
C GLY D 658 -16.75 7.97 27.54
N PRO D 659 -16.84 7.90 26.18
CA PRO D 659 -16.73 9.11 25.36
C PRO D 659 -17.84 10.16 25.53
N ASP D 660 -18.96 9.84 26.24
CA ASP D 660 -20.05 10.80 26.47
C ASP D 660 -20.20 11.19 27.93
N HIS D 661 -19.23 10.81 28.77
CA HIS D 661 -19.22 11.17 30.17
C HIS D 661 -17.80 11.56 30.56
N THR D 662 -17.10 12.28 29.67
CA THR D 662 -15.70 12.64 29.88
C THR D 662 -15.33 14.09 29.53
N SER D 663 -15.79 14.63 28.40
CA SER D 663 -15.30 15.92 27.92
C SER D 663 -16.37 16.95 27.56
N GLY D 664 -16.11 18.19 27.97
CA GLY D 664 -16.93 19.35 27.62
C GLY D 664 -16.41 20.01 26.35
N ARG D 665 -15.40 19.39 25.72
CA ARG D 665 -14.71 19.81 24.47
C ARG D 665 -14.09 21.18 24.63
N ILE D 666 -13.12 21.28 25.54
CA ILE D 666 -12.32 22.48 25.85
C ILE D 666 -11.81 23.13 24.54
N GLU D 667 -11.23 22.31 23.65
CA GLU D 667 -10.66 22.64 22.36
C GLU D 667 -11.64 23.45 21.48
N ARG D 668 -12.94 23.12 21.51
CA ARG D 668 -13.96 23.79 20.71
C ARG D 668 -14.25 25.20 21.26
N PHE D 669 -14.35 25.34 22.60
CA PHE D 669 -14.54 26.66 23.21
C PHE D 669 -13.28 27.53 23.01
N LEU D 670 -12.08 26.93 23.09
CA LEU D 670 -10.83 27.67 22.88
C LEU D 670 -10.68 28.09 21.43
N GLN D 671 -11.24 27.31 20.49
CA GLN D 671 -11.23 27.59 19.06
C GLN D 671 -12.16 28.76 18.74
N LEU D 672 -13.33 28.81 19.37
CA LEU D 672 -14.33 29.89 19.20
C LEU D 672 -13.87 31.22 19.77
N TRP D 673 -13.10 31.18 20.87
CA TRP D 673 -12.58 32.37 21.57
C TRP D 673 -11.77 33.26 20.63
N ALA D 674 -11.97 34.56 20.75
CA ALA D 674 -11.20 35.62 20.07
C ALA D 674 -11.28 36.84 20.94
N GLU D 675 -10.10 37.44 21.24
CA GLU D 675 -9.81 38.56 22.14
C GLU D 675 -11.06 39.18 22.79
N GLY D 676 -11.21 38.84 24.07
CA GLY D 676 -12.23 39.31 24.99
C GLY D 676 -13.65 39.02 24.61
N SER D 677 -13.94 37.80 24.13
CA SER D 677 -15.32 37.43 23.80
C SER D 677 -15.88 36.61 24.93
N MET D 678 -15.05 35.73 25.55
CA MET D 678 -15.43 34.88 26.69
C MET D 678 -14.27 34.68 27.66
N THR D 679 -14.60 34.27 28.88
CA THR D 679 -13.62 33.84 29.86
C THR D 679 -13.77 32.32 29.92
N ILE D 680 -12.66 31.59 29.84
CA ILE D 680 -12.69 30.12 29.86
C ILE D 680 -11.77 29.66 30.98
N ALA D 681 -12.30 28.87 31.93
CA ALA D 681 -11.51 28.42 33.06
C ALA D 681 -11.74 26.97 33.43
N MET D 682 -10.70 26.35 34.02
CA MET D 682 -10.76 24.99 34.55
C MET D 682 -10.10 25.03 35.95
N PRO D 683 -10.82 25.52 36.99
CA PRO D 683 -10.20 25.65 38.32
C PRO D 683 -9.88 24.30 38.96
N SER D 684 -8.87 24.26 39.82
CA SER D 684 -8.42 23.04 40.49
C SER D 684 -8.71 23.09 41.99
N THR D 685 -9.10 24.25 42.53
CA THR D 685 -9.38 24.34 43.96
C THR D 685 -10.72 24.99 44.22
N PRO D 686 -11.41 24.59 45.33
CA PRO D 686 -12.71 25.21 45.68
C PRO D 686 -12.64 26.74 45.81
N ALA D 687 -11.62 27.27 46.52
CA ALA D 687 -11.45 28.73 46.72
C ALA D 687 -11.21 29.47 45.41
N ASN D 688 -10.43 28.90 44.47
CA ASN D 688 -10.21 29.56 43.19
C ASN D 688 -11.50 29.60 42.36
N TYR D 689 -12.37 28.57 42.49
CA TYR D 689 -13.67 28.55 41.81
C TYR D 689 -14.58 29.63 42.44
N PHE D 690 -14.56 29.75 43.79
CA PHE D 690 -15.31 30.76 44.54
C PHE D 690 -14.95 32.18 44.05
N HIS D 691 -13.64 32.46 43.94
CA HIS D 691 -13.15 33.78 43.51
C HIS D 691 -13.48 34.02 42.02
N LEU D 692 -13.43 32.95 41.19
CA LEU D 692 -13.79 33.03 39.78
C LEU D 692 -15.26 33.49 39.61
N LEU D 693 -16.21 32.86 40.34
CA LEU D 693 -17.63 33.19 40.28
C LEU D 693 -17.90 34.62 40.82
N ARG D 694 -17.25 34.98 41.94
CA ARG D 694 -17.41 36.31 42.55
C ARG D 694 -16.82 37.40 41.64
N ARG D 695 -15.65 37.16 41.01
CA ARG D 695 -15.06 38.12 40.08
C ARG D 695 -16.04 38.35 38.91
N HIS D 696 -16.60 37.25 38.36
CA HIS D 696 -17.55 37.27 37.26
C HIS D 696 -18.81 38.08 37.60
N GLY D 697 -19.33 37.90 38.80
CA GLY D 697 -20.52 38.62 39.24
C GLY D 697 -20.29 40.07 39.64
N LYS D 698 -19.03 40.46 39.98
CA LYS D 698 -18.74 41.82 40.47
C LYS D 698 -17.84 42.69 39.57
N ASP D 699 -17.27 42.16 38.47
CA ASP D 699 -16.35 42.89 37.60
C ASP D 699 -16.99 44.02 36.76
N GLY D 700 -18.33 44.08 36.72
CA GLY D 700 -19.06 45.08 35.95
C GLY D 700 -18.91 44.95 34.44
N ILE D 701 -18.48 43.77 33.98
CA ILE D 701 -18.25 43.44 32.56
C ILE D 701 -19.25 42.35 32.18
N GLN D 702 -19.95 42.51 31.05
CA GLN D 702 -20.92 41.51 30.59
C GLN D 702 -20.24 40.62 29.57
N ARG D 703 -19.69 39.48 30.05
CA ARG D 703 -18.98 38.53 29.18
C ARG D 703 -19.21 37.09 29.61
N PRO D 704 -19.54 36.17 28.67
CA PRO D 704 -19.80 34.79 29.09
C PRO D 704 -18.59 34.10 29.73
N LEU D 705 -18.88 33.26 30.70
CA LEU D 705 -17.86 32.50 31.41
C LEU D 705 -18.13 31.02 31.19
N ILE D 706 -17.11 30.31 30.69
CA ILE D 706 -17.20 28.85 30.44
C ILE D 706 -16.35 28.19 31.50
N VAL D 707 -16.99 27.34 32.35
CA VAL D 707 -16.25 26.66 33.43
C VAL D 707 -16.28 25.15 33.22
N PHE D 708 -15.09 24.53 33.17
CA PHE D 708 -14.93 23.08 33.14
C PHE D 708 -14.82 22.66 34.61
N THR D 709 -15.92 22.05 35.12
CA THR D 709 -16.11 21.71 36.54
C THR D 709 -15.81 20.23 36.84
N PRO D 710 -15.53 19.87 38.11
CA PRO D 710 -15.17 18.47 38.42
C PRO D 710 -16.35 17.55 38.61
N LYS D 711 -16.01 16.26 38.73
CA LYS D 711 -16.91 15.12 38.94
C LYS D 711 -16.35 14.34 40.15
N SER D 712 -15.34 13.46 39.98
CA SER D 712 -14.77 12.75 41.14
C SER D 712 -13.93 13.69 42.06
N MET D 713 -13.33 14.76 41.50
CA MET D 713 -12.54 15.75 42.25
C MET D 713 -13.39 16.53 43.30
N LEU D 714 -14.75 16.48 43.20
CA LEU D 714 -15.68 17.04 44.18
C LEU D 714 -15.43 16.39 45.56
N ARG D 715 -15.00 15.11 45.56
CA ARG D 715 -14.78 14.31 46.77
C ARG D 715 -13.30 13.93 46.99
N ASN D 716 -12.39 14.60 46.26
CA ASN D 716 -10.96 14.41 46.44
C ASN D 716 -10.58 15.22 47.68
N LYS D 717 -10.12 14.54 48.74
CA LYS D 717 -9.77 15.14 50.04
C LYS D 717 -8.58 16.13 49.96
N ALA D 718 -7.78 16.07 48.88
CA ALA D 718 -6.67 17.01 48.64
C ALA D 718 -7.24 18.30 48.00
N ALA D 719 -8.40 18.22 47.32
CA ALA D 719 -9.03 19.35 46.65
C ALA D 719 -10.00 20.10 47.60
N VAL D 720 -9.47 20.61 48.71
CA VAL D 720 -10.20 21.37 49.74
C VAL D 720 -9.43 22.66 50.02
N SER D 721 -10.14 23.69 50.52
CA SER D 721 -9.53 24.99 50.77
C SER D 721 -9.68 25.48 52.21
N ASP D 722 -8.71 26.29 52.65
CA ASP D 722 -8.68 26.92 53.97
C ASP D 722 -9.56 28.16 53.97
N ILE D 723 -10.06 28.57 55.14
CA ILE D 723 -10.88 29.78 55.30
C ILE D 723 -10.13 31.02 54.74
N ARG D 724 -8.80 31.14 55.02
CA ARG D 724 -7.97 32.27 54.57
C ARG D 724 -7.92 32.39 53.03
N ASP D 725 -8.15 31.29 52.29
CA ASP D 725 -8.18 31.30 50.82
C ASP D 725 -9.42 32.04 50.31
N PHE D 726 -10.47 32.15 51.15
CA PHE D 726 -11.73 32.84 50.86
C PHE D 726 -11.73 34.27 51.40
N THR D 727 -11.09 34.48 52.57
CA THR D 727 -11.09 35.76 53.28
C THR D 727 -9.91 36.67 52.97
N GLU D 728 -8.76 36.10 52.56
CA GLU D 728 -7.58 36.94 52.32
C GLU D 728 -6.88 36.63 51.00
N SER D 729 -7.66 36.19 50.00
CA SER D 729 -7.08 35.90 48.70
C SER D 729 -7.99 36.44 47.59
N LYS D 730 -7.64 36.13 46.34
CA LYS D 730 -8.34 36.55 45.12
C LYS D 730 -8.19 35.46 44.07
N PHE D 731 -8.80 35.64 42.88
CA PHE D 731 -8.70 34.67 41.80
C PHE D 731 -7.27 34.62 41.29
N ARG D 732 -6.73 33.41 41.17
CA ARG D 732 -5.38 33.17 40.68
C ARG D 732 -5.47 32.45 39.35
N SER D 733 -5.09 33.16 38.29
CA SER D 733 -5.16 32.62 36.91
C SER D 733 -4.09 31.55 36.68
N VAL D 734 -2.99 31.62 37.46
CA VAL D 734 -1.86 30.69 37.45
C VAL D 734 -1.58 30.28 38.90
N LEU D 735 -1.48 28.96 39.14
CA LEU D 735 -1.18 28.48 40.50
C LEU D 735 0.08 27.65 40.54
N GLU D 736 0.93 27.94 41.53
CA GLU D 736 2.14 27.17 41.83
C GLU D 736 1.82 26.17 42.90
N GLU D 737 2.71 25.19 43.12
CA GLU D 737 2.54 24.21 44.19
C GLU D 737 2.70 24.87 45.56
N PRO D 738 1.82 24.52 46.54
CA PRO D 738 1.93 25.11 47.89
C PRO D 738 3.30 24.96 48.56
N MET D 739 4.11 23.94 48.19
CA MET D 739 5.45 23.75 48.76
C MET D 739 6.38 24.93 48.43
N TYR D 740 6.15 25.65 47.31
CA TYR D 740 7.01 26.77 46.94
C TYR D 740 6.46 28.11 47.47
N THR D 741 5.13 28.25 47.56
CA THR D 741 4.52 29.50 48.02
C THR D 741 4.34 29.56 49.55
N ASP D 742 4.15 28.40 50.22
CA ASP D 742 3.89 28.35 51.66
C ASP D 742 4.77 27.36 52.41
N GLY D 743 5.43 26.45 51.70
CA GLY D 743 6.28 25.42 52.29
C GLY D 743 7.76 25.68 52.22
N GLU D 744 8.55 24.60 52.31
CA GLU D 744 10.01 24.65 52.32
C GLU D 744 10.63 24.14 50.99
N GLY D 745 9.84 24.15 49.91
CA GLY D 745 10.30 23.74 48.59
C GLY D 745 11.27 24.73 47.97
N ASP D 746 12.30 24.20 47.27
CA ASP D 746 13.32 25.01 46.59
C ASP D 746 13.12 24.97 45.06
N ARG D 747 12.63 26.10 44.50
CA ARG D 747 12.39 26.33 43.06
C ARG D 747 13.66 26.18 42.20
N ASN D 748 14.86 26.46 42.77
CA ASN D 748 16.14 26.40 42.05
C ASN D 748 16.60 24.96 41.76
N LYS D 749 15.99 23.95 42.40
CA LYS D 749 16.30 22.55 42.16
C LYS D 749 15.54 22.02 40.91
N VAL D 750 14.52 22.78 40.46
CA VAL D 750 13.63 22.45 39.35
C VAL D 750 14.32 22.57 37.99
N THR D 751 14.36 21.45 37.24
CA THR D 751 14.94 21.34 35.90
C THR D 751 13.86 21.00 34.86
N ARG D 752 12.73 20.42 35.30
CA ARG D 752 11.59 20.06 34.46
C ARG D 752 10.33 20.73 34.96
N LEU D 753 9.67 21.46 34.09
CA LEU D 753 8.43 22.15 34.43
C LEU D 753 7.24 21.53 33.71
N LEU D 754 6.25 21.08 34.48
CA LEU D 754 5.02 20.51 33.94
C LEU D 754 3.92 21.55 34.05
N LEU D 755 3.37 21.94 32.89
CA LEU D 755 2.26 22.90 32.85
C LEU D 755 1.02 22.12 32.58
N THR D 756 -0.04 22.36 33.37
CA THR D 756 -1.27 21.60 33.30
C THR D 756 -2.48 22.42 33.75
N SER D 757 -3.64 21.79 33.78
CA SER D 757 -4.91 22.37 34.20
C SER D 757 -5.84 21.26 34.70
N GLY D 758 -6.59 21.54 35.77
CA GLY D 758 -7.56 20.58 36.28
C GLY D 758 -7.02 19.51 37.20
N LYS D 759 -7.84 18.49 37.48
CA LYS D 759 -7.60 17.40 38.42
C LYS D 759 -6.32 16.60 38.19
N ILE D 760 -5.76 16.53 36.95
CA ILE D 760 -4.53 15.76 36.71
C ILE D 760 -3.37 16.30 37.58
N TYR D 761 -3.46 17.58 38.04
CA TYR D 761 -2.50 18.19 38.95
C TYR D 761 -2.32 17.32 40.20
N TYR D 762 -3.43 16.89 40.83
CA TYR D 762 -3.39 16.08 42.07
C TYR D 762 -2.66 14.76 41.85
N GLU D 763 -2.86 14.12 40.69
CA GLU D 763 -2.19 12.86 40.35
C GLU D 763 -0.71 13.08 40.12
N LEU D 764 -0.34 14.20 39.44
CA LEU D 764 1.06 14.59 39.20
C LEU D 764 1.76 14.96 40.52
N ALA D 765 1.04 15.66 41.43
CA ALA D 765 1.57 16.07 42.73
C ALA D 765 1.78 14.87 43.65
N ALA D 766 0.86 13.88 43.62
CA ALA D 766 0.97 12.66 44.41
C ALA D 766 2.20 11.84 43.99
N ARG D 767 2.46 11.74 42.66
CA ARG D 767 3.61 11.04 42.09
C ARG D 767 4.90 11.76 42.47
N LYS D 768 4.91 13.12 42.41
CA LYS D 768 6.07 13.93 42.80
C LYS D 768 6.44 13.65 44.24
N ALA D 769 5.43 13.66 45.14
CA ALA D 769 5.57 13.42 46.58
C ALA D 769 6.12 12.02 46.85
N LYS D 770 5.59 10.99 46.14
CA LYS D 770 5.98 9.58 46.29
C LYS D 770 7.46 9.35 46.00
N GLU D 771 7.97 9.97 44.93
CA GLU D 771 9.35 9.79 44.47
C GLU D 771 10.30 10.93 44.92
N ASN D 772 9.78 11.91 45.73
CA ASN D 772 10.51 13.09 46.23
C ASN D 772 11.23 13.78 45.03
N ARG D 773 10.45 14.13 43.98
CA ARG D 773 11.00 14.72 42.76
C ARG D 773 11.11 16.24 42.88
N GLU D 774 12.19 16.71 43.52
CA GLU D 774 12.50 18.13 43.74
C GLU D 774 12.93 18.81 42.43
N ASP D 775 13.35 18.00 41.45
CA ASP D 775 13.78 18.42 40.12
C ASP D 775 12.58 18.78 39.21
N VAL D 776 11.37 18.36 39.58
CA VAL D 776 10.14 18.59 38.80
C VAL D 776 9.15 19.51 39.55
N ALA D 777 8.57 20.51 38.85
CA ALA D 777 7.54 21.40 39.40
C ALA D 777 6.31 21.37 38.50
N ILE D 778 5.14 21.55 39.11
CA ILE D 778 3.85 21.51 38.43
C ILE D 778 3.18 22.88 38.55
N VAL D 779 2.93 23.52 37.40
CA VAL D 779 2.29 24.83 37.32
C VAL D 779 0.91 24.67 36.67
N ARG D 780 -0.13 25.18 37.31
CA ARG D 780 -1.50 25.10 36.82
C ARG D 780 -1.96 26.36 36.12
N ILE D 781 -2.58 26.21 34.96
CA ILE D 781 -3.19 27.32 34.22
C ILE D 781 -4.68 27.21 34.51
N GLU D 782 -5.17 28.03 35.46
CA GLU D 782 -6.58 28.03 35.91
C GLU D 782 -7.48 28.74 34.92
N GLN D 783 -6.98 29.86 34.35
CA GLN D 783 -7.69 30.65 33.35
C GLN D 783 -7.11 30.29 31.99
N LEU D 784 -7.86 29.51 31.19
CA LEU D 784 -7.37 29.06 29.87
C LEU D 784 -7.47 30.16 28.82
N ALA D 785 -8.49 31.02 28.94
CA ALA D 785 -8.72 32.14 28.03
C ALA D 785 -9.40 33.29 28.77
N PRO D 786 -8.89 34.55 28.62
CA PRO D 786 -7.68 34.95 27.90
C PRO D 786 -6.44 34.37 28.59
N LEU D 787 -5.41 34.01 27.81
CA LEU D 787 -4.20 33.44 28.40
C LEU D 787 -3.58 34.44 29.37
N PRO D 788 -3.28 34.03 30.62
CA PRO D 788 -2.68 34.99 31.58
C PRO D 788 -1.17 35.13 31.32
N ARG D 789 -0.84 35.80 30.20
CA ARG D 789 0.53 36.01 29.69
C ARG D 789 1.51 36.54 30.77
N ARG D 790 1.18 37.68 31.42
CA ARG D 790 2.05 38.31 32.43
C ARG D 790 2.27 37.40 33.63
N ARG D 791 1.19 36.86 34.24
CA ARG D 791 1.27 35.97 35.41
C ARG D 791 2.04 34.70 35.08
N LEU D 792 1.88 34.18 33.85
CA LEU D 792 2.57 32.98 33.39
C LEU D 792 4.09 33.26 33.25
N ALA D 793 4.46 34.40 32.63
CA ALA D 793 5.86 34.79 32.44
C ALA D 793 6.55 35.03 33.79
N GLU D 794 5.87 35.73 34.73
CA GLU D 794 6.40 36.03 36.07
C GLU D 794 6.58 34.75 36.90
N THR D 795 5.67 33.76 36.73
CA THR D 795 5.73 32.49 37.47
C THR D 795 6.94 31.67 36.98
N LEU D 796 7.13 31.53 35.65
CA LEU D 796 8.21 30.73 35.07
C LEU D 796 9.60 31.31 35.34
N ASP D 797 9.70 32.66 35.48
CA ASP D 797 10.98 33.35 35.77
C ASP D 797 11.55 32.94 37.14
N ARG D 798 10.69 32.44 38.04
CA ARG D 798 11.03 32.01 39.40
C ARG D 798 11.69 30.61 39.42
N TYR D 799 11.77 29.95 38.26
CA TYR D 799 12.38 28.62 38.09
C TYR D 799 13.54 28.77 37.08
N PRO D 800 14.71 29.33 37.49
CA PRO D 800 15.77 29.62 36.52
C PRO D 800 16.52 28.41 35.94
N ASN D 801 16.50 27.26 36.62
CA ASN D 801 17.26 26.10 36.18
C ASN D 801 16.46 25.11 35.31
N VAL D 802 15.27 25.52 34.84
CA VAL D 802 14.41 24.70 33.98
C VAL D 802 15.08 24.51 32.61
N LYS D 803 15.24 23.24 32.20
CA LYS D 803 15.87 22.85 30.94
C LYS D 803 14.83 22.31 29.94
N GLU D 804 13.65 21.90 30.44
CA GLU D 804 12.56 21.36 29.60
C GLU D 804 11.19 21.69 30.18
N LYS D 805 10.22 22.02 29.30
CA LYS D 805 8.85 22.34 29.68
C LYS D 805 7.86 21.45 28.94
N PHE D 806 6.87 20.92 29.66
CA PHE D 806 5.86 20.08 29.05
C PHE D 806 4.45 20.52 29.38
N TRP D 807 3.60 20.53 28.37
CA TRP D 807 2.18 20.73 28.59
C TRP D 807 1.59 19.34 28.80
N VAL D 808 1.04 19.09 29.99
CA VAL D 808 0.48 17.78 30.35
C VAL D 808 -1.03 17.89 30.43
N GLN D 809 -1.74 16.96 29.76
CA GLN D 809 -3.20 16.89 29.77
C GLN D 809 -3.69 15.45 29.66
N GLU D 810 -4.89 15.23 30.19
CA GLU D 810 -5.57 13.95 30.11
C GLU D 810 -6.15 13.72 28.73
N GLU D 811 -6.58 14.80 28.08
CA GLU D 811 -7.31 14.74 26.82
C GLU D 811 -6.44 14.29 25.66
N PRO D 812 -7.06 13.63 24.62
CA PRO D 812 -6.32 13.32 23.39
C PRO D 812 -5.60 14.54 22.81
N ALA D 813 -4.52 14.28 22.04
CA ALA D 813 -3.62 15.29 21.46
C ALA D 813 -4.35 16.33 20.58
N ASN D 814 -5.45 15.93 19.90
CA ASN D 814 -6.28 16.81 19.05
C ASN D 814 -7.37 17.51 19.88
N GLN D 815 -7.38 17.27 21.21
CA GLN D 815 -8.40 17.82 22.12
C GLN D 815 -7.75 18.52 23.30
N GLY D 816 -8.59 19.00 24.23
CA GLY D 816 -8.10 19.75 25.38
C GLY D 816 -7.47 21.08 24.98
N ALA D 817 -6.51 21.57 25.77
CA ALA D 817 -5.88 22.87 25.52
C ALA D 817 -4.71 22.84 24.54
N TRP D 818 -4.07 21.67 24.31
CA TRP D 818 -2.89 21.57 23.44
C TRP D 818 -3.07 22.15 22.02
N PRO D 819 -4.13 21.84 21.19
CA PRO D 819 -4.22 22.43 19.85
C PRO D 819 -4.08 23.97 19.81
N SER D 820 -4.64 24.70 20.80
CA SER D 820 -4.47 26.16 20.83
C SER D 820 -3.18 26.56 21.61
N PHE D 821 -2.91 25.97 22.80
CA PHE D 821 -1.70 26.33 23.58
C PHE D 821 -0.41 25.96 22.86
N GLY D 822 -0.37 24.83 22.19
CA GLY D 822 0.79 24.38 21.43
C GLY D 822 1.18 25.32 20.32
N LEU D 823 0.18 26.05 19.76
CA LEU D 823 0.40 27.04 18.71
C LEU D 823 0.63 28.45 19.30
N THR D 824 -0.17 28.85 20.30
CA THR D 824 -0.15 30.18 20.91
C THR D 824 1.00 30.41 21.91
N LEU D 825 1.23 29.53 22.89
CA LEU D 825 2.28 29.73 23.92
C LEU D 825 3.69 30.03 23.32
N PRO D 826 4.24 29.26 22.34
CA PRO D 826 5.56 29.64 21.78
C PRO D 826 5.55 30.95 20.97
N GLU D 827 4.37 31.44 20.57
CA GLU D 827 4.21 32.67 19.80
C GLU D 827 4.13 33.92 20.72
N ILE D 828 3.33 33.87 21.80
CA ILE D 828 3.12 35.00 22.73
C ILE D 828 4.25 35.12 23.77
N LEU D 829 4.90 34.00 24.13
CA LEU D 829 6.01 33.96 25.08
C LEU D 829 7.14 33.09 24.49
N PRO D 830 7.80 33.55 23.37
CA PRO D 830 8.85 32.73 22.74
C PRO D 830 10.07 32.45 23.63
N ASP D 831 10.44 33.37 24.53
CA ASP D 831 11.58 33.15 25.41
C ASP D 831 11.26 32.10 26.48
N HIS D 832 9.97 31.88 26.77
CA HIS D 832 9.55 30.93 27.79
C HIS D 832 9.09 29.60 27.20
N PHE D 833 8.41 29.60 26.04
CA PHE D 833 7.83 28.36 25.55
C PHE D 833 8.35 27.81 24.21
N THR D 834 9.50 28.31 23.72
CA THR D 834 10.09 27.72 22.51
C THR D 834 10.62 26.35 22.96
N GLY D 835 10.20 25.30 22.27
CA GLY D 835 10.58 23.94 22.59
C GLY D 835 9.58 23.22 23.48
N LEU D 836 8.42 23.86 23.75
CA LEU D 836 7.34 23.27 24.56
C LEU D 836 6.88 21.98 23.92
N LYS D 837 6.80 20.92 24.73
CA LYS D 837 6.41 19.60 24.25
C LYS D 837 5.13 19.16 24.93
N ARG D 838 4.40 18.26 24.28
CA ARG D 838 3.11 17.76 24.74
C ARG D 838 3.22 16.35 25.34
N ILE D 839 2.54 16.16 26.49
CA ILE D 839 2.32 14.86 27.13
C ILE D 839 0.80 14.77 27.25
N SER D 840 0.18 13.80 26.57
CA SER D 840 -1.26 13.63 26.56
C SER D 840 -1.65 12.26 26.09
N ARG D 841 -2.96 12.02 25.93
CA ARG D 841 -3.45 10.80 25.30
C ARG D 841 -3.21 10.97 23.79
N ARG D 842 -3.13 9.87 23.04
CA ARG D 842 -2.97 9.93 21.58
C ARG D 842 -4.19 10.65 20.95
N ALA D 843 -4.04 11.20 19.73
CA ALA D 843 -5.16 11.82 19.03
C ALA D 843 -6.26 10.77 18.82
N MET D 844 -7.52 11.09 19.14
CA MET D 844 -8.66 10.18 19.02
C MET D 844 -9.83 10.82 18.31
N SER D 845 -10.67 10.01 17.63
CA SER D 845 -11.85 10.51 16.92
C SER D 845 -13.04 10.73 17.87
N ALA D 846 -12.95 10.17 19.09
CA ALA D 846 -13.92 10.31 20.18
C ALA D 846 -13.19 10.94 21.39
N PRO D 847 -13.89 11.53 22.39
CA PRO D 847 -13.17 12.18 23.50
C PRO D 847 -12.34 11.24 24.39
N SER D 848 -12.63 9.95 24.35
CA SER D 848 -11.96 8.92 25.13
C SER D 848 -12.29 7.53 24.61
N SER D 849 -11.64 6.51 25.18
CA SER D 849 -11.94 5.11 24.91
C SER D 849 -13.26 4.74 25.64
N GLY D 850 -13.95 3.69 25.17
CA GLY D 850 -15.15 3.19 25.81
C GLY D 850 -14.89 2.39 27.08
N SER D 851 -13.66 1.84 27.22
CA SER D 851 -13.26 0.96 28.35
C SER D 851 -12.60 1.73 29.52
N SER D 852 -13.05 1.44 30.76
CA SER D 852 -12.45 2.04 31.96
C SER D 852 -11.06 1.43 32.24
N LYS D 853 -10.82 0.18 31.75
CA LYS D 853 -9.54 -0.52 31.86
C LYS D 853 -8.51 0.17 30.95
N VAL D 854 -8.88 0.49 29.70
CA VAL D 854 -8.03 1.19 28.72
C VAL D 854 -7.73 2.59 29.25
N HIS D 855 -8.75 3.27 29.80
CA HIS D 855 -8.60 4.61 30.41
C HIS D 855 -7.51 4.61 31.52
N ALA D 856 -7.57 3.60 32.42
CA ALA D 856 -6.68 3.46 33.56
C ALA D 856 -5.21 3.26 33.10
N VAL D 857 -5.00 2.45 32.06
CA VAL D 857 -3.67 2.20 31.47
C VAL D 857 -3.14 3.52 30.87
N GLU D 858 -3.99 4.23 30.10
CA GLU D 858 -3.64 5.51 29.46
C GLU D 858 -3.33 6.60 30.49
N GLN D 859 -4.09 6.66 31.62
CA GLN D 859 -3.88 7.65 32.68
C GLN D 859 -2.51 7.44 33.31
N GLN D 860 -2.13 6.16 33.54
CA GLN D 860 -0.84 5.77 34.13
C GLN D 860 0.31 6.04 33.15
N GLU D 861 0.09 5.85 31.82
CA GLU D 861 1.15 6.16 30.82
C GLU D 861 1.50 7.66 30.79
N ILE D 862 0.51 8.54 31.06
CA ILE D 862 0.71 10.01 31.10
C ILE D 862 1.59 10.36 32.34
N LEU D 863 1.25 9.85 33.52
CA LEU D 863 2.02 10.08 34.75
C LEU D 863 3.45 9.54 34.63
N ASP D 864 3.64 8.33 34.05
CA ASP D 864 4.98 7.74 33.88
C ASP D 864 5.81 8.53 32.85
N THR D 865 5.18 9.07 31.78
CA THR D 865 5.88 9.87 30.77
C THR D 865 6.36 11.21 31.39
N ALA D 866 5.51 11.84 32.20
CA ALA D 866 5.81 13.13 32.86
C ALA D 866 6.95 12.99 33.86
N PHE D 867 7.14 11.81 34.45
CA PHE D 867 8.19 11.55 35.43
C PHE D 867 9.28 10.57 34.93
N GLY D 868 9.34 10.39 33.60
CA GLY D 868 10.32 9.53 32.95
C GLY D 868 11.56 10.28 32.52
#